data_3VSF
#
_entry.id   3VSF
#
_cell.length_a   107.603
_cell.length_b   122.509
_cell.length_c   405.531
_cell.angle_alpha   90.000
_cell.angle_beta   90.000
_cell.angle_gamma   90.000
#
_symmetry.space_group_name_H-M   'P 21 21 21'
#
loop_
_entity.id
_entity.type
_entity.pdbx_description
1 polymer 'Ricin B lectin'
2 non-polymer GLYCEROL
3 water water
#
_entity_poly.entity_id   1
_entity_poly.type   'polypeptide(L)'
_entity_poly.pdbx_seq_one_letter_code
;MGSSHHHHHHSSGLVPRGSHMASMTGGQQMGRGSEFAAEGVIVNGTQFKDTSGNVIHAHGGGMLKHGDYYYWYGEYRDDS
NLFLGVSCYRSKDLVNWEYRGEVLSRNSAPELNHCNIERPKVMYNASTGEFVMWMHWENGINYGQARAAVAYSKTPDGKF
TYIRSFRPMQDTGVMDHGLPGYMSRDCNVFVDTDGKGYFISAANENMDLHLYELTPDYKNIASLKAKLFVGQQREAPCLI
KRNGYYYLITSGCTGWNPNQAKYAYSKDLASGWSQLYNLGNSTTYRSQPTFIIPVQGSSGTSYLYMGDRWAGAWGGKVND
SQYVWLPLNFISDTTLELPYYDSVKIDASSGIISEYIPDTTRYKLVNKNSGKVLDVLDGSVDNAAQIVQWTDNGSLSQQW
YLVDVGGGYKKIVNVKSGRALDVKDESKEDGGVLIQYTSNGGYNQHWKFTDIGDGYYKISSRHCGKLIDVRKWSTEDGGI
IQQWSDAGGTNQHWKLVLVSSPEPSPSPSPQVVKGDVNGDLKVNST
;
_entity_poly.pdbx_strand_id   A,B,C,D,E,F
#
loop_
_chem_comp.id
_chem_comp.type
_chem_comp.name
_chem_comp.formula
GOL non-polymer GLYCEROL 'C3 H8 O3'
#
# COMPACT_ATOMS: atom_id res chain seq x y z
N GLU A 39 23.76 -27.15 24.61
CA GLU A 39 22.86 -27.73 23.61
C GLU A 39 21.43 -27.79 24.13
N GLY A 40 20.90 -26.62 24.48
CA GLY A 40 19.54 -26.53 24.99
C GLY A 40 18.52 -26.59 23.86
N VAL A 41 18.48 -27.73 23.17
CA VAL A 41 17.60 -27.89 22.02
C VAL A 41 16.58 -29.02 22.23
N ILE A 42 15.33 -28.75 21.88
CA ILE A 42 14.26 -29.71 22.05
C ILE A 42 13.75 -30.19 20.70
N VAL A 43 13.42 -31.48 20.60
CA VAL A 43 12.89 -32.05 19.38
C VAL A 43 11.41 -32.37 19.52
N ASN A 44 10.57 -31.60 18.85
CA ASN A 44 9.12 -31.79 18.93
C ASN A 44 8.67 -33.09 18.27
N GLY A 45 7.46 -33.54 18.59
CA GLY A 45 6.92 -34.77 18.06
C GLY A 45 7.59 -35.99 18.67
N THR A 46 8.21 -35.81 19.83
CA THR A 46 8.90 -36.90 20.52
C THR A 46 8.55 -36.90 22.00
N GLN A 47 9.06 -37.91 22.71
CA GLN A 47 8.89 -37.98 24.15
C GLN A 47 10.20 -37.61 24.85
N PHE A 48 10.22 -36.43 25.45
CA PHE A 48 11.42 -35.95 26.12
C PHE A 48 11.85 -36.92 27.21
N LYS A 49 13.16 -37.05 27.41
CA LYS A 49 13.68 -37.94 28.44
C LYS A 49 14.30 -37.15 29.59
N ASP A 50 14.00 -37.57 30.81
CA ASP A 50 14.58 -36.94 31.99
C ASP A 50 16.06 -37.24 32.10
N THR A 51 16.71 -36.61 33.08
CA THR A 51 18.15 -36.80 33.29
C THR A 51 18.48 -38.27 33.53
N SER A 52 17.53 -39.01 34.10
CA SER A 52 17.74 -40.43 34.40
C SER A 52 17.82 -41.26 33.13
N GLY A 53 17.36 -40.70 32.02
CA GLY A 53 17.35 -41.40 30.75
C GLY A 53 16.01 -42.10 30.50
N ASN A 54 15.00 -41.71 31.27
CA ASN A 54 13.68 -42.29 31.13
C ASN A 54 12.67 -41.33 30.52
N VAL A 55 11.69 -41.89 29.80
CA VAL A 55 10.67 -41.10 29.14
C VAL A 55 9.82 -40.32 30.13
N ILE A 56 9.76 -39.00 29.96
CA ILE A 56 8.93 -38.14 30.79
C ILE A 56 7.45 -38.41 30.54
N HIS A 57 6.70 -38.62 31.61
CA HIS A 57 5.26 -38.88 31.50
C HIS A 57 4.44 -37.83 32.26
N ALA A 58 4.22 -36.68 31.61
CA ALA A 58 3.45 -35.60 32.20
C ALA A 58 2.42 -35.06 31.20
N HIS A 59 1.53 -35.94 30.76
CA HIS A 59 0.54 -35.59 29.75
C HIS A 59 -0.50 -34.62 30.28
N GLY A 60 -1.01 -33.77 29.39
CA GLY A 60 -1.98 -32.75 29.78
C GLY A 60 -1.46 -31.90 30.92
N GLY A 61 -0.14 -31.81 31.02
CA GLY A 61 0.50 -31.16 32.14
C GLY A 61 0.49 -29.64 32.13
N GLY A 62 1.26 -29.06 33.05
CA GLY A 62 1.42 -27.62 33.15
C GLY A 62 2.76 -27.30 33.77
N MET A 63 3.01 -26.03 34.04
CA MET A 63 4.29 -25.62 34.60
C MET A 63 4.19 -24.41 35.52
N LEU A 64 5.06 -24.37 36.52
CA LEU A 64 5.11 -23.27 37.47
C LEU A 64 6.54 -22.83 37.72
N LYS A 65 6.76 -21.52 37.75
CA LYS A 65 8.09 -20.97 38.03
C LYS A 65 8.14 -20.43 39.45
N HIS A 66 8.87 -21.14 40.32
CA HIS A 66 9.01 -20.71 41.70
C HIS A 66 10.47 -20.81 42.14
N GLY A 67 11.00 -19.72 42.66
CA GLY A 67 12.38 -19.67 43.11
C GLY A 67 13.36 -19.74 41.95
N ASP A 68 14.15 -20.81 41.91
CA ASP A 68 15.18 -20.96 40.88
C ASP A 68 14.84 -22.10 39.93
N TYR A 69 13.66 -22.69 40.08
CA TYR A 69 13.30 -23.87 39.29
C TYR A 69 11.97 -23.73 38.56
N TYR A 70 11.89 -24.37 37.40
CA TYR A 70 10.64 -24.52 36.68
C TYR A 70 10.10 -25.91 36.93
N TYR A 71 8.87 -26.00 37.45
CA TYR A 71 8.28 -27.29 37.78
C TYR A 71 7.24 -27.73 36.75
N TRP A 72 7.40 -28.94 36.25
CA TRP A 72 6.50 -29.49 35.24
C TRP A 72 5.65 -30.61 35.82
N TYR A 73 4.35 -30.36 35.93
CA TYR A 73 3.42 -31.36 36.44
C TYR A 73 2.65 -32.00 35.29
N GLY A 74 2.13 -33.20 35.53
CA GLY A 74 1.35 -33.90 34.52
C GLY A 74 0.87 -35.24 35.03
N GLU A 75 -0.06 -35.86 34.29
CA GLU A 75 -0.61 -37.15 34.70
C GLU A 75 -0.33 -38.24 33.67
N TYR A 76 -0.54 -39.49 34.07
CA TYR A 76 -0.33 -40.63 33.19
C TYR A 76 -1.12 -41.85 33.66
N ARG A 77 -1.79 -42.51 32.73
CA ARG A 77 -2.57 -43.70 33.04
C ARG A 77 -1.67 -44.92 33.29
N ASP A 78 -2.29 -46.05 33.60
CA ASP A 78 -1.57 -47.30 33.83
C ASP A 78 -1.98 -48.38 32.84
N ASP A 79 -2.02 -49.63 33.30
CA ASP A 79 -2.43 -50.75 32.45
C ASP A 79 -3.92 -50.73 32.17
N SER A 80 -4.70 -50.21 33.11
CA SER A 80 -6.15 -50.13 32.94
C SER A 80 -6.59 -48.75 32.46
N ASN A 81 -5.64 -47.99 31.93
CA ASN A 81 -5.92 -46.65 31.43
C ASN A 81 -6.60 -45.78 32.48
N LEU A 82 -6.20 -45.97 33.74
CA LEU A 82 -6.76 -45.20 34.84
C LEU A 82 -5.70 -44.33 35.50
N PHE A 83 -6.15 -43.35 36.29
CA PHE A 83 -5.25 -42.45 36.98
C PHE A 83 -4.24 -43.22 37.84
N LEU A 84 -2.96 -43.10 37.51
CA LEU A 84 -1.90 -43.75 38.26
C LEU A 84 -1.22 -42.75 39.19
N GLY A 85 -0.73 -41.65 38.63
CA GLY A 85 -0.05 -40.65 39.42
C GLY A 85 0.14 -39.33 38.67
N VAL A 86 0.32 -38.25 39.43
CA VAL A 86 0.61 -36.95 38.85
C VAL A 86 2.09 -36.62 39.03
N SER A 87 2.87 -36.91 38.01
CA SER A 87 4.32 -36.74 38.08
C SER A 87 4.75 -35.29 38.20
N CYS A 88 5.98 -35.08 38.64
CA CYS A 88 6.53 -33.74 38.78
C CYS A 88 8.01 -33.73 38.39
N TYR A 89 8.35 -32.89 37.41
CA TYR A 89 9.72 -32.78 36.95
C TYR A 89 10.27 -31.37 37.21
N ARG A 90 11.54 -31.29 37.59
CA ARG A 90 12.15 -30.03 37.96
C ARG A 90 13.33 -29.70 37.05
N SER A 91 13.52 -28.41 36.75
CA SER A 91 14.61 -27.98 35.89
C SER A 91 14.86 -26.48 35.96
N LYS A 92 16.08 -26.08 35.61
CA LYS A 92 16.45 -24.67 35.55
C LYS A 92 16.63 -24.22 34.11
N ASP A 93 17.05 -25.14 33.24
CA ASP A 93 17.35 -24.82 31.86
C ASP A 93 16.15 -25.07 30.95
N LEU A 94 15.13 -25.75 31.48
CA LEU A 94 13.91 -26.02 30.75
C LEU A 94 14.05 -27.09 29.66
N VAL A 95 15.21 -27.74 29.61
CA VAL A 95 15.44 -28.80 28.63
C VAL A 95 15.80 -30.12 29.32
N ASN A 96 16.65 -30.03 30.34
CA ASN A 96 17.02 -31.20 31.13
C ASN A 96 16.17 -31.33 32.38
N TRP A 97 15.31 -32.34 32.42
CA TRP A 97 14.34 -32.49 33.49
C TRP A 97 14.70 -33.59 34.48
N GLU A 98 14.48 -33.31 35.76
CA GLU A 98 14.78 -34.26 36.82
C GLU A 98 13.50 -34.81 37.45
N TYR A 99 13.45 -36.12 37.61
CA TYR A 99 12.30 -36.78 38.22
C TYR A 99 12.22 -36.44 39.71
N ARG A 100 11.02 -36.12 40.18
CA ARG A 100 10.82 -35.75 41.58
C ARG A 100 9.70 -36.57 42.24
N GLY A 101 9.21 -37.58 41.52
CA GLY A 101 8.20 -38.47 42.05
C GLY A 101 6.78 -37.99 41.78
N GLU A 102 5.81 -38.70 42.35
CA GLU A 102 4.40 -38.35 42.18
C GLU A 102 3.89 -37.48 43.33
N VAL A 103 3.73 -36.19 43.06
CA VAL A 103 3.19 -35.27 44.04
C VAL A 103 1.77 -35.67 44.42
N LEU A 104 1.13 -36.42 43.52
CA LEU A 104 -0.21 -36.95 43.77
C LEU A 104 -0.30 -38.37 43.22
N SER A 105 -0.86 -39.27 44.02
CA SER A 105 -0.97 -40.67 43.62
C SER A 105 -2.39 -41.17 43.73
N ARG A 106 -2.66 -42.34 43.16
CA ARG A 106 -3.96 -42.98 43.28
C ARG A 106 -4.16 -43.46 44.71
N ASN A 107 -3.10 -43.35 45.52
CA ASN A 107 -3.14 -43.73 46.92
C ASN A 107 -3.41 -42.53 47.82
N SER A 108 -3.28 -41.34 47.26
CA SER A 108 -3.46 -40.11 48.03
C SER A 108 -4.86 -40.00 48.64
N ALA A 109 -5.84 -40.65 48.02
CA ALA A 109 -7.22 -40.58 48.48
C ALA A 109 -8.00 -41.81 48.06
N PRO A 110 -9.11 -42.10 48.75
CA PRO A 110 -9.95 -43.26 48.45
C PRO A 110 -10.60 -43.17 47.07
N GLU A 111 -11.06 -41.98 46.70
CA GLU A 111 -11.74 -41.80 45.42
C GLU A 111 -10.74 -41.64 44.27
N LEU A 112 -9.45 -41.58 44.61
CA LEU A 112 -8.40 -41.49 43.60
C LEU A 112 -7.92 -42.87 43.19
N ASN A 113 -8.47 -43.90 43.82
CA ASN A 113 -8.11 -45.28 43.51
C ASN A 113 -8.56 -45.68 42.11
N HIS A 114 -9.85 -45.56 41.85
CA HIS A 114 -10.42 -45.96 40.57
C HIS A 114 -11.11 -44.78 39.90
N CYS A 115 -10.33 -43.96 39.21
CA CYS A 115 -10.86 -42.75 38.59
C CYS A 115 -10.00 -42.24 37.43
N ASN A 116 -10.48 -41.19 36.77
CA ASN A 116 -9.75 -40.52 35.72
C ASN A 116 -9.35 -39.11 36.14
N ILE A 117 -8.05 -38.81 36.09
CA ILE A 117 -7.57 -37.46 36.35
C ILE A 117 -6.74 -36.96 35.19
N GLU A 118 -7.10 -35.80 34.66
CA GLU A 118 -6.41 -35.25 33.50
C GLU A 118 -6.30 -33.72 33.57
N ARG A 119 -5.29 -33.18 32.91
CA ARG A 119 -5.04 -31.74 32.90
C ARG A 119 -4.86 -31.16 34.29
N PRO A 120 -3.92 -31.72 35.07
CA PRO A 120 -3.63 -31.17 36.40
C PRO A 120 -2.75 -29.92 36.31
N LYS A 121 -3.16 -28.85 36.99
CA LYS A 121 -2.40 -27.61 36.98
C LYS A 121 -2.04 -27.20 38.41
N VAL A 122 -0.91 -26.52 38.56
CA VAL A 122 -0.46 -26.06 39.86
C VAL A 122 -0.22 -24.56 39.89
N MET A 123 -0.74 -23.90 40.92
CA MET A 123 -0.58 -22.46 41.09
C MET A 123 -0.03 -22.17 42.48
N TYR A 124 0.69 -21.06 42.63
CA TYR A 124 1.27 -20.69 43.90
C TYR A 124 0.54 -19.52 44.57
N ASN A 125 0.42 -19.59 45.90
CA ASN A 125 -0.23 -18.54 46.66
C ASN A 125 0.79 -17.77 47.50
N ALA A 126 0.90 -16.47 47.25
CA ALA A 126 1.85 -15.63 47.98
C ALA A 126 1.44 -15.47 49.44
N SER A 127 0.14 -15.24 49.66
CA SER A 127 -0.40 -15.07 51.00
C SER A 127 -0.09 -16.27 51.90
N THR A 128 -0.65 -17.41 51.55
CA THR A 128 -0.50 -18.63 52.35
C THR A 128 0.93 -19.16 52.29
N GLY A 129 1.47 -19.28 51.09
CA GLY A 129 2.80 -19.83 50.90
C GLY A 129 2.74 -21.31 50.58
N GLU A 130 1.58 -21.76 50.13
CA GLU A 130 1.38 -23.16 49.78
C GLU A 130 0.92 -23.31 48.33
N PHE A 131 1.30 -24.42 47.71
CA PHE A 131 0.98 -24.67 46.31
C PHE A 131 -0.35 -25.40 46.15
N VAL A 132 -1.31 -24.75 45.51
CA VAL A 132 -2.62 -25.35 45.28
C VAL A 132 -2.68 -26.01 43.91
N MET A 133 -3.21 -27.22 43.86
CA MET A 133 -3.29 -27.99 42.63
C MET A 133 -4.74 -28.31 42.23
N TRP A 134 -5.09 -27.99 40.99
CA TRP A 134 -6.42 -28.29 40.46
C TRP A 134 -6.32 -29.32 39.34
N MET A 135 -7.45 -29.92 39.00
CA MET A 135 -7.48 -30.97 37.98
C MET A 135 -8.90 -31.34 37.56
N HIS A 136 -9.01 -32.34 36.70
CA HIS A 136 -10.30 -32.83 36.24
C HIS A 136 -10.51 -34.27 36.72
N TRP A 137 -11.65 -34.51 37.37
CA TRP A 137 -11.91 -35.83 37.94
C TRP A 137 -13.07 -36.54 37.25
N GLU A 138 -12.92 -37.84 37.04
CA GLU A 138 -13.97 -38.67 36.45
C GLU A 138 -14.04 -40.04 37.12
N ASN A 139 -15.13 -40.76 36.89
CA ASN A 139 -15.37 -42.04 37.54
C ASN A 139 -14.35 -43.13 37.21
N GLY A 140 -13.92 -43.17 35.95
CA GLY A 140 -13.10 -44.26 35.47
C GLY A 140 -13.99 -45.30 34.82
N ILE A 141 -15.30 -45.07 34.95
CA ILE A 141 -16.31 -45.91 34.31
C ILE A 141 -17.01 -45.11 33.22
N ASN A 142 -17.12 -43.80 33.44
CA ASN A 142 -17.75 -42.92 32.46
C ASN A 142 -17.31 -41.47 32.67
N TYR A 143 -17.99 -40.55 32.00
CA TYR A 143 -17.68 -39.13 32.11
C TYR A 143 -18.88 -38.32 32.58
N GLY A 144 -19.75 -38.94 33.36
CA GLY A 144 -20.93 -38.28 33.88
C GLY A 144 -20.62 -37.33 35.03
N GLN A 145 -19.56 -37.65 35.77
CA GLN A 145 -19.14 -36.82 36.90
C GLN A 145 -18.14 -35.76 36.46
N ALA A 146 -18.62 -34.75 35.74
CA ALA A 146 -17.76 -33.66 35.31
C ALA A 146 -17.47 -32.71 36.47
N ARG A 147 -16.47 -33.07 37.28
CA ARG A 147 -16.16 -32.30 38.47
C ARG A 147 -14.68 -31.93 38.54
N ALA A 148 -14.38 -30.88 39.29
CA ALA A 148 -13.00 -30.47 39.51
C ALA A 148 -12.49 -31.08 40.81
N ALA A 149 -11.17 -31.18 40.95
CA ALA A 149 -10.56 -31.71 42.16
C ALA A 149 -9.45 -30.78 42.63
N VAL A 150 -9.20 -30.78 43.93
CA VAL A 150 -8.22 -29.88 44.52
C VAL A 150 -7.25 -30.59 45.45
N ALA A 151 -6.02 -30.07 45.52
CA ALA A 151 -5.01 -30.58 46.44
C ALA A 151 -4.04 -29.44 46.76
N TYR A 152 -3.10 -29.70 47.67
CA TYR A 152 -2.11 -28.68 48.01
C TYR A 152 -0.94 -29.23 48.81
N SER A 153 0.13 -28.45 48.88
CA SER A 153 1.34 -28.85 49.59
C SER A 153 2.14 -27.61 49.99
N LYS A 154 2.93 -27.74 51.06
CA LYS A 154 3.77 -26.63 51.51
C LYS A 154 4.98 -26.46 50.59
N THR A 155 5.32 -27.54 49.88
CA THR A 155 6.44 -27.52 48.94
C THR A 155 5.96 -27.91 47.55
N PRO A 156 6.71 -27.47 46.52
CA PRO A 156 6.32 -27.75 45.12
C PRO A 156 6.44 -29.22 44.76
N ASP A 157 7.59 -29.82 45.04
CA ASP A 157 7.84 -31.21 44.67
C ASP A 157 7.53 -32.18 45.81
N GLY A 158 6.83 -31.69 46.83
CA GLY A 158 6.44 -32.52 47.96
C GLY A 158 5.13 -33.24 47.71
N LYS A 159 4.88 -34.28 48.51
CA LYS A 159 3.64 -35.05 48.39
C LYS A 159 2.43 -34.17 48.70
N PHE A 160 1.58 -33.97 47.70
CA PHE A 160 0.38 -33.16 47.88
C PHE A 160 -0.69 -33.92 48.66
N THR A 161 -1.54 -33.17 49.36
CA THR A 161 -2.64 -33.77 50.11
C THR A 161 -3.97 -33.49 49.42
N TYR A 162 -4.61 -34.54 48.93
CA TYR A 162 -5.88 -34.40 48.23
C TYR A 162 -6.95 -33.86 49.17
N ILE A 163 -7.82 -33.00 48.63
CA ILE A 163 -8.89 -32.39 49.43
C ILE A 163 -10.24 -33.01 49.11
N ARG A 164 -10.79 -32.65 47.95
CA ARG A 164 -12.11 -33.11 47.56
C ARG A 164 -12.36 -32.91 46.07
N SER A 165 -13.40 -33.56 45.56
CA SER A 165 -13.84 -33.36 44.19
C SER A 165 -15.28 -32.86 44.20
N PHE A 166 -15.62 -31.99 43.26
CA PHE A 166 -16.92 -31.34 43.28
C PHE A 166 -17.24 -30.63 41.98
N ARG A 167 -18.52 -30.43 41.72
CA ARG A 167 -18.96 -29.60 40.61
C ARG A 167 -19.20 -28.18 41.13
N PRO A 168 -18.46 -27.21 40.59
CA PRO A 168 -18.52 -25.82 41.06
C PRO A 168 -19.95 -25.34 41.27
N MET A 169 -20.16 -24.54 42.32
CA MET A 169 -21.47 -23.99 42.62
C MET A 169 -22.49 -25.09 42.90
N GLN A 170 -22.09 -26.08 43.69
CA GLN A 170 -22.97 -27.19 44.03
C GLN A 170 -24.07 -26.76 45.00
N ASP A 171 -23.71 -25.90 45.95
CA ASP A 171 -24.64 -25.46 46.98
C ASP A 171 -25.68 -24.48 46.44
N THR A 172 -25.35 -23.77 45.37
CA THR A 172 -26.27 -22.82 44.77
C THR A 172 -27.55 -23.53 44.31
N GLY A 173 -27.47 -24.85 44.17
CA GLY A 173 -28.62 -25.65 43.78
C GLY A 173 -28.80 -25.73 42.28
N VAL A 174 -27.96 -25.02 41.54
CA VAL A 174 -28.05 -25.01 40.08
C VAL A 174 -27.83 -26.40 39.50
N MET A 175 -28.58 -26.73 38.46
CA MET A 175 -28.48 -28.04 37.83
C MET A 175 -27.91 -27.93 36.43
N ASP A 176 -26.91 -28.76 36.14
CA ASP A 176 -26.26 -28.75 34.83
C ASP A 176 -26.28 -30.14 34.20
N HIS A 177 -27.29 -30.39 33.37
CA HIS A 177 -27.43 -31.67 32.67
C HIS A 177 -27.62 -32.85 33.61
N GLY A 178 -28.67 -32.80 34.42
CA GLY A 178 -29.05 -33.92 35.27
C GLY A 178 -28.49 -33.89 36.68
N LEU A 179 -27.34 -33.25 36.86
CA LEU A 179 -26.69 -33.22 38.16
C LEU A 179 -26.57 -31.81 38.73
N PRO A 180 -26.45 -31.70 40.07
CA PRO A 180 -26.27 -30.41 40.73
C PRO A 180 -24.84 -29.90 40.57
N GLY A 181 -24.70 -28.61 40.27
CA GLY A 181 -23.38 -28.02 40.08
C GLY A 181 -22.97 -28.00 38.62
N TYR A 182 -22.27 -26.93 38.23
CA TYR A 182 -21.77 -26.78 36.87
C TYR A 182 -20.82 -27.91 36.49
N MET A 183 -20.95 -28.42 35.27
CA MET A 183 -20.02 -29.41 34.77
C MET A 183 -18.62 -28.80 34.65
N SER A 184 -17.59 -29.63 34.85
CA SER A 184 -16.22 -29.14 34.81
C SER A 184 -15.27 -30.21 34.28
N ARG A 185 -14.93 -30.11 32.99
CA ARG A 185 -14.00 -31.05 32.38
C ARG A 185 -12.62 -30.44 32.17
N ASP A 186 -12.25 -30.23 30.91
CA ASP A 186 -10.97 -29.61 30.59
C ASP A 186 -10.82 -28.29 31.35
N CYS A 187 -9.71 -28.15 32.07
CA CYS A 187 -9.54 -27.01 32.97
C CYS A 187 -8.15 -26.39 32.90
N ASN A 188 -7.96 -25.33 33.66
CA ASN A 188 -6.66 -24.66 33.77
C ASN A 188 -6.71 -23.57 34.84
N VAL A 189 -5.54 -23.20 35.38
CA VAL A 189 -5.47 -22.20 36.44
C VAL A 189 -4.72 -20.96 36.00
N PHE A 190 -5.00 -19.84 36.66
CA PHE A 190 -4.36 -18.56 36.35
C PHE A 190 -4.26 -17.66 37.58
N VAL A 191 -3.10 -17.05 37.76
CA VAL A 191 -2.88 -16.13 38.87
C VAL A 191 -2.72 -14.70 38.34
N ASP A 192 -3.64 -13.83 38.70
CA ASP A 192 -3.64 -12.46 38.20
C ASP A 192 -2.62 -11.58 38.91
N THR A 193 -2.39 -10.39 38.38
CA THR A 193 -1.42 -9.45 38.96
C THR A 193 -1.81 -9.04 40.37
N ASP A 194 -3.10 -8.83 40.59
CA ASP A 194 -3.59 -8.41 41.90
C ASP A 194 -3.51 -9.51 42.94
N GLY A 195 -3.16 -10.72 42.49
CA GLY A 195 -3.01 -11.85 43.39
C GLY A 195 -4.24 -12.72 43.47
N LYS A 196 -5.25 -12.39 42.68
CA LYS A 196 -6.48 -13.18 42.65
C LYS A 196 -6.30 -14.47 41.85
N GLY A 197 -6.70 -15.58 42.43
CA GLY A 197 -6.61 -16.87 41.76
C GLY A 197 -7.83 -17.14 40.91
N TYR A 198 -7.63 -17.85 39.80
CA TYR A 198 -8.72 -18.15 38.89
C TYR A 198 -8.67 -19.59 38.39
N PHE A 199 -9.84 -20.20 38.28
CA PHE A 199 -9.97 -21.55 37.75
C PHE A 199 -10.94 -21.55 36.58
N ILE A 200 -10.50 -22.08 35.44
CA ILE A 200 -11.33 -22.11 34.25
C ILE A 200 -11.56 -23.54 33.78
N SER A 201 -12.78 -23.85 33.36
CA SER A 201 -13.11 -25.19 32.89
C SER A 201 -14.33 -25.17 31.97
N ALA A 202 -14.48 -26.23 31.17
CA ALA A 202 -15.59 -26.34 30.25
C ALA A 202 -16.85 -26.85 30.94
N ALA A 203 -17.91 -26.04 30.90
CA ALA A 203 -19.18 -26.41 31.51
C ALA A 203 -20.28 -26.56 30.47
N ASN A 204 -21.46 -26.97 30.91
CA ASN A 204 -22.62 -27.12 30.03
C ASN A 204 -22.32 -28.05 28.85
N GLU A 205 -21.81 -29.24 29.16
CA GLU A 205 -21.45 -30.22 28.12
C GLU A 205 -20.34 -29.72 27.20
N ASN A 206 -19.30 -29.16 27.80
CA ASN A 206 -18.15 -28.65 27.05
C ASN A 206 -18.53 -27.60 26.02
N MET A 207 -19.75 -27.09 26.11
CA MET A 207 -20.24 -26.09 25.16
C MET A 207 -19.89 -24.68 25.60
N ASP A 208 -19.78 -24.48 26.91
CA ASP A 208 -19.48 -23.17 27.47
C ASP A 208 -18.22 -23.22 28.33
N LEU A 209 -17.50 -22.11 28.37
CA LEU A 209 -16.34 -21.98 29.25
C LEU A 209 -16.71 -21.17 30.48
N HIS A 210 -16.41 -21.71 31.66
CA HIS A 210 -16.68 -21.01 32.90
C HIS A 210 -15.40 -20.55 33.58
N LEU A 211 -15.31 -19.25 33.85
CA LEU A 211 -14.17 -18.69 34.56
C LEU A 211 -14.56 -18.43 36.01
N TYR A 212 -14.03 -19.26 36.91
CA TYR A 212 -14.35 -19.13 38.34
C TYR A 212 -13.27 -18.36 39.07
N GLU A 213 -13.69 -17.41 39.90
CA GLU A 213 -12.78 -16.68 40.77
C GLU A 213 -12.60 -17.43 42.08
N LEU A 214 -11.36 -17.69 42.46
CA LEU A 214 -11.07 -18.46 43.66
C LEU A 214 -11.01 -17.58 44.91
N THR A 215 -11.25 -18.18 46.06
CA THR A 215 -11.08 -17.50 47.33
C THR A 215 -9.59 -17.23 47.55
N PRO A 216 -9.27 -16.33 48.49
CA PRO A 216 -7.86 -15.97 48.75
C PRO A 216 -6.94 -17.18 48.92
N ASP A 217 -7.47 -18.30 49.39
CA ASP A 217 -6.65 -19.48 49.64
C ASP A 217 -6.44 -20.34 48.39
N TYR A 218 -7.12 -19.98 47.30
CA TYR A 218 -7.01 -20.70 46.03
C TYR A 218 -7.63 -22.09 46.05
N LYS A 219 -8.00 -22.56 47.24
CA LYS A 219 -8.49 -23.93 47.40
C LYS A 219 -10.00 -24.05 47.18
N ASN A 220 -10.68 -22.90 47.10
CA ASN A 220 -12.13 -22.90 46.92
C ASN A 220 -12.59 -21.90 45.86
N ILE A 221 -13.85 -22.02 45.44
CA ILE A 221 -14.41 -21.12 44.45
C ILE A 221 -15.26 -20.03 45.09
N ALA A 222 -14.86 -18.77 44.86
CA ALA A 222 -15.54 -17.63 45.46
C ALA A 222 -16.76 -17.19 44.65
N SER A 223 -16.63 -17.17 43.33
CA SER A 223 -17.72 -16.74 42.47
C SER A 223 -17.52 -17.15 41.02
N LEU A 224 -18.55 -16.96 40.20
CA LEU A 224 -18.48 -17.22 38.77
C LEU A 224 -18.14 -15.92 38.06
N LYS A 225 -16.85 -15.73 37.75
CA LYS A 225 -16.39 -14.48 37.17
C LYS A 225 -17.08 -14.15 35.85
N ALA A 226 -17.14 -15.12 34.94
CA ALA A 226 -17.77 -14.90 33.64
C ALA A 226 -17.94 -16.18 32.83
N LYS A 227 -18.94 -16.17 31.95
CA LYS A 227 -19.12 -17.25 30.99
C LYS A 227 -18.52 -16.81 29.65
N LEU A 228 -17.62 -17.62 29.10
CA LEU A 228 -16.87 -17.22 27.92
C LEU A 228 -17.13 -18.15 26.72
N PHE A 229 -17.42 -17.55 25.58
CA PHE A 229 -17.58 -18.30 24.33
C PHE A 229 -18.68 -19.35 24.44
N VAL A 230 -19.89 -18.92 24.74
CA VAL A 230 -21.01 -19.82 24.92
C VAL A 230 -21.43 -20.49 23.62
N GLY A 231 -21.69 -21.79 23.68
CA GLY A 231 -22.15 -22.54 22.52
C GLY A 231 -21.11 -22.72 21.44
N GLN A 232 -19.89 -22.23 21.70
CA GLN A 232 -18.82 -22.30 20.71
C GLN A 232 -17.94 -23.53 20.94
N GLN A 233 -18.13 -24.18 22.08
CA GLN A 233 -17.51 -25.48 22.34
C GLN A 233 -15.99 -25.46 22.26
N ARG A 234 -15.36 -24.61 23.07
CA ARG A 234 -13.91 -24.51 23.11
C ARG A 234 -13.35 -25.36 24.25
N GLU A 235 -12.24 -26.04 24.00
CA GLU A 235 -11.64 -26.93 24.99
C GLU A 235 -10.19 -26.57 25.28
N ALA A 236 -9.54 -27.39 26.11
CA ALA A 236 -8.14 -27.20 26.48
C ALA A 236 -7.75 -25.72 26.62
N PRO A 237 -8.48 -24.97 27.46
CA PRO A 237 -8.24 -23.53 27.59
C PRO A 237 -6.94 -23.21 28.32
N CYS A 238 -6.28 -22.13 27.90
CA CYS A 238 -5.08 -21.65 28.56
C CYS A 238 -5.22 -20.15 28.82
N LEU A 239 -5.15 -19.76 30.08
CA LEU A 239 -5.33 -18.36 30.44
C LEU A 239 -4.01 -17.69 30.81
N ILE A 240 -3.67 -16.62 30.10
CA ILE A 240 -2.43 -15.89 30.36
C ILE A 240 -2.66 -14.38 30.27
N LYS A 241 -1.64 -13.62 30.67
CA LYS A 241 -1.71 -12.16 30.63
C LYS A 241 -0.34 -11.59 30.24
N ARG A 242 -0.34 -10.47 29.52
CA ARG A 242 0.91 -9.87 29.08
C ARG A 242 1.05 -8.41 29.50
N ASN A 243 0.35 -7.52 28.80
CA ASN A 243 0.43 -6.10 29.10
C ASN A 243 -0.94 -5.49 29.35
N GLY A 244 -1.57 -5.90 30.44
CA GLY A 244 -2.92 -5.47 30.73
C GLY A 244 -3.89 -6.14 29.78
N TYR A 245 -3.39 -7.13 29.05
CA TYR A 245 -4.19 -7.88 28.10
C TYR A 245 -4.26 -9.35 28.49
N TYR A 246 -5.48 -9.87 28.65
CA TYR A 246 -5.67 -11.28 28.94
C TYR A 246 -5.83 -12.05 27.63
N TYR A 247 -5.25 -13.24 27.57
CA TYR A 247 -5.30 -14.06 26.37
C TYR A 247 -5.79 -15.47 26.68
N LEU A 248 -6.74 -15.94 25.89
CA LEU A 248 -7.32 -17.27 26.11
C LEU A 248 -7.11 -18.18 24.90
N ILE A 249 -6.10 -19.03 24.99
CA ILE A 249 -5.83 -20.01 23.93
C ILE A 249 -6.66 -21.26 24.15
N THR A 250 -7.50 -21.59 23.16
CA THR A 250 -8.37 -22.76 23.26
C THR A 250 -8.18 -23.71 22.10
N SER A 251 -8.83 -24.87 22.19
CA SER A 251 -8.81 -25.84 21.09
C SER A 251 -10.24 -26.19 20.72
N GLY A 252 -10.39 -27.09 19.76
CA GLY A 252 -11.70 -27.56 19.35
C GLY A 252 -12.06 -28.83 20.10
N CYS A 253 -13.29 -29.29 19.92
CA CYS A 253 -13.75 -30.51 20.57
C CYS A 253 -13.86 -31.65 19.56
N THR A 254 -12.77 -32.38 19.35
CA THR A 254 -12.75 -33.48 18.41
C THR A 254 -11.96 -34.68 18.96
N GLY A 255 -12.07 -34.90 20.26
CA GLY A 255 -11.41 -36.02 20.91
C GLY A 255 -9.90 -36.00 20.72
N TRP A 256 -9.34 -37.15 20.32
CA TRP A 256 -7.90 -37.26 20.10
C TRP A 256 -7.45 -36.43 18.91
N ASN A 257 -8.28 -36.39 17.87
CA ASN A 257 -7.93 -35.70 16.63
C ASN A 257 -7.52 -34.25 16.84
N PRO A 258 -6.29 -33.90 16.43
CA PRO A 258 -5.80 -32.52 16.49
C PRO A 258 -6.71 -31.61 15.66
N ASN A 259 -6.87 -30.37 16.10
CA ASN A 259 -7.74 -29.42 15.40
C ASN A 259 -7.21 -28.00 15.41
N GLN A 260 -7.98 -27.09 14.83
CA GLN A 260 -7.59 -25.69 14.74
C GLN A 260 -7.67 -24.98 16.10
N ALA A 261 -6.51 -24.62 16.64
CA ALA A 261 -6.46 -23.87 17.89
C ALA A 261 -6.80 -22.41 17.61
N LYS A 262 -7.39 -21.75 18.60
CA LYS A 262 -7.77 -20.35 18.46
C LYS A 262 -7.42 -19.56 19.72
N TYR A 263 -7.49 -18.23 19.62
CA TYR A 263 -7.20 -17.37 20.77
C TYR A 263 -8.07 -16.13 20.77
N ALA A 264 -8.15 -15.49 21.92
CA ALA A 264 -8.90 -14.24 22.07
C ALA A 264 -8.24 -13.37 23.13
N TYR A 265 -8.60 -12.09 23.13
CA TYR A 265 -8.00 -11.15 24.07
C TYR A 265 -9.04 -10.22 24.67
N SER A 266 -8.69 -9.60 25.79
CA SER A 266 -9.57 -8.68 26.48
C SER A 266 -8.82 -7.88 27.54
N LYS A 267 -9.25 -6.65 27.76
CA LYS A 267 -8.64 -5.81 28.78
C LYS A 267 -9.13 -6.20 30.17
N ASP A 268 -10.30 -6.84 30.22
CA ASP A 268 -10.91 -7.27 31.47
C ASP A 268 -11.37 -8.71 31.39
N LEU A 269 -11.25 -9.43 32.51
CA LEU A 269 -11.66 -10.83 32.57
C LEU A 269 -13.19 -10.98 32.52
N ALA A 270 -13.89 -10.02 33.12
CA ALA A 270 -15.34 -10.07 33.19
C ALA A 270 -15.98 -9.92 31.80
N SER A 271 -15.52 -8.94 31.04
CA SER A 271 -16.08 -8.68 29.71
C SER A 271 -15.06 -8.01 28.80
N GLY A 272 -15.46 -7.76 27.56
CA GLY A 272 -14.61 -7.09 26.60
C GLY A 272 -13.78 -8.06 25.76
N TRP A 273 -14.11 -9.34 25.86
CA TRP A 273 -13.40 -10.36 25.09
C TRP A 273 -13.68 -10.24 23.60
N SER A 274 -12.65 -10.54 22.80
CA SER A 274 -12.78 -10.44 21.35
C SER A 274 -13.32 -11.72 20.75
N GLN A 275 -13.38 -11.76 19.43
CA GLN A 275 -13.77 -12.98 18.72
C GLN A 275 -12.59 -13.94 18.66
N LEU A 276 -12.83 -15.14 18.16
CA LEU A 276 -11.77 -16.15 18.07
C LEU A 276 -10.90 -15.95 16.84
N TYR A 277 -9.59 -15.97 17.04
CA TYR A 277 -8.63 -15.85 15.93
C TYR A 277 -7.79 -17.12 15.82
N ASN A 278 -7.67 -17.63 14.60
CA ASN A 278 -6.92 -18.86 14.37
C ASN A 278 -5.46 -18.78 14.86
N LEU A 279 -4.99 -19.88 15.43
CA LEU A 279 -3.63 -19.98 15.93
C LEU A 279 -3.01 -21.28 15.46
N GLY A 280 -1.81 -21.19 14.87
CA GLY A 280 -1.18 -22.35 14.27
C GLY A 280 -1.93 -22.77 13.03
N ASN A 281 -1.68 -23.99 12.55
CA ASN A 281 -2.38 -24.49 11.37
C ASN A 281 -3.70 -25.17 11.72
N SER A 282 -4.20 -25.99 10.80
CA SER A 282 -5.51 -26.61 10.97
C SER A 282 -5.50 -27.72 12.02
N THR A 283 -4.30 -28.15 12.42
CA THR A 283 -4.18 -29.22 13.41
C THR A 283 -3.29 -28.81 14.58
N THR A 284 -3.06 -27.51 14.71
CA THR A 284 -2.15 -26.99 15.72
C THR A 284 -0.85 -27.79 15.72
N TYR A 285 -0.41 -28.16 14.52
CA TYR A 285 0.83 -28.90 14.35
C TYR A 285 0.75 -30.27 15.02
N ARG A 286 -0.36 -30.95 14.80
CA ARG A 286 -0.60 -32.27 15.38
C ARG A 286 -0.43 -32.27 16.90
N SER A 287 -1.12 -31.35 17.57
CA SER A 287 -1.06 -31.28 19.03
C SER A 287 -2.28 -30.56 19.59
N GLN A 288 -2.44 -30.63 20.90
CA GLN A 288 -3.49 -29.92 21.59
C GLN A 288 -2.90 -29.08 22.72
N PRO A 289 -3.23 -27.79 22.76
CA PRO A 289 -2.68 -26.88 23.78
C PRO A 289 -2.98 -27.38 25.19
N THR A 290 -2.01 -27.24 26.09
CA THR A 290 -2.20 -27.71 27.46
C THR A 290 -1.87 -26.62 28.47
N PHE A 291 -0.86 -25.79 28.16
CA PHE A 291 -0.47 -24.73 29.08
C PHE A 291 0.52 -23.74 28.45
N ILE A 292 0.49 -22.50 28.93
CA ILE A 292 1.38 -21.45 28.41
C ILE A 292 1.95 -20.62 29.56
N ILE A 293 3.27 -20.69 29.74
CA ILE A 293 3.94 -19.91 30.79
C ILE A 293 4.96 -18.91 30.23
N PRO A 294 5.04 -17.74 30.86
CA PRO A 294 6.06 -16.73 30.53
C PRO A 294 7.43 -17.15 31.02
N VAL A 295 8.40 -17.21 30.12
CA VAL A 295 9.78 -17.51 30.49
C VAL A 295 10.60 -16.22 30.55
N GLN A 296 10.91 -15.77 31.75
CA GLN A 296 11.58 -14.49 31.95
C GLN A 296 13.08 -14.66 32.14
N GLY A 297 13.86 -13.77 31.52
CA GLY A 297 15.30 -13.84 31.61
C GLY A 297 15.96 -12.46 31.56
N SER A 298 17.25 -12.44 31.26
CA SER A 298 18.01 -11.19 31.22
C SER A 298 17.66 -10.34 30.00
N SER A 299 17.43 -11.00 28.87
CA SER A 299 17.10 -10.30 27.63
C SER A 299 15.67 -9.76 27.66
N GLY A 300 14.74 -10.59 28.10
CA GLY A 300 13.34 -10.21 28.18
C GLY A 300 12.46 -11.37 28.58
N THR A 301 11.24 -11.40 28.03
CA THR A 301 10.29 -12.46 28.35
C THR A 301 9.79 -13.17 27.09
N SER A 302 9.90 -14.49 27.08
CA SER A 302 9.39 -15.29 25.97
C SER A 302 8.36 -16.30 26.48
N TYR A 303 7.17 -16.27 25.89
CA TYR A 303 6.10 -17.17 26.31
C TYR A 303 6.21 -18.54 25.66
N LEU A 304 6.24 -19.58 26.48
CA LEU A 304 6.37 -20.95 26.00
C LEU A 304 5.02 -21.64 25.87
N TYR A 305 4.81 -22.30 24.73
CA TYR A 305 3.59 -23.05 24.48
C TYR A 305 3.83 -24.54 24.69
N MET A 306 2.94 -25.18 25.43
CA MET A 306 3.01 -26.62 25.65
C MET A 306 1.81 -27.31 25.04
N GLY A 307 2.04 -28.45 24.40
CA GLY A 307 0.98 -29.20 23.79
C GLY A 307 1.16 -30.70 23.95
N ASP A 308 0.14 -31.45 23.56
CA ASP A 308 0.20 -32.90 23.62
C ASP A 308 -0.15 -33.52 22.28
N ARG A 309 0.75 -34.36 21.77
CA ARG A 309 0.46 -35.14 20.59
C ARG A 309 -0.10 -36.49 21.02
N TRP A 310 -1.39 -36.51 21.34
CA TRP A 310 -2.04 -37.69 21.88
C TRP A 310 -1.88 -38.91 20.98
N ALA A 311 -1.33 -39.98 21.53
CA ALA A 311 -1.10 -41.20 20.79
C ALA A 311 -2.43 -41.82 20.35
N GLY A 312 -3.52 -41.36 20.95
CA GLY A 312 -4.84 -41.85 20.61
C GLY A 312 -5.19 -41.61 19.15
N ALA A 313 -4.48 -40.68 18.53
CA ALA A 313 -4.69 -40.35 17.12
C ALA A 313 -4.37 -41.56 16.24
N TRP A 314 -3.34 -42.31 16.62
CA TRP A 314 -2.94 -43.47 15.83
C TRP A 314 -3.17 -44.78 16.59
N GLY A 315 -4.10 -44.76 17.54
CA GLY A 315 -4.50 -45.95 18.26
C GLY A 315 -3.52 -46.40 19.33
N GLY A 316 -2.78 -45.44 19.89
CA GLY A 316 -1.83 -45.74 20.93
C GLY A 316 -2.35 -45.42 22.32
N LYS A 317 -1.72 -45.98 23.34
CA LYS A 317 -2.11 -45.71 24.72
C LYS A 317 -1.67 -44.32 25.13
N VAL A 318 -2.40 -43.72 26.06
CA VAL A 318 -2.11 -42.36 26.51
C VAL A 318 -0.64 -42.14 26.86
N ASN A 319 -0.03 -43.15 27.49
CA ASN A 319 1.36 -43.03 27.93
C ASN A 319 2.35 -42.93 26.78
N ASP A 320 1.89 -43.23 25.56
CA ASP A 320 2.75 -43.15 24.38
C ASP A 320 2.59 -41.80 23.68
N SER A 321 1.97 -40.85 24.37
CA SER A 321 1.77 -39.52 23.81
C SER A 321 3.07 -38.70 23.84
N GLN A 322 3.30 -37.95 22.78
CA GLN A 322 4.51 -37.12 22.67
C GLN A 322 4.18 -35.66 22.98
N TYR A 323 5.22 -34.84 23.12
CA TYR A 323 5.04 -33.44 23.47
C TYR A 323 5.47 -32.50 22.36
N VAL A 324 4.85 -31.33 22.31
CA VAL A 324 5.17 -30.32 21.32
C VAL A 324 5.31 -28.94 21.99
N TRP A 325 6.54 -28.45 22.08
CA TRP A 325 6.79 -27.15 22.66
C TRP A 325 7.20 -26.13 21.60
N LEU A 326 6.54 -24.98 21.62
CA LEU A 326 6.81 -23.92 20.65
C LEU A 326 6.76 -22.56 21.34
N PRO A 327 7.45 -21.56 20.77
CA PRO A 327 7.38 -20.21 21.31
C PRO A 327 6.11 -19.50 20.87
N LEU A 328 5.46 -18.79 21.80
CA LEU A 328 4.28 -18.00 21.49
C LEU A 328 4.69 -16.55 21.29
N ASN A 329 4.69 -16.10 20.04
CA ASN A 329 5.15 -14.76 19.70
C ASN A 329 4.03 -13.73 19.62
N PHE A 330 4.32 -12.51 20.06
CA PHE A 330 3.33 -11.43 20.03
C PHE A 330 3.71 -10.36 19.02
N ILE A 331 3.17 -10.45 17.81
CA ILE A 331 3.36 -9.42 16.80
C ILE A 331 2.84 -8.09 17.34
N SER A 332 1.64 -8.13 17.91
CA SER A 332 1.03 -6.96 18.51
C SER A 332 0.22 -7.40 19.74
N ASP A 333 -0.30 -6.42 20.47
CA ASP A 333 -1.13 -6.73 21.63
C ASP A 333 -2.37 -7.52 21.23
N THR A 334 -2.76 -7.40 19.96
CA THR A 334 -3.96 -8.06 19.46
C THR A 334 -3.62 -9.15 18.44
N THR A 335 -2.36 -9.23 18.06
CA THR A 335 -1.93 -10.21 17.05
C THR A 335 -0.91 -11.19 17.61
N LEU A 336 -1.29 -12.47 17.65
CA LEU A 336 -0.40 -13.51 18.17
C LEU A 336 0.04 -14.48 17.07
N GLU A 337 1.19 -15.09 17.27
CA GLU A 337 1.77 -16.01 16.30
C GLU A 337 2.29 -17.27 16.98
N LEU A 338 2.00 -18.43 16.39
CA LEU A 338 2.46 -19.70 16.93
C LEU A 338 3.10 -20.54 15.83
N PRO A 339 4.41 -20.35 15.62
CA PRO A 339 5.16 -21.03 14.55
C PRO A 339 5.54 -22.45 14.95
N TYR A 340 5.74 -23.32 13.97
CA TYR A 340 6.19 -24.68 14.24
C TYR A 340 7.65 -24.87 13.82
N TYR A 341 8.49 -25.17 14.80
CA TYR A 341 9.88 -25.51 14.53
C TYR A 341 10.10 -26.97 14.90
N ASP A 342 10.62 -27.75 13.96
CA ASP A 342 10.87 -29.16 14.21
C ASP A 342 11.86 -29.31 15.36
N SER A 343 12.66 -28.28 15.57
CA SER A 343 13.61 -28.23 16.69
C SER A 343 13.63 -26.82 17.29
N VAL A 344 13.54 -26.73 18.60
CA VAL A 344 13.49 -25.44 19.28
C VAL A 344 14.67 -25.27 20.24
N LYS A 345 15.29 -24.09 20.20
CA LYS A 345 16.37 -23.77 21.12
C LYS A 345 15.86 -22.88 22.25
N ILE A 346 16.22 -23.22 23.48
CA ILE A 346 15.76 -22.46 24.64
C ILE A 346 16.91 -22.07 25.56
N ASP A 347 16.96 -20.80 25.94
CA ASP A 347 17.92 -20.32 26.91
C ASP A 347 17.18 -19.61 28.05
N ALA A 348 16.73 -20.39 29.02
CA ALA A 348 15.92 -19.88 30.12
C ALA A 348 16.57 -18.71 30.85
N SER A 349 17.91 -18.73 30.92
CA SER A 349 18.65 -17.67 31.59
C SER A 349 18.41 -16.31 30.94
N SER A 350 18.52 -16.26 29.62
CA SER A 350 18.35 -15.01 28.89
C SER A 350 16.87 -14.70 28.64
N GLY A 351 16.04 -15.73 28.71
CA GLY A 351 14.62 -15.58 28.43
C GLY A 351 14.36 -15.52 26.93
N ILE A 352 14.97 -16.43 26.19
CA ILE A 352 14.84 -16.45 24.74
C ILE A 352 14.41 -17.82 24.23
N ILE A 353 13.35 -17.84 23.43
CA ILE A 353 12.88 -19.07 22.81
C ILE A 353 12.76 -18.89 21.30
N SER A 354 13.65 -19.55 20.55
CA SER A 354 13.67 -19.40 19.10
C SER A 354 13.87 -20.72 18.39
N GLU A 355 14.01 -20.66 17.07
CA GLU A 355 14.20 -21.84 16.25
C GLU A 355 15.65 -22.31 16.29
N TYR A 356 15.85 -23.62 16.21
CA TYR A 356 17.20 -24.19 16.13
C TYR A 356 17.54 -24.54 14.70
N ILE A 357 18.53 -23.83 14.15
CA ILE A 357 18.99 -24.09 12.79
C ILE A 357 20.19 -25.03 12.80
N PRO A 358 19.98 -26.28 12.33
CA PRO A 358 21.05 -27.28 12.24
C PRO A 358 22.26 -26.78 11.46
N ASP A 359 22.01 -26.13 10.32
CA ASP A 359 23.08 -25.63 9.48
C ASP A 359 23.05 -24.11 9.41
N THR A 360 23.93 -23.48 10.19
CA THR A 360 23.95 -22.03 10.32
C THR A 360 24.51 -21.31 9.09
N THR A 361 24.94 -22.08 8.10
CA THR A 361 25.50 -21.51 6.88
C THR A 361 24.57 -20.47 6.26
N ARG A 362 25.08 -19.26 6.08
CA ARG A 362 24.30 -18.17 5.50
C ARG A 362 24.46 -18.14 3.97
N TYR A 363 23.41 -17.73 3.28
CA TYR A 363 23.42 -17.71 1.82
C TYR A 363 22.85 -16.44 1.23
N LYS A 364 23.22 -16.15 -0.01
CA LYS A 364 22.61 -15.11 -0.81
C LYS A 364 22.08 -15.73 -2.10
N LEU A 365 20.88 -15.34 -2.51
CA LEU A 365 20.30 -15.85 -3.75
C LEU A 365 20.37 -14.80 -4.85
N VAL A 366 21.30 -14.99 -5.79
CA VAL A 366 21.54 -14.03 -6.84
C VAL A 366 20.83 -14.41 -8.14
N ASN A 367 20.01 -13.49 -8.65
CA ASN A 367 19.30 -13.72 -9.90
C ASN A 367 20.24 -13.65 -11.10
N LYS A 368 20.07 -14.58 -12.03
CA LYS A 368 20.93 -14.64 -13.21
C LYS A 368 20.73 -13.44 -14.12
N ASN A 369 19.47 -13.09 -14.37
CA ASN A 369 19.14 -12.01 -15.30
C ASN A 369 19.43 -10.61 -14.76
N SER A 370 19.02 -10.36 -13.52
CA SER A 370 19.14 -9.03 -12.94
C SER A 370 20.45 -8.81 -12.20
N GLY A 371 20.97 -9.88 -11.61
CA GLY A 371 22.17 -9.78 -10.80
C GLY A 371 21.84 -9.33 -9.39
N LYS A 372 20.56 -9.09 -9.15
CA LYS A 372 20.08 -8.71 -7.82
C LYS A 372 19.92 -9.94 -6.94
N VAL A 373 19.82 -9.73 -5.64
CA VAL A 373 19.70 -10.85 -4.69
C VAL A 373 18.36 -10.86 -3.97
N LEU A 374 17.97 -12.03 -3.49
CA LEU A 374 16.70 -12.18 -2.78
C LEU A 374 16.73 -11.37 -1.48
N ASP A 375 15.68 -10.57 -1.27
CA ASP A 375 15.64 -9.66 -0.15
C ASP A 375 14.20 -9.45 0.34
N VAL A 376 14.05 -8.77 1.47
CA VAL A 376 12.74 -8.42 1.99
C VAL A 376 12.51 -6.93 1.80
N LEU A 377 11.31 -6.57 1.35
CA LEU A 377 10.98 -5.17 1.10
C LEU A 377 11.27 -4.30 2.32
N ASP A 378 12.03 -3.24 2.12
CA ASP A 378 12.40 -2.32 3.20
C ASP A 378 13.12 -3.04 4.33
N GLY A 379 13.69 -4.20 4.03
CA GLY A 379 14.38 -5.00 5.02
C GLY A 379 13.55 -5.20 6.27
N SER A 380 12.23 -5.33 6.08
CA SER A 380 11.31 -5.45 7.20
C SER A 380 11.35 -6.83 7.84
N VAL A 381 11.03 -6.88 9.13
CA VAL A 381 10.94 -8.15 9.84
C VAL A 381 9.47 -8.47 10.11
N ASP A 382 8.58 -7.60 9.64
CA ASP A 382 7.15 -7.78 9.80
C ASP A 382 6.69 -9.07 9.12
N ASN A 383 5.60 -9.63 9.63
CA ASN A 383 5.05 -10.85 9.06
C ASN A 383 4.32 -10.57 7.75
N ALA A 384 4.47 -11.48 6.79
CA ALA A 384 3.84 -11.35 5.48
C ALA A 384 4.45 -10.22 4.64
N ALA A 385 5.65 -9.80 5.00
CA ALA A 385 6.35 -8.76 4.25
C ALA A 385 6.68 -9.25 2.85
N GLN A 386 6.52 -8.36 1.86
CA GLN A 386 6.75 -8.71 0.47
C GLN A 386 8.22 -9.02 0.19
N ILE A 387 8.45 -10.07 -0.60
CA ILE A 387 9.81 -10.43 -0.99
C ILE A 387 10.18 -9.76 -2.31
N VAL A 388 11.31 -9.06 -2.31
CA VAL A 388 11.76 -8.35 -3.50
C VAL A 388 13.23 -8.63 -3.79
N GLN A 389 13.66 -8.31 -5.00
CA GLN A 389 15.07 -8.40 -5.35
C GLN A 389 15.74 -7.06 -5.09
N TRP A 390 16.99 -7.09 -4.63
CA TRP A 390 17.71 -5.86 -4.34
C TRP A 390 19.19 -6.03 -4.61
N THR A 391 19.91 -4.91 -4.69
CA THR A 391 21.34 -4.92 -4.95
C THR A 391 22.10 -5.54 -3.78
N ASP A 392 23.06 -6.41 -4.10
CA ASP A 392 23.88 -7.05 -3.08
C ASP A 392 24.59 -5.99 -2.23
N ASN A 393 24.08 -5.77 -1.02
CA ASN A 393 24.67 -4.79 -0.12
C ASN A 393 25.16 -5.41 1.19
N GLY A 394 25.29 -6.73 1.20
CA GLY A 394 25.79 -7.45 2.36
C GLY A 394 24.97 -7.23 3.61
N SER A 395 23.69 -6.93 3.44
CA SER A 395 22.79 -6.68 4.56
C SER A 395 22.22 -7.98 5.12
N LEU A 396 21.61 -7.90 6.29
CA LEU A 396 21.02 -9.06 6.94
C LEU A 396 19.83 -9.61 6.17
N SER A 397 18.94 -8.71 5.74
CA SER A 397 17.72 -9.10 5.05
C SER A 397 17.99 -9.94 3.81
N GLN A 398 19.22 -9.90 3.32
CA GLN A 398 19.59 -10.61 2.10
C GLN A 398 20.32 -11.92 2.40
N GLN A 399 20.29 -12.35 3.67
CA GLN A 399 20.94 -13.58 4.07
C GLN A 399 19.91 -14.63 4.46
N TRP A 400 20.11 -15.88 4.05
CA TRP A 400 19.11 -16.91 4.23
C TRP A 400 19.70 -18.24 4.70
N TYR A 401 19.03 -18.88 5.66
CA TYR A 401 19.40 -20.22 6.08
C TYR A 401 18.71 -21.25 5.21
N LEU A 402 19.22 -22.47 5.21
CA LEU A 402 18.58 -23.57 4.49
C LEU A 402 18.37 -24.78 5.41
N VAL A 403 17.12 -25.01 5.80
CA VAL A 403 16.79 -26.08 6.73
C VAL A 403 16.12 -27.25 6.03
N ASP A 404 16.84 -28.38 5.95
CA ASP A 404 16.30 -29.59 5.32
C ASP A 404 15.05 -30.05 6.06
N VAL A 405 14.03 -30.46 5.31
CA VAL A 405 12.75 -30.83 5.90
C VAL A 405 12.21 -32.14 5.33
N GLY A 406 13.10 -33.00 4.84
CA GLY A 406 12.69 -34.27 4.26
C GLY A 406 12.50 -34.16 2.77
N GLY A 407 12.68 -35.28 2.07
CA GLY A 407 12.62 -35.28 0.62
C GLY A 407 13.73 -34.41 0.07
N GLY A 408 13.52 -33.88 -1.13
CA GLY A 408 14.50 -33.00 -1.74
C GLY A 408 14.21 -31.54 -1.44
N TYR A 409 13.26 -31.29 -0.54
CA TYR A 409 12.81 -29.94 -0.25
C TYR A 409 13.48 -29.35 0.99
N LYS A 410 13.44 -28.03 1.10
CA LYS A 410 14.11 -27.33 2.19
C LYS A 410 13.37 -26.05 2.57
N LYS A 411 13.70 -25.51 3.74
CA LYS A 411 13.13 -24.25 4.20
C LYS A 411 14.10 -23.11 3.98
N ILE A 412 13.66 -22.08 3.27
CA ILE A 412 14.48 -20.88 3.08
C ILE A 412 14.09 -19.84 4.12
N VAL A 413 14.93 -19.71 5.15
CA VAL A 413 14.61 -18.84 6.27
C VAL A 413 15.45 -17.56 6.27
N ASN A 414 14.80 -16.42 6.45
CA ASN A 414 15.50 -15.15 6.53
C ASN A 414 16.31 -15.07 7.81
N VAL A 415 17.43 -14.36 7.76
CA VAL A 415 18.30 -14.24 8.94
C VAL A 415 17.85 -13.12 9.86
N LYS A 416 17.65 -11.93 9.30
CA LYS A 416 17.20 -10.78 10.08
C LYS A 416 15.88 -11.09 10.79
N SER A 417 15.03 -11.88 10.12
CA SER A 417 13.78 -12.32 10.71
C SER A 417 13.63 -13.83 10.51
N GLY A 418 13.30 -14.55 11.58
CA GLY A 418 13.23 -15.99 11.52
C GLY A 418 12.10 -16.52 10.66
N ARG A 419 11.50 -15.66 9.86
CA ARG A 419 10.38 -16.04 9.00
C ARG A 419 10.86 -16.79 7.77
N ALA A 420 9.98 -17.63 7.21
CA ALA A 420 10.35 -18.46 6.07
C ALA A 420 9.78 -17.94 4.76
N LEU A 421 10.45 -18.27 3.66
CA LEU A 421 9.97 -17.90 2.34
C LEU A 421 8.65 -18.61 2.08
N ASP A 422 7.60 -17.85 1.84
CA ASP A 422 6.25 -18.40 1.77
C ASP A 422 5.49 -17.92 0.54
N VAL A 423 4.78 -18.83 -0.11
CA VAL A 423 3.90 -18.47 -1.22
C VAL A 423 2.54 -18.03 -0.65
N LYS A 424 2.30 -16.73 -0.70
CA LYS A 424 1.11 -16.13 -0.10
C LYS A 424 -0.18 -16.93 -0.35
N ASP A 425 -0.90 -17.21 0.72
CA ASP A 425 -2.21 -17.88 0.64
C ASP A 425 -2.15 -19.21 -0.12
N GLU A 426 -0.99 -19.87 -0.08
CA GLU A 426 -0.82 -21.16 -0.74
C GLU A 426 -1.30 -21.13 -2.19
N SER A 427 -1.00 -20.04 -2.88
CA SER A 427 -1.42 -19.86 -4.27
C SER A 427 -0.83 -20.94 -5.17
N LYS A 428 -1.56 -21.28 -6.24
CA LYS A 428 -1.10 -22.24 -7.22
C LYS A 428 -1.04 -21.61 -8.60
N GLU A 429 -1.20 -20.29 -8.65
CA GLU A 429 -1.33 -19.58 -9.92
C GLU A 429 -0.06 -18.82 -10.30
N ASP A 430 0.11 -18.56 -11.59
CA ASP A 430 1.20 -17.72 -12.05
C ASP A 430 1.05 -16.31 -11.50
N GLY A 431 2.15 -15.70 -11.12
CA GLY A 431 2.13 -14.34 -10.59
C GLY A 431 1.86 -14.31 -9.10
N GLY A 432 1.72 -15.48 -8.50
CA GLY A 432 1.48 -15.59 -7.07
C GLY A 432 2.64 -15.01 -6.28
N VAL A 433 2.36 -13.93 -5.55
CA VAL A 433 3.38 -13.21 -4.80
C VAL A 433 4.04 -14.07 -3.71
N LEU A 434 5.34 -13.89 -3.53
CA LEU A 434 6.08 -14.54 -2.46
C LEU A 434 6.29 -13.58 -1.30
N ILE A 435 6.17 -14.09 -0.07
CA ILE A 435 6.35 -13.27 1.12
C ILE A 435 7.18 -14.02 2.14
N GLN A 436 7.53 -13.34 3.23
CA GLN A 436 8.11 -14.02 4.38
C GLN A 436 7.02 -14.21 5.44
N TYR A 437 6.85 -15.43 5.89
CA TYR A 437 5.76 -15.74 6.82
C TYR A 437 6.23 -16.66 7.95
N THR A 438 5.47 -16.68 9.03
CA THR A 438 5.77 -17.55 10.15
C THR A 438 5.80 -19.00 9.70
N SER A 439 6.77 -19.77 10.20
CA SER A 439 6.88 -21.17 9.83
C SER A 439 5.65 -21.93 10.31
N ASN A 440 5.04 -22.72 9.42
CA ASN A 440 3.84 -23.46 9.77
C ASN A 440 3.77 -24.84 9.11
N GLY A 441 4.93 -25.35 8.68
CA GLY A 441 5.02 -26.67 8.10
C GLY A 441 4.26 -26.83 6.80
N GLY A 442 3.73 -25.72 6.28
CA GLY A 442 2.99 -25.74 5.04
C GLY A 442 3.88 -26.05 3.85
N TYR A 443 3.33 -26.74 2.86
CA TYR A 443 4.10 -27.08 1.67
C TYR A 443 4.50 -25.85 0.87
N ASN A 444 3.76 -24.76 1.05
CA ASN A 444 4.09 -23.52 0.38
C ASN A 444 5.31 -22.84 1.00
N GLN A 445 5.99 -23.56 1.88
CA GLN A 445 7.21 -23.07 2.50
C GLN A 445 8.36 -24.04 2.27
N HIS A 446 8.08 -25.09 1.50
CA HIS A 446 9.11 -26.07 1.14
C HIS A 446 9.60 -25.84 -0.29
N TRP A 447 10.92 -25.81 -0.46
CA TRP A 447 11.50 -25.50 -1.76
C TRP A 447 12.54 -26.55 -2.18
N LYS A 448 12.45 -26.99 -3.44
CA LYS A 448 13.42 -27.93 -3.99
C LYS A 448 14.37 -27.24 -4.95
N PHE A 449 15.67 -27.49 -4.77
CA PHE A 449 16.68 -26.93 -5.63
C PHE A 449 17.06 -27.89 -6.75
N THR A 450 16.96 -27.42 -7.99
CA THR A 450 17.31 -28.23 -9.14
C THR A 450 18.50 -27.63 -9.88
N ASP A 451 19.64 -28.31 -9.82
CA ASP A 451 20.86 -27.84 -10.47
C ASP A 451 20.70 -27.78 -11.98
N ILE A 452 20.96 -26.61 -12.56
CA ILE A 452 20.90 -26.43 -14.01
C ILE A 452 22.28 -26.17 -14.58
N GLY A 453 23.29 -26.10 -13.71
CA GLY A 453 24.66 -25.92 -14.13
C GLY A 453 25.23 -24.57 -13.80
N ASP A 454 26.55 -24.51 -13.67
CA ASP A 454 27.26 -23.25 -13.44
C ASP A 454 26.93 -22.61 -12.10
N GLY A 455 26.41 -23.41 -11.18
CA GLY A 455 26.10 -22.93 -9.84
C GLY A 455 24.75 -22.26 -9.74
N TYR A 456 23.92 -22.43 -10.77
CA TYR A 456 22.57 -21.88 -10.76
C TYR A 456 21.52 -22.97 -10.57
N TYR A 457 20.42 -22.62 -9.92
CA TYR A 457 19.36 -23.58 -9.62
C TYR A 457 17.99 -23.06 -10.02
N LYS A 458 17.04 -23.99 -10.20
CA LYS A 458 15.64 -23.65 -10.34
C LYS A 458 14.92 -24.04 -9.05
N ILE A 459 14.53 -23.05 -8.27
CA ILE A 459 13.90 -23.30 -6.98
C ILE A 459 12.39 -23.42 -7.10
N SER A 460 11.89 -24.64 -7.07
CA SER A 460 10.46 -24.90 -7.26
C SER A 460 9.75 -25.17 -5.94
N SER A 461 8.53 -24.66 -5.83
CA SER A 461 7.71 -24.88 -4.64
C SER A 461 7.20 -26.31 -4.62
N ARG A 462 6.90 -26.82 -3.43
CA ARG A 462 6.44 -28.19 -3.28
C ARG A 462 4.95 -28.28 -3.53
N HIS A 463 4.26 -27.16 -3.36
CA HIS A 463 2.80 -27.10 -3.49
C HIS A 463 2.35 -27.33 -4.92
N CYS A 464 2.92 -26.57 -5.86
CA CYS A 464 2.51 -26.65 -7.26
C CYS A 464 3.67 -26.92 -8.21
N GLY A 465 4.88 -26.59 -7.78
CA GLY A 465 6.06 -26.87 -8.58
C GLY A 465 6.58 -25.68 -9.36
N LYS A 466 5.89 -24.55 -9.24
CA LYS A 466 6.30 -23.32 -9.94
C LYS A 466 7.55 -22.73 -9.29
N LEU A 467 8.35 -22.04 -10.10
CA LEU A 467 9.65 -21.57 -9.65
C LEU A 467 9.60 -20.17 -9.03
N ILE A 468 10.61 -19.87 -8.21
CA ILE A 468 10.81 -18.52 -7.72
C ILE A 468 11.16 -17.63 -8.89
N ASP A 469 10.39 -16.57 -9.09
CA ASP A 469 10.49 -15.78 -10.31
C ASP A 469 10.49 -14.28 -10.01
N VAL A 470 11.36 -13.55 -10.72
CA VAL A 470 11.35 -12.09 -10.66
C VAL A 470 10.31 -11.55 -11.63
N ARG A 471 9.28 -10.90 -11.10
CA ARG A 471 8.16 -10.45 -11.91
C ARG A 471 8.58 -9.56 -13.08
N LYS A 472 8.08 -9.91 -14.27
CA LYS A 472 8.31 -9.11 -15.47
C LYS A 472 9.79 -8.94 -15.83
N TRP A 473 10.60 -9.92 -15.46
CA TRP A 473 12.03 -9.88 -15.78
C TRP A 473 12.69 -8.61 -15.25
N SER A 474 12.10 -8.03 -14.20
CA SER A 474 12.62 -6.78 -13.64
C SER A 474 14.12 -6.84 -13.37
N THR A 475 14.80 -5.75 -13.67
CA THR A 475 16.25 -5.68 -13.48
C THR A 475 16.60 -4.57 -12.48
N GLU A 476 15.58 -4.00 -11.87
CA GLU A 476 15.76 -2.88 -10.95
C GLU A 476 15.52 -3.28 -9.49
N ASP A 477 15.89 -2.38 -8.58
CA ASP A 477 15.67 -2.61 -7.16
C ASP A 477 14.18 -2.60 -6.83
N GLY A 478 13.76 -3.50 -5.94
CA GLY A 478 12.37 -3.56 -5.53
C GLY A 478 11.52 -4.44 -6.42
N GLY A 479 12.16 -5.13 -7.35
CA GLY A 479 11.47 -6.05 -8.23
C GLY A 479 10.75 -7.12 -7.45
N ILE A 480 9.45 -7.27 -7.71
CA ILE A 480 8.64 -8.22 -6.97
C ILE A 480 9.04 -9.66 -7.26
N ILE A 481 9.30 -10.43 -6.21
CA ILE A 481 9.58 -11.85 -6.34
C ILE A 481 8.27 -12.63 -6.26
N GLN A 482 8.04 -13.49 -7.24
CA GLN A 482 6.76 -14.19 -7.35
C GLN A 482 6.92 -15.67 -7.67
N GLN A 483 5.80 -16.28 -8.04
CA GLN A 483 5.76 -17.69 -8.39
C GLN A 483 5.32 -17.80 -9.84
N TRP A 484 5.99 -18.64 -10.61
CA TRP A 484 5.67 -18.77 -12.04
C TRP A 484 6.11 -20.10 -12.61
N SER A 485 5.41 -20.56 -13.65
CA SER A 485 5.74 -21.81 -14.31
C SER A 485 7.17 -21.78 -14.85
N ASP A 486 7.80 -22.95 -14.91
CA ASP A 486 9.14 -23.06 -15.44
C ASP A 486 9.16 -22.74 -16.94
N ALA A 487 9.55 -21.52 -17.28
CA ALA A 487 9.57 -21.08 -18.67
C ALA A 487 10.99 -21.05 -19.24
N GLY A 488 11.97 -21.41 -18.40
CA GLY A 488 13.35 -21.48 -18.85
C GLY A 488 14.01 -20.12 -18.94
N GLY A 489 13.32 -19.08 -18.49
CA GLY A 489 13.87 -17.74 -18.49
C GLY A 489 14.98 -17.58 -17.46
N THR A 490 15.86 -16.61 -17.68
CA THR A 490 16.98 -16.38 -16.78
C THR A 490 16.54 -15.64 -15.52
N ASN A 491 15.35 -15.06 -15.57
CA ASN A 491 14.79 -14.39 -14.40
C ASN A 491 14.26 -15.41 -13.39
N GLN A 492 14.36 -16.68 -13.76
CA GLN A 492 13.91 -17.77 -12.91
C GLN A 492 15.09 -18.59 -12.39
N HIS A 493 16.30 -18.21 -12.80
CA HIS A 493 17.50 -18.92 -12.39
C HIS A 493 18.24 -18.16 -11.28
N TRP A 494 18.59 -18.87 -10.22
CA TRP A 494 19.22 -18.26 -9.06
C TRP A 494 20.52 -18.96 -8.68
N LYS A 495 21.52 -18.18 -8.28
CA LYS A 495 22.80 -18.72 -7.84
C LYS A 495 22.92 -18.69 -6.33
N LEU A 496 23.33 -19.82 -5.75
CA LEU A 496 23.51 -19.92 -4.30
C LEU A 496 24.93 -19.52 -3.92
N VAL A 497 25.07 -18.44 -3.18
CA VAL A 497 26.38 -17.91 -2.82
C VAL A 497 26.60 -17.85 -1.31
N LEU A 498 27.61 -18.56 -0.83
CA LEU A 498 27.95 -18.55 0.59
C LEU A 498 28.45 -17.18 1.03
N VAL A 499 28.14 -16.81 2.27
CA VAL A 499 28.56 -15.53 2.82
C VAL A 499 29.00 -15.67 4.27
N GLU B 39 -22.09 -46.12 92.31
CA GLU B 39 -22.21 -44.72 92.67
C GLU B 39 -21.87 -43.81 91.48
N GLY B 40 -22.85 -43.62 90.60
CA GLY B 40 -22.66 -42.79 89.43
C GLY B 40 -22.82 -41.31 89.75
N VAL B 41 -21.96 -40.81 90.64
CA VAL B 41 -22.04 -39.42 91.05
C VAL B 41 -20.94 -38.58 90.39
N ILE B 42 -21.28 -37.34 90.05
CA ILE B 42 -20.34 -36.43 89.41
C ILE B 42 -20.18 -35.15 90.24
N VAL B 43 -18.94 -34.76 90.47
CA VAL B 43 -18.65 -33.54 91.23
C VAL B 43 -18.38 -32.37 90.30
N ASN B 44 -19.41 -31.57 90.05
CA ASN B 44 -19.28 -30.42 89.15
C ASN B 44 -18.21 -29.43 89.60
N GLY B 45 -17.76 -28.60 88.66
CA GLY B 45 -16.76 -27.59 88.94
C GLY B 45 -15.37 -28.17 89.15
N THR B 46 -15.14 -29.35 88.58
CA THR B 46 -13.84 -30.01 88.70
C THR B 46 -13.41 -30.62 87.37
N GLN B 47 -12.20 -31.16 87.33
CA GLN B 47 -11.69 -31.85 86.15
C GLN B 47 -11.91 -33.36 86.29
N PHE B 48 -12.85 -33.90 85.52
CA PHE B 48 -13.15 -35.32 85.55
C PHE B 48 -11.92 -36.14 85.20
N LYS B 49 -11.91 -37.41 85.57
CA LYS B 49 -10.78 -38.28 85.31
C LYS B 49 -11.15 -39.49 84.47
N ASP B 50 -10.22 -39.92 83.62
CA ASP B 50 -10.41 -41.15 82.85
C ASP B 50 -10.14 -42.35 83.76
N THR B 51 -10.44 -43.54 83.27
CA THR B 51 -10.24 -44.76 84.04
C THR B 51 -8.78 -44.97 84.41
N SER B 52 -7.89 -44.21 83.77
CA SER B 52 -6.46 -44.33 84.01
C SER B 52 -5.99 -43.46 85.17
N GLY B 53 -6.87 -42.58 85.64
CA GLY B 53 -6.54 -41.68 86.73
C GLY B 53 -5.98 -40.36 86.25
N ASN B 54 -6.06 -40.12 84.95
CA ASN B 54 -5.58 -38.87 84.36
C ASN B 54 -6.73 -37.93 84.02
N VAL B 55 -6.48 -36.63 84.12
CA VAL B 55 -7.50 -35.62 83.86
C VAL B 55 -7.98 -35.65 82.41
N ILE B 56 -9.30 -35.70 82.23
CA ILE B 56 -9.91 -35.68 80.90
C ILE B 56 -9.74 -34.29 80.26
N HIS B 57 -9.36 -34.27 78.99
CA HIS B 57 -9.18 -33.01 78.27
C HIS B 57 -10.04 -32.95 77.02
N ALA B 58 -11.34 -32.77 77.21
CA ALA B 58 -12.29 -32.67 76.11
C ALA B 58 -13.11 -31.38 76.24
N HIS B 59 -12.44 -30.24 76.12
CA HIS B 59 -13.09 -28.94 76.30
C HIS B 59 -13.91 -28.54 75.09
N GLY B 60 -14.94 -27.72 75.33
CA GLY B 60 -15.85 -27.30 74.28
C GLY B 60 -16.33 -28.49 73.46
N GLY B 61 -16.56 -29.61 74.15
CA GLY B 61 -16.85 -30.85 73.47
C GLY B 61 -18.32 -31.22 73.39
N GLY B 62 -18.62 -32.19 72.54
CA GLY B 62 -19.97 -32.71 72.42
C GLY B 62 -19.97 -34.19 72.76
N MET B 63 -21.08 -34.87 72.49
CA MET B 63 -21.18 -36.29 72.81
C MET B 63 -22.18 -37.00 71.90
N LEU B 64 -21.87 -38.24 71.54
CA LEU B 64 -22.71 -39.03 70.65
C LEU B 64 -23.02 -40.40 71.25
N LYS B 65 -24.24 -40.87 71.00
CA LYS B 65 -24.66 -42.19 71.46
C LYS B 65 -24.88 -43.14 70.29
N HIS B 66 -23.91 -44.02 70.05
CA HIS B 66 -24.03 -44.97 68.95
C HIS B 66 -23.86 -46.40 69.45
N GLY B 67 -24.92 -47.20 69.31
CA GLY B 67 -24.90 -48.57 69.76
C GLY B 67 -25.09 -48.68 71.27
N ASP B 68 -24.07 -49.16 71.96
CA ASP B 68 -24.13 -49.30 73.41
C ASP B 68 -23.05 -48.46 74.08
N TYR B 69 -22.68 -47.34 73.45
CA TYR B 69 -21.61 -46.49 73.97
C TYR B 69 -21.89 -45.00 73.81
N TYR B 70 -21.45 -44.23 74.79
CA TYR B 70 -21.47 -42.77 74.70
C TYR B 70 -20.05 -42.28 74.41
N TYR B 71 -19.90 -41.47 73.37
CA TYR B 71 -18.59 -40.97 72.97
C TYR B 71 -18.46 -39.46 73.22
N TRP B 72 -17.52 -39.10 74.08
CA TRP B 72 -17.26 -37.71 74.42
C TRP B 72 -16.08 -37.16 73.63
N TYR B 73 -16.35 -36.21 72.75
CA TYR B 73 -15.30 -35.60 71.93
C TYR B 73 -15.00 -34.19 72.40
N GLY B 74 -13.72 -33.83 72.41
CA GLY B 74 -13.30 -32.50 72.81
C GLY B 74 -11.91 -32.17 72.33
N GLU B 75 -11.49 -30.93 72.54
CA GLU B 75 -10.17 -30.49 72.10
C GLU B 75 -9.39 -29.81 73.22
N TYR B 76 -8.06 -29.87 73.15
CA TYR B 76 -7.21 -29.21 74.12
C TYR B 76 -6.00 -28.56 73.45
N ARG B 77 -5.52 -27.48 74.07
CA ARG B 77 -4.45 -26.66 73.48
C ARG B 77 -3.07 -27.28 73.63
N ASP B 78 -2.12 -26.77 72.85
CA ASP B 78 -0.72 -27.14 72.98
C ASP B 78 0.02 -26.08 73.79
N ASP B 79 1.34 -26.16 73.82
CA ASP B 79 2.16 -25.21 74.56
C ASP B 79 2.07 -23.80 73.98
N SER B 80 1.52 -23.70 72.77
CA SER B 80 1.41 -22.42 72.08
C SER B 80 -0.04 -21.92 72.05
N ASN B 81 -0.92 -22.57 72.80
CA ASN B 81 -2.33 -22.21 72.87
C ASN B 81 -3.08 -22.48 71.55
N LEU B 82 -2.47 -23.29 70.70
CA LEU B 82 -3.05 -23.69 69.42
C LEU B 82 -3.60 -25.10 69.51
N PHE B 83 -4.40 -25.50 68.53
CA PHE B 83 -4.94 -26.86 68.46
C PHE B 83 -3.86 -27.92 68.28
N LEU B 84 -3.88 -28.95 69.14
CA LEU B 84 -2.95 -30.07 69.02
C LEU B 84 -3.65 -31.41 68.80
N GLY B 85 -4.87 -31.54 69.33
CA GLY B 85 -5.57 -32.81 69.23
C GLY B 85 -7.00 -32.80 69.73
N VAL B 86 -7.85 -33.55 69.04
CA VAL B 86 -9.24 -33.75 69.47
C VAL B 86 -9.36 -35.14 70.08
N SER B 87 -9.62 -35.19 71.38
CA SER B 87 -9.63 -36.44 72.13
C SER B 87 -10.99 -37.14 72.11
N CYS B 88 -10.98 -38.43 72.41
CA CYS B 88 -12.18 -39.24 72.40
C CYS B 88 -12.26 -40.15 73.63
N TYR B 89 -13.37 -40.05 74.37
CA TYR B 89 -13.61 -40.91 75.52
C TYR B 89 -14.95 -41.61 75.37
N ARG B 90 -15.02 -42.88 75.78
CA ARG B 90 -16.27 -43.63 75.70
C ARG B 90 -16.65 -44.25 77.03
N SER B 91 -17.96 -44.34 77.28
CA SER B 91 -18.47 -44.91 78.51
C SER B 91 -19.94 -45.31 78.36
N LYS B 92 -20.35 -46.32 79.11
CA LYS B 92 -21.73 -46.79 79.05
C LYS B 92 -22.55 -46.25 80.22
N ASP B 93 -21.87 -45.85 81.29
CA ASP B 93 -22.53 -45.33 82.48
C ASP B 93 -22.43 -43.81 82.57
N LEU B 94 -21.66 -43.21 81.67
CA LEU B 94 -21.51 -41.76 81.61
C LEU B 94 -20.73 -41.18 82.79
N VAL B 95 -20.04 -42.04 83.54
CA VAL B 95 -19.26 -41.58 84.69
C VAL B 95 -17.80 -42.02 84.60
N ASN B 96 -17.58 -43.22 84.07
CA ASN B 96 -16.24 -43.75 83.92
C ASN B 96 -15.80 -43.77 82.46
N TRP B 97 -14.93 -42.84 82.09
CA TRP B 97 -14.55 -42.66 80.70
C TRP B 97 -13.22 -43.33 80.35
N GLU B 98 -13.23 -44.12 79.29
CA GLU B 98 -12.03 -44.79 78.81
C GLU B 98 -11.46 -44.04 77.61
N TYR B 99 -10.23 -43.54 77.76
CA TYR B 99 -9.59 -42.76 76.71
C TYR B 99 -9.28 -43.60 75.47
N ARG B 100 -9.60 -43.07 74.29
CA ARG B 100 -9.44 -43.81 73.05
C ARG B 100 -8.52 -43.09 72.07
N GLY B 101 -7.67 -42.19 72.60
CA GLY B 101 -6.72 -41.47 71.79
C GLY B 101 -7.34 -40.30 71.04
N GLU B 102 -6.52 -39.61 70.25
CA GLU B 102 -6.99 -38.49 69.44
C GLU B 102 -7.59 -38.96 68.13
N VAL B 103 -8.89 -38.72 67.97
CA VAL B 103 -9.56 -39.03 66.71
C VAL B 103 -9.11 -38.04 65.64
N LEU B 104 -8.65 -36.88 66.08
CA LEU B 104 -8.10 -35.87 65.18
C LEU B 104 -6.88 -35.22 65.82
N SER B 105 -5.90 -34.85 65.00
CA SER B 105 -4.67 -34.26 65.51
C SER B 105 -4.17 -33.16 64.57
N ARG B 106 -3.18 -32.41 65.04
CA ARG B 106 -2.56 -31.36 64.24
C ARG B 106 -1.76 -31.95 63.09
N ASN B 107 -1.38 -33.22 63.22
CA ASN B 107 -0.62 -33.92 62.19
C ASN B 107 -1.51 -34.62 61.17
N SER B 108 -2.81 -34.56 61.39
CA SER B 108 -3.78 -35.22 60.51
C SER B 108 -3.83 -34.52 59.14
N ALA B 109 -3.51 -33.25 59.11
CA ALA B 109 -3.53 -32.48 57.87
C ALA B 109 -2.56 -31.30 57.95
N PRO B 110 -1.94 -30.94 56.82
CA PRO B 110 -0.98 -29.84 56.76
C PRO B 110 -1.62 -28.51 57.15
N GLU B 111 -2.93 -28.42 56.99
CA GLU B 111 -3.67 -27.21 57.32
C GLU B 111 -3.89 -27.12 58.83
N LEU B 112 -3.70 -28.23 59.52
CA LEU B 112 -3.94 -28.30 60.96
C LEU B 112 -2.65 -28.20 61.77
N ASN B 113 -1.51 -28.21 61.08
CA ASN B 113 -0.22 -28.12 61.75
C ASN B 113 -0.16 -26.94 62.71
N HIS B 114 -0.69 -25.81 62.27
CA HIS B 114 -0.68 -24.59 63.07
C HIS B 114 -1.99 -23.84 62.91
N CYS B 115 -2.90 -24.02 63.86
CA CYS B 115 -4.21 -23.40 63.80
C CYS B 115 -4.96 -23.48 65.12
N ASN B 116 -6.07 -22.77 65.20
CA ASN B 116 -6.95 -22.82 66.37
C ASN B 116 -8.27 -23.54 66.05
N ILE B 117 -8.50 -24.66 66.72
CA ILE B 117 -9.75 -25.40 66.55
C ILE B 117 -10.49 -25.52 67.87
N GLU B 118 -11.78 -25.24 67.85
CA GLU B 118 -12.58 -25.27 69.06
C GLU B 118 -14.03 -25.68 68.80
N ARG B 119 -14.66 -26.26 69.81
CA ARG B 119 -16.04 -26.72 69.73
C ARG B 119 -16.27 -27.77 68.65
N PRO B 120 -15.53 -28.89 68.72
CA PRO B 120 -15.68 -29.99 67.76
C PRO B 120 -16.88 -30.87 68.10
N LYS B 121 -17.79 -31.03 67.15
CA LYS B 121 -18.96 -31.89 67.34
C LYS B 121 -19.02 -32.95 66.26
N VAL B 122 -19.47 -34.15 66.62
CA VAL B 122 -19.61 -35.22 65.65
C VAL B 122 -21.05 -35.69 65.52
N MET B 123 -21.42 -36.14 64.33
CA MET B 123 -22.79 -36.59 64.06
C MET B 123 -22.78 -37.86 63.21
N TYR B 124 -23.73 -38.75 63.46
CA TYR B 124 -23.80 -40.00 62.71
C TYR B 124 -24.82 -39.91 61.56
N ASN B 125 -24.53 -40.62 60.48
CA ASN B 125 -25.42 -40.65 59.33
C ASN B 125 -25.83 -42.07 58.98
N ALA B 126 -27.14 -42.31 58.95
CA ALA B 126 -27.67 -43.64 58.66
C ALA B 126 -27.42 -44.04 57.21
N SER B 127 -27.56 -43.06 56.31
CA SER B 127 -27.37 -43.29 54.88
C SER B 127 -25.94 -43.72 54.57
N THR B 128 -24.97 -42.94 55.04
CA THR B 128 -23.57 -43.20 54.74
C THR B 128 -22.99 -44.32 55.60
N GLY B 129 -23.36 -44.31 56.89
CA GLY B 129 -22.83 -45.29 57.83
C GLY B 129 -21.52 -44.83 58.44
N GLU B 130 -21.19 -43.56 58.22
CA GLU B 130 -19.96 -42.99 58.75
C GLU B 130 -20.25 -41.75 59.59
N PHE B 131 -19.29 -41.35 60.41
CA PHE B 131 -19.45 -40.19 61.28
C PHE B 131 -18.82 -38.95 60.68
N VAL B 132 -19.48 -37.81 60.85
CA VAL B 132 -18.97 -36.54 60.32
C VAL B 132 -18.70 -35.55 61.44
N MET B 133 -17.47 -35.04 61.47
CA MET B 133 -17.06 -34.09 62.50
C MET B 133 -17.02 -32.65 61.98
N TRP B 134 -17.50 -31.72 62.79
CA TRP B 134 -17.44 -30.30 62.46
C TRP B 134 -16.74 -29.54 63.57
N MET B 135 -16.32 -28.31 63.29
CA MET B 135 -15.57 -27.53 64.27
C MET B 135 -15.36 -26.08 63.83
N HIS B 136 -14.82 -25.28 64.73
CA HIS B 136 -14.47 -23.90 64.45
C HIS B 136 -12.98 -23.81 64.14
N TRP B 137 -12.65 -23.20 63.00
CA TRP B 137 -11.26 -23.15 62.55
C TRP B 137 -10.72 -21.72 62.46
N GLU B 138 -9.51 -21.53 62.97
CA GLU B 138 -8.81 -20.24 62.87
C GLU B 138 -7.35 -20.49 62.50
N ASN B 139 -6.71 -19.47 61.92
CA ASN B 139 -5.35 -19.63 61.42
C ASN B 139 -4.28 -19.83 62.49
N GLY B 140 -4.50 -19.27 63.67
CA GLY B 140 -3.57 -19.44 64.77
C GLY B 140 -2.79 -18.18 65.11
N ILE B 141 -3.00 -17.13 64.33
CA ILE B 141 -2.36 -15.85 64.59
C ILE B 141 -3.41 -14.77 64.85
N ASN B 142 -4.62 -15.00 64.36
CA ASN B 142 -5.75 -14.12 64.62
C ASN B 142 -7.09 -14.80 64.37
N TYR B 143 -8.17 -14.13 64.72
CA TYR B 143 -9.51 -14.69 64.54
C TYR B 143 -10.25 -14.03 63.37
N GLY B 144 -9.55 -13.86 62.25
CA GLY B 144 -10.13 -13.23 61.08
C GLY B 144 -10.77 -14.21 60.12
N GLN B 145 -10.20 -15.41 60.02
CA GLN B 145 -10.69 -16.41 59.09
C GLN B 145 -12.15 -16.79 59.36
N ALA B 146 -12.44 -17.12 60.62
CA ALA B 146 -13.80 -17.46 61.03
C ALA B 146 -14.46 -18.43 60.06
N ARG B 147 -13.99 -19.68 60.05
CA ARG B 147 -14.53 -20.69 59.14
C ARG B 147 -14.74 -22.02 59.85
N ALA B 148 -15.62 -22.84 59.28
CA ALA B 148 -15.88 -24.17 59.82
C ALA B 148 -14.97 -25.20 59.16
N ALA B 149 -14.86 -26.37 59.76
CA ALA B 149 -14.04 -27.45 59.21
C ALA B 149 -14.79 -28.77 59.26
N VAL B 150 -14.41 -29.71 58.40
CA VAL B 150 -15.09 -30.99 58.31
C VAL B 150 -14.12 -32.17 58.32
N ALA B 151 -14.56 -33.28 58.90
CA ALA B 151 -13.80 -34.52 58.90
C ALA B 151 -14.76 -35.70 59.03
N TYR B 152 -14.27 -36.91 58.80
CA TYR B 152 -15.13 -38.09 58.90
C TYR B 152 -14.33 -39.36 59.15
N SER B 153 -15.03 -40.41 59.58
CA SER B 153 -14.41 -41.69 59.86
C SER B 153 -15.43 -42.82 59.84
N LYS B 154 -14.94 -44.04 59.64
CA LYS B 154 -15.81 -45.22 59.62
C LYS B 154 -16.16 -45.65 61.04
N THR B 155 -15.18 -45.51 61.93
CA THR B 155 -15.36 -45.87 63.34
C THR B 155 -15.20 -44.64 64.23
N PRO B 156 -15.89 -44.64 65.38
CA PRO B 156 -15.86 -43.50 66.31
C PRO B 156 -14.47 -43.29 66.91
N ASP B 157 -13.90 -44.33 67.49
CA ASP B 157 -12.61 -44.24 68.14
C ASP B 157 -11.46 -44.07 67.15
N GLY B 158 -11.73 -44.37 65.88
CA GLY B 158 -10.73 -44.28 64.84
C GLY B 158 -10.39 -42.85 64.47
N LYS B 159 -9.16 -42.65 63.99
CA LYS B 159 -8.71 -41.31 63.59
C LYS B 159 -9.42 -40.81 62.34
N PHE B 160 -10.15 -39.71 62.48
CA PHE B 160 -10.88 -39.11 61.37
C PHE B 160 -9.93 -38.61 60.29
N THR B 161 -10.49 -38.36 59.11
CA THR B 161 -9.72 -37.81 57.99
C THR B 161 -10.23 -36.42 57.63
N TYR B 162 -9.41 -35.41 57.90
CA TYR B 162 -9.79 -34.02 57.66
C TYR B 162 -10.08 -33.76 56.19
N ILE B 163 -11.16 -33.03 55.92
CA ILE B 163 -11.52 -32.68 54.55
C ILE B 163 -11.02 -31.29 54.19
N ARG B 164 -11.76 -30.27 54.63
CA ARG B 164 -11.41 -28.89 54.30
C ARG B 164 -12.02 -27.90 55.29
N SER B 165 -11.41 -26.73 55.39
CA SER B 165 -11.97 -25.62 56.15
C SER B 165 -12.54 -24.60 55.20
N PHE B 166 -13.69 -24.02 55.54
CA PHE B 166 -14.35 -23.07 54.66
C PHE B 166 -15.41 -22.26 55.38
N ARG B 167 -15.72 -21.09 54.84
CA ARG B 167 -16.80 -20.27 55.34
C ARG B 167 -18.08 -20.62 54.58
N PRO B 168 -19.14 -20.97 55.31
CA PRO B 168 -20.41 -21.42 54.73
C PRO B 168 -20.82 -20.63 53.49
N MET B 169 -21.00 -21.34 52.38
CA MET B 169 -21.44 -20.73 51.12
C MET B 169 -20.48 -19.65 50.64
N GLN B 170 -19.29 -20.07 50.20
CA GLN B 170 -18.29 -19.13 49.69
C GLN B 170 -18.59 -18.71 48.25
N ASP B 171 -19.13 -19.64 47.47
CA ASP B 171 -19.37 -19.40 46.05
C ASP B 171 -20.65 -18.63 45.76
N THR B 172 -21.47 -18.43 46.78
CA THR B 172 -22.73 -17.71 46.63
C THR B 172 -22.50 -16.24 46.33
N GLY B 173 -21.24 -15.85 46.19
CA GLY B 173 -20.87 -14.47 45.91
C GLY B 173 -21.23 -13.54 47.04
N VAL B 174 -21.34 -14.09 48.25
CA VAL B 174 -21.68 -13.31 49.43
C VAL B 174 -20.41 -12.95 50.21
N MET B 175 -20.42 -11.74 50.78
CA MET B 175 -19.28 -11.27 51.55
C MET B 175 -19.70 -10.93 52.99
N ASP B 176 -18.94 -11.41 53.95
CA ASP B 176 -19.20 -11.13 55.36
C ASP B 176 -17.97 -10.54 56.03
N HIS B 177 -17.92 -9.21 56.08
CA HIS B 177 -16.81 -8.49 56.70
C HIS B 177 -15.49 -8.69 55.98
N GLY B 178 -15.47 -8.38 54.68
CA GLY B 178 -14.24 -8.35 53.92
C GLY B 178 -13.78 -9.68 53.33
N LEU B 179 -14.46 -10.76 53.67
CA LEU B 179 -14.09 -12.08 53.16
C LEU B 179 -15.28 -12.77 52.50
N PRO B 180 -15.01 -13.75 51.62
CA PRO B 180 -16.08 -14.46 50.92
C PRO B 180 -16.65 -15.60 51.74
N GLY B 181 -17.97 -15.59 51.93
CA GLY B 181 -18.63 -16.58 52.74
C GLY B 181 -18.95 -16.03 54.13
N TYR B 182 -19.98 -16.59 54.76
CA TYR B 182 -20.39 -16.14 56.08
C TYR B 182 -19.36 -16.52 57.15
N MET B 183 -19.16 -15.64 58.11
CA MET B 183 -18.26 -15.92 59.22
C MET B 183 -18.84 -17.05 60.07
N SER B 184 -17.99 -17.99 60.47
CA SER B 184 -18.41 -19.12 61.27
C SER B 184 -17.54 -19.29 62.50
N ARG B 185 -18.09 -18.93 63.66
CA ARG B 185 -17.36 -19.03 64.92
C ARG B 185 -17.88 -20.20 65.76
N ASP B 186 -18.56 -19.89 66.86
CA ASP B 186 -19.14 -20.93 67.71
C ASP B 186 -20.09 -21.78 66.89
N CYS B 187 -19.98 -23.10 67.01
CA CYS B 187 -20.75 -24.01 66.16
C CYS B 187 -21.31 -25.21 66.93
N ASN B 188 -22.20 -25.94 66.25
CA ASN B 188 -22.82 -27.15 66.82
C ASN B 188 -23.61 -27.88 65.75
N VAL B 189 -23.77 -29.19 65.92
CA VAL B 189 -24.45 -30.02 64.93
C VAL B 189 -25.80 -30.54 65.45
N PHE B 190 -26.72 -30.79 64.53
CA PHE B 190 -28.03 -31.32 64.89
C PHE B 190 -28.62 -32.22 63.80
N VAL B 191 -29.06 -33.40 64.20
CA VAL B 191 -29.68 -34.35 63.27
C VAL B 191 -31.16 -34.50 63.58
N ASP B 192 -31.99 -34.08 62.63
CA ASP B 192 -33.45 -34.11 62.81
C ASP B 192 -33.99 -35.54 62.75
N THR B 193 -35.28 -35.70 62.97
CA THR B 193 -35.92 -37.01 62.94
C THR B 193 -35.97 -37.57 61.52
N ASP B 194 -36.19 -36.69 60.56
CA ASP B 194 -36.29 -37.10 59.15
C ASP B 194 -34.92 -37.47 58.57
N GLY B 195 -33.88 -37.35 59.39
CA GLY B 195 -32.54 -37.75 58.98
C GLY B 195 -31.76 -36.64 58.30
N LYS B 196 -32.31 -35.44 58.26
CA LYS B 196 -31.62 -34.31 57.67
C LYS B 196 -30.53 -33.77 58.60
N GLY B 197 -29.39 -33.40 58.02
CA GLY B 197 -28.28 -32.87 58.79
C GLY B 197 -28.27 -31.36 58.84
N TYR B 198 -27.84 -30.81 59.96
CA TYR B 198 -27.80 -29.36 60.13
C TYR B 198 -26.53 -28.90 60.85
N PHE B 199 -26.06 -27.72 60.49
CA PHE B 199 -24.89 -27.12 61.12
C PHE B 199 -25.18 -25.67 61.45
N ILE B 200 -25.08 -25.32 62.73
CA ILE B 200 -25.37 -23.96 63.18
C ILE B 200 -24.11 -23.28 63.72
N SER B 201 -23.94 -22.02 63.36
CA SER B 201 -22.76 -21.26 63.79
C SER B 201 -23.07 -19.78 63.94
N ALA B 202 -22.17 -19.06 64.62
CA ALA B 202 -22.32 -17.62 64.80
C ALA B 202 -21.71 -16.88 63.61
N ALA B 203 -22.51 -16.02 62.99
CA ALA B 203 -22.08 -15.28 61.81
C ALA B 203 -22.24 -13.77 62.00
N ASN B 204 -21.87 -13.02 60.95
CA ASN B 204 -21.96 -11.56 60.98
C ASN B 204 -21.25 -10.97 62.19
N GLU B 205 -20.00 -11.36 62.39
CA GLU B 205 -19.20 -10.89 63.51
C GLU B 205 -19.84 -11.30 64.84
N ASN B 206 -20.36 -12.52 64.88
CA ASN B 206 -20.97 -13.08 66.08
C ASN B 206 -22.30 -12.43 66.46
N MET B 207 -22.81 -11.57 65.58
CA MET B 207 -24.06 -10.86 65.84
C MET B 207 -25.29 -11.70 65.53
N ASP B 208 -25.17 -12.61 64.57
CA ASP B 208 -26.29 -13.43 64.15
C ASP B 208 -25.97 -14.92 64.22
N LEU B 209 -27.02 -15.74 64.21
CA LEU B 209 -26.86 -17.18 64.14
C LEU B 209 -27.35 -17.71 62.79
N HIS B 210 -26.66 -18.72 62.27
CA HIS B 210 -27.03 -19.30 60.98
C HIS B 210 -27.22 -20.81 61.07
N LEU B 211 -28.42 -21.28 60.74
CA LEU B 211 -28.70 -22.71 60.70
C LEU B 211 -28.58 -23.22 59.28
N TYR B 212 -27.53 -23.98 59.01
CA TYR B 212 -27.26 -24.48 57.66
C TYR B 212 -27.78 -25.90 57.47
N GLU B 213 -28.54 -26.10 56.39
CA GLU B 213 -28.97 -27.42 55.99
C GLU B 213 -27.83 -28.12 55.26
N LEU B 214 -27.52 -29.35 55.68
CA LEU B 214 -26.36 -30.06 55.15
C LEU B 214 -26.71 -31.01 54.01
N THR B 215 -25.68 -31.44 53.29
CA THR B 215 -25.83 -32.43 52.23
C THR B 215 -26.13 -33.78 52.83
N PRO B 216 -26.72 -34.70 52.03
CA PRO B 216 -27.07 -36.04 52.50
C PRO B 216 -25.88 -36.79 53.11
N ASP B 217 -24.67 -36.38 52.78
CA ASP B 217 -23.47 -37.03 53.30
C ASP B 217 -22.90 -36.29 54.51
N TYR B 218 -23.49 -35.15 54.83
CA TYR B 218 -23.09 -34.35 56.01
C TYR B 218 -21.72 -33.71 55.87
N LYS B 219 -21.05 -33.96 54.76
CA LYS B 219 -19.69 -33.46 54.57
C LYS B 219 -19.64 -32.09 53.90
N ASN B 220 -20.80 -31.56 53.55
CA ASN B 220 -20.87 -30.23 52.94
C ASN B 220 -22.16 -29.49 53.31
N ILE B 221 -22.17 -28.19 53.06
CA ILE B 221 -23.34 -27.36 53.34
C ILE B 221 -24.19 -27.19 52.09
N ALA B 222 -25.41 -27.73 52.13
CA ALA B 222 -26.32 -27.63 51.00
C ALA B 222 -26.86 -26.20 50.85
N SER B 223 -27.32 -25.64 51.95
CA SER B 223 -27.86 -24.28 51.96
C SER B 223 -28.06 -23.80 53.38
N LEU B 224 -28.71 -22.65 53.54
CA LEU B 224 -29.04 -22.13 54.86
C LEU B 224 -30.55 -22.19 55.08
N LYS B 225 -30.95 -22.63 56.27
CA LYS B 225 -32.36 -22.79 56.59
C LYS B 225 -32.99 -21.48 57.05
N ALA B 226 -32.32 -20.80 57.98
CA ALA B 226 -32.83 -19.54 58.51
C ALA B 226 -31.79 -18.75 59.30
N LYS B 227 -31.97 -17.43 59.34
CA LYS B 227 -31.16 -16.56 60.19
C LYS B 227 -31.88 -16.38 61.52
N LEU B 228 -31.21 -16.78 62.60
CA LEU B 228 -31.84 -16.78 63.92
C LEU B 228 -31.30 -15.72 64.86
N PHE B 229 -32.21 -14.98 65.50
CA PHE B 229 -31.85 -14.03 66.55
C PHE B 229 -30.80 -13.04 66.06
N VAL B 230 -31.11 -12.32 64.98
CA VAL B 230 -30.18 -11.34 64.44
C VAL B 230 -29.99 -10.17 65.39
N GLY B 231 -28.76 -9.75 65.59
CA GLY B 231 -28.45 -8.64 66.48
C GLY B 231 -28.48 -9.02 67.94
N GLN B 232 -28.91 -10.25 68.23
CA GLN B 232 -28.96 -10.73 69.60
C GLN B 232 -27.57 -11.08 70.12
N GLN B 233 -26.69 -11.46 69.20
CA GLN B 233 -25.30 -11.77 69.53
C GLN B 233 -25.21 -12.98 70.47
N ARG B 234 -26.04 -13.99 70.22
CA ARG B 234 -26.03 -15.20 71.01
C ARG B 234 -24.91 -16.13 70.55
N GLU B 235 -24.25 -16.79 71.50
CA GLU B 235 -23.11 -17.64 71.20
C GLU B 235 -23.29 -19.06 71.74
N ALA B 236 -22.27 -19.88 71.55
CA ALA B 236 -22.28 -21.27 72.02
C ALA B 236 -23.67 -21.91 71.89
N PRO B 237 -24.19 -22.01 70.67
CA PRO B 237 -25.53 -22.54 70.45
C PRO B 237 -25.62 -24.05 70.62
N CYS B 238 -26.72 -24.51 71.19
CA CYS B 238 -26.98 -25.94 71.34
C CYS B 238 -28.38 -26.26 70.82
N LEU B 239 -28.44 -27.09 69.79
CA LEU B 239 -29.71 -27.40 69.14
C LEU B 239 -30.17 -28.82 69.46
N ILE B 240 -31.37 -28.92 70.05
CA ILE B 240 -31.94 -30.21 70.41
C ILE B 240 -33.43 -30.26 70.04
N LYS B 241 -33.99 -31.46 70.05
CA LYS B 241 -35.41 -31.64 69.73
C LYS B 241 -36.09 -32.58 70.71
N ARG B 242 -37.32 -32.26 71.08
CA ARG B 242 -38.09 -33.08 72.01
C ARG B 242 -39.59 -32.86 71.83
N ASN B 243 -40.34 -33.94 71.76
CA ASN B 243 -41.78 -33.87 71.56
C ASN B 243 -42.19 -32.98 70.39
N GLY B 244 -41.51 -33.15 69.26
CA GLY B 244 -41.81 -32.38 68.07
C GLY B 244 -41.51 -30.89 68.22
N TYR B 245 -40.77 -30.56 69.28
CA TYR B 245 -40.36 -29.18 69.52
C TYR B 245 -38.86 -29.01 69.34
N TYR B 246 -38.47 -27.87 68.78
CA TYR B 246 -37.05 -27.53 68.64
C TYR B 246 -36.63 -26.56 69.73
N TYR B 247 -35.52 -26.85 70.40
CA TYR B 247 -35.00 -25.99 71.45
C TYR B 247 -33.58 -25.54 71.14
N LEU B 248 -33.30 -24.26 71.38
CA LEU B 248 -31.99 -23.69 71.11
C LEU B 248 -31.42 -22.98 72.33
N ILE B 249 -30.44 -23.61 72.98
CA ILE B 249 -29.78 -23.01 74.13
C ILE B 249 -28.53 -22.25 73.70
N THR B 250 -28.44 -20.99 74.09
CA THR B 250 -27.33 -20.13 73.70
C THR B 250 -26.74 -19.39 74.89
N SER B 251 -25.44 -19.10 74.82
CA SER B 251 -24.78 -18.28 75.83
C SER B 251 -24.67 -16.85 75.31
N GLY B 252 -24.05 -15.98 76.10
CA GLY B 252 -23.82 -14.62 75.70
C GLY B 252 -22.42 -14.43 75.15
N CYS B 253 -22.17 -13.28 74.54
CA CYS B 253 -20.86 -12.99 73.97
C CYS B 253 -20.05 -12.10 74.91
N THR B 254 -19.36 -12.72 75.86
CA THR B 254 -18.56 -11.97 76.83
C THR B 254 -17.24 -12.68 77.13
N GLY B 255 -16.65 -13.29 76.12
CA GLY B 255 -15.37 -13.97 76.28
C GLY B 255 -15.38 -15.02 77.36
N TRP B 256 -14.32 -15.05 78.17
CA TRP B 256 -14.20 -16.02 79.25
C TRP B 256 -15.26 -15.79 80.32
N ASN B 257 -15.71 -14.55 80.45
CA ASN B 257 -16.71 -14.20 81.46
C ASN B 257 -17.98 -15.01 81.32
N PRO B 258 -18.28 -15.86 82.33
CA PRO B 258 -19.54 -16.61 82.34
C PRO B 258 -20.71 -15.64 82.34
N ASN B 259 -21.75 -15.95 81.57
CA ASN B 259 -22.89 -15.05 81.45
C ASN B 259 -24.23 -15.77 81.55
N GLN B 260 -25.30 -15.04 81.24
CA GLN B 260 -26.65 -15.59 81.31
C GLN B 260 -26.97 -16.46 80.10
N ALA B 261 -27.26 -17.73 80.35
CA ALA B 261 -27.67 -18.63 79.28
C ALA B 261 -29.14 -18.43 78.97
N LYS B 262 -29.51 -18.63 77.71
CA LYS B 262 -30.90 -18.46 77.29
C LYS B 262 -31.33 -19.57 76.34
N TYR B 263 -32.63 -19.69 76.12
CA TYR B 263 -33.17 -20.71 75.23
C TYR B 263 -34.41 -20.22 74.51
N ALA B 264 -34.81 -20.95 73.47
CA ALA B 264 -36.01 -20.64 72.71
C ALA B 264 -36.57 -21.91 72.07
N TYR B 265 -37.85 -21.89 71.73
CA TYR B 265 -38.49 -23.05 71.13
C TYR B 265 -39.26 -22.69 69.86
N SER B 266 -39.53 -23.69 69.04
CA SER B 266 -40.26 -23.49 67.80
C SER B 266 -40.74 -24.82 67.22
N LYS B 267 -41.85 -24.78 66.49
CA LYS B 267 -42.39 -25.97 65.85
C LYS B 267 -41.59 -26.34 64.61
N ASP B 268 -41.04 -25.32 63.95
CA ASP B 268 -40.21 -25.53 62.76
C ASP B 268 -38.87 -24.82 62.92
N LEU B 269 -37.95 -25.07 62.00
CA LEU B 269 -36.63 -24.46 62.04
C LEU B 269 -36.59 -23.14 61.28
N ALA B 270 -37.41 -23.04 60.24
CA ALA B 270 -37.44 -21.86 59.39
C ALA B 270 -38.08 -20.66 60.09
N SER B 271 -39.13 -20.93 60.87
CA SER B 271 -39.86 -19.85 61.53
C SER B 271 -40.59 -20.35 62.78
N GLY B 272 -41.22 -19.43 63.50
CA GLY B 272 -42.00 -19.77 64.67
C GLY B 272 -41.18 -19.81 65.95
N TRP B 273 -40.06 -19.11 65.94
CA TRP B 273 -39.17 -19.08 67.11
C TRP B 273 -39.65 -18.09 68.17
N SER B 274 -39.71 -18.56 69.41
CA SER B 274 -40.14 -17.73 70.52
C SER B 274 -39.05 -16.77 70.95
N GLN B 275 -39.42 -15.79 71.78
CA GLN B 275 -38.45 -14.87 72.35
C GLN B 275 -37.49 -15.63 73.26
N LEU B 276 -36.36 -15.01 73.58
CA LEU B 276 -35.37 -15.64 74.44
C LEU B 276 -35.80 -15.64 75.90
N TYR B 277 -35.71 -16.80 76.54
CA TYR B 277 -36.03 -16.91 77.95
C TYR B 277 -34.79 -17.34 78.74
N ASN B 278 -34.62 -16.75 79.92
CA ASN B 278 -33.45 -17.05 80.75
C ASN B 278 -33.38 -18.51 81.18
N LEU B 279 -32.15 -19.02 81.28
CA LEU B 279 -31.91 -20.40 81.70
C LEU B 279 -30.75 -20.42 82.69
N GLY B 280 -31.01 -20.92 83.89
CA GLY B 280 -30.02 -20.92 84.95
C GLY B 280 -29.86 -19.54 85.53
N ASN B 281 -28.83 -19.35 86.36
CA ASN B 281 -28.59 -18.05 86.97
C ASN B 281 -27.88 -17.07 86.03
N SER B 282 -27.36 -15.99 86.58
CA SER B 282 -26.75 -14.93 85.79
C SER B 282 -25.42 -15.34 85.15
N THR B 283 -24.82 -16.40 85.68
CA THR B 283 -23.52 -16.85 85.18
C THR B 283 -23.57 -18.28 84.68
N THR B 284 -24.77 -18.81 84.49
CA THR B 284 -24.95 -20.20 84.09
C THR B 284 -24.13 -21.10 85.00
N TYR B 285 -24.07 -20.74 86.28
CA TYR B 285 -23.32 -21.51 87.27
C TYR B 285 -21.85 -21.61 86.89
N ARG B 286 -21.28 -20.49 86.49
CA ARG B 286 -19.87 -20.40 86.09
C ARG B 286 -19.52 -21.45 85.04
N SER B 287 -20.22 -21.41 83.91
CA SER B 287 -19.94 -22.31 82.80
C SER B 287 -20.51 -21.75 81.50
N GLN B 288 -20.21 -22.42 80.40
CA GLN B 288 -20.76 -22.04 79.11
C GLN B 288 -21.29 -23.29 78.40
N PRO B 289 -22.54 -23.23 77.93
CA PRO B 289 -23.17 -24.37 77.26
C PRO B 289 -22.36 -24.83 76.06
N THR B 290 -22.08 -26.12 75.99
CA THR B 290 -21.32 -26.68 74.88
C THR B 290 -22.11 -27.71 74.08
N PHE B 291 -22.94 -28.49 74.76
CA PHE B 291 -23.76 -29.49 74.09
C PHE B 291 -24.81 -30.10 75.02
N ILE B 292 -25.92 -30.56 74.42
CA ILE B 292 -26.99 -31.19 75.15
C ILE B 292 -27.42 -32.48 74.45
N ILE B 293 -27.54 -33.56 75.21
CA ILE B 293 -27.86 -34.86 74.64
C ILE B 293 -28.96 -35.58 75.40
N PRO B 294 -29.92 -36.17 74.67
CA PRO B 294 -30.99 -36.99 75.26
C PRO B 294 -30.42 -38.32 75.77
N VAL B 295 -30.73 -38.66 77.02
CA VAL B 295 -30.28 -39.92 77.60
C VAL B 295 -31.44 -40.89 77.74
N GLN B 296 -31.49 -41.88 76.86
CA GLN B 296 -32.59 -42.85 76.84
C GLN B 296 -32.40 -43.91 77.93
N GLY B 297 -33.50 -44.23 78.62
CA GLY B 297 -33.47 -45.22 79.67
C GLY B 297 -34.78 -45.97 79.80
N SER B 298 -34.85 -46.87 80.79
CA SER B 298 -36.04 -47.67 81.01
C SER B 298 -37.20 -46.85 81.59
N SER B 299 -36.90 -46.08 82.63
CA SER B 299 -37.92 -45.27 83.29
C SER B 299 -38.34 -44.09 82.42
N GLY B 300 -37.44 -43.64 81.57
CA GLY B 300 -37.72 -42.51 80.69
C GLY B 300 -36.44 -41.89 80.15
N THR B 301 -36.57 -40.72 79.53
CA THR B 301 -35.41 -40.02 78.99
C THR B 301 -35.14 -38.71 79.72
N SER B 302 -33.88 -38.46 80.02
CA SER B 302 -33.47 -37.23 80.69
C SER B 302 -32.33 -36.55 79.92
N TYR B 303 -32.47 -35.24 79.71
CA TYR B 303 -31.49 -34.50 78.93
C TYR B 303 -30.29 -34.04 79.76
N LEU B 304 -29.09 -34.33 79.27
CA LEU B 304 -27.86 -33.96 79.95
C LEU B 304 -27.25 -32.69 79.37
N TYR B 305 -27.16 -31.65 80.20
CA TYR B 305 -26.51 -30.42 79.80
C TYR B 305 -25.02 -30.46 80.09
N MET B 306 -24.22 -30.23 79.06
CA MET B 306 -22.77 -30.16 79.23
C MET B 306 -22.29 -28.72 79.11
N GLY B 307 -21.42 -28.30 80.03
CA GLY B 307 -20.91 -26.95 80.02
C GLY B 307 -19.41 -26.90 80.29
N ASP B 308 -18.79 -25.79 79.92
CA ASP B 308 -17.36 -25.61 80.14
C ASP B 308 -17.09 -24.51 81.16
N ARG B 309 -16.28 -24.82 82.17
CA ARG B 309 -15.82 -23.81 83.11
C ARG B 309 -14.43 -23.35 82.68
N TRP B 310 -14.39 -22.35 81.81
CA TRP B 310 -13.14 -21.88 81.22
C TRP B 310 -12.20 -21.29 82.27
N ALA B 311 -10.99 -21.84 82.34
CA ALA B 311 -9.99 -21.36 83.28
C ALA B 311 -9.59 -19.91 82.97
N GLY B 312 -9.91 -19.46 81.77
CA GLY B 312 -9.62 -18.10 81.35
C GLY B 312 -10.28 -17.07 82.26
N ALA B 313 -11.28 -17.52 83.02
CA ALA B 313 -11.98 -16.64 83.95
C ALA B 313 -11.05 -16.14 85.04
N TRP B 314 -10.08 -16.98 85.42
CA TRP B 314 -9.11 -16.62 86.44
C TRP B 314 -7.68 -16.63 85.90
N GLY B 315 -7.54 -16.29 84.62
CA GLY B 315 -6.23 -16.22 84.00
C GLY B 315 -5.53 -17.56 83.91
N GLY B 316 -6.32 -18.63 83.76
CA GLY B 316 -5.77 -19.96 83.65
C GLY B 316 -5.70 -20.44 82.21
N LYS B 317 -4.88 -21.45 81.98
CA LYS B 317 -4.73 -22.03 80.64
C LYS B 317 -5.98 -22.79 80.24
N VAL B 318 -6.27 -22.81 78.94
CA VAL B 318 -7.45 -23.51 78.44
C VAL B 318 -7.46 -24.97 78.88
N ASN B 319 -6.28 -25.58 78.96
CA ASN B 319 -6.16 -26.97 79.39
C ASN B 319 -6.58 -27.19 80.84
N ASP B 320 -6.58 -26.12 81.62
CA ASP B 320 -6.95 -26.20 83.03
C ASP B 320 -8.46 -26.12 83.24
N SER B 321 -9.18 -25.71 82.20
CA SER B 321 -10.62 -25.55 82.29
C SER B 321 -11.32 -26.79 82.84
N GLN B 322 -12.42 -26.59 83.55
CA GLN B 322 -13.15 -27.69 84.16
C GLN B 322 -14.50 -27.91 83.47
N TYR B 323 -15.32 -28.80 84.03
CA TYR B 323 -16.59 -29.14 83.42
C TYR B 323 -17.77 -28.96 84.38
N VAL B 324 -18.95 -28.76 83.81
CA VAL B 324 -20.18 -28.60 84.60
C VAL B 324 -21.35 -29.30 83.92
N TRP B 325 -21.69 -30.49 84.42
CA TRP B 325 -22.81 -31.24 83.86
C TRP B 325 -24.05 -31.12 84.73
N LEU B 326 -25.18 -30.80 84.09
CA LEU B 326 -26.44 -30.62 84.80
C LEU B 326 -27.59 -31.24 84.02
N PRO B 327 -28.65 -31.64 84.73
CA PRO B 327 -29.85 -32.15 84.06
C PRO B 327 -30.72 -31.02 83.53
N LEU B 328 -31.10 -31.09 82.26
CA LEU B 328 -32.01 -30.11 81.68
C LEU B 328 -33.44 -30.62 81.80
N ASN B 329 -34.20 -30.02 82.71
CA ASN B 329 -35.57 -30.46 82.98
C ASN B 329 -36.62 -29.71 82.17
N PHE B 330 -37.55 -30.46 81.57
CA PHE B 330 -38.63 -29.86 80.81
C PHE B 330 -39.93 -29.87 81.62
N ILE B 331 -40.13 -28.85 82.44
CA ILE B 331 -41.36 -28.71 83.20
C ILE B 331 -42.56 -28.79 82.26
N SER B 332 -42.45 -28.14 81.10
CA SER B 332 -43.47 -28.20 80.07
C SER B 332 -42.82 -28.00 78.71
N ASP B 333 -43.63 -27.91 77.66
CA ASP B 333 -43.11 -27.71 76.32
C ASP B 333 -42.53 -26.30 76.14
N THR B 334 -43.00 -25.36 76.96
CA THR B 334 -42.56 -23.98 76.85
C THR B 334 -41.90 -23.46 78.13
N THR B 335 -41.40 -24.39 78.95
CA THR B 335 -40.74 -24.02 80.20
C THR B 335 -39.60 -24.97 80.56
N LEU B 336 -38.38 -24.45 80.52
CA LEU B 336 -37.21 -25.25 80.88
C LEU B 336 -36.56 -24.74 82.17
N GLU B 337 -35.88 -25.64 82.86
CA GLU B 337 -35.15 -25.29 84.07
C GLU B 337 -33.79 -25.95 84.09
N LEU B 338 -32.75 -25.18 84.38
CA LEU B 338 -31.41 -25.71 84.50
C LEU B 338 -30.90 -25.51 85.93
N PRO B 339 -31.08 -26.53 86.78
CA PRO B 339 -30.67 -26.47 88.18
C PRO B 339 -29.19 -26.80 88.34
N TYR B 340 -28.56 -26.27 89.38
CA TYR B 340 -27.18 -26.62 89.68
C TYR B 340 -27.08 -27.45 90.95
N TYR B 341 -26.56 -28.66 90.81
CA TYR B 341 -26.28 -29.51 91.96
C TYR B 341 -24.79 -29.78 92.01
N ASP B 342 -24.16 -29.44 93.13
CA ASP B 342 -22.72 -29.65 93.28
C ASP B 342 -22.33 -31.08 92.97
N SER B 343 -23.25 -32.00 93.24
CA SER B 343 -23.06 -33.41 92.92
C SER B 343 -24.28 -33.96 92.19
N VAL B 344 -24.06 -34.61 91.05
CA VAL B 344 -25.15 -35.13 90.25
C VAL B 344 -25.02 -36.63 90.01
N LYS B 345 -26.11 -37.36 90.24
CA LYS B 345 -26.13 -38.80 90.00
C LYS B 345 -26.87 -39.11 88.72
N ILE B 346 -26.33 -40.04 87.93
CA ILE B 346 -26.94 -40.41 86.65
C ILE B 346 -26.96 -41.93 86.45
N ASP B 347 -28.04 -42.42 85.86
CA ASP B 347 -28.15 -43.84 85.51
C ASP B 347 -28.54 -43.96 84.04
N ALA B 348 -27.61 -44.44 83.22
CA ALA B 348 -27.83 -44.55 81.79
C ALA B 348 -28.97 -45.52 81.48
N SER B 349 -28.92 -46.70 82.08
CA SER B 349 -29.96 -47.71 81.87
C SER B 349 -31.33 -47.22 82.32
N SER B 350 -31.36 -46.42 83.37
CA SER B 350 -32.62 -45.88 83.88
C SER B 350 -33.05 -44.66 83.05
N GLY B 351 -32.08 -43.91 82.55
CA GLY B 351 -32.35 -42.68 81.84
C GLY B 351 -32.73 -41.58 82.80
N ILE B 352 -32.11 -41.58 83.98
CA ILE B 352 -32.44 -40.62 85.02
C ILE B 352 -31.24 -39.77 85.41
N ILE B 353 -31.44 -38.46 85.43
CA ILE B 353 -30.42 -37.52 85.89
C ILE B 353 -31.02 -36.65 86.99
N SER B 354 -30.40 -36.65 88.16
CA SER B 354 -30.91 -35.89 89.29
C SER B 354 -29.81 -35.59 90.31
N GLU B 355 -30.15 -34.80 91.31
CA GLU B 355 -29.22 -34.43 92.37
C GLU B 355 -28.86 -35.65 93.21
N TYR B 356 -27.61 -35.69 93.69
CA TYR B 356 -27.19 -36.77 94.57
C TYR B 356 -27.25 -36.31 96.03
N ILE B 357 -28.13 -36.95 96.80
CA ILE B 357 -28.28 -36.62 98.21
C ILE B 357 -27.64 -37.71 99.08
N PRO B 358 -26.48 -37.40 99.67
CA PRO B 358 -25.74 -38.34 100.54
C PRO B 358 -26.58 -38.78 101.73
N ASP B 359 -27.44 -37.91 102.22
CA ASP B 359 -28.28 -38.20 103.38
C ASP B 359 -29.76 -38.02 103.04
N THR B 360 -30.46 -39.13 102.86
CA THR B 360 -31.86 -39.10 102.43
C THR B 360 -32.85 -39.02 103.59
N THR B 361 -32.36 -38.80 104.80
CA THR B 361 -33.23 -38.70 105.96
C THR B 361 -34.24 -37.56 105.80
N ARG B 362 -35.52 -37.90 105.93
CA ARG B 362 -36.59 -36.92 105.77
C ARG B 362 -36.90 -36.23 107.10
N TYR B 363 -37.26 -34.95 107.05
CA TYR B 363 -37.52 -34.18 108.25
C TYR B 363 -38.81 -33.38 108.19
N LYS B 364 -39.31 -33.00 109.36
CA LYS B 364 -40.45 -32.11 109.48
C LYS B 364 -40.09 -30.95 110.39
N LEU B 365 -40.26 -29.73 109.90
CA LEU B 365 -39.91 -28.54 110.68
C LEU B 365 -41.13 -27.99 111.41
N VAL B 366 -41.11 -28.08 112.73
CA VAL B 366 -42.24 -27.63 113.54
C VAL B 366 -41.92 -26.34 114.29
N ASN B 367 -42.78 -25.33 114.10
CA ASN B 367 -42.61 -24.05 114.78
C ASN B 367 -43.05 -24.12 116.25
N LYS B 368 -42.18 -23.68 117.14
CA LYS B 368 -42.49 -23.66 118.57
C LYS B 368 -43.84 -23.01 118.85
N ASN B 369 -43.96 -21.73 118.50
CA ASN B 369 -45.17 -20.96 118.77
C ASN B 369 -46.43 -21.60 118.20
N SER B 370 -46.58 -21.53 116.88
CA SER B 370 -47.78 -22.00 116.21
C SER B 370 -48.03 -23.50 116.38
N GLY B 371 -46.94 -24.26 116.43
CA GLY B 371 -47.04 -25.71 116.48
C GLY B 371 -47.23 -26.27 115.09
N LYS B 372 -47.35 -25.37 114.11
CA LYS B 372 -47.50 -25.76 112.72
C LYS B 372 -46.15 -26.18 112.14
N VAL B 373 -46.18 -26.86 110.99
CA VAL B 373 -44.95 -27.32 110.36
C VAL B 373 -44.68 -26.60 109.05
N LEU B 374 -43.41 -26.52 108.68
CA LEU B 374 -43.00 -25.88 107.43
C LEU B 374 -43.58 -26.65 106.25
N ASP B 375 -44.26 -25.93 105.35
CA ASP B 375 -44.94 -26.57 104.24
C ASP B 375 -45.00 -25.66 103.02
N VAL B 376 -45.33 -26.24 101.87
CA VAL B 376 -45.54 -25.48 100.65
C VAL B 376 -47.02 -25.27 100.43
N LEU B 377 -47.42 -24.02 100.19
CA LEU B 377 -48.82 -23.69 99.97
C LEU B 377 -49.47 -24.62 98.95
N ASP B 378 -50.59 -25.23 99.33
CA ASP B 378 -51.31 -26.14 98.46
C ASP B 378 -50.47 -27.33 98.03
N GLY B 379 -49.38 -27.58 98.76
CA GLY B 379 -48.48 -28.67 98.45
C GLY B 379 -48.04 -28.66 97.00
N SER B 380 -48.00 -27.46 96.42
CA SER B 380 -47.65 -27.30 95.01
C SER B 380 -46.20 -27.69 94.74
N VAL B 381 -45.96 -28.25 93.55
CA VAL B 381 -44.61 -28.58 93.12
C VAL B 381 -44.12 -27.54 92.12
N ASP B 382 -44.97 -26.55 91.84
CA ASP B 382 -44.62 -25.47 90.94
C ASP B 382 -43.48 -24.64 91.50
N ASN B 383 -42.69 -24.04 90.62
CA ASN B 383 -41.56 -23.22 91.05
C ASN B 383 -42.03 -21.87 91.57
N ALA B 384 -41.28 -21.31 92.51
CA ALA B 384 -41.61 -20.03 93.13
C ALA B 384 -42.88 -20.11 93.98
N ALA B 385 -43.23 -21.33 94.39
CA ALA B 385 -44.40 -21.55 95.22
C ALA B 385 -44.18 -21.01 96.63
N GLN B 386 -45.20 -20.37 97.18
CA GLN B 386 -45.11 -19.76 98.51
C GLN B 386 -44.92 -20.80 99.61
N ILE B 387 -44.11 -20.46 100.61
CA ILE B 387 -43.90 -21.34 101.75
C ILE B 387 -44.75 -20.89 102.94
N VAL B 388 -45.57 -21.79 103.46
CA VAL B 388 -46.45 -21.48 104.58
C VAL B 388 -46.39 -22.55 105.66
N GLN B 389 -46.88 -22.22 106.85
CA GLN B 389 -46.96 -23.19 107.93
C GLN B 389 -48.30 -23.92 107.86
N TRP B 390 -48.35 -25.11 108.44
CA TRP B 390 -49.56 -25.92 108.39
C TRP B 390 -49.57 -26.99 109.48
N THR B 391 -50.76 -27.42 109.88
CA THR B 391 -50.89 -28.48 110.87
C THR B 391 -50.25 -29.76 110.36
N ASP B 392 -49.49 -30.42 111.21
CA ASP B 392 -48.82 -31.67 110.84
C ASP B 392 -49.84 -32.69 110.35
N ASN B 393 -49.83 -32.96 109.05
CA ASN B 393 -50.72 -33.96 108.47
C ASN B 393 -49.95 -35.10 107.79
N GLY B 394 -48.65 -35.15 108.07
CA GLY B 394 -47.80 -36.21 107.54
C GLY B 394 -47.75 -36.26 106.03
N SER B 395 -48.01 -35.13 105.38
CA SER B 395 -48.01 -35.07 103.92
C SER B 395 -46.57 -34.97 103.39
N LEU B 396 -46.40 -35.30 102.12
CA LEU B 396 -45.08 -35.26 101.49
C LEU B 396 -44.53 -33.84 101.43
N SER B 397 -45.42 -32.88 101.19
CA SER B 397 -45.02 -31.49 101.03
C SER B 397 -44.48 -30.89 102.33
N GLN B 398 -44.63 -31.62 103.42
CA GLN B 398 -44.17 -31.15 104.72
C GLN B 398 -42.89 -31.85 105.17
N GLN B 399 -42.33 -32.65 104.28
CA GLN B 399 -41.07 -33.35 104.55
C GLN B 399 -39.93 -32.71 103.76
N TRP B 400 -38.75 -32.64 104.37
CA TRP B 400 -37.63 -31.93 103.76
C TRP B 400 -36.30 -32.68 103.89
N TYR B 401 -35.52 -32.67 102.82
CA TYR B 401 -34.16 -33.22 102.83
C TYR B 401 -33.20 -32.17 103.37
N LEU B 402 -31.98 -32.59 103.68
CA LEU B 402 -30.94 -31.66 104.10
C LEU B 402 -29.62 -31.99 103.40
N VAL B 403 -29.21 -31.11 102.49
CA VAL B 403 -28.00 -31.32 101.71
C VAL B 403 -26.89 -30.37 102.13
N ASP B 404 -25.83 -30.92 102.70
CA ASP B 404 -24.68 -30.11 103.12
C ASP B 404 -24.06 -29.40 101.92
N VAL B 405 -23.82 -28.10 102.07
CA VAL B 405 -23.25 -27.30 100.98
C VAL B 405 -21.96 -26.62 101.39
N GLY B 406 -21.25 -27.22 102.33
CA GLY B 406 -20.01 -26.64 102.83
C GLY B 406 -20.26 -25.70 103.98
N GLY B 407 -19.31 -25.61 104.90
CA GLY B 407 -19.48 -24.79 106.08
C GLY B 407 -20.61 -25.32 106.94
N GLY B 408 -21.13 -24.47 107.82
CA GLY B 408 -22.23 -24.86 108.69
C GLY B 408 -23.56 -24.70 108.01
N TYR B 409 -23.54 -24.46 106.71
CA TYR B 409 -24.76 -24.21 105.94
C TYR B 409 -25.26 -25.45 105.21
N LYS B 410 -26.55 -25.49 104.96
CA LYS B 410 -27.18 -26.63 104.29
C LYS B 410 -28.33 -26.18 103.41
N LYS B 411 -28.72 -27.03 102.46
CA LYS B 411 -29.88 -26.79 101.61
C LYS B 411 -31.11 -27.46 102.19
N ILE B 412 -32.21 -26.72 102.26
CA ILE B 412 -33.47 -27.29 102.71
C ILE B 412 -34.33 -27.64 101.49
N VAL B 413 -34.28 -28.91 101.09
CA VAL B 413 -34.97 -29.35 99.88
C VAL B 413 -36.28 -30.06 100.20
N ASN B 414 -37.37 -29.59 99.60
CA ASN B 414 -38.67 -30.23 99.75
C ASN B 414 -38.64 -31.64 99.18
N VAL B 415 -39.45 -32.53 99.75
CA VAL B 415 -39.48 -33.91 99.31
C VAL B 415 -40.39 -34.12 98.10
N LYS B 416 -41.62 -33.62 98.18
CA LYS B 416 -42.57 -33.74 97.08
C LYS B 416 -41.99 -33.13 95.80
N SER B 417 -41.57 -31.87 95.90
CA SER B 417 -40.90 -31.21 94.79
C SER B 417 -39.43 -31.03 95.12
N GLY B 418 -38.57 -31.36 94.17
CA GLY B 418 -37.13 -31.30 94.38
C GLY B 418 -36.60 -29.89 94.60
N ARG B 419 -37.51 -28.92 94.67
CA ARG B 419 -37.12 -27.52 94.84
C ARG B 419 -36.63 -27.25 96.26
N ALA B 420 -35.82 -26.21 96.41
CA ALA B 420 -35.21 -25.88 97.69
C ALA B 420 -35.77 -24.59 98.28
N LEU B 421 -35.66 -24.46 99.60
CA LEU B 421 -36.10 -23.25 100.29
C LEU B 421 -35.30 -22.05 99.80
N ASP B 422 -35.99 -21.01 99.35
CA ASP B 422 -35.35 -19.87 98.72
C ASP B 422 -35.96 -18.54 99.19
N VAL B 423 -35.10 -17.55 99.37
CA VAL B 423 -35.56 -16.20 99.71
C VAL B 423 -35.83 -15.42 98.43
N LYS B 424 -37.11 -15.19 98.14
CA LYS B 424 -37.53 -14.54 96.90
C LYS B 424 -36.69 -13.33 96.54
N ASP B 425 -36.18 -13.32 95.31
CA ASP B 425 -35.41 -12.19 94.78
C ASP B 425 -34.20 -11.83 95.65
N GLU B 426 -33.68 -12.83 96.35
CA GLU B 426 -32.50 -12.64 97.21
C GLU B 426 -32.64 -11.41 98.10
N SER B 427 -33.82 -11.25 98.70
CA SER B 427 -34.06 -10.11 99.58
C SER B 427 -33.16 -10.13 100.81
N LYS B 428 -32.77 -8.96 101.28
CA LYS B 428 -31.92 -8.82 102.45
C LYS B 428 -32.63 -8.07 103.56
N GLU B 429 -33.96 -8.10 103.56
CA GLU B 429 -34.73 -7.27 104.48
C GLU B 429 -35.79 -8.06 105.25
N ASP B 430 -36.32 -7.43 106.29
CA ASP B 430 -37.38 -8.02 107.11
C ASP B 430 -38.66 -8.17 106.31
N GLY B 431 -39.32 -9.31 106.47
CA GLY B 431 -40.57 -9.56 105.78
C GLY B 431 -40.37 -10.19 104.42
N GLY B 432 -39.13 -10.57 104.13
CA GLY B 432 -38.80 -11.18 102.86
C GLY B 432 -39.42 -12.55 102.71
N VAL B 433 -40.43 -12.64 101.83
CA VAL B 433 -41.15 -13.88 101.61
C VAL B 433 -40.24 -15.05 101.20
N LEU B 434 -40.51 -16.23 101.75
CA LEU B 434 -39.77 -17.43 101.40
C LEU B 434 -40.58 -18.31 100.44
N ILE B 435 -39.89 -18.88 99.46
CA ILE B 435 -40.52 -19.74 98.47
C ILE B 435 -39.64 -20.94 98.17
N GLN B 436 -40.17 -21.89 97.39
CA GLN B 436 -39.36 -22.99 96.89
C GLN B 436 -38.93 -22.67 95.47
N TYR B 437 -37.63 -22.85 95.19
CA TYR B 437 -37.09 -22.45 93.90
C TYR B 437 -36.08 -23.46 93.38
N THR B 438 -35.80 -23.39 92.09
CA THR B 438 -34.80 -24.26 91.47
C THR B 438 -33.44 -24.03 92.14
N SER B 439 -32.76 -25.13 92.47
CA SER B 439 -31.44 -25.04 93.08
C SER B 439 -30.48 -24.29 92.16
N ASN B 440 -30.04 -23.11 92.59
CA ASN B 440 -29.18 -22.27 91.76
C ASN B 440 -27.84 -21.93 92.42
N GLY B 441 -27.55 -22.58 93.54
CA GLY B 441 -26.30 -22.37 94.23
C GLY B 441 -26.21 -21.00 94.88
N GLY B 442 -27.32 -20.28 94.90
CA GLY B 442 -27.37 -18.96 95.50
C GLY B 442 -27.35 -19.04 97.01
N TYR B 443 -26.77 -18.02 97.65
CA TYR B 443 -26.66 -18.00 99.11
C TYR B 443 -28.03 -17.90 99.78
N ASN B 444 -29.03 -17.40 99.05
CA ASN B 444 -30.38 -17.31 99.59
C ASN B 444 -31.05 -18.67 99.70
N GLN B 445 -30.31 -19.72 99.32
CA GLN B 445 -30.81 -21.09 99.42
C GLN B 445 -29.96 -21.89 100.41
N HIS B 446 -28.99 -21.24 101.04
CA HIS B 446 -28.15 -21.86 102.05
C HIS B 446 -28.58 -21.43 103.45
N TRP B 447 -28.67 -22.39 104.36
CA TRP B 447 -29.17 -22.11 105.71
C TRP B 447 -28.27 -22.70 106.79
N LYS B 448 -28.06 -21.95 107.86
CA LYS B 448 -27.27 -22.42 108.99
C LYS B 448 -28.15 -22.75 110.19
N PHE B 449 -27.91 -23.92 110.79
CA PHE B 449 -28.68 -24.37 111.95
C PHE B 449 -27.93 -24.08 113.24
N THR B 450 -28.63 -23.46 114.19
CA THR B 450 -28.04 -23.10 115.48
C THR B 450 -28.87 -23.68 116.62
N ASP B 451 -28.24 -24.51 117.45
CA ASP B 451 -28.93 -25.15 118.56
C ASP B 451 -29.06 -24.20 119.75
N ILE B 452 -30.27 -24.08 120.28
CA ILE B 452 -30.54 -23.17 121.40
C ILE B 452 -31.40 -23.85 122.45
N GLY B 453 -32.37 -24.64 122.01
CA GLY B 453 -33.27 -25.34 122.90
C GLY B 453 -33.48 -26.78 122.49
N ASP B 454 -34.47 -27.43 123.10
CA ASP B 454 -34.76 -28.85 122.85
C ASP B 454 -35.20 -29.10 121.42
N GLY B 455 -34.28 -29.61 120.59
CA GLY B 455 -34.60 -29.89 119.20
C GLY B 455 -35.02 -28.63 118.46
N TYR B 456 -34.87 -27.48 119.11
CA TYR B 456 -35.20 -26.19 118.49
C TYR B 456 -33.96 -25.47 117.98
N TYR B 457 -34.05 -24.95 116.76
CA TYR B 457 -32.92 -24.25 116.15
C TYR B 457 -33.33 -22.85 115.69
N LYS B 458 -32.33 -22.01 115.43
CA LYS B 458 -32.55 -20.74 114.76
C LYS B 458 -31.93 -20.82 113.36
N ILE B 459 -32.76 -21.09 112.37
CA ILE B 459 -32.28 -21.29 111.00
C ILE B 459 -32.04 -19.98 110.28
N SER B 460 -30.77 -19.59 110.17
CA SER B 460 -30.40 -18.32 109.56
C SER B 460 -30.01 -18.49 108.08
N SER B 461 -30.25 -17.45 107.30
CA SER B 461 -29.89 -17.43 105.88
C SER B 461 -28.43 -16.99 105.72
N ARG B 462 -27.75 -17.58 104.75
CA ARG B 462 -26.34 -17.28 104.52
C ARG B 462 -26.16 -15.90 103.90
N HIS B 463 -27.23 -15.38 103.30
CA HIS B 463 -27.16 -14.11 102.58
C HIS B 463 -26.99 -12.90 103.51
N CYS B 464 -27.79 -12.85 104.57
CA CYS B 464 -27.78 -11.69 105.46
C CYS B 464 -27.85 -12.06 106.94
N GLY B 465 -28.01 -13.35 107.23
CA GLY B 465 -28.04 -13.82 108.61
C GLY B 465 -29.43 -13.89 109.20
N LYS B 466 -30.38 -13.20 108.58
CA LYS B 466 -31.77 -13.25 109.02
C LYS B 466 -32.29 -14.68 108.96
N LEU B 467 -33.20 -15.02 109.86
CA LEU B 467 -33.64 -16.40 110.02
C LEU B 467 -35.10 -16.65 109.63
N ILE B 468 -35.46 -17.91 109.43
CA ILE B 468 -36.83 -18.29 109.11
C ILE B 468 -37.78 -17.81 110.23
N ASP B 469 -38.88 -17.17 109.83
CA ASP B 469 -39.78 -16.49 110.77
C ASP B 469 -41.23 -16.53 110.31
N VAL B 470 -42.14 -16.99 111.17
CA VAL B 470 -43.56 -17.02 110.84
C VAL B 470 -44.17 -15.62 110.97
N ARG B 471 -44.78 -15.13 109.90
CA ARG B 471 -45.29 -13.76 109.85
C ARG B 471 -46.31 -13.48 110.95
N LYS B 472 -46.03 -12.47 111.76
CA LYS B 472 -46.97 -12.02 112.78
C LYS B 472 -47.21 -13.09 113.84
N TRP B 473 -46.24 -13.98 114.03
CA TRP B 473 -46.37 -15.07 114.99
C TRP B 473 -47.61 -15.91 114.70
N SER B 474 -48.11 -15.82 113.47
CA SER B 474 -49.35 -16.48 113.08
C SER B 474 -49.44 -17.90 113.65
N THR B 475 -50.64 -18.25 114.13
CA THR B 475 -50.86 -19.56 114.73
C THR B 475 -51.86 -20.36 113.89
N GLU B 476 -52.14 -19.85 112.69
CA GLU B 476 -53.13 -20.48 111.82
C GLU B 476 -52.49 -21.14 110.60
N ASP B 477 -53.29 -21.91 109.88
CA ASP B 477 -52.83 -22.54 108.65
C ASP B 477 -52.68 -21.50 107.54
N GLY B 478 -51.69 -21.71 106.68
CA GLY B 478 -51.43 -20.78 105.59
C GLY B 478 -50.62 -19.58 106.03
N GLY B 479 -50.13 -19.63 107.27
CA GLY B 479 -49.30 -18.56 107.80
C GLY B 479 -48.03 -18.40 106.98
N ILE B 480 -47.82 -17.20 106.46
CA ILE B 480 -46.69 -16.93 105.58
C ILE B 480 -45.35 -17.12 106.28
N ILE B 481 -44.53 -18.02 105.74
CA ILE B 481 -43.17 -18.19 106.21
C ILE B 481 -42.29 -17.14 105.54
N GLN B 482 -41.53 -16.40 106.35
CA GLN B 482 -40.73 -15.29 105.83
C GLN B 482 -39.34 -15.22 106.44
N GLN B 483 -38.65 -14.13 106.15
CA GLN B 483 -37.30 -13.89 106.66
C GLN B 483 -37.33 -12.67 107.55
N TRP B 484 -36.67 -12.76 108.71
CA TRP B 484 -36.69 -11.66 109.66
C TRP B 484 -35.47 -11.67 110.57
N SER B 485 -35.10 -10.49 111.07
CA SER B 485 -33.99 -10.36 112.00
C SER B 485 -34.26 -11.19 113.25
N ASP B 486 -33.20 -11.75 113.83
CA ASP B 486 -33.33 -12.53 115.05
C ASP B 486 -33.86 -11.66 116.19
N ALA B 487 -35.08 -11.96 116.64
CA ALA B 487 -35.72 -11.19 117.70
C ALA B 487 -35.95 -12.03 118.95
N GLY B 488 -35.47 -13.27 118.93
CA GLY B 488 -35.60 -14.16 120.06
C GLY B 488 -37.03 -14.60 120.32
N GLY B 489 -37.92 -14.31 119.38
CA GLY B 489 -39.31 -14.69 119.50
C GLY B 489 -39.54 -16.14 119.09
N THR B 490 -40.39 -16.83 119.85
CA THR B 490 -40.65 -18.25 119.63
C THR B 490 -41.03 -18.56 118.19
N ASN B 491 -41.64 -17.59 117.52
CA ASN B 491 -42.05 -17.77 116.13
C ASN B 491 -40.86 -17.95 115.20
N GLN B 492 -39.66 -17.70 115.72
CA GLN B 492 -38.44 -17.84 114.96
C GLN B 492 -37.68 -19.10 115.35
N HIS B 493 -38.32 -19.95 116.14
CA HIS B 493 -37.69 -21.18 116.62
C HIS B 493 -38.36 -22.40 115.99
N TRP B 494 -37.53 -23.31 115.47
CA TRP B 494 -38.04 -24.47 114.75
C TRP B 494 -37.49 -25.78 115.30
N LYS B 495 -38.34 -26.79 115.37
CA LYS B 495 -37.93 -28.11 115.83
C LYS B 495 -37.71 -29.05 114.66
N LEU B 496 -36.56 -29.72 114.65
CA LEU B 496 -36.22 -30.66 113.59
C LEU B 496 -36.60 -32.08 113.99
N VAL B 497 -37.62 -32.62 113.35
CA VAL B 497 -38.14 -33.95 113.69
C VAL B 497 -37.99 -34.95 112.54
N LEU B 498 -37.46 -36.12 112.86
CA LEU B 498 -37.27 -37.17 111.87
C LEU B 498 -38.60 -37.83 111.49
N VAL B 499 -38.63 -38.45 110.32
CA VAL B 499 -39.84 -39.13 109.84
C VAL B 499 -39.48 -40.45 109.14
N GLY C 18 26.30 31.44 -54.21
CA GLY C 18 27.54 30.77 -53.84
C GLY C 18 27.52 29.30 -54.18
N SER C 19 28.35 28.90 -55.14
CA SER C 19 28.39 27.51 -55.60
C SER C 19 29.26 26.63 -54.72
N HIS C 20 30.44 27.13 -54.35
CA HIS C 20 31.39 26.35 -53.57
C HIS C 20 31.69 27.00 -52.21
N MET C 21 30.66 27.52 -51.55
CA MET C 21 30.85 28.17 -50.25
C MET C 21 31.05 27.16 -49.12
N ALA C 22 32.16 27.31 -48.40
CA ALA C 22 32.43 26.47 -47.24
C ALA C 22 31.39 26.73 -46.15
N SER C 23 30.98 25.67 -45.47
CA SER C 23 29.92 25.76 -44.48
C SER C 23 30.36 26.45 -43.20
N MET C 24 29.43 27.19 -42.61
CA MET C 24 29.65 27.79 -41.30
C MET C 24 30.22 26.74 -40.36
N THR C 25 31.12 27.15 -39.47
CA THR C 25 31.79 26.23 -38.56
C THR C 25 30.82 25.23 -37.91
N GLY C 26 31.08 23.94 -38.13
CA GLY C 26 30.26 22.88 -37.55
C GLY C 26 28.88 22.79 -38.19
N GLY C 27 28.74 23.41 -39.36
CA GLY C 27 27.47 23.44 -40.05
C GLY C 27 26.73 24.75 -39.78
N GLN C 28 25.58 24.92 -40.42
CA GLN C 28 24.76 26.11 -40.23
C GLN C 28 24.13 26.10 -38.84
N GLN C 29 24.64 26.93 -37.95
CA GLN C 29 24.16 26.97 -36.57
C GLN C 29 22.73 27.49 -36.49
N MET C 30 22.41 28.49 -37.31
CA MET C 30 21.08 29.10 -37.31
C MET C 30 20.22 28.55 -38.44
N GLY C 31 18.94 28.91 -38.45
CA GLY C 31 18.02 28.48 -39.48
C GLY C 31 17.25 27.23 -39.11
N ARG C 32 17.61 26.62 -37.99
CA ARG C 32 16.96 25.40 -37.54
C ARG C 32 15.53 25.64 -37.06
N GLY C 33 14.59 24.85 -37.57
CA GLY C 33 13.20 24.93 -37.15
C GLY C 33 12.89 23.92 -36.06
N SER C 34 12.78 24.41 -34.83
CA SER C 34 12.55 23.55 -33.67
C SER C 34 11.47 22.51 -33.92
N GLU C 35 11.76 21.27 -33.56
CA GLU C 35 10.82 20.17 -33.73
C GLU C 35 9.71 20.23 -32.68
N PHE C 36 9.94 21.01 -31.64
CA PHE C 36 8.97 21.17 -30.56
C PHE C 36 7.82 22.08 -30.98
N ALA C 37 8.08 22.91 -31.99
CA ALA C 37 7.09 23.88 -32.44
C ALA C 37 6.66 23.65 -33.89
N ALA C 38 7.08 22.52 -34.45
CA ALA C 38 6.73 22.18 -35.83
C ALA C 38 5.35 21.56 -35.93
N GLU C 39 4.64 21.86 -37.02
CA GLU C 39 3.31 21.30 -37.25
C GLU C 39 3.37 19.84 -37.65
N GLY C 40 2.45 19.04 -37.12
CA GLY C 40 2.37 17.63 -37.45
C GLY C 40 3.67 16.88 -37.22
N VAL C 41 4.31 17.15 -36.08
CA VAL C 41 5.57 16.48 -35.75
C VAL C 41 5.56 15.87 -34.36
N ILE C 42 5.69 14.55 -34.31
CA ILE C 42 5.80 13.83 -33.04
C ILE C 42 7.26 13.67 -32.66
N VAL C 43 7.58 13.97 -31.41
CA VAL C 43 8.96 13.86 -30.93
C VAL C 43 9.10 12.73 -29.92
N ASN C 44 9.57 11.57 -30.40
CA ASN C 44 9.81 10.43 -29.53
C ASN C 44 10.83 10.77 -28.44
N GLY C 45 10.50 10.41 -27.20
CA GLY C 45 11.34 10.73 -26.07
C GLY C 45 10.70 11.78 -25.19
N THR C 46 9.69 12.47 -25.72
CA THR C 46 8.98 13.48 -24.96
C THR C 46 7.59 12.99 -24.58
N GLN C 47 7.00 13.63 -23.58
CA GLN C 47 5.66 13.27 -23.15
C GLN C 47 4.64 13.68 -24.21
N PHE C 48 3.66 12.80 -24.46
CA PHE C 48 2.64 13.08 -25.45
C PHE C 48 1.40 13.65 -24.76
N LYS C 49 1.11 14.92 -25.04
CA LYS C 49 0.00 15.61 -24.38
C LYS C 49 -1.23 15.75 -25.28
N ASP C 50 -2.39 15.97 -24.66
CA ASP C 50 -3.63 16.15 -25.40
C ASP C 50 -3.94 17.64 -25.61
N THR C 51 -5.12 17.92 -26.15
CA THR C 51 -5.54 19.29 -26.44
C THR C 51 -5.55 20.16 -25.19
N SER C 52 -5.74 19.54 -24.03
CA SER C 52 -5.82 20.27 -22.77
C SER C 52 -4.49 20.30 -22.02
N GLY C 53 -3.41 20.08 -22.75
CA GLY C 53 -2.07 20.11 -22.16
C GLY C 53 -1.85 19.05 -21.10
N ASN C 54 -2.70 18.02 -21.10
CA ASN C 54 -2.56 16.92 -20.16
C ASN C 54 -1.92 15.70 -20.80
N VAL C 55 -1.05 15.03 -20.06
CA VAL C 55 -0.37 13.83 -20.55
C VAL C 55 -1.39 12.77 -20.93
N ILE C 56 -1.22 12.17 -22.10
CA ILE C 56 -2.12 11.13 -22.57
C ILE C 56 -1.88 9.81 -21.83
N HIS C 57 -2.95 9.22 -21.30
CA HIS C 57 -2.85 7.93 -20.64
C HIS C 57 -3.63 6.85 -21.38
N ALA C 58 -2.96 6.24 -22.36
CA ALA C 58 -3.55 5.19 -23.16
C ALA C 58 -2.47 4.17 -23.53
N HIS C 59 -2.10 3.34 -22.56
CA HIS C 59 -0.99 2.43 -22.73
C HIS C 59 -1.44 1.08 -23.30
N GLY C 60 -0.56 0.44 -24.06
CA GLY C 60 -0.86 -0.84 -24.66
C GLY C 60 -2.13 -0.82 -25.49
N GLY C 61 -2.47 0.36 -26.00
CA GLY C 61 -3.71 0.53 -26.74
C GLY C 61 -3.56 0.39 -28.24
N GLY C 62 -4.62 0.73 -28.96
CA GLY C 62 -4.61 0.68 -30.41
C GLY C 62 -5.35 1.87 -30.99
N MET C 63 -5.47 1.91 -32.31
CA MET C 63 -6.14 3.02 -32.96
C MET C 63 -7.20 2.53 -33.96
N LEU C 64 -8.26 3.31 -34.11
CA LEU C 64 -9.35 2.97 -35.01
C LEU C 64 -9.75 4.16 -35.87
N LYS C 65 -9.80 3.95 -37.17
CA LYS C 65 -10.23 4.99 -38.09
C LYS C 65 -11.71 4.85 -38.39
N HIS C 66 -12.47 5.90 -38.12
CA HIS C 66 -13.90 5.89 -38.38
C HIS C 66 -14.41 7.29 -38.73
N GLY C 67 -14.93 7.43 -39.94
CA GLY C 67 -15.38 8.72 -40.42
C GLY C 67 -14.20 9.63 -40.73
N ASP C 68 -14.18 10.79 -40.09
CA ASP C 68 -13.10 11.76 -40.28
C ASP C 68 -12.11 11.68 -39.12
N TYR C 69 -12.43 10.86 -38.13
CA TYR C 69 -11.64 10.83 -36.91
C TYR C 69 -10.86 9.53 -36.70
N TYR C 70 -9.68 9.67 -36.10
CA TYR C 70 -8.93 8.53 -35.58
C TYR C 70 -9.23 8.43 -34.09
N TYR C 71 -9.44 7.21 -33.61
CA TYR C 71 -9.71 7.01 -32.19
C TYR C 71 -8.59 6.20 -31.53
N TRP C 72 -7.98 6.79 -30.51
CA TRP C 72 -6.89 6.16 -29.79
C TRP C 72 -7.37 5.63 -28.45
N TYR C 73 -7.41 4.31 -28.32
CA TYR C 73 -7.83 3.67 -27.08
C TYR C 73 -6.63 3.11 -26.33
N GLY C 74 -6.69 3.13 -25.00
CA GLY C 74 -5.64 2.58 -24.17
C GLY C 74 -6.09 2.48 -22.72
N GLU C 75 -5.37 1.69 -21.93
CA GLU C 75 -5.72 1.52 -20.52
C GLU C 75 -4.74 2.22 -19.59
N TYR C 76 -5.22 2.60 -18.42
CA TYR C 76 -4.37 3.25 -17.42
C TYR C 76 -4.69 2.76 -16.01
N ARG C 77 -3.66 2.62 -15.19
CA ARG C 77 -3.81 2.07 -13.84
C ARG C 77 -4.18 3.13 -12.80
N ASP C 78 -4.41 2.69 -11.57
CA ASP C 78 -4.68 3.59 -10.47
C ASP C 78 -3.53 3.58 -9.45
N ASP C 79 -3.85 3.93 -8.21
CA ASP C 79 -2.83 4.02 -7.16
C ASP C 79 -2.28 2.64 -6.77
N SER C 80 -3.10 1.61 -6.93
CA SER C 80 -2.71 0.26 -6.57
C SER C 80 -2.23 -0.53 -7.79
N ASN C 81 -1.96 0.19 -8.88
CA ASN C 81 -1.55 -0.42 -10.14
C ASN C 81 -2.60 -1.39 -10.68
N LEU C 82 -3.86 -1.12 -10.36
CA LEU C 82 -4.96 -1.92 -10.86
C LEU C 82 -5.71 -1.16 -11.94
N PHE C 83 -6.54 -1.87 -12.71
CA PHE C 83 -7.31 -1.26 -13.79
C PHE C 83 -8.17 -0.11 -13.27
N LEU C 84 -8.08 1.04 -13.93
CA LEU C 84 -8.87 2.20 -13.56
C LEU C 84 -9.87 2.53 -14.66
N GLY C 85 -9.44 2.43 -15.91
CA GLY C 85 -10.31 2.69 -17.03
C GLY C 85 -9.62 2.57 -18.37
N VAL C 86 -10.40 2.59 -19.45
CA VAL C 86 -9.87 2.61 -20.80
C VAL C 86 -10.17 3.97 -21.43
N SER C 87 -9.12 4.73 -21.71
CA SER C 87 -9.29 6.09 -22.21
C SER C 87 -9.51 6.14 -23.71
N CYS C 88 -10.12 7.22 -24.16
CA CYS C 88 -10.40 7.41 -25.58
C CYS C 88 -10.02 8.82 -26.03
N TYR C 89 -9.16 8.90 -27.04
CA TYR C 89 -8.79 10.19 -27.62
C TYR C 89 -9.09 10.14 -29.12
N ARG C 90 -9.46 11.28 -29.70
CA ARG C 90 -9.70 11.34 -31.13
C ARG C 90 -9.00 12.51 -31.79
N SER C 91 -8.55 12.30 -33.02
CA SER C 91 -7.84 13.34 -33.76
C SER C 91 -8.08 13.17 -35.27
N LYS C 92 -7.90 14.26 -36.01
CA LYS C 92 -8.00 14.21 -37.45
C LYS C 92 -6.61 14.19 -38.08
N ASP C 93 -5.63 14.72 -37.37
CA ASP C 93 -4.27 14.86 -37.89
C ASP C 93 -3.26 13.97 -37.20
N LEU C 94 -3.72 13.16 -36.24
CA LEU C 94 -2.86 12.22 -35.53
C LEU C 94 -1.83 12.90 -34.64
N VAL C 95 -1.88 14.22 -34.57
CA VAL C 95 -0.92 14.99 -33.77
C VAL C 95 -1.58 15.69 -32.60
N ASN C 96 -2.75 16.26 -32.84
CA ASN C 96 -3.52 16.91 -31.79
C ASN C 96 -4.67 16.03 -31.32
N TRP C 97 -4.53 15.48 -30.11
CA TRP C 97 -5.51 14.53 -29.60
C TRP C 97 -6.45 15.13 -28.56
N GLU C 98 -7.75 15.01 -28.82
CA GLU C 98 -8.76 15.52 -27.92
C GLU C 98 -9.28 14.40 -27.01
N TYR C 99 -9.19 14.63 -25.70
CA TYR C 99 -9.65 13.65 -24.73
C TYR C 99 -11.18 13.57 -24.75
N ARG C 100 -11.69 12.33 -24.78
CA ARG C 100 -13.13 12.12 -24.91
C ARG C 100 -13.73 11.38 -23.72
N GLY C 101 -12.88 11.01 -22.76
CA GLY C 101 -13.34 10.34 -21.57
C GLY C 101 -13.00 8.86 -21.54
N GLU C 102 -13.55 8.16 -20.55
CA GLU C 102 -13.28 6.73 -20.38
C GLU C 102 -14.37 5.88 -21.02
N VAL C 103 -14.03 5.18 -22.10
CA VAL C 103 -14.97 4.30 -22.78
C VAL C 103 -15.23 3.04 -21.96
N LEU C 104 -14.36 2.76 -21.00
CA LEU C 104 -14.58 1.68 -20.05
C LEU C 104 -13.98 2.07 -18.71
N SER C 105 -14.52 1.53 -17.63
CA SER C 105 -14.11 1.92 -16.29
C SER C 105 -14.14 0.74 -15.32
N ARG C 106 -13.48 0.90 -14.18
CA ARG C 106 -13.50 -0.12 -13.14
C ARG C 106 -14.90 -0.23 -12.53
N ASN C 107 -15.75 0.74 -12.85
CA ASN C 107 -17.14 0.73 -12.40
C ASN C 107 -18.09 0.17 -13.45
N SER C 108 -17.54 -0.19 -14.60
CA SER C 108 -18.36 -0.72 -15.70
C SER C 108 -18.92 -2.10 -15.38
N ALA C 109 -18.30 -2.77 -14.42
CA ALA C 109 -18.74 -4.11 -14.02
C ALA C 109 -18.06 -4.54 -12.73
N PRO C 110 -18.76 -5.32 -11.89
CA PRO C 110 -18.24 -5.80 -10.62
C PRO C 110 -16.86 -6.44 -10.72
N GLU C 111 -16.65 -7.28 -11.72
CA GLU C 111 -15.37 -7.97 -11.87
C GLU C 111 -14.27 -7.05 -12.35
N LEU C 112 -14.63 -5.78 -12.59
CA LEU C 112 -13.65 -4.78 -13.02
C LEU C 112 -13.24 -3.87 -11.87
N ASN C 113 -13.91 -4.03 -10.72
CA ASN C 113 -13.60 -3.22 -9.55
C ASN C 113 -12.17 -3.45 -9.05
N HIS C 114 -11.77 -4.71 -9.02
CA HIS C 114 -10.43 -5.07 -8.56
C HIS C 114 -9.81 -6.06 -9.54
N CYS C 115 -9.34 -5.56 -10.66
CA CYS C 115 -8.77 -6.42 -11.69
C CYS C 115 -7.65 -5.71 -12.44
N ASN C 116 -7.15 -6.36 -13.49
CA ASN C 116 -6.12 -5.78 -14.34
C ASN C 116 -6.43 -5.99 -15.81
N ILE C 117 -6.60 -4.90 -16.55
CA ILE C 117 -6.90 -4.97 -17.97
C ILE C 117 -5.73 -4.50 -18.81
N GLU C 118 -5.38 -5.28 -19.83
CA GLU C 118 -4.22 -4.98 -20.65
C GLU C 118 -4.51 -5.07 -22.16
N ARG C 119 -3.87 -4.20 -22.92
CA ARG C 119 -3.93 -4.22 -24.38
C ARG C 119 -5.35 -4.23 -24.95
N PRO C 120 -6.16 -3.23 -24.57
CA PRO C 120 -7.52 -3.11 -25.12
C PRO C 120 -7.47 -2.68 -26.58
N LYS C 121 -8.40 -3.20 -27.38
CA LYS C 121 -8.48 -2.85 -28.80
C LYS C 121 -9.93 -2.66 -29.21
N VAL C 122 -10.17 -1.76 -30.15
CA VAL C 122 -11.52 -1.50 -30.62
C VAL C 122 -11.66 -1.70 -32.13
N MET C 123 -12.60 -2.57 -32.51
CA MET C 123 -12.85 -2.85 -33.92
C MET C 123 -14.28 -2.47 -34.28
N TYR C 124 -14.47 -2.00 -35.51
CA TYR C 124 -15.81 -1.63 -35.98
C TYR C 124 -16.45 -2.73 -36.80
N ASN C 125 -17.74 -2.96 -36.56
CA ASN C 125 -18.49 -3.97 -37.29
C ASN C 125 -19.49 -3.32 -38.25
N ALA C 126 -19.21 -3.44 -39.55
CA ALA C 126 -20.04 -2.79 -40.57
C ALA C 126 -21.46 -3.33 -40.62
N SER C 127 -21.61 -4.63 -40.37
CA SER C 127 -22.91 -5.29 -40.49
C SER C 127 -23.84 -4.98 -39.31
N THR C 128 -23.27 -4.76 -38.13
CA THR C 128 -24.07 -4.48 -36.94
C THR C 128 -24.06 -3.00 -36.58
N GLY C 129 -23.05 -2.29 -37.05
CA GLY C 129 -22.93 -0.86 -36.77
C GLY C 129 -22.45 -0.58 -35.37
N GLU C 130 -22.01 -1.62 -34.67
CA GLU C 130 -21.52 -1.49 -33.30
C GLU C 130 -20.00 -1.54 -33.23
N PHE C 131 -19.44 -0.93 -32.18
CA PHE C 131 -18.02 -1.01 -31.92
C PHE C 131 -17.75 -2.05 -30.84
N VAL C 132 -16.81 -2.95 -31.09
CA VAL C 132 -16.49 -4.00 -30.14
C VAL C 132 -15.09 -3.84 -29.57
N MET C 133 -14.95 -4.08 -28.27
CA MET C 133 -13.66 -3.93 -27.59
C MET C 133 -13.20 -5.26 -27.01
N TRP C 134 -11.98 -5.66 -27.37
CA TRP C 134 -11.37 -6.86 -26.82
C TRP C 134 -10.15 -6.49 -25.97
N MET C 135 -9.87 -7.29 -24.95
CA MET C 135 -8.81 -6.96 -24.02
C MET C 135 -8.35 -8.18 -23.21
N HIS C 136 -7.23 -8.02 -22.52
CA HIS C 136 -6.70 -9.06 -21.65
C HIS C 136 -7.17 -8.79 -20.21
N TRP C 137 -7.68 -9.83 -19.56
CA TRP C 137 -8.23 -9.68 -18.22
C TRP C 137 -7.54 -10.58 -17.20
N GLU C 138 -7.17 -10.00 -16.06
CA GLU C 138 -6.63 -10.76 -14.94
C GLU C 138 -7.36 -10.39 -13.64
N ASN C 139 -7.33 -11.28 -12.66
CA ASN C 139 -8.11 -11.09 -11.44
C ASN C 139 -7.56 -10.02 -10.50
N GLY C 140 -6.34 -9.56 -10.76
CA GLY C 140 -5.76 -8.48 -9.98
C GLY C 140 -4.77 -8.92 -8.93
N ILE C 141 -4.79 -10.19 -8.55
CA ILE C 141 -3.86 -10.71 -7.56
C ILE C 141 -2.79 -11.58 -8.21
N ASN C 142 -3.13 -12.15 -9.36
CA ASN C 142 -2.18 -13.00 -10.09
C ASN C 142 -2.51 -13.08 -11.58
N TYR C 143 -1.72 -13.85 -12.31
CA TYR C 143 -1.93 -14.02 -13.74
C TYR C 143 -2.33 -15.45 -14.09
N GLY C 144 -3.19 -16.03 -13.27
CA GLY C 144 -3.61 -17.41 -13.47
C GLY C 144 -4.82 -17.53 -14.38
N GLN C 145 -5.76 -16.61 -14.26
CA GLN C 145 -6.98 -16.64 -15.05
C GLN C 145 -6.68 -16.57 -16.55
N ALA C 146 -5.92 -15.55 -16.95
CA ALA C 146 -5.54 -15.38 -18.35
C ALA C 146 -6.74 -15.46 -19.27
N ARG C 147 -7.67 -14.52 -19.11
CA ARG C 147 -8.89 -14.49 -19.92
C ARG C 147 -8.85 -13.38 -20.96
N ALA C 148 -9.84 -13.41 -21.84
CA ALA C 148 -10.11 -12.30 -22.73
C ALA C 148 -11.42 -11.66 -22.29
N ALA C 149 -11.62 -10.39 -22.61
CA ALA C 149 -12.84 -9.69 -22.22
C ALA C 149 -13.43 -8.93 -23.40
N VAL C 150 -14.75 -8.79 -23.40
CA VAL C 150 -15.43 -8.13 -24.51
C VAL C 150 -16.36 -7.03 -24.05
N ALA C 151 -16.47 -5.97 -24.85
CA ALA C 151 -17.39 -4.87 -24.58
C ALA C 151 -17.84 -4.29 -25.92
N TYR C 152 -18.95 -3.57 -25.92
CA TYR C 152 -19.47 -2.99 -27.16
C TYR C 152 -20.12 -1.64 -26.93
N SER C 153 -20.24 -0.87 -28.01
CA SER C 153 -20.85 0.46 -27.94
C SER C 153 -21.41 0.87 -29.29
N LYS C 154 -22.52 1.61 -29.28
CA LYS C 154 -23.12 2.13 -30.50
C LYS C 154 -22.23 3.21 -31.10
N THR C 155 -21.47 3.89 -30.26
CA THR C 155 -20.59 4.97 -30.69
C THR C 155 -19.13 4.61 -30.35
N PRO C 156 -18.17 5.33 -30.96
CA PRO C 156 -16.77 5.01 -30.72
C PRO C 156 -16.21 5.67 -29.45
N ASP C 157 -16.73 6.83 -29.09
CA ASP C 157 -16.24 7.53 -27.90
C ASP C 157 -17.28 7.54 -26.77
N GLY C 158 -18.22 6.62 -26.84
CA GLY C 158 -19.25 6.51 -25.82
C GLY C 158 -18.92 5.44 -24.80
N LYS C 159 -19.65 5.45 -23.69
CA LYS C 159 -19.44 4.47 -22.63
C LYS C 159 -19.77 3.07 -23.11
N PHE C 160 -18.73 2.28 -23.38
CA PHE C 160 -18.93 0.88 -23.78
C PHE C 160 -19.62 0.12 -22.66
N THR C 161 -20.48 -0.83 -23.03
CA THR C 161 -21.12 -1.69 -22.06
C THR C 161 -20.40 -3.02 -21.98
N TYR C 162 -19.91 -3.35 -20.80
CA TYR C 162 -19.13 -4.56 -20.58
C TYR C 162 -19.99 -5.80 -20.79
N ILE C 163 -19.40 -6.83 -21.41
CA ILE C 163 -20.10 -8.09 -21.62
C ILE C 163 -19.64 -9.16 -20.63
N ARG C 164 -18.42 -9.65 -20.83
CA ARG C 164 -17.91 -10.74 -20.01
C ARG C 164 -16.42 -10.98 -20.24
N SER C 165 -15.84 -11.83 -19.39
CA SER C 165 -14.46 -12.29 -19.57
C SER C 165 -14.45 -13.81 -19.53
N PHE C 166 -13.55 -14.42 -20.30
CA PHE C 166 -13.54 -15.87 -20.43
C PHE C 166 -12.27 -16.37 -21.09
N ARG C 167 -12.03 -17.67 -20.98
CA ARG C 167 -10.94 -18.32 -21.69
C ARG C 167 -11.51 -19.02 -22.93
N PRO C 168 -11.00 -18.64 -24.11
CA PRO C 168 -11.51 -19.16 -25.40
C PRO C 168 -11.66 -20.66 -25.43
N MET C 169 -12.78 -21.14 -25.98
CA MET C 169 -13.00 -22.56 -26.19
C MET C 169 -13.06 -23.34 -24.88
N GLN C 170 -13.63 -22.73 -23.84
CA GLN C 170 -13.67 -23.34 -22.53
C GLN C 170 -14.61 -24.55 -22.47
N ASP C 171 -15.62 -24.56 -23.34
CA ASP C 171 -16.60 -25.64 -23.35
C ASP C 171 -16.20 -26.80 -24.25
N THR C 172 -15.12 -26.64 -25.00
CA THR C 172 -14.67 -27.68 -25.92
C THR C 172 -13.99 -28.82 -25.18
N GLY C 173 -13.78 -28.65 -23.88
CA GLY C 173 -13.16 -29.67 -23.06
C GLY C 173 -11.65 -29.59 -23.03
N VAL C 174 -11.10 -28.60 -23.74
CA VAL C 174 -9.65 -28.40 -23.77
C VAL C 174 -9.16 -27.85 -22.44
N MET C 175 -7.97 -28.28 -22.02
CA MET C 175 -7.40 -27.84 -20.76
C MET C 175 -6.02 -27.23 -20.98
N ASP C 176 -5.88 -25.95 -20.65
CA ASP C 176 -4.61 -25.25 -20.81
C ASP C 176 -4.02 -24.87 -19.46
N HIS C 177 -3.15 -25.74 -18.94
CA HIS C 177 -2.49 -25.50 -17.67
C HIS C 177 -3.44 -25.37 -16.48
N GLY C 178 -4.20 -26.43 -16.20
CA GLY C 178 -4.99 -26.52 -15.00
C GLY C 178 -6.38 -25.90 -15.05
N LEU C 179 -6.67 -25.18 -16.12
CA LEU C 179 -7.98 -24.53 -16.26
C LEU C 179 -8.61 -24.79 -17.62
N PRO C 180 -9.95 -24.88 -17.65
CA PRO C 180 -10.70 -25.12 -18.89
C PRO C 180 -10.63 -23.93 -19.83
N GLY C 181 -10.25 -24.17 -21.08
CA GLY C 181 -10.14 -23.11 -22.07
C GLY C 181 -8.70 -22.65 -22.24
N TYR C 182 -8.36 -22.26 -23.47
CA TYR C 182 -7.02 -21.77 -23.76
C TYR C 182 -6.69 -20.52 -22.95
N MET C 183 -5.41 -20.34 -22.63
CA MET C 183 -4.98 -19.12 -21.97
C MET C 183 -4.96 -17.98 -22.98
N SER C 184 -5.31 -16.78 -22.53
CA SER C 184 -5.36 -15.63 -23.43
C SER C 184 -4.77 -14.39 -22.77
N ARG C 185 -3.48 -14.16 -23.02
CA ARG C 185 -2.77 -13.02 -22.46
C ARG C 185 -2.70 -11.86 -23.47
N ASP C 186 -1.50 -11.55 -23.94
CA ASP C 186 -1.31 -10.51 -24.94
C ASP C 186 -2.23 -10.75 -26.13
N CYS C 187 -2.95 -9.71 -26.54
CA CYS C 187 -3.96 -9.87 -27.58
C CYS C 187 -4.04 -8.69 -28.54
N ASN C 188 -4.74 -8.90 -29.65
CA ASN C 188 -4.98 -7.86 -30.64
C ASN C 188 -6.13 -8.27 -31.56
N VAL C 189 -6.73 -7.30 -32.24
CA VAL C 189 -7.85 -7.58 -33.12
C VAL C 189 -7.55 -7.23 -34.57
N PHE C 190 -8.20 -7.94 -35.49
CA PHE C 190 -7.98 -7.74 -36.91
C PHE C 190 -9.25 -7.95 -37.72
N VAL C 191 -9.54 -7.03 -38.62
CA VAL C 191 -10.71 -7.14 -39.49
C VAL C 191 -10.26 -7.34 -40.94
N ASP C 192 -10.54 -8.52 -41.49
CA ASP C 192 -10.13 -8.85 -42.85
C ASP C 192 -10.98 -8.11 -43.88
N THR C 193 -10.58 -8.21 -45.14
CA THR C 193 -11.30 -7.53 -46.22
C THR C 193 -12.67 -8.18 -46.47
N ASP C 194 -12.73 -9.49 -46.31
CA ASP C 194 -13.97 -10.24 -46.52
C ASP C 194 -15.04 -9.86 -45.49
N GLY C 195 -14.62 -9.18 -44.44
CA GLY C 195 -15.53 -8.77 -43.38
C GLY C 195 -15.42 -9.65 -42.14
N LYS C 196 -14.52 -10.63 -42.20
CA LYS C 196 -14.30 -11.53 -41.07
C LYS C 196 -13.57 -10.83 -39.94
N GLY C 197 -14.04 -11.05 -38.71
CA GLY C 197 -13.38 -10.50 -37.54
C GLY C 197 -12.50 -11.54 -36.86
N TYR C 198 -11.35 -11.11 -36.36
CA TYR C 198 -10.41 -12.03 -35.72
C TYR C 198 -9.86 -11.48 -34.41
N PHE C 199 -9.52 -12.40 -33.51
CA PHE C 199 -8.91 -12.05 -32.23
C PHE C 199 -7.71 -12.94 -31.97
N ILE C 200 -6.53 -12.33 -31.93
CA ILE C 200 -5.30 -13.09 -31.73
C ILE C 200 -4.69 -12.84 -30.35
N SER C 201 -4.38 -13.91 -29.63
CA SER C 201 -3.82 -13.80 -28.30
C SER C 201 -2.81 -14.91 -28.01
N ALA C 202 -1.90 -14.66 -27.07
CA ALA C 202 -0.90 -15.64 -26.68
C ALA C 202 -1.51 -16.70 -25.78
N ALA C 203 -1.29 -17.96 -26.13
CA ALA C 203 -1.86 -19.07 -25.39
C ALA C 203 -0.80 -20.08 -24.97
N ASN C 204 -1.23 -21.15 -24.31
CA ASN C 204 -0.33 -22.20 -23.87
C ASN C 204 0.87 -21.66 -23.11
N GLU C 205 0.59 -20.95 -22.02
CA GLU C 205 1.64 -20.35 -21.20
C GLU C 205 2.53 -19.43 -22.04
N ASN C 206 1.91 -18.62 -22.89
CA ASN C 206 2.63 -17.66 -23.71
C ASN C 206 3.57 -18.26 -24.73
N MET C 207 3.46 -19.57 -24.95
CA MET C 207 4.33 -20.26 -25.89
C MET C 207 3.82 -20.18 -27.33
N ASP C 208 2.51 -20.25 -27.49
CA ASP C 208 1.91 -20.25 -28.83
C ASP C 208 1.01 -19.03 -29.03
N LEU C 209 0.80 -18.66 -30.29
CA LEU C 209 -0.18 -17.62 -30.62
C LEU C 209 -1.42 -18.24 -31.23
N HIS C 210 -2.58 -17.90 -30.70
CA HIS C 210 -3.84 -18.41 -31.23
C HIS C 210 -4.60 -17.35 -32.00
N LEU C 211 -4.98 -17.68 -33.23
CA LEU C 211 -5.81 -16.80 -34.04
C LEU C 211 -7.25 -17.28 -34.03
N TYR C 212 -8.13 -16.50 -33.42
CA TYR C 212 -9.54 -16.88 -33.31
C TYR C 212 -10.40 -16.12 -34.30
N GLU C 213 -11.31 -16.84 -34.96
CA GLU C 213 -12.30 -16.21 -35.82
C GLU C 213 -13.52 -15.84 -34.98
N LEU C 214 -13.91 -14.57 -35.04
CA LEU C 214 -15.03 -14.09 -34.25
C LEU C 214 -16.37 -14.41 -34.90
N THR C 215 -17.43 -14.38 -34.11
CA THR C 215 -18.79 -14.51 -34.63
C THR C 215 -19.11 -13.29 -35.48
N PRO C 216 -20.16 -13.38 -36.32
CA PRO C 216 -20.51 -12.28 -37.21
C PRO C 216 -20.68 -10.93 -36.50
N ASP C 217 -21.03 -10.93 -35.22
CA ASP C 217 -21.22 -9.68 -34.49
C ASP C 217 -19.96 -9.21 -33.77
N TYR C 218 -18.87 -9.96 -33.94
CA TYR C 218 -17.58 -9.62 -33.35
C TYR C 218 -17.57 -9.70 -31.82
N LYS C 219 -18.69 -10.08 -31.22
CA LYS C 219 -18.80 -10.05 -29.76
C LYS C 219 -18.55 -11.40 -29.10
N ASN C 220 -18.04 -12.36 -29.86
CA ASN C 220 -17.72 -13.68 -29.32
C ASN C 220 -16.79 -14.46 -30.25
N ILE C 221 -16.18 -15.52 -29.71
CA ILE C 221 -15.28 -16.35 -30.49
C ILE C 221 -16.01 -17.52 -31.11
N ALA C 222 -15.83 -17.71 -32.41
CA ALA C 222 -16.53 -18.76 -33.14
C ALA C 222 -15.70 -20.03 -33.27
N SER C 223 -14.43 -19.89 -33.64
CA SER C 223 -13.57 -21.04 -33.85
C SER C 223 -12.08 -20.67 -33.83
N LEU C 224 -11.24 -21.69 -33.73
CA LEU C 224 -9.79 -21.51 -33.76
C LEU C 224 -9.28 -21.57 -35.19
N LYS C 225 -8.97 -20.40 -35.76
CA LYS C 225 -8.49 -20.30 -37.12
C LYS C 225 -7.17 -21.04 -37.30
N ALA C 226 -6.23 -20.77 -36.41
CA ALA C 226 -4.90 -21.38 -36.52
C ALA C 226 -4.03 -21.18 -35.27
N LYS C 227 -3.05 -22.07 -35.12
CA LYS C 227 -2.01 -21.90 -34.11
C LYS C 227 -0.75 -21.43 -34.82
N LEU C 228 -0.21 -20.30 -34.38
CA LEU C 228 0.93 -19.69 -35.08
C LEU C 228 2.18 -19.63 -34.23
N PHE C 229 3.32 -19.98 -34.84
CA PHE C 229 4.62 -19.92 -34.20
C PHE C 229 4.60 -20.56 -32.81
N VAL C 230 4.19 -21.83 -32.76
CA VAL C 230 4.12 -22.55 -31.49
C VAL C 230 5.51 -22.75 -30.89
N GLY C 231 5.62 -22.58 -29.58
CA GLY C 231 6.86 -22.80 -28.87
C GLY C 231 7.93 -21.76 -29.15
N GLN C 232 7.59 -20.76 -29.96
CA GLN C 232 8.53 -19.70 -30.29
C GLN C 232 8.36 -18.50 -29.37
N GLN C 233 7.26 -18.48 -28.63
CA GLN C 233 7.05 -17.52 -27.56
C GLN C 233 7.05 -16.07 -28.04
N ARG C 234 6.21 -15.78 -29.03
CA ARG C 234 6.06 -14.41 -29.53
C ARG C 234 4.93 -13.70 -28.80
N GLU C 235 5.17 -12.46 -28.41
CA GLU C 235 4.18 -11.69 -27.65
C GLU C 235 3.78 -10.41 -28.36
N ALA C 236 2.92 -9.62 -27.72
CA ALA C 236 2.45 -8.36 -28.27
C ALA C 236 2.19 -8.45 -29.77
N PRO C 237 1.27 -9.35 -30.16
CA PRO C 237 1.00 -9.59 -31.59
C PRO C 237 0.30 -8.43 -32.26
N CYS C 238 0.71 -8.11 -33.49
CA CYS C 238 0.05 -7.10 -34.30
C CYS C 238 -0.22 -7.67 -35.69
N LEU C 239 -1.50 -7.76 -36.04
CA LEU C 239 -1.89 -8.39 -37.30
C LEU C 239 -2.45 -7.36 -38.28
N ILE C 240 -1.81 -7.24 -39.44
CA ILE C 240 -2.23 -6.29 -40.46
C ILE C 240 -2.25 -6.92 -41.86
N LYS C 241 -2.75 -6.18 -42.83
CA LYS C 241 -2.79 -6.64 -44.21
C LYS C 241 -2.56 -5.45 -45.16
N ARG C 242 -1.79 -5.67 -46.22
CA ARG C 242 -1.48 -4.59 -47.16
C ARG C 242 -1.92 -4.93 -48.58
N ASN C 243 -1.09 -5.69 -49.30
CA ASN C 243 -1.42 -6.06 -50.68
C ASN C 243 -1.63 -7.56 -50.82
N GLY C 244 -2.74 -8.05 -50.29
CA GLY C 244 -3.04 -9.47 -50.33
C GLY C 244 -2.12 -10.25 -49.41
N TYR C 245 -1.31 -9.52 -48.65
CA TYR C 245 -0.37 -10.14 -47.72
C TYR C 245 -0.75 -9.86 -46.27
N TYR C 246 -0.68 -10.89 -45.44
CA TYR C 246 -0.89 -10.73 -44.01
C TYR C 246 0.45 -10.59 -43.32
N TYR C 247 0.55 -9.62 -42.40
CA TYR C 247 1.79 -9.39 -41.68
C TYR C 247 1.58 -9.48 -40.17
N LEU C 248 2.48 -10.21 -39.50
CA LEU C 248 2.39 -10.36 -38.06
C LEU C 248 3.65 -9.86 -37.37
N ILE C 249 3.55 -8.68 -36.76
CA ILE C 249 4.66 -8.12 -36.00
C ILE C 249 4.54 -8.52 -34.53
N THR C 250 5.57 -9.13 -33.99
CA THR C 250 5.56 -9.59 -32.60
C THR C 250 6.84 -9.21 -31.87
N SER C 251 6.81 -9.33 -30.55
CA SER C 251 7.99 -9.11 -29.72
C SER C 251 8.41 -10.42 -29.07
N GLY C 252 9.56 -10.39 -28.40
CA GLY C 252 10.00 -11.52 -27.60
C GLY C 252 9.29 -11.49 -26.27
N CYS C 253 9.61 -12.44 -25.40
CA CYS C 253 8.98 -12.50 -24.08
C CYS C 253 10.01 -12.24 -22.99
N THR C 254 10.16 -10.98 -22.59
CA THR C 254 11.12 -10.60 -21.58
C THR C 254 10.59 -9.50 -20.66
N GLY C 255 9.36 -9.68 -20.18
CA GLY C 255 8.75 -8.74 -19.27
C GLY C 255 8.78 -7.31 -19.77
N TRP C 256 9.15 -6.38 -18.90
CA TRP C 256 9.22 -4.97 -19.26
C TRP C 256 10.37 -4.68 -20.21
N ASN C 257 11.41 -5.52 -20.14
CA ASN C 257 12.61 -5.30 -20.94
C ASN C 257 12.36 -5.37 -22.44
N PRO C 258 12.61 -4.25 -23.14
CA PRO C 258 12.48 -4.21 -24.60
C PRO C 258 13.34 -5.29 -25.25
N ASN C 259 12.85 -5.87 -26.34
CA ASN C 259 13.58 -6.93 -27.04
C ASN C 259 13.49 -6.78 -28.55
N GLN C 260 14.05 -7.75 -29.27
CA GLN C 260 14.05 -7.71 -30.73
C GLN C 260 12.67 -8.01 -31.30
N ALA C 261 12.11 -7.02 -31.99
CA ALA C 261 10.83 -7.21 -32.66
C ALA C 261 11.05 -7.98 -33.96
N LYS C 262 10.14 -8.89 -34.26
CA LYS C 262 10.23 -9.67 -35.49
C LYS C 262 8.91 -9.61 -36.25
N TYR C 263 8.96 -9.89 -37.55
CA TYR C 263 7.75 -9.90 -38.37
C TYR C 263 7.72 -11.12 -39.27
N ALA C 264 6.54 -11.47 -39.74
CA ALA C 264 6.37 -12.60 -40.66
C ALA C 264 5.18 -12.34 -41.58
N TYR C 265 5.28 -12.83 -42.82
CA TYR C 265 4.24 -12.59 -43.81
C TYR C 265 3.62 -13.89 -44.32
N SER C 266 2.44 -13.76 -44.91
CA SER C 266 1.73 -14.91 -45.47
C SER C 266 0.55 -14.44 -46.32
N LYS C 267 0.16 -15.25 -47.30
CA LYS C 267 -0.97 -14.93 -48.16
C LYS C 267 -2.24 -15.61 -47.65
N ASP C 268 -2.10 -16.35 -46.56
CA ASP C 268 -3.23 -17.04 -45.95
C ASP C 268 -3.13 -16.99 -44.43
N LEU C 269 -4.25 -16.67 -43.77
CA LEU C 269 -4.26 -16.54 -42.31
C LEU C 269 -3.99 -17.87 -41.61
N ALA C 270 -4.50 -18.96 -42.18
CA ALA C 270 -4.41 -20.27 -41.53
C ALA C 270 -3.08 -20.97 -41.76
N SER C 271 -2.41 -20.65 -42.85
CA SER C 271 -1.16 -21.33 -43.20
C SER C 271 -0.30 -20.52 -44.17
N GLY C 272 0.90 -21.01 -44.43
CA GLY C 272 1.79 -20.38 -45.38
C GLY C 272 2.67 -19.30 -44.77
N TRP C 273 2.58 -19.15 -43.46
CA TRP C 273 3.37 -18.14 -42.76
C TRP C 273 4.86 -18.39 -42.91
N SER C 274 5.60 -17.33 -43.18
CA SER C 274 7.05 -17.41 -43.35
C SER C 274 7.75 -17.45 -42.01
N GLN C 275 9.08 -17.50 -42.05
CA GLN C 275 9.88 -17.44 -40.83
C GLN C 275 9.87 -16.03 -40.26
N LEU C 276 10.46 -15.86 -39.08
CA LEU C 276 10.52 -14.55 -38.44
C LEU C 276 11.71 -13.75 -38.96
N TYR C 277 11.46 -12.48 -39.28
CA TYR C 277 12.53 -11.59 -39.72
C TYR C 277 12.66 -10.42 -38.76
N ASN C 278 13.90 -10.06 -38.42
CA ASN C 278 14.17 -8.97 -37.51
C ASN C 278 13.60 -7.63 -37.98
N LEU C 279 13.04 -6.88 -37.03
CA LEU C 279 12.46 -5.58 -37.32
C LEU C 279 12.96 -4.56 -36.30
N GLY C 280 13.59 -3.50 -36.77
CA GLY C 280 14.21 -2.53 -35.88
C GLY C 280 15.46 -3.11 -35.25
N ASN C 281 15.92 -2.49 -34.17
CA ASN C 281 17.12 -2.97 -33.47
C ASN C 281 16.79 -3.99 -32.37
N SER C 282 17.78 -4.32 -31.57
CA SER C 282 17.64 -5.37 -30.57
C SER C 282 16.70 -5.01 -29.43
N THR C 283 16.30 -3.74 -29.35
CA THR C 283 15.41 -3.31 -28.29
C THR C 283 14.15 -2.65 -28.85
N THR C 284 13.98 -2.73 -30.17
CA THR C 284 12.88 -2.05 -30.84
C THR C 284 12.85 -0.59 -30.43
N TYR C 285 14.03 0.00 -30.29
CA TYR C 285 14.16 1.40 -29.92
C TYR C 285 13.53 1.65 -28.55
N ARG C 286 13.80 0.74 -27.62
CA ARG C 286 13.22 0.79 -26.28
C ARG C 286 11.71 0.96 -26.32
N SER C 287 11.03 -0.04 -26.88
CA SER C 287 9.58 -0.06 -26.92
C SER C 287 9.07 -1.48 -27.15
N GLN C 288 7.76 -1.64 -27.06
CA GLN C 288 7.12 -2.91 -27.36
C GLN C 288 5.92 -2.67 -28.26
N PRO C 289 5.84 -3.41 -29.37
CA PRO C 289 4.73 -3.26 -30.32
C PRO C 289 3.39 -3.32 -29.62
N THR C 290 2.47 -2.42 -29.96
CA THR C 290 1.14 -2.43 -29.36
C THR C 290 0.04 -2.40 -30.42
N PHE C 291 0.33 -1.75 -31.55
CA PHE C 291 -0.63 -1.68 -32.65
C PHE C 291 -0.02 -1.04 -33.90
N ILE C 292 -0.50 -1.47 -35.07
CA ILE C 292 -0.06 -0.90 -36.33
C ILE C 292 -1.28 -0.57 -37.19
N ILE C 293 -1.41 0.71 -37.57
CA ILE C 293 -2.58 1.16 -38.29
C ILE C 293 -2.21 1.86 -39.59
N PRO C 294 -2.94 1.56 -40.67
CA PRO C 294 -2.75 2.20 -41.97
C PRO C 294 -3.29 3.64 -41.98
N VAL C 295 -2.48 4.56 -42.49
CA VAL C 295 -2.90 5.96 -42.63
C VAL C 295 -3.01 6.31 -44.10
N GLN C 296 -4.25 6.40 -44.60
CA GLN C 296 -4.49 6.63 -46.01
C GLN C 296 -4.81 8.10 -46.32
N GLY C 297 -4.27 8.58 -47.43
CA GLY C 297 -4.49 9.96 -47.84
C GLY C 297 -4.39 10.15 -49.35
N SER C 298 -4.43 11.39 -49.79
CA SER C 298 -4.40 11.71 -51.22
C SER C 298 -3.10 11.27 -51.89
N SER C 299 -1.99 11.41 -51.17
CA SER C 299 -0.68 11.07 -51.72
C SER C 299 -0.42 9.57 -51.72
N GLY C 300 -1.06 8.85 -50.80
CA GLY C 300 -0.88 7.42 -50.69
C GLY C 300 -1.23 6.88 -49.33
N THR C 301 -0.67 5.71 -48.99
CA THR C 301 -0.95 5.07 -47.72
C THR C 301 0.33 4.70 -46.97
N SER C 302 0.50 5.24 -45.77
CA SER C 302 1.62 4.89 -44.92
C SER C 302 1.14 4.09 -43.71
N TYR C 303 2.04 3.37 -43.07
CA TYR C 303 1.67 2.56 -41.92
C TYR C 303 2.35 3.05 -40.64
N LEU C 304 1.52 3.36 -39.62
CA LEU C 304 2.01 3.90 -38.38
C LEU C 304 2.26 2.81 -37.33
N TYR C 305 3.48 2.75 -36.83
CA TYR C 305 3.82 1.83 -35.75
C TYR C 305 3.63 2.49 -34.40
N MET C 306 2.80 1.88 -33.56
CA MET C 306 2.60 2.35 -32.20
C MET C 306 3.27 1.39 -31.23
N GLY C 307 4.10 1.92 -30.34
CA GLY C 307 4.77 1.10 -29.35
C GLY C 307 4.70 1.72 -27.97
N ASP C 308 4.91 0.89 -26.95
CA ASP C 308 4.96 1.38 -25.58
C ASP C 308 6.36 1.30 -25.00
N ARG C 309 6.80 2.39 -24.39
CA ARG C 309 8.03 2.39 -23.63
C ARG C 309 7.68 2.23 -22.16
N TRP C 310 7.65 0.99 -21.69
CA TRP C 310 7.23 0.68 -20.34
C TRP C 310 8.20 1.19 -19.28
N ALA C 311 7.71 2.02 -18.38
CA ALA C 311 8.53 2.58 -17.30
C ALA C 311 9.03 1.48 -16.36
N GLY C 312 8.34 0.35 -16.37
CA GLY C 312 8.72 -0.78 -15.52
C GLY C 312 10.11 -1.29 -15.84
N ALA C 313 10.60 -0.98 -17.04
CA ALA C 313 11.93 -1.40 -17.46
C ALA C 313 12.99 -0.75 -16.58
N TRP C 314 12.71 0.43 -16.08
CA TRP C 314 13.63 1.14 -15.20
C TRP C 314 13.04 1.36 -13.81
N GLY C 315 12.08 0.52 -13.44
CA GLY C 315 11.52 0.53 -12.10
C GLY C 315 10.46 1.58 -11.86
N GLY C 316 9.85 2.08 -12.93
CA GLY C 316 8.80 3.07 -12.82
C GLY C 316 7.41 2.47 -12.83
N LYS C 317 6.40 3.33 -12.63
CA LYS C 317 5.01 2.89 -12.64
C LYS C 317 4.49 2.79 -14.08
N VAL C 318 3.51 1.92 -14.30
CA VAL C 318 2.90 1.76 -15.62
C VAL C 318 2.43 3.09 -16.18
N ASN C 319 1.79 3.89 -15.34
CA ASN C 319 1.27 5.20 -15.76
C ASN C 319 2.35 6.18 -16.21
N ASP C 320 3.60 5.87 -15.87
CA ASP C 320 4.73 6.73 -16.24
C ASP C 320 5.34 6.30 -17.57
N SER C 321 4.70 5.33 -18.23
CA SER C 321 5.21 4.80 -19.49
C SER C 321 4.98 5.80 -20.64
N GLN C 322 5.90 5.82 -21.59
CA GLN C 322 5.83 6.74 -22.72
C GLN C 322 5.43 6.00 -24.00
N TYR C 323 5.34 6.74 -25.09
CA TYR C 323 4.94 6.16 -26.37
C TYR C 323 6.00 6.38 -27.44
N VAL C 324 6.16 5.40 -28.32
CA VAL C 324 7.10 5.51 -29.43
C VAL C 324 6.37 5.29 -30.75
N TRP C 325 6.21 6.36 -31.52
CA TRP C 325 5.55 6.28 -32.82
C TRP C 325 6.55 6.37 -33.97
N LEU C 326 6.50 5.38 -34.85
CA LEU C 326 7.42 5.31 -35.98
C LEU C 326 6.70 4.84 -37.23
N PRO C 327 7.24 5.18 -38.41
CA PRO C 327 6.66 4.71 -39.67
C PRO C 327 7.13 3.30 -40.01
N LEU C 328 6.20 2.44 -40.39
CA LEU C 328 6.54 1.10 -40.86
C LEU C 328 6.57 1.10 -42.37
N ASN C 329 7.76 1.00 -42.95
CA ASN C 329 7.92 1.07 -44.40
C ASN C 329 7.98 -0.31 -45.06
N PHE C 330 7.35 -0.43 -46.22
CA PHE C 330 7.38 -1.67 -46.99
C PHE C 330 8.26 -1.51 -48.22
N ILE C 331 9.53 -1.87 -48.08
CA ILE C 331 10.46 -1.83 -49.20
C ILE C 331 9.94 -2.74 -50.31
N SER C 332 9.39 -3.88 -49.90
CA SER C 332 8.77 -4.82 -50.82
C SER C 332 7.70 -5.60 -50.07
N ASP C 333 6.97 -6.45 -50.78
CA ASP C 333 5.94 -7.26 -50.14
C ASP C 333 6.54 -8.20 -49.10
N THR C 334 7.84 -8.44 -49.20
CA THR C 334 8.50 -9.40 -48.32
C THR C 334 9.56 -8.76 -47.43
N THR C 335 9.90 -7.51 -47.70
CA THR C 335 10.92 -6.82 -46.92
C THR C 335 10.37 -5.58 -46.21
N LEU C 336 10.23 -5.68 -44.89
CA LEU C 336 9.75 -4.56 -44.08
C LEU C 336 10.91 -3.91 -43.34
N GLU C 337 10.70 -2.64 -42.94
CA GLU C 337 11.69 -1.95 -42.14
C GLU C 337 11.03 -0.97 -41.18
N LEU C 338 11.59 -0.87 -39.97
CA LEU C 338 11.09 0.07 -38.97
C LEU C 338 12.23 0.97 -38.52
N PRO C 339 12.39 2.11 -39.21
CA PRO C 339 13.46 3.05 -38.87
C PRO C 339 13.12 3.83 -37.62
N TYR C 340 14.12 4.34 -36.92
CA TYR C 340 13.88 5.21 -35.77
C TYR C 340 14.21 6.66 -36.09
N TYR C 341 13.26 7.54 -35.83
CA TYR C 341 13.47 8.97 -35.98
C TYR C 341 13.10 9.65 -34.67
N ASP C 342 13.99 10.51 -34.18
CA ASP C 342 13.72 11.23 -32.95
C ASP C 342 12.51 12.15 -33.12
N SER C 343 12.34 12.64 -34.34
CA SER C 343 11.20 13.49 -34.67
C SER C 343 10.52 13.01 -35.96
N VAL C 344 9.28 12.59 -35.85
CA VAL C 344 8.54 12.05 -36.99
C VAL C 344 7.51 13.04 -37.53
N LYS C 345 7.43 13.15 -38.85
CA LYS C 345 6.47 14.03 -39.50
C LYS C 345 5.25 13.22 -39.93
N ILE C 346 4.07 13.68 -39.56
CA ILE C 346 2.84 12.98 -39.91
C ILE C 346 1.84 13.89 -40.62
N ASP C 347 1.55 13.58 -41.88
CA ASP C 347 0.56 14.32 -42.64
C ASP C 347 -0.63 13.41 -42.93
N ALA C 348 -1.57 13.38 -41.99
CA ALA C 348 -2.73 12.51 -42.09
C ALA C 348 -3.46 12.63 -43.43
N SER C 349 -3.77 13.86 -43.81
CA SER C 349 -4.49 14.12 -45.06
C SER C 349 -3.76 13.57 -46.26
N SER C 350 -2.43 13.73 -46.28
CA SER C 350 -1.62 13.26 -47.39
C SER C 350 -1.37 11.76 -47.31
N GLY C 351 -1.41 11.22 -46.10
CA GLY C 351 -1.09 9.82 -45.88
C GLY C 351 0.42 9.60 -45.89
N ILE C 352 1.14 10.59 -45.37
CA ILE C 352 2.60 10.55 -45.36
C ILE C 352 3.19 10.54 -43.96
N ILE C 353 4.01 9.53 -43.68
CA ILE C 353 4.73 9.45 -42.42
C ILE C 353 6.23 9.29 -42.70
N SER C 354 7.01 10.28 -42.30
CA SER C 354 8.44 10.27 -42.57
C SER C 354 9.23 10.98 -41.50
N GLU C 355 10.56 11.00 -41.66
CA GLU C 355 11.44 11.68 -40.71
C GLU C 355 11.35 13.19 -40.87
N TYR C 356 11.22 13.90 -39.76
CA TYR C 356 11.24 15.35 -39.77
C TYR C 356 12.66 15.85 -39.58
N ILE C 357 13.18 16.55 -40.58
CA ILE C 357 14.52 17.12 -40.52
C ILE C 357 14.44 18.57 -40.06
N PRO C 358 14.83 18.84 -38.80
CA PRO C 358 14.79 20.18 -38.24
C PRO C 358 15.56 21.19 -39.10
N ASP C 359 16.69 20.75 -39.65
CA ASP C 359 17.51 21.63 -40.47
C ASP C 359 17.65 21.09 -41.89
N THR C 360 16.92 21.72 -42.82
CA THR C 360 16.86 21.25 -44.20
C THR C 360 18.13 21.54 -45.01
N THR C 361 19.01 22.37 -44.46
CA THR C 361 20.25 22.71 -45.15
C THR C 361 20.91 21.47 -45.77
N ARG C 362 21.13 21.52 -47.08
CA ARG C 362 21.72 20.40 -47.81
C ARG C 362 23.20 20.64 -48.05
N TYR C 363 24.03 19.65 -47.72
CA TYR C 363 25.48 19.78 -47.81
C TYR C 363 26.11 18.85 -48.83
N LYS C 364 27.36 19.14 -49.17
CA LYS C 364 28.20 18.25 -49.94
C LYS C 364 29.50 18.06 -49.16
N LEU C 365 30.04 16.85 -49.19
CA LEU C 365 31.29 16.55 -48.49
C LEU C 365 32.42 16.29 -49.46
N VAL C 366 33.35 17.23 -49.56
CA VAL C 366 34.45 17.15 -50.50
C VAL C 366 35.75 16.70 -49.85
N ASN C 367 36.39 15.69 -50.43
CA ASN C 367 37.66 15.19 -49.93
C ASN C 367 38.82 16.07 -50.36
N LYS C 368 39.69 16.42 -49.42
CA LYS C 368 40.80 17.32 -49.70
C LYS C 368 41.78 16.75 -50.72
N ASN C 369 42.03 15.46 -50.64
CA ASN C 369 43.01 14.81 -51.50
C ASN C 369 42.54 14.61 -52.94
N SER C 370 41.31 14.12 -53.09
CA SER C 370 40.78 13.79 -54.41
C SER C 370 39.96 14.92 -55.02
N GLY C 371 39.30 15.70 -54.16
CA GLY C 371 38.40 16.73 -54.62
C GLY C 371 37.06 16.15 -55.02
N LYS C 372 36.92 14.84 -54.84
CA LYS C 372 35.66 14.16 -55.11
C LYS C 372 34.74 14.30 -53.91
N VAL C 373 33.44 14.06 -54.11
CA VAL C 373 32.46 14.25 -53.06
C VAL C 373 31.84 12.95 -52.56
N LEU C 374 31.43 12.95 -51.30
CA LEU C 374 30.79 11.78 -50.70
C LEU C 374 29.50 11.46 -51.45
N ASP C 375 29.38 10.23 -51.92
CA ASP C 375 28.25 9.84 -52.75
C ASP C 375 27.83 8.40 -52.47
N VAL C 376 26.71 7.99 -53.07
CA VAL C 376 26.24 6.62 -53.00
C VAL C 376 26.42 5.94 -54.34
N LEU C 377 26.96 4.72 -54.33
CA LEU C 377 27.21 3.98 -55.56
C LEU C 377 25.95 3.87 -56.43
N ASP C 378 26.07 4.29 -57.68
CA ASP C 378 24.96 4.24 -58.63
C ASP C 378 23.82 5.17 -58.23
N GLY C 379 24.08 6.02 -57.24
CA GLY C 379 23.06 6.91 -56.72
C GLY C 379 21.84 6.15 -56.26
N SER C 380 22.06 4.94 -55.76
CA SER C 380 20.97 4.06 -55.35
C SER C 380 20.26 4.57 -54.10
N VAL C 381 19.03 4.12 -53.92
CA VAL C 381 18.27 4.42 -52.71
C VAL C 381 18.05 3.13 -51.94
N ASP C 382 18.70 2.06 -52.39
CA ASP C 382 18.58 0.75 -51.75
C ASP C 382 19.32 0.70 -50.43
N ASN C 383 18.78 -0.05 -49.48
CA ASN C 383 19.40 -0.19 -48.17
C ASN C 383 20.75 -0.90 -48.27
N ALA C 384 21.70 -0.46 -47.46
CA ALA C 384 23.02 -1.08 -47.39
C ALA C 384 23.89 -0.80 -48.62
N ALA C 385 23.45 0.13 -49.46
CA ALA C 385 24.22 0.50 -50.64
C ALA C 385 25.60 1.04 -50.25
N GLN C 386 26.60 0.78 -51.09
CA GLN C 386 27.97 1.17 -50.78
C GLN C 386 28.18 2.68 -50.95
N ILE C 387 28.97 3.26 -50.08
CA ILE C 387 29.30 4.68 -50.16
C ILE C 387 30.65 4.88 -50.85
N VAL C 388 30.65 5.69 -51.90
CA VAL C 388 31.87 5.98 -52.65
C VAL C 388 32.02 7.47 -52.86
N GLN C 389 33.15 7.87 -53.44
CA GLN C 389 33.36 9.26 -53.82
C GLN C 389 33.15 9.41 -55.32
N TRP C 390 32.80 10.62 -55.76
CA TRP C 390 32.50 10.86 -57.15
C TRP C 390 32.71 12.33 -57.50
N THR C 391 32.96 12.61 -58.78
CA THR C 391 33.11 14.00 -59.21
C THR C 391 31.82 14.77 -58.94
N ASP C 392 31.96 15.99 -58.46
CA ASP C 392 30.81 16.84 -58.19
C ASP C 392 29.92 16.96 -59.42
N ASN C 393 28.73 16.38 -59.35
CA ASN C 393 27.78 16.45 -60.45
C ASN C 393 26.45 17.07 -60.02
N GLY C 394 26.41 17.61 -58.81
CA GLY C 394 25.24 18.33 -58.32
C GLY C 394 23.95 17.54 -58.29
N SER C 395 24.06 16.21 -58.24
CA SER C 395 22.88 15.35 -58.15
C SER C 395 22.42 15.22 -56.70
N LEU C 396 21.29 14.55 -56.50
CA LEU C 396 20.72 14.41 -55.17
C LEU C 396 21.50 13.44 -54.28
N SER C 397 21.99 12.36 -54.87
CA SER C 397 22.71 11.34 -54.12
C SER C 397 23.98 11.88 -53.47
N GLN C 398 24.40 13.07 -53.88
CA GLN C 398 25.61 13.68 -53.36
C GLN C 398 25.29 14.74 -52.31
N GLN C 399 24.01 14.90 -51.98
CA GLN C 399 23.57 15.89 -51.01
C GLN C 399 23.15 15.24 -49.70
N TRP C 400 23.56 15.84 -48.59
CA TRP C 400 23.31 15.24 -47.28
C TRP C 400 22.79 16.26 -46.27
N TYR C 401 21.96 15.80 -45.35
CA TYR C 401 21.52 16.62 -44.23
C TYR C 401 22.42 16.38 -43.03
N LEU C 402 22.28 17.23 -42.01
CA LEU C 402 22.95 17.01 -40.74
C LEU C 402 21.94 17.13 -39.60
N VAL C 403 21.64 16.00 -38.97
CA VAL C 403 20.63 15.98 -37.91
C VAL C 403 21.28 15.86 -36.53
N ASP C 404 20.98 16.80 -35.65
CA ASP C 404 21.46 16.74 -34.27
C ASP C 404 20.94 15.47 -33.58
N VAL C 405 21.87 14.69 -33.05
CA VAL C 405 21.52 13.42 -32.40
C VAL C 405 21.97 13.41 -30.94
N GLY C 406 22.59 14.50 -30.50
CA GLY C 406 23.00 14.65 -29.12
C GLY C 406 24.51 14.73 -28.92
N GLY C 407 24.92 15.47 -27.90
CA GLY C 407 26.32 15.57 -27.55
C GLY C 407 27.20 16.13 -28.65
N GLY C 408 26.59 16.86 -29.56
CA GLY C 408 27.33 17.47 -30.66
C GLY C 408 27.46 16.53 -31.86
N TYR C 409 27.13 15.26 -31.65
CA TYR C 409 27.19 14.28 -32.71
C TYR C 409 26.12 14.54 -33.76
N LYS C 410 26.39 14.13 -35.00
CA LYS C 410 25.47 14.37 -36.10
C LYS C 410 25.11 13.07 -36.82
N LYS C 411 23.90 13.02 -37.38
CA LYS C 411 23.51 11.93 -38.25
C LYS C 411 23.49 12.44 -39.68
N ILE C 412 24.34 11.86 -40.53
CA ILE C 412 24.44 12.30 -41.92
C ILE C 412 23.43 11.58 -42.80
N VAL C 413 22.37 12.28 -43.17
CA VAL C 413 21.28 11.67 -43.92
C VAL C 413 21.34 12.02 -45.40
N ASN C 414 21.22 11.01 -46.26
CA ASN C 414 21.22 11.22 -47.70
C ASN C 414 19.90 11.82 -48.17
N VAL C 415 19.99 12.92 -48.91
CA VAL C 415 18.80 13.63 -49.35
C VAL C 415 17.93 12.78 -50.28
N LYS C 416 18.57 11.96 -51.11
CA LYS C 416 17.84 11.13 -52.07
C LYS C 416 17.21 9.91 -51.40
N SER C 417 18.04 9.06 -50.81
CA SER C 417 17.57 7.81 -50.22
C SER C 417 16.84 8.06 -48.89
N GLY C 418 17.28 9.06 -48.15
CA GLY C 418 16.71 9.36 -46.85
C GLY C 418 17.31 8.48 -45.77
N ARG C 419 18.36 7.75 -46.14
CA ARG C 419 19.03 6.83 -45.21
C ARG C 419 20.28 7.46 -44.61
N ALA C 420 20.74 6.92 -43.49
CA ALA C 420 21.85 7.51 -42.74
C ALA C 420 23.19 6.88 -43.08
N LEU C 421 24.24 7.71 -43.08
CA LEU C 421 25.60 7.23 -43.24
C LEU C 421 25.90 6.25 -42.11
N ASP C 422 26.35 5.06 -42.47
CA ASP C 422 26.43 3.94 -41.52
C ASP C 422 27.69 3.11 -41.70
N VAL C 423 28.33 2.76 -40.58
CA VAL C 423 29.46 1.84 -40.60
C VAL C 423 28.95 0.39 -40.57
N LYS C 424 29.15 -0.32 -41.67
CA LYS C 424 28.61 -1.68 -41.83
C LYS C 424 28.89 -2.58 -40.63
N ASP C 425 27.84 -3.22 -40.12
CA ASP C 425 27.95 -4.23 -39.07
C ASP C 425 28.65 -3.71 -37.81
N GLU C 426 28.55 -2.41 -37.56
CA GLU C 426 29.11 -1.80 -36.36
C GLU C 426 30.58 -2.15 -36.19
N SER C 427 31.30 -2.29 -37.30
CA SER C 427 32.71 -2.67 -37.27
C SER C 427 33.56 -1.68 -36.46
N LYS C 428 34.70 -2.16 -36.00
CA LYS C 428 35.66 -1.32 -35.28
C LYS C 428 37.05 -1.44 -35.87
N GLU C 429 37.14 -2.06 -37.05
CA GLU C 429 38.42 -2.34 -37.67
C GLU C 429 38.74 -1.37 -38.81
N ASP C 430 40.03 -1.16 -39.07
CA ASP C 430 40.45 -0.35 -40.21
C ASP C 430 39.90 -0.94 -41.50
N GLY C 431 39.53 -0.08 -42.44
CA GLY C 431 39.04 -0.52 -43.71
C GLY C 431 37.59 -0.96 -43.68
N GLY C 432 36.95 -0.78 -42.53
CA GLY C 432 35.53 -1.08 -42.39
C GLY C 432 34.71 -0.24 -43.34
N VAL C 433 34.06 -0.90 -44.29
CA VAL C 433 33.28 -0.22 -45.32
C VAL C 433 32.15 0.64 -44.75
N LEU C 434 31.84 1.73 -45.44
CA LEU C 434 30.71 2.58 -45.08
C LEU C 434 29.56 2.35 -46.05
N ILE C 435 28.33 2.45 -45.55
CA ILE C 435 27.14 2.25 -46.37
C ILE C 435 26.06 3.23 -45.94
N GLN C 436 24.96 3.26 -46.70
CA GLN C 436 23.78 3.98 -46.27
C GLN C 436 22.78 2.96 -45.74
N TYR C 437 22.27 3.18 -44.53
CA TYR C 437 21.40 2.21 -43.88
C TYR C 437 20.22 2.90 -43.22
N THR C 438 19.17 2.14 -42.94
CA THR C 438 18.00 2.68 -42.28
C THR C 438 18.38 3.20 -40.89
N SER C 439 17.88 4.38 -40.55
CA SER C 439 18.18 4.97 -39.25
C SER C 439 17.75 4.03 -38.12
N ASN C 440 18.69 3.66 -37.27
CA ASN C 440 18.41 2.71 -36.20
C ASN C 440 18.95 3.15 -34.83
N GLY C 441 19.36 4.41 -34.74
CA GLY C 441 19.79 4.96 -33.48
C GLY C 441 21.14 4.45 -33.00
N GLY C 442 21.79 3.64 -33.82
CA GLY C 442 23.09 3.09 -33.47
C GLY C 442 24.19 4.13 -33.46
N TYR C 443 25.22 3.89 -32.64
CA TYR C 443 26.35 4.80 -32.58
C TYR C 443 27.21 4.73 -33.84
N ASN C 444 26.99 3.68 -34.63
CA ASN C 444 27.69 3.54 -35.90
C ASN C 444 27.07 4.43 -36.98
N GLN C 445 26.08 5.23 -36.56
CA GLN C 445 25.44 6.18 -37.46
C GLN C 445 25.61 7.60 -36.94
N HIS C 446 26.29 7.73 -35.80
CA HIS C 446 26.56 9.04 -35.21
C HIS C 446 27.98 9.46 -35.53
N TRP C 447 28.16 10.73 -35.90
CA TRP C 447 29.46 11.22 -36.33
C TRP C 447 29.87 12.51 -35.63
N LYS C 448 31.15 12.63 -35.32
CA LYS C 448 31.69 13.83 -34.70
C LYS C 448 32.49 14.64 -35.71
N PHE C 449 32.21 15.94 -35.79
CA PHE C 449 32.93 16.83 -36.68
C PHE C 449 34.01 17.61 -35.93
N THR C 450 35.26 17.30 -36.23
CA THR C 450 36.38 17.99 -35.61
C THR C 450 37.01 18.97 -36.58
N ASP C 451 37.03 20.25 -36.22
CA ASP C 451 37.56 21.29 -37.08
C ASP C 451 39.09 21.23 -37.13
N ILE C 452 39.64 21.14 -38.34
CA ILE C 452 41.09 21.09 -38.52
C ILE C 452 41.60 22.24 -39.37
N GLY C 453 40.77 23.27 -39.53
CA GLY C 453 41.17 24.47 -40.25
C GLY C 453 40.86 24.45 -41.73
N ASP C 454 40.85 25.64 -42.34
CA ASP C 454 40.63 25.80 -43.77
C ASP C 454 39.32 25.17 -44.24
N GLY C 455 38.37 25.01 -43.32
CA GLY C 455 37.05 24.50 -43.66
C GLY C 455 37.02 23.00 -43.84
N TYR C 456 38.04 22.31 -43.33
CA TYR C 456 38.09 20.85 -43.40
C TYR C 456 37.87 20.23 -42.03
N TYR C 457 37.33 19.01 -42.03
CA TYR C 457 37.01 18.32 -40.78
C TYR C 457 37.55 16.91 -40.75
N LYS C 458 37.72 16.38 -39.53
CA LYS C 458 37.95 14.96 -39.34
C LYS C 458 36.69 14.34 -38.75
N ILE C 459 35.90 13.70 -39.61
CA ILE C 459 34.63 13.13 -39.20
C ILE C 459 34.81 11.73 -38.62
N SER C 460 34.68 11.62 -37.30
CA SER C 460 34.91 10.35 -36.62
C SER C 460 33.63 9.70 -36.14
N SER C 461 33.59 8.37 -36.19
CA SER C 461 32.44 7.61 -35.71
C SER C 461 32.38 7.59 -34.19
N ARG C 462 31.18 7.61 -33.64
CA ARG C 462 30.98 7.62 -32.19
C ARG C 462 31.31 6.26 -31.58
N HIS C 463 31.24 5.22 -32.41
CA HIS C 463 31.43 3.85 -31.95
C HIS C 463 32.88 3.56 -31.59
N CYS C 464 33.80 3.79 -32.53
CA CYS C 464 35.20 3.47 -32.33
C CYS C 464 36.13 4.68 -32.45
N GLY C 465 35.64 5.74 -33.06
CA GLY C 465 36.42 6.97 -33.20
C GLY C 465 37.27 7.01 -34.46
N LYS C 466 37.00 6.10 -35.38
CA LYS C 466 37.71 6.09 -36.65
C LYS C 466 37.09 7.07 -37.64
N LEU C 467 37.91 7.58 -38.55
CA LEU C 467 37.48 8.66 -39.44
C LEU C 467 36.95 8.14 -40.77
N ILE C 468 36.08 8.94 -41.39
CA ILE C 468 35.67 8.67 -42.75
C ILE C 468 36.89 8.75 -43.65
N ASP C 469 37.09 7.72 -44.46
CA ASP C 469 38.35 7.54 -45.17
C ASP C 469 38.13 7.09 -46.61
N VAL C 470 38.90 7.66 -47.53
CA VAL C 470 38.88 7.20 -48.92
C VAL C 470 39.92 6.09 -49.07
N ARG C 471 39.45 4.88 -49.36
CA ARG C 471 40.32 3.72 -49.43
C ARG C 471 41.51 3.93 -50.36
N LYS C 472 42.71 3.78 -49.80
CA LYS C 472 43.94 3.83 -50.58
C LYS C 472 44.21 5.19 -51.22
N TRP C 473 43.69 6.25 -50.61
CA TRP C 473 43.90 7.60 -51.11
C TRP C 473 43.44 7.73 -52.56
N SER C 474 42.44 6.94 -52.93
CA SER C 474 41.94 6.95 -54.30
C SER C 474 41.56 8.36 -54.74
N THR C 475 41.83 8.66 -56.01
CA THR C 475 41.52 9.96 -56.58
C THR C 475 40.58 9.79 -57.77
N GLU C 476 39.83 8.69 -57.77
CA GLU C 476 38.98 8.36 -58.90
C GLU C 476 37.52 8.19 -58.50
N ASP C 477 36.64 8.08 -59.49
CA ASP C 477 35.24 7.82 -59.26
C ASP C 477 35.04 6.38 -58.79
N GLY C 478 34.14 6.20 -57.84
CA GLY C 478 33.85 4.87 -57.34
C GLY C 478 34.77 4.43 -56.21
N GLY C 479 35.65 5.34 -55.80
CA GLY C 479 36.56 5.07 -54.69
C GLY C 479 35.79 4.73 -53.43
N ILE C 480 36.03 3.53 -52.91
CA ILE C 480 35.32 3.06 -51.73
C ILE C 480 35.55 3.93 -50.51
N ILE C 481 34.47 4.29 -49.82
CA ILE C 481 34.55 5.04 -48.58
C ILE C 481 34.48 4.10 -47.39
N GLN C 482 35.43 4.22 -46.48
CA GLN C 482 35.53 3.33 -45.35
C GLN C 482 35.91 4.12 -44.09
N GLN C 483 36.11 3.41 -42.99
CA GLN C 483 36.61 4.03 -41.77
C GLN C 483 38.06 3.63 -41.55
N TRP C 484 38.82 4.49 -40.90
CA TRP C 484 40.23 4.21 -40.66
C TRP C 484 40.76 5.07 -39.52
N SER C 485 41.77 4.59 -38.82
CA SER C 485 42.39 5.34 -37.74
C SER C 485 42.93 6.67 -38.27
N ASP C 486 42.97 7.69 -37.42
CA ASP C 486 43.49 8.99 -37.81
C ASP C 486 44.96 8.89 -38.20
N ALA C 487 45.23 8.97 -39.50
CA ALA C 487 46.59 8.86 -40.01
C ALA C 487 47.12 10.21 -40.48
N GLY C 488 46.38 11.27 -40.17
CA GLY C 488 46.77 12.61 -40.55
C GLY C 488 46.92 12.80 -42.05
N GLY C 489 46.18 12.01 -42.81
CA GLY C 489 46.23 12.08 -44.26
C GLY C 489 45.11 12.94 -44.84
N THR C 490 45.38 13.58 -45.97
CA THR C 490 44.40 14.44 -46.61
C THR C 490 43.24 13.64 -47.19
N ASN C 491 43.39 12.32 -47.24
CA ASN C 491 42.33 11.45 -47.71
C ASN C 491 41.32 11.18 -46.60
N GLN C 492 41.57 11.77 -45.43
CA GLN C 492 40.68 11.64 -44.28
C GLN C 492 40.05 12.98 -43.92
N HIS C 493 40.39 14.01 -44.68
CA HIS C 493 39.90 15.36 -44.39
C HIS C 493 38.83 15.77 -45.38
N TRP C 494 37.70 16.25 -44.85
CA TRP C 494 36.55 16.58 -45.67
C TRP C 494 36.10 18.03 -45.49
N LYS C 495 35.65 18.65 -46.57
CA LYS C 495 35.18 20.02 -46.53
C LYS C 495 33.66 20.05 -46.63
N LEU C 496 33.02 20.68 -45.63
CA LEU C 496 31.58 20.80 -45.61
C LEU C 496 31.14 21.98 -46.47
N VAL C 497 30.43 21.69 -47.56
CA VAL C 497 30.07 22.72 -48.53
C VAL C 497 28.55 22.81 -48.75
N LEU C 498 28.04 24.03 -48.88
CA LEU C 498 26.62 24.25 -49.15
C LEU C 498 26.30 23.99 -50.61
N VAL C 499 25.14 23.39 -50.86
CA VAL C 499 24.71 23.10 -52.22
C VAL C 499 24.11 24.33 -52.90
N GLU D 39 -57.53 -18.27 4.76
CA GLU D 39 -56.87 -17.20 4.00
C GLU D 39 -55.51 -17.65 3.49
N GLY D 40 -55.21 -18.94 3.65
CA GLY D 40 -53.98 -19.51 3.16
C GLY D 40 -54.23 -20.36 1.93
N VAL D 41 -55.16 -19.91 1.08
CA VAL D 41 -55.54 -20.66 -0.11
C VAL D 41 -55.65 -19.75 -1.33
N ILE D 42 -55.29 -20.29 -2.49
CA ILE D 42 -55.46 -19.58 -3.75
C ILE D 42 -56.45 -20.31 -4.64
N VAL D 43 -57.15 -19.56 -5.50
CA VAL D 43 -58.13 -20.15 -6.41
C VAL D 43 -57.48 -20.45 -7.75
N ASN D 44 -57.46 -21.73 -8.12
CA ASN D 44 -56.86 -22.14 -9.38
C ASN D 44 -57.62 -21.64 -10.61
N GLY D 45 -56.97 -21.67 -11.76
CA GLY D 45 -57.59 -21.23 -13.00
C GLY D 45 -57.97 -19.77 -12.98
N THR D 46 -57.21 -18.97 -12.23
CA THR D 46 -57.46 -17.53 -12.13
C THR D 46 -56.15 -16.76 -12.13
N GLN D 47 -56.26 -15.44 -12.17
CA GLN D 47 -55.08 -14.57 -12.09
C GLN D 47 -54.92 -14.02 -10.68
N PHE D 48 -53.90 -14.51 -9.97
CA PHE D 48 -53.65 -14.08 -8.61
C PHE D 48 -53.40 -12.58 -8.58
N LYS D 49 -53.56 -11.97 -7.41
CA LYS D 49 -53.35 -10.53 -7.25
C LYS D 49 -52.35 -10.22 -6.15
N ASP D 50 -51.56 -9.16 -6.37
CA ASP D 50 -50.57 -8.74 -5.38
C ASP D 50 -51.24 -7.97 -4.25
N THR D 51 -50.44 -7.54 -3.28
CA THR D 51 -50.96 -6.81 -2.13
C THR D 51 -51.61 -5.50 -2.53
N SER D 52 -51.36 -5.08 -3.77
CA SER D 52 -51.88 -3.81 -4.27
C SER D 52 -53.20 -3.99 -5.01
N GLY D 53 -53.72 -5.22 -5.00
CA GLY D 53 -54.98 -5.52 -5.66
C GLY D 53 -54.88 -5.53 -7.17
N ASN D 54 -53.66 -5.69 -7.67
CA ASN D 54 -53.42 -5.75 -9.12
C ASN D 54 -53.09 -7.16 -9.58
N VAL D 55 -53.49 -7.48 -10.80
CA VAL D 55 -53.22 -8.80 -11.38
C VAL D 55 -51.71 -9.00 -11.56
N ILE D 56 -51.17 -10.00 -10.89
CA ILE D 56 -49.74 -10.29 -10.99
C ILE D 56 -49.41 -10.97 -12.31
N HIS D 57 -48.35 -10.50 -12.96
CA HIS D 57 -47.96 -11.02 -14.27
C HIS D 57 -46.61 -11.71 -14.24
N ALA D 58 -46.61 -12.99 -13.89
CA ALA D 58 -45.39 -13.78 -13.85
C ALA D 58 -45.60 -15.12 -14.56
N HIS D 59 -45.71 -15.05 -15.89
CA HIS D 59 -46.02 -16.23 -16.69
C HIS D 59 -44.78 -17.03 -17.05
N GLY D 60 -44.96 -18.34 -17.17
CA GLY D 60 -43.85 -19.24 -17.49
C GLY D 60 -42.65 -19.04 -16.58
N GLY D 61 -42.91 -18.57 -15.37
CA GLY D 61 -41.84 -18.25 -14.44
C GLY D 61 -41.43 -19.39 -13.52
N GLY D 62 -40.62 -19.07 -12.53
CA GLY D 62 -40.18 -20.03 -11.55
C GLY D 62 -40.02 -19.39 -10.19
N MET D 63 -39.68 -20.19 -9.19
CA MET D 63 -39.53 -19.67 -7.82
C MET D 63 -38.18 -19.99 -7.19
N LEU D 64 -37.70 -19.06 -6.38
CA LEU D 64 -36.44 -19.23 -5.65
C LEU D 64 -36.64 -18.86 -4.19
N LYS D 65 -36.17 -19.71 -3.29
CA LYS D 65 -36.24 -19.42 -1.86
C LYS D 65 -34.89 -18.95 -1.34
N HIS D 66 -34.87 -17.74 -0.78
CA HIS D 66 -33.64 -17.19 -0.23
C HIS D 66 -33.92 -16.36 1.01
N GLY D 67 -33.58 -16.92 2.17
CA GLY D 67 -33.81 -16.25 3.43
C GLY D 67 -35.22 -16.48 3.96
N ASP D 68 -35.92 -15.40 4.27
CA ASP D 68 -37.28 -15.49 4.78
C ASP D 68 -38.30 -15.43 3.66
N TYR D 69 -37.92 -14.81 2.54
CA TYR D 69 -38.85 -14.57 1.44
C TYR D 69 -38.76 -15.59 0.32
N TYR D 70 -39.91 -15.96 -0.22
CA TYR D 70 -39.99 -16.74 -1.45
C TYR D 70 -40.08 -15.78 -2.63
N TYR D 71 -39.25 -15.98 -3.64
CA TYR D 71 -39.23 -15.09 -4.79
C TYR D 71 -39.82 -15.74 -6.04
N TRP D 72 -40.79 -15.06 -6.65
CA TRP D 72 -41.45 -15.56 -7.84
C TRP D 72 -41.15 -14.68 -9.04
N TYR D 73 -40.43 -15.24 -10.01
CA TYR D 73 -40.09 -14.51 -11.23
C TYR D 73 -40.94 -15.02 -12.38
N GLY D 74 -41.25 -14.13 -13.31
CA GLY D 74 -42.07 -14.49 -14.45
C GLY D 74 -41.96 -13.50 -15.57
N GLU D 75 -42.44 -13.88 -16.75
CA GLU D 75 -42.43 -13.01 -17.91
C GLU D 75 -43.81 -12.37 -18.09
N TYR D 76 -43.85 -11.18 -18.71
CA TYR D 76 -45.10 -10.58 -19.18
C TYR D 76 -44.89 -9.70 -20.41
N ARG D 77 -45.86 -9.65 -21.33
CA ARG D 77 -45.70 -8.97 -22.63
C ARG D 77 -46.15 -7.49 -22.71
N ASP D 78 -46.07 -6.93 -23.93
CA ASP D 78 -46.58 -5.57 -24.23
C ASP D 78 -47.74 -5.53 -25.26
N ASP D 79 -47.86 -4.40 -25.97
CA ASP D 79 -48.94 -4.15 -26.92
C ASP D 79 -48.78 -4.97 -28.23
N SER D 80 -47.71 -5.75 -28.32
CA SER D 80 -47.39 -6.53 -29.52
C SER D 80 -46.98 -7.98 -29.24
N ASN D 81 -47.28 -8.46 -28.04
CA ASN D 81 -46.87 -9.80 -27.61
C ASN D 81 -45.33 -9.90 -27.52
N LEU D 82 -44.65 -8.76 -27.42
CA LEU D 82 -43.19 -8.71 -27.28
C LEU D 82 -42.74 -8.65 -25.80
N PHE D 83 -41.56 -9.20 -25.50
CA PHE D 83 -41.01 -9.10 -24.13
C PHE D 83 -41.07 -7.65 -23.64
N LEU D 84 -41.66 -7.44 -22.46
CA LEU D 84 -41.74 -6.11 -21.86
C LEU D 84 -40.92 -6.06 -20.57
N GLY D 85 -40.78 -7.20 -19.91
CA GLY D 85 -40.02 -7.26 -18.68
C GLY D 85 -40.26 -8.53 -17.88
N VAL D 86 -39.34 -8.84 -16.97
CA VAL D 86 -39.49 -9.97 -16.06
C VAL D 86 -39.80 -9.41 -14.68
N SER D 87 -40.94 -9.82 -14.11
CA SER D 87 -41.39 -9.25 -12.84
C SER D 87 -40.93 -10.09 -11.67
N CYS D 88 -40.93 -9.49 -10.48
CA CYS D 88 -40.51 -10.18 -9.26
C CYS D 88 -41.54 -9.99 -8.16
N TYR D 89 -41.90 -11.09 -7.50
CA TYR D 89 -42.86 -11.04 -6.40
C TYR D 89 -42.32 -11.85 -5.21
N ARG D 90 -42.34 -11.23 -4.04
CA ARG D 90 -41.87 -11.90 -2.82
C ARG D 90 -42.99 -12.09 -1.82
N SER D 91 -42.95 -13.21 -1.10
CA SER D 91 -43.95 -13.51 -0.07
C SER D 91 -43.45 -14.60 0.87
N LYS D 92 -43.86 -14.52 2.13
CA LYS D 92 -43.46 -15.52 3.11
C LYS D 92 -44.50 -16.63 3.22
N ASP D 93 -45.75 -16.31 2.92
CA ASP D 93 -46.85 -17.25 3.06
C ASP D 93 -47.17 -18.00 1.77
N LEU D 94 -46.67 -17.48 0.65
CA LEU D 94 -46.89 -18.07 -0.67
C LEU D 94 -48.32 -17.84 -1.19
N VAL D 95 -49.01 -16.86 -0.60
CA VAL D 95 -50.35 -16.50 -1.06
C VAL D 95 -50.46 -14.99 -1.26
N ASN D 96 -49.96 -14.23 -0.29
CA ASN D 96 -49.95 -12.78 -0.39
C ASN D 96 -48.62 -12.29 -0.94
N TRP D 97 -48.59 -11.99 -2.23
CA TRP D 97 -47.36 -11.61 -2.91
C TRP D 97 -47.20 -10.11 -3.05
N GLU D 98 -46.06 -9.59 -2.58
CA GLU D 98 -45.74 -8.18 -2.75
C GLU D 98 -44.99 -7.99 -4.06
N TYR D 99 -45.41 -7.00 -4.84
CA TYR D 99 -44.84 -6.75 -6.15
C TYR D 99 -43.59 -5.87 -6.09
N ARG D 100 -42.44 -6.48 -6.36
CA ARG D 100 -41.20 -5.73 -6.52
C ARG D 100 -41.10 -5.32 -7.98
N GLY D 101 -40.19 -4.39 -8.28
CA GLY D 101 -40.06 -3.87 -9.63
C GLY D 101 -39.72 -4.91 -10.68
N GLU D 102 -39.41 -4.46 -11.88
CA GLU D 102 -39.01 -5.34 -12.97
C GLU D 102 -37.51 -5.64 -12.87
N VAL D 103 -37.17 -6.88 -12.51
CA VAL D 103 -35.78 -7.28 -12.39
C VAL D 103 -35.05 -7.16 -13.72
N LEU D 104 -35.78 -7.37 -14.81
CA LEU D 104 -35.23 -7.25 -16.15
C LEU D 104 -36.29 -6.66 -17.08
N SER D 105 -35.91 -5.65 -17.84
CA SER D 105 -36.86 -5.02 -18.76
C SER D 105 -36.34 -5.02 -20.20
N ARG D 106 -37.15 -4.52 -21.11
CA ARG D 106 -36.77 -4.44 -22.51
C ARG D 106 -35.70 -3.36 -22.73
N ASN D 107 -35.44 -2.58 -21.68
CA ASN D 107 -34.44 -1.53 -21.75
C ASN D 107 -33.14 -1.92 -21.04
N SER D 108 -33.09 -3.15 -20.54
CA SER D 108 -31.91 -3.65 -19.86
C SER D 108 -30.78 -3.93 -20.86
N ALA D 109 -31.12 -3.95 -22.14
CA ALA D 109 -30.16 -4.20 -23.19
C ALA D 109 -30.78 -3.93 -24.56
N PRO D 110 -29.97 -3.46 -25.51
CA PRO D 110 -30.46 -3.14 -26.86
C PRO D 110 -31.19 -4.31 -27.51
N GLU D 111 -30.59 -5.50 -27.47
CA GLU D 111 -31.18 -6.66 -28.14
C GLU D 111 -32.48 -7.11 -27.46
N LEU D 112 -32.83 -6.47 -26.35
CA LEU D 112 -34.06 -6.77 -25.64
C LEU D 112 -35.16 -5.75 -25.95
N ASN D 113 -34.81 -4.73 -26.73
CA ASN D 113 -35.77 -3.70 -27.11
C ASN D 113 -36.94 -4.25 -27.89
N HIS D 114 -36.68 -5.25 -28.74
CA HIS D 114 -37.70 -5.84 -29.59
C HIS D 114 -37.43 -7.33 -29.75
N CYS D 115 -37.85 -8.12 -28.77
CA CYS D 115 -37.54 -9.55 -28.77
C CYS D 115 -38.58 -10.39 -28.04
N ASN D 116 -38.39 -11.70 -28.07
CA ASN D 116 -39.24 -12.62 -27.31
C ASN D 116 -38.43 -13.34 -26.23
N ILE D 117 -38.79 -13.11 -24.98
CA ILE D 117 -38.17 -13.80 -23.86
C ILE D 117 -39.17 -14.77 -23.23
N GLU D 118 -38.73 -15.99 -22.96
CA GLU D 118 -39.62 -17.02 -22.43
C GLU D 118 -39.01 -17.82 -21.28
N ARG D 119 -39.87 -18.20 -20.35
CA ARG D 119 -39.50 -19.10 -19.25
C ARG D 119 -38.24 -18.66 -18.51
N PRO D 120 -38.28 -17.46 -17.92
CA PRO D 120 -37.14 -16.95 -17.14
C PRO D 120 -37.05 -17.61 -15.77
N LYS D 121 -35.88 -18.14 -15.44
CA LYS D 121 -35.66 -18.79 -14.15
C LYS D 121 -34.51 -18.13 -13.41
N VAL D 122 -34.54 -18.20 -12.07
CA VAL D 122 -33.48 -17.63 -11.25
C VAL D 122 -32.95 -18.64 -10.25
N MET D 123 -31.63 -18.66 -10.09
CA MET D 123 -30.99 -19.57 -9.15
C MET D 123 -29.97 -18.82 -8.30
N TYR D 124 -29.55 -19.41 -7.19
CA TYR D 124 -28.59 -18.78 -6.30
C TYR D 124 -27.28 -19.56 -6.23
N ASN D 125 -26.17 -18.85 -6.44
CA ASN D 125 -24.84 -19.45 -6.36
C ASN D 125 -24.23 -19.25 -4.97
N ALA D 126 -24.13 -20.35 -4.22
CA ALA D 126 -23.63 -20.29 -2.86
C ALA D 126 -22.26 -19.62 -2.76
N SER D 127 -21.35 -20.02 -3.63
CA SER D 127 -19.98 -19.51 -3.59
C SER D 127 -19.89 -18.03 -3.94
N THR D 128 -20.41 -17.65 -5.09
CA THR D 128 -20.32 -16.27 -5.57
C THR D 128 -21.19 -15.33 -4.74
N GLY D 129 -22.39 -15.78 -4.40
CA GLY D 129 -23.31 -14.97 -3.61
C GLY D 129 -24.21 -14.11 -4.46
N GLU D 130 -24.24 -14.38 -5.76
CA GLU D 130 -25.08 -13.62 -6.69
C GLU D 130 -26.11 -14.51 -7.37
N PHE D 131 -27.19 -13.89 -7.83
CA PHE D 131 -28.30 -14.62 -8.46
C PHE D 131 -28.17 -14.62 -9.97
N VAL D 132 -28.07 -15.82 -10.56
CA VAL D 132 -27.95 -15.95 -12.00
C VAL D 132 -29.29 -16.28 -12.64
N MET D 133 -29.67 -15.53 -13.66
CA MET D 133 -30.96 -15.69 -14.31
C MET D 133 -30.83 -16.20 -15.74
N TRP D 134 -31.44 -17.35 -16.01
CA TRP D 134 -31.43 -17.94 -17.34
C TRP D 134 -32.80 -17.82 -18.00
N MET D 135 -32.81 -17.74 -19.33
CA MET D 135 -34.06 -17.57 -20.06
C MET D 135 -33.93 -17.97 -21.53
N HIS D 136 -35.04 -17.94 -22.24
CA HIS D 136 -35.08 -18.30 -23.65
C HIS D 136 -35.30 -17.04 -24.48
N TRP D 137 -34.43 -16.82 -25.47
CA TRP D 137 -34.47 -15.58 -26.26
C TRP D 137 -34.78 -15.82 -27.73
N GLU D 138 -35.61 -14.94 -28.29
CA GLU D 138 -35.93 -14.96 -29.72
C GLU D 138 -35.90 -13.54 -30.26
N ASN D 139 -35.68 -13.39 -31.57
CA ASN D 139 -35.47 -12.07 -32.16
C ASN D 139 -36.73 -11.20 -32.26
N GLY D 140 -37.90 -11.82 -32.16
CA GLY D 140 -39.15 -11.07 -32.15
C GLY D 140 -39.91 -11.08 -33.47
N ILE D 141 -39.28 -11.62 -34.52
CA ILE D 141 -39.96 -11.74 -35.81
C ILE D 141 -40.10 -13.21 -36.19
N ASN D 142 -39.29 -14.06 -35.59
CA ASN D 142 -39.37 -15.50 -35.79
C ASN D 142 -38.75 -16.28 -34.63
N TYR D 143 -38.65 -17.59 -34.80
CA TYR D 143 -38.07 -18.45 -33.78
C TYR D 143 -36.87 -19.23 -34.31
N GLY D 144 -36.11 -18.60 -35.19
CA GLY D 144 -34.96 -19.25 -35.80
C GLY D 144 -33.73 -19.24 -34.93
N GLN D 145 -33.54 -18.18 -34.17
CA GLN D 145 -32.34 -18.03 -33.34
C GLN D 145 -32.28 -19.09 -32.24
N ALA D 146 -33.38 -19.25 -31.50
CA ALA D 146 -33.43 -20.25 -30.44
C ALA D 146 -32.21 -20.19 -29.54
N ARG D 147 -32.07 -19.09 -28.79
CA ARG D 147 -30.91 -18.91 -27.92
C ARG D 147 -31.28 -18.99 -26.45
N ALA D 148 -30.27 -19.20 -25.61
CA ALA D 148 -30.40 -19.02 -24.18
C ALA D 148 -29.85 -17.65 -23.83
N ALA D 149 -30.31 -17.08 -22.73
CA ALA D 149 -29.84 -15.77 -22.29
C ALA D 149 -29.59 -15.74 -20.80
N VAL D 150 -28.61 -14.93 -20.38
CA VAL D 150 -28.20 -14.90 -18.99
C VAL D 150 -28.13 -13.48 -18.43
N ALA D 151 -28.49 -13.35 -17.16
CA ALA D 151 -28.33 -12.09 -16.43
C ALA D 151 -27.95 -12.40 -15.00
N TYR D 152 -27.45 -11.40 -14.28
CA TYR D 152 -27.04 -11.61 -12.89
C TYR D 152 -27.26 -10.36 -12.04
N SER D 153 -27.37 -10.57 -10.74
CA SER D 153 -27.58 -9.47 -9.80
C SER D 153 -27.12 -9.84 -8.40
N LYS D 154 -26.61 -8.87 -7.66
CA LYS D 154 -26.19 -9.09 -6.29
C LYS D 154 -27.40 -9.36 -5.39
N THR D 155 -28.52 -8.75 -5.72
CA THR D 155 -29.75 -8.90 -4.95
C THR D 155 -30.81 -9.67 -5.74
N PRO D 156 -31.75 -10.31 -5.03
CA PRO D 156 -32.78 -11.13 -5.68
C PRO D 156 -33.88 -10.30 -6.35
N ASP D 157 -34.24 -9.17 -5.76
CA ASP D 157 -35.30 -8.34 -6.31
C ASP D 157 -34.76 -7.05 -6.95
N GLY D 158 -33.44 -6.98 -7.09
CA GLY D 158 -32.80 -5.83 -7.71
C GLY D 158 -32.76 -5.97 -9.22
N LYS D 159 -32.49 -4.86 -9.91
CA LYS D 159 -32.44 -4.88 -11.36
C LYS D 159 -31.22 -5.64 -11.87
N PHE D 160 -31.47 -6.75 -12.55
CA PHE D 160 -30.41 -7.59 -13.10
C PHE D 160 -29.69 -6.89 -14.25
N THR D 161 -28.41 -7.21 -14.43
CA THR D 161 -27.64 -6.68 -15.54
C THR D 161 -27.50 -7.77 -16.61
N TYR D 162 -27.92 -7.44 -17.83
CA TYR D 162 -27.91 -8.40 -18.92
C TYR D 162 -26.49 -8.75 -19.34
N ILE D 163 -26.23 -10.04 -19.55
CA ILE D 163 -24.93 -10.49 -20.03
C ILE D 163 -24.93 -10.65 -21.54
N ARG D 164 -25.60 -11.69 -22.02
CA ARG D 164 -25.63 -11.99 -23.44
C ARG D 164 -26.67 -13.04 -23.79
N SER D 165 -26.81 -13.32 -25.08
CA SER D 165 -27.64 -14.41 -25.56
C SER D 165 -26.83 -15.23 -26.55
N PHE D 166 -26.95 -16.55 -26.48
CA PHE D 166 -26.12 -17.43 -27.29
C PHE D 166 -26.74 -18.81 -27.47
N ARG D 167 -26.28 -19.52 -28.50
CA ARG D 167 -26.64 -20.92 -28.69
C ARG D 167 -25.54 -21.80 -28.13
N PRO D 168 -25.86 -22.60 -27.11
CA PRO D 168 -24.89 -23.45 -26.42
C PRO D 168 -23.97 -24.20 -27.37
N MET D 169 -22.71 -24.34 -26.98
CA MET D 169 -21.73 -25.09 -27.76
C MET D 169 -21.54 -24.49 -29.16
N GLN D 170 -21.61 -23.16 -29.24
CA GLN D 170 -21.45 -22.45 -30.50
C GLN D 170 -20.05 -22.64 -31.09
N ASP D 171 -19.05 -22.72 -30.21
CA ASP D 171 -17.67 -22.76 -30.64
C ASP D 171 -17.12 -24.17 -30.83
N THR D 172 -17.96 -25.18 -30.60
CA THR D 172 -17.54 -26.56 -30.79
C THR D 172 -17.65 -26.98 -32.25
N GLY D 173 -18.24 -26.12 -33.07
CA GLY D 173 -18.38 -26.38 -34.50
C GLY D 173 -19.63 -27.18 -34.82
N VAL D 174 -20.42 -27.48 -33.80
CA VAL D 174 -21.65 -28.25 -33.99
C VAL D 174 -22.71 -27.40 -34.68
N MET D 175 -23.50 -28.03 -35.53
CA MET D 175 -24.55 -27.33 -36.26
C MET D 175 -25.91 -27.94 -35.93
N ASP D 176 -26.86 -27.09 -35.55
CA ASP D 176 -28.20 -27.55 -35.22
C ASP D 176 -29.23 -26.89 -36.12
N HIS D 177 -29.48 -27.50 -37.28
CA HIS D 177 -30.49 -27.03 -38.21
C HIS D 177 -30.19 -25.63 -38.76
N GLY D 178 -29.03 -25.47 -39.40
CA GLY D 178 -28.71 -24.25 -40.10
C GLY D 178 -27.75 -23.30 -39.40
N LEU D 179 -27.84 -23.22 -38.08
CA LEU D 179 -27.02 -22.29 -37.32
C LEU D 179 -26.02 -23.00 -36.41
N PRO D 180 -24.90 -22.33 -36.11
CA PRO D 180 -23.87 -22.87 -35.21
C PRO D 180 -24.39 -22.99 -33.78
N GLY D 181 -24.12 -24.12 -33.15
CA GLY D 181 -24.54 -24.34 -31.77
C GLY D 181 -25.90 -25.02 -31.66
N TYR D 182 -26.13 -25.65 -30.52
CA TYR D 182 -27.39 -26.35 -30.26
C TYR D 182 -28.55 -25.36 -30.12
N MET D 183 -29.72 -25.74 -30.62
CA MET D 183 -30.92 -24.95 -30.43
C MET D 183 -31.30 -24.98 -28.95
N SER D 184 -31.86 -23.87 -28.46
CA SER D 184 -32.27 -23.80 -27.07
C SER D 184 -33.57 -23.02 -26.94
N ARG D 185 -34.68 -23.74 -26.75
CA ARG D 185 -35.98 -23.10 -26.56
C ARG D 185 -36.45 -23.22 -25.11
N ASP D 186 -37.50 -23.99 -24.88
CA ASP D 186 -38.00 -24.19 -23.52
C ASP D 186 -36.85 -24.59 -22.59
N CYS D 187 -36.71 -23.85 -21.50
CA CYS D 187 -35.56 -24.02 -20.61
C CYS D 187 -35.95 -24.07 -19.14
N ASN D 188 -35.00 -24.49 -18.31
CA ASN D 188 -35.19 -24.51 -16.87
C ASN D 188 -33.85 -24.70 -16.16
N VAL D 189 -33.75 -24.24 -14.93
CA VAL D 189 -32.50 -24.32 -14.17
C VAL D 189 -32.64 -25.26 -12.97
N PHE D 190 -31.49 -25.78 -12.52
CA PHE D 190 -31.47 -26.71 -11.39
C PHE D 190 -30.12 -26.72 -10.68
N VAL D 191 -30.15 -26.58 -9.36
CA VAL D 191 -28.94 -26.61 -8.56
C VAL D 191 -28.85 -27.91 -7.77
N ASP D 192 -27.81 -28.69 -8.04
CA ASP D 192 -27.63 -30.00 -7.40
C ASP D 192 -27.15 -29.83 -5.96
N THR D 193 -27.11 -30.95 -5.24
CA THR D 193 -26.66 -30.94 -3.85
C THR D 193 -25.17 -30.66 -3.73
N ASP D 194 -24.41 -31.11 -4.72
CA ASP D 194 -22.95 -30.90 -4.73
C ASP D 194 -22.60 -29.46 -5.05
N GLY D 195 -23.61 -28.67 -5.42
CA GLY D 195 -23.40 -27.27 -5.74
C GLY D 195 -23.22 -27.02 -7.22
N LYS D 196 -23.28 -28.09 -8.00
CA LYS D 196 -23.17 -27.98 -9.46
C LYS D 196 -24.38 -27.26 -10.03
N GLY D 197 -24.13 -26.35 -10.98
CA GLY D 197 -25.19 -25.64 -11.66
C GLY D 197 -25.58 -26.32 -12.95
N TYR D 198 -26.84 -26.26 -13.32
CA TYR D 198 -27.32 -26.91 -14.53
C TYR D 198 -28.36 -26.09 -15.29
N PHE D 199 -28.34 -26.23 -16.61
CA PHE D 199 -29.29 -25.56 -17.48
C PHE D 199 -29.82 -26.55 -18.50
N ILE D 200 -31.13 -26.80 -18.47
CA ILE D 200 -31.75 -27.74 -19.38
C ILE D 200 -32.67 -27.02 -20.36
N SER D 201 -32.58 -27.40 -21.64
CA SER D 201 -33.40 -26.78 -22.67
C SER D 201 -33.67 -27.74 -23.83
N ALA D 202 -34.75 -27.48 -24.56
CA ALA D 202 -35.12 -28.31 -25.70
C ALA D 202 -34.28 -27.96 -26.92
N ALA D 203 -33.62 -28.96 -27.48
CA ALA D 203 -32.73 -28.76 -28.62
C ALA D 203 -33.11 -29.66 -29.79
N ASN D 204 -32.27 -29.65 -30.83
CA ASN D 204 -32.50 -30.46 -32.02
C ASN D 204 -33.92 -30.30 -32.56
N GLU D 205 -34.35 -29.06 -32.69
CA GLU D 205 -35.69 -28.76 -33.20
C GLU D 205 -36.76 -29.28 -32.22
N ASN D 206 -36.49 -29.09 -30.93
CA ASN D 206 -37.43 -29.50 -29.87
C ASN D 206 -37.55 -31.01 -29.69
N MET D 207 -36.83 -31.76 -30.51
CA MET D 207 -36.92 -33.22 -30.47
C MET D 207 -36.20 -33.81 -29.25
N ASP D 208 -35.05 -33.24 -28.92
CA ASP D 208 -34.25 -33.75 -27.80
C ASP D 208 -34.18 -32.75 -26.65
N LEU D 209 -33.84 -33.24 -25.47
CA LEU D 209 -33.58 -32.38 -24.31
C LEU D 209 -32.09 -32.38 -24.00
N HIS D 210 -31.53 -31.19 -23.83
CA HIS D 210 -30.11 -31.05 -23.51
C HIS D 210 -29.90 -30.57 -22.08
N LEU D 211 -29.14 -31.34 -21.30
CA LEU D 211 -28.79 -30.95 -19.95
C LEU D 211 -27.36 -30.43 -19.92
N TYR D 212 -27.21 -29.14 -19.62
CA TYR D 212 -25.88 -28.52 -19.61
C TYR D 212 -25.37 -28.30 -18.19
N GLU D 213 -24.12 -28.65 -17.96
CA GLU D 213 -23.46 -28.33 -16.71
C GLU D 213 -22.87 -26.93 -16.80
N LEU D 214 -23.26 -26.06 -15.87
CA LEU D 214 -22.84 -24.68 -15.92
C LEU D 214 -21.43 -24.49 -15.35
N THR D 215 -20.81 -23.36 -15.67
CA THR D 215 -19.54 -22.99 -15.07
C THR D 215 -19.76 -22.71 -13.59
N PRO D 216 -18.70 -22.82 -12.78
CA PRO D 216 -18.80 -22.65 -11.32
C PRO D 216 -19.57 -21.40 -10.88
N ASP D 217 -19.60 -20.37 -11.73
CA ASP D 217 -20.30 -19.13 -11.37
C ASP D 217 -21.72 -19.07 -11.95
N TYR D 218 -22.15 -20.16 -12.57
CA TYR D 218 -23.50 -20.29 -13.11
C TYR D 218 -23.79 -19.35 -14.28
N LYS D 219 -22.85 -18.47 -14.60
CA LYS D 219 -23.09 -17.44 -15.61
C LYS D 219 -22.75 -17.87 -17.03
N ASN D 220 -22.41 -19.15 -17.20
CA ASN D 220 -22.07 -19.67 -18.53
C ASN D 220 -22.17 -21.20 -18.57
N ILE D 221 -22.19 -21.75 -19.78
CA ILE D 221 -22.29 -23.19 -19.96
C ILE D 221 -20.93 -23.85 -20.08
N ALA D 222 -20.66 -24.81 -19.20
CA ALA D 222 -19.38 -25.49 -19.17
C ALA D 222 -19.31 -26.64 -20.17
N SER D 223 -20.27 -27.57 -20.09
CA SER D 223 -20.28 -28.71 -20.99
C SER D 223 -21.66 -29.35 -21.11
N LEU D 224 -21.78 -30.31 -22.01
CA LEU D 224 -23.02 -31.05 -22.21
C LEU D 224 -23.06 -32.28 -21.31
N LYS D 225 -23.90 -32.24 -20.28
CA LYS D 225 -24.00 -33.34 -19.32
C LYS D 225 -24.58 -34.59 -19.98
N ALA D 226 -25.73 -34.45 -20.62
CA ALA D 226 -26.40 -35.58 -21.25
C ALA D 226 -27.53 -35.16 -22.18
N LYS D 227 -27.82 -36.01 -23.17
CA LYS D 227 -28.97 -35.84 -24.04
C LYS D 227 -30.10 -36.72 -23.54
N LEU D 228 -31.21 -36.11 -23.13
CA LEU D 228 -32.31 -36.84 -22.52
C LEU D 228 -33.54 -36.93 -23.41
N PHE D 229 -34.09 -38.13 -23.53
CA PHE D 229 -35.33 -38.36 -24.25
C PHE D 229 -35.24 -37.91 -25.70
N VAL D 230 -34.23 -38.39 -26.41
CA VAL D 230 -34.05 -38.03 -27.81
C VAL D 230 -35.23 -38.51 -28.66
N GLY D 231 -35.76 -37.63 -29.49
CA GLY D 231 -36.88 -37.96 -30.35
C GLY D 231 -38.21 -38.01 -29.63
N GLN D 232 -38.18 -37.95 -28.30
CA GLN D 232 -39.39 -37.98 -27.50
C GLN D 232 -40.16 -36.66 -27.59
N GLN D 233 -39.45 -35.61 -27.99
CA GLN D 233 -40.06 -34.30 -28.19
C GLN D 233 -40.78 -33.80 -26.94
N ARG D 234 -40.07 -33.83 -25.81
CA ARG D 234 -40.63 -33.35 -24.55
C ARG D 234 -40.29 -31.87 -24.32
N GLU D 235 -41.24 -31.11 -23.81
CA GLU D 235 -41.06 -29.67 -23.63
C GLU D 235 -41.31 -29.25 -22.18
N ALA D 236 -41.27 -27.95 -21.94
CA ALA D 236 -41.47 -27.37 -20.62
C ALA D 236 -40.91 -28.25 -19.50
N PRO D 237 -39.61 -28.53 -19.56
CA PRO D 237 -38.98 -29.43 -18.58
C PRO D 237 -38.81 -28.79 -17.21
N CYS D 238 -39.04 -29.57 -16.17
CA CYS D 238 -38.82 -29.13 -14.79
C CYS D 238 -37.96 -30.15 -14.06
N LEU D 239 -36.80 -29.70 -13.56
CA LEU D 239 -35.87 -30.62 -12.91
C LEU D 239 -35.80 -30.38 -11.41
N ILE D 240 -36.09 -31.42 -10.63
CA ILE D 240 -36.03 -31.36 -9.18
C ILE D 240 -35.40 -32.62 -8.59
N LYS D 241 -35.16 -32.60 -7.28
CA LYS D 241 -34.54 -33.72 -6.60
C LYS D 241 -35.24 -34.00 -5.26
N ARG D 242 -35.38 -35.26 -4.90
CA ARG D 242 -36.08 -35.65 -3.68
C ARG D 242 -35.16 -36.31 -2.66
N ASN D 243 -35.07 -37.63 -2.72
CA ASN D 243 -34.24 -38.39 -1.79
C ASN D 243 -33.16 -39.16 -2.53
N GLY D 244 -32.20 -38.44 -3.08
CA GLY D 244 -31.15 -39.04 -3.89
C GLY D 244 -31.71 -39.45 -5.24
N TYR D 245 -32.89 -38.92 -5.56
CA TYR D 245 -33.55 -39.21 -6.82
C TYR D 245 -33.74 -37.95 -7.66
N TYR D 246 -33.45 -38.05 -8.95
CA TYR D 246 -33.69 -36.96 -9.88
C TYR D 246 -35.00 -37.19 -10.63
N TYR D 247 -35.86 -36.18 -10.63
CA TYR D 247 -37.13 -36.26 -11.34
C TYR D 247 -37.24 -35.19 -12.41
N LEU D 248 -37.83 -35.55 -13.54
CA LEU D 248 -38.00 -34.60 -14.65
C LEU D 248 -39.43 -34.61 -15.19
N ILE D 249 -40.16 -33.53 -14.91
CA ILE D 249 -41.52 -33.38 -15.41
C ILE D 249 -41.53 -32.59 -16.71
N THR D 250 -41.99 -33.23 -17.79
CA THR D 250 -42.02 -32.59 -19.10
C THR D 250 -43.41 -32.63 -19.73
N SER D 251 -43.75 -31.56 -20.45
CA SER D 251 -45.01 -31.51 -21.18
C SER D 251 -44.80 -32.00 -22.60
N GLY D 252 -45.89 -32.07 -23.36
CA GLY D 252 -45.82 -32.42 -24.76
C GLY D 252 -45.69 -31.17 -25.61
N CYS D 253 -45.33 -31.35 -26.88
CA CYS D 253 -45.13 -30.22 -27.77
C CYS D 253 -46.35 -30.00 -28.67
N THR D 254 -47.31 -29.22 -28.18
CA THR D 254 -48.51 -28.94 -28.94
C THR D 254 -48.98 -27.49 -28.76
N GLY D 255 -48.03 -26.56 -28.78
CA GLY D 255 -48.35 -25.14 -28.67
C GLY D 255 -49.09 -24.79 -27.41
N TRP D 256 -50.09 -23.91 -27.54
CA TRP D 256 -50.89 -23.50 -26.39
C TRP D 256 -51.74 -24.64 -25.86
N ASN D 257 -52.07 -25.59 -26.73
CA ASN D 257 -52.91 -26.72 -26.37
C ASN D 257 -52.37 -27.50 -25.17
N PRO D 258 -53.10 -27.47 -24.05
CA PRO D 258 -52.73 -28.27 -22.87
C PRO D 258 -52.68 -29.75 -23.25
N ASN D 259 -51.77 -30.50 -22.62
CA ASN D 259 -51.59 -31.90 -22.97
C ASN D 259 -51.09 -32.74 -21.80
N GLN D 260 -50.84 -34.02 -22.05
CA GLN D 260 -50.44 -34.95 -21.00
C GLN D 260 -49.03 -34.68 -20.48
N ALA D 261 -48.94 -34.30 -19.20
CA ALA D 261 -47.65 -34.13 -18.54
C ALA D 261 -47.11 -35.50 -18.15
N LYS D 262 -45.81 -35.70 -18.32
CA LYS D 262 -45.18 -36.96 -17.95
C LYS D 262 -43.98 -36.72 -17.04
N TYR D 263 -43.54 -37.77 -16.35
CA TYR D 263 -42.38 -37.67 -15.47
C TYR D 263 -41.45 -38.86 -15.62
N ALA D 264 -40.20 -38.67 -15.24
CA ALA D 264 -39.21 -39.74 -15.25
C ALA D 264 -38.25 -39.56 -14.09
N TYR D 265 -37.65 -40.66 -13.65
CA TYR D 265 -36.74 -40.62 -12.51
C TYR D 265 -35.42 -41.30 -12.83
N SER D 266 -34.39 -40.97 -12.04
CA SER D 266 -33.07 -41.57 -12.23
C SER D 266 -32.17 -41.33 -11.02
N LYS D 267 -31.24 -42.25 -10.80
CA LYS D 267 -30.27 -42.13 -9.72
C LYS D 267 -29.19 -41.13 -10.10
N ASP D 268 -28.85 -41.12 -11.38
CA ASP D 268 -27.80 -40.24 -11.89
C ASP D 268 -28.32 -39.35 -13.01
N LEU D 269 -27.76 -38.15 -13.12
CA LEU D 269 -28.19 -37.19 -14.14
C LEU D 269 -27.76 -37.60 -15.55
N ALA D 270 -26.58 -38.20 -15.65
CA ALA D 270 -26.01 -38.54 -16.95
C ALA D 270 -26.71 -39.73 -17.62
N SER D 271 -27.23 -40.64 -16.82
CA SER D 271 -27.89 -41.83 -17.36
C SER D 271 -28.77 -42.51 -16.31
N GLY D 272 -29.32 -43.67 -16.67
CA GLY D 272 -30.17 -44.42 -15.77
C GLY D 272 -31.55 -43.82 -15.63
N TRP D 273 -31.98 -43.10 -16.66
CA TRP D 273 -33.30 -42.47 -16.64
C TRP D 273 -34.40 -43.46 -17.01
N SER D 274 -35.51 -43.40 -16.29
CA SER D 274 -36.64 -44.28 -16.55
C SER D 274 -37.47 -43.77 -17.72
N GLN D 275 -38.43 -44.58 -18.15
CA GLN D 275 -39.34 -44.20 -19.22
C GLN D 275 -40.32 -43.15 -18.72
N LEU D 276 -41.04 -42.51 -19.64
CA LEU D 276 -42.02 -41.50 -19.27
C LEU D 276 -43.24 -42.12 -18.61
N TYR D 277 -43.72 -41.49 -17.54
CA TYR D 277 -44.91 -41.96 -16.85
C TYR D 277 -45.96 -40.85 -16.75
N ASN D 278 -47.20 -41.18 -17.09
CA ASN D 278 -48.29 -40.22 -17.05
C ASN D 278 -48.40 -39.48 -15.72
N LEU D 279 -48.70 -38.19 -15.79
CA LEU D 279 -48.84 -37.35 -14.62
C LEU D 279 -50.02 -36.40 -14.79
N GLY D 280 -51.07 -36.62 -14.02
CA GLY D 280 -52.29 -35.85 -14.14
C GLY D 280 -53.15 -36.36 -15.28
N ASN D 281 -54.19 -35.59 -15.63
CA ASN D 281 -55.06 -35.98 -16.73
C ASN D 281 -54.48 -35.60 -18.09
N SER D 282 -55.24 -35.88 -19.15
CA SER D 282 -54.76 -35.69 -20.51
C SER D 282 -54.44 -34.23 -20.84
N THR D 283 -54.90 -33.32 -20.00
CA THR D 283 -54.68 -31.89 -20.25
C THR D 283 -53.91 -31.23 -19.11
N THR D 284 -53.33 -32.04 -18.24
CA THR D 284 -52.63 -31.53 -17.05
C THR D 284 -53.51 -30.49 -16.36
N TYR D 285 -54.80 -30.75 -16.31
CA TYR D 285 -55.76 -29.84 -15.70
C TYR D 285 -55.68 -28.47 -16.34
N ARG D 286 -55.72 -28.46 -17.66
CA ARG D 286 -55.65 -27.23 -18.44
C ARG D 286 -54.50 -26.32 -18.00
N SER D 287 -53.29 -26.86 -18.02
CA SER D 287 -52.10 -26.10 -17.67
C SER D 287 -50.86 -26.72 -18.27
N GLN D 288 -49.78 -25.95 -18.31
CA GLN D 288 -48.50 -26.45 -18.78
C GLN D 288 -47.44 -26.22 -17.71
N PRO D 289 -46.71 -27.29 -17.35
CA PRO D 289 -45.65 -27.22 -16.34
C PRO D 289 -44.70 -26.06 -16.62
N THR D 290 -44.25 -25.39 -15.56
CA THR D 290 -43.30 -24.29 -15.69
C THR D 290 -42.15 -24.40 -14.69
N PHE D 291 -42.48 -24.78 -13.45
CA PHE D 291 -41.47 -24.92 -12.40
C PHE D 291 -42.02 -25.64 -11.18
N ILE D 292 -41.12 -26.31 -10.45
CA ILE D 292 -41.50 -27.04 -9.24
C ILE D 292 -40.51 -26.74 -8.12
N ILE D 293 -41.03 -26.32 -6.98
CA ILE D 293 -40.19 -25.93 -5.85
C ILE D 293 -40.52 -26.67 -4.57
N PRO D 294 -39.51 -27.22 -3.90
CA PRO D 294 -39.66 -27.89 -2.60
C PRO D 294 -39.99 -26.89 -1.50
N VAL D 295 -41.10 -27.09 -0.82
CA VAL D 295 -41.51 -26.20 0.26
C VAL D 295 -41.30 -26.85 1.62
N GLN D 296 -40.24 -26.45 2.32
CA GLN D 296 -39.91 -27.02 3.62
C GLN D 296 -40.62 -26.30 4.76
N GLY D 297 -41.13 -27.07 5.72
CA GLY D 297 -41.81 -26.51 6.87
C GLY D 297 -41.49 -27.25 8.15
N SER D 298 -42.16 -26.87 9.24
CA SER D 298 -41.93 -27.49 10.53
C SER D 298 -42.21 -29.00 10.51
N SER D 299 -43.38 -29.37 10.00
CA SER D 299 -43.79 -30.77 9.97
C SER D 299 -43.09 -31.56 8.87
N GLY D 300 -42.58 -30.87 7.86
CA GLY D 300 -41.88 -31.51 6.78
C GLY D 300 -41.92 -30.71 5.49
N THR D 301 -41.29 -31.25 4.45
CA THR D 301 -41.25 -30.58 3.16
C THR D 301 -42.24 -31.20 2.17
N SER D 302 -42.88 -30.36 1.36
CA SER D 302 -43.83 -30.82 0.37
C SER D 302 -43.76 -29.96 -0.88
N TYR D 303 -43.55 -30.62 -2.03
CA TYR D 303 -43.27 -29.92 -3.28
C TYR D 303 -44.48 -29.19 -3.87
N LEU D 304 -44.22 -28.01 -4.42
CA LEU D 304 -45.25 -27.20 -5.06
C LEU D 304 -45.10 -27.22 -6.57
N TYR D 305 -46.16 -27.63 -7.27
CA TYR D 305 -46.16 -27.61 -8.73
C TYR D 305 -46.72 -26.29 -9.26
N MET D 306 -45.98 -25.66 -10.16
CA MET D 306 -46.44 -24.44 -10.80
C MET D 306 -46.67 -24.69 -12.30
N GLY D 307 -47.82 -24.25 -12.79
CA GLY D 307 -48.17 -24.44 -14.18
C GLY D 307 -48.88 -23.24 -14.76
N ASP D 308 -48.78 -23.08 -16.07
CA ASP D 308 -49.41 -21.96 -16.76
C ASP D 308 -50.63 -22.42 -17.56
N ARG D 309 -51.75 -21.73 -17.34
CA ARG D 309 -52.91 -21.92 -18.19
C ARG D 309 -52.94 -20.78 -19.20
N TRP D 310 -52.40 -21.04 -20.39
CA TRP D 310 -52.22 -20.01 -21.40
C TRP D 310 -53.54 -19.56 -22.02
N ALA D 311 -53.74 -18.25 -22.08
CA ALA D 311 -54.95 -17.68 -22.67
C ALA D 311 -54.99 -17.93 -24.18
N GLY D 312 -53.84 -18.23 -24.75
CA GLY D 312 -53.75 -18.53 -26.17
C GLY D 312 -54.63 -19.70 -26.56
N ALA D 313 -54.96 -20.53 -25.57
CA ALA D 313 -55.81 -21.69 -25.80
C ALA D 313 -57.20 -21.28 -26.25
N TRP D 314 -57.66 -20.14 -25.77
CA TRP D 314 -58.99 -19.65 -26.13
C TRP D 314 -58.91 -18.32 -26.90
N GLY D 315 -57.80 -18.10 -27.58
CA GLY D 315 -57.62 -16.92 -28.41
C GLY D 315 -57.34 -15.65 -27.63
N GLY D 316 -56.93 -15.80 -26.38
CA GLY D 316 -56.62 -14.66 -25.54
C GLY D 316 -55.15 -14.30 -25.57
N LYS D 317 -54.85 -13.05 -25.22
CA LYS D 317 -53.47 -12.56 -25.15
C LYS D 317 -52.69 -13.31 -24.08
N VAL D 318 -51.37 -13.32 -24.20
CA VAL D 318 -50.52 -13.99 -23.24
C VAL D 318 -50.67 -13.40 -21.84
N ASN D 319 -50.89 -12.09 -21.77
CA ASN D 319 -51.06 -11.41 -20.49
C ASN D 319 -52.30 -11.86 -19.74
N ASP D 320 -53.30 -12.32 -20.46
CA ASP D 320 -54.56 -12.77 -19.86
C ASP D 320 -54.44 -14.19 -19.32
N SER D 321 -53.27 -14.80 -19.49
CA SER D 321 -53.04 -16.16 -19.01
C SER D 321 -53.25 -16.27 -17.51
N GLN D 322 -53.48 -17.49 -17.04
CA GLN D 322 -53.74 -17.74 -15.63
C GLN D 322 -52.72 -18.73 -15.05
N TYR D 323 -52.83 -18.99 -13.75
CA TYR D 323 -51.88 -19.87 -13.08
C TYR D 323 -52.59 -21.03 -12.39
N VAL D 324 -51.91 -22.17 -12.35
CA VAL D 324 -52.46 -23.35 -11.70
C VAL D 324 -51.40 -24.01 -10.81
N TRP D 325 -51.52 -23.80 -9.50
CA TRP D 325 -50.62 -24.40 -8.54
C TRP D 325 -51.26 -25.62 -7.88
N LEU D 326 -50.52 -26.72 -7.85
CA LEU D 326 -51.03 -27.96 -7.30
C LEU D 326 -49.95 -28.72 -6.54
N PRO D 327 -50.34 -29.45 -5.50
CA PRO D 327 -49.42 -30.27 -4.70
C PRO D 327 -48.87 -31.45 -5.48
N LEU D 328 -47.54 -31.59 -5.51
CA LEU D 328 -46.91 -32.74 -6.13
C LEU D 328 -46.61 -33.80 -5.07
N ASN D 329 -47.41 -34.86 -5.05
CA ASN D 329 -47.27 -35.88 -4.02
C ASN D 329 -46.43 -37.07 -4.48
N PHE D 330 -45.51 -37.51 -3.62
CA PHE D 330 -44.67 -38.66 -3.91
C PHE D 330 -45.15 -39.90 -3.16
N ILE D 331 -46.11 -40.61 -3.77
CA ILE D 331 -46.61 -41.85 -3.19
C ILE D 331 -45.48 -42.84 -2.99
N SER D 332 -44.52 -42.83 -3.90
CA SER D 332 -43.36 -43.72 -3.83
C SER D 332 -42.14 -43.03 -4.41
N ASP D 333 -40.99 -43.70 -4.34
CA ASP D 333 -39.77 -43.17 -4.96
C ASP D 333 -39.85 -43.28 -6.48
N THR D 334 -40.82 -44.05 -6.97
CA THR D 334 -40.98 -44.25 -8.39
C THR D 334 -42.42 -43.99 -8.85
N THR D 335 -43.22 -43.41 -7.95
CA THR D 335 -44.61 -43.12 -8.26
C THR D 335 -45.03 -41.75 -7.75
N LEU D 336 -45.39 -40.86 -8.67
CA LEU D 336 -45.82 -39.51 -8.31
C LEU D 336 -47.30 -39.28 -8.63
N GLU D 337 -47.87 -38.24 -8.03
CA GLU D 337 -49.27 -37.90 -8.26
C GLU D 337 -49.47 -36.40 -8.29
N LEU D 338 -50.19 -35.93 -9.31
CA LEU D 338 -50.54 -34.52 -9.41
C LEU D 338 -52.05 -34.37 -9.47
N PRO D 339 -52.70 -34.27 -8.29
CA PRO D 339 -54.15 -34.11 -8.21
C PRO D 339 -54.57 -32.66 -8.42
N TYR D 340 -55.83 -32.45 -8.79
CA TYR D 340 -56.34 -31.10 -8.97
C TYR D 340 -57.35 -30.73 -7.88
N TYR D 341 -57.14 -29.57 -7.27
CA TYR D 341 -58.07 -29.04 -6.28
C TYR D 341 -58.43 -27.62 -6.67
N ASP D 342 -59.72 -27.36 -6.82
CA ASP D 342 -60.19 -26.02 -7.19
C ASP D 342 -59.59 -24.97 -6.25
N SER D 343 -59.37 -25.39 -5.00
CA SER D 343 -58.72 -24.54 -4.00
C SER D 343 -57.68 -25.35 -3.24
N VAL D 344 -56.52 -24.76 -3.00
CA VAL D 344 -55.43 -25.46 -2.34
C VAL D 344 -54.93 -24.75 -1.08
N LYS D 345 -54.95 -25.48 0.04
CA LYS D 345 -54.45 -24.96 1.31
C LYS D 345 -52.93 -25.10 1.38
N ILE D 346 -52.26 -23.97 1.58
CA ILE D 346 -50.79 -23.97 1.68
C ILE D 346 -50.32 -23.15 2.87
N ASP D 347 -49.58 -23.81 3.76
CA ASP D 347 -48.99 -23.14 4.91
C ASP D 347 -47.48 -23.29 4.86
N ALA D 348 -46.80 -22.22 4.46
CA ALA D 348 -45.35 -22.24 4.28
C ALA D 348 -44.62 -22.61 5.57
N SER D 349 -45.06 -22.03 6.68
CA SER D 349 -44.43 -22.28 7.98
C SER D 349 -44.41 -23.76 8.32
N SER D 350 -45.58 -24.40 8.27
CA SER D 350 -45.68 -25.82 8.56
C SER D 350 -45.14 -26.65 7.40
N GLY D 351 -45.20 -26.09 6.20
CA GLY D 351 -44.71 -26.77 5.01
C GLY D 351 -45.67 -27.83 4.51
N ILE D 352 -46.95 -27.47 4.41
CA ILE D 352 -47.97 -28.41 3.97
C ILE D 352 -48.75 -27.89 2.76
N ILE D 353 -48.94 -28.76 1.77
CA ILE D 353 -49.78 -28.47 0.63
C ILE D 353 -50.93 -29.49 0.56
N SER D 354 -52.15 -28.99 0.44
CA SER D 354 -53.32 -29.86 0.45
C SER D 354 -54.55 -29.21 -0.16
N GLU D 355 -55.66 -29.93 -0.14
CA GLU D 355 -56.93 -29.42 -0.64
C GLU D 355 -57.62 -28.56 0.42
N TYR D 356 -58.31 -27.52 -0.02
CA TYR D 356 -59.03 -26.65 0.89
C TYR D 356 -60.49 -27.06 1.02
N ILE D 357 -60.85 -27.57 2.20
CA ILE D 357 -62.21 -28.01 2.46
C ILE D 357 -62.95 -27.01 3.34
N PRO D 358 -63.86 -26.22 2.75
CA PRO D 358 -64.65 -25.22 3.48
C PRO D 358 -65.53 -25.86 4.54
N ASP D 359 -65.86 -27.14 4.35
CA ASP D 359 -66.73 -27.85 5.28
C ASP D 359 -66.11 -29.18 5.71
N THR D 360 -65.47 -29.19 6.87
CA THR D 360 -64.73 -30.35 7.35
C THR D 360 -65.63 -31.39 8.02
N THR D 361 -66.92 -31.09 8.13
CA THR D 361 -67.86 -32.00 8.77
C THR D 361 -67.75 -33.41 8.17
N ARG D 362 -67.73 -34.41 9.04
CA ARG D 362 -67.57 -35.80 8.62
C ARG D 362 -68.89 -36.55 8.61
N TYR D 363 -69.21 -37.17 7.49
CA TYR D 363 -70.47 -37.90 7.34
C TYR D 363 -70.25 -39.39 7.07
N LYS D 364 -71.30 -40.18 7.25
CA LYS D 364 -71.28 -41.59 6.89
C LYS D 364 -72.51 -41.95 6.06
N LEU D 365 -72.28 -42.56 4.91
CA LEU D 365 -73.36 -42.86 3.96
C LEU D 365 -73.95 -44.25 4.19
N VAL D 366 -75.11 -44.30 4.84
CA VAL D 366 -75.78 -45.56 5.09
C VAL D 366 -76.74 -45.90 3.95
N ASN D 367 -77.16 -47.16 3.88
CA ASN D 367 -78.05 -47.62 2.82
C ASN D 367 -79.31 -48.28 3.39
N LYS D 368 -80.42 -48.15 2.67
CA LYS D 368 -81.68 -48.72 3.12
C LYS D 368 -81.61 -50.23 3.30
N ASN D 369 -81.58 -50.96 2.20
CA ASN D 369 -81.55 -52.42 2.24
C ASN D 369 -80.41 -52.96 3.08
N SER D 370 -79.18 -52.59 2.73
CA SER D 370 -78.00 -53.11 3.39
C SER D 370 -78.00 -52.81 4.89
N GLY D 371 -78.60 -51.70 5.27
CA GLY D 371 -78.60 -51.27 6.66
C GLY D 371 -77.19 -51.01 7.14
N LYS D 372 -76.29 -50.77 6.19
CA LYS D 372 -74.89 -50.50 6.50
C LYS D 372 -74.41 -49.25 5.79
N VAL D 373 -73.21 -48.79 6.13
CA VAL D 373 -72.67 -47.56 5.58
C VAL D 373 -71.60 -47.81 4.53
N LEU D 374 -71.16 -46.74 3.86
CA LEU D 374 -70.15 -46.85 2.81
C LEU D 374 -68.75 -46.92 3.40
N ASP D 375 -67.84 -47.59 2.68
CA ASP D 375 -66.51 -47.87 3.19
C ASP D 375 -65.54 -48.14 2.04
N VAL D 376 -64.26 -48.18 2.35
CA VAL D 376 -63.24 -48.52 1.35
C VAL D 376 -62.71 -49.94 1.59
N LEU D 377 -62.71 -50.76 0.55
CA LEU D 377 -62.29 -52.15 0.66
C LEU D 377 -60.96 -52.28 1.38
N ASP D 378 -60.95 -53.07 2.46
CA ASP D 378 -59.74 -53.32 3.23
C ASP D 378 -59.23 -52.04 3.90
N GLY D 379 -59.98 -50.95 3.74
CA GLY D 379 -59.53 -49.66 4.21
C GLY D 379 -58.18 -49.32 3.60
N SER D 380 -58.12 -49.39 2.28
CA SER D 380 -56.86 -49.19 1.56
C SER D 380 -56.65 -47.73 1.14
N VAL D 381 -55.44 -47.23 1.40
CA VAL D 381 -55.08 -45.87 1.00
C VAL D 381 -54.28 -45.89 -0.29
N ASP D 382 -54.39 -47.00 -1.03
CA ASP D 382 -53.72 -47.15 -2.31
C ASP D 382 -54.73 -46.91 -3.44
N ASN D 383 -54.35 -46.10 -4.42
CA ASN D 383 -55.24 -45.81 -5.55
C ASN D 383 -55.75 -47.07 -6.23
N ALA D 384 -56.89 -46.94 -6.91
CA ALA D 384 -57.58 -48.08 -7.50
C ALA D 384 -58.17 -48.97 -6.41
N ALA D 385 -58.22 -48.45 -5.19
CA ALA D 385 -58.81 -49.17 -4.07
C ALA D 385 -60.30 -49.33 -4.28
N GLN D 386 -60.78 -50.56 -4.23
CA GLN D 386 -62.19 -50.86 -4.43
C GLN D 386 -63.05 -50.28 -3.32
N ILE D 387 -64.26 -49.88 -3.66
CA ILE D 387 -65.20 -49.35 -2.68
C ILE D 387 -66.21 -50.40 -2.27
N VAL D 388 -66.48 -50.50 -0.98
CA VAL D 388 -67.44 -51.46 -0.46
C VAL D 388 -68.28 -50.84 0.65
N GLN D 389 -69.30 -51.57 1.10
CA GLN D 389 -70.17 -51.10 2.17
C GLN D 389 -70.15 -52.06 3.36
N TRP D 390 -69.51 -51.63 4.45
CA TRP D 390 -69.39 -52.44 5.65
C TRP D 390 -70.30 -51.97 6.77
N THR D 391 -70.55 -52.85 7.74
CA THR D 391 -71.28 -52.48 8.95
C THR D 391 -70.59 -51.30 9.62
N ASP D 392 -71.35 -50.52 10.38
CA ASP D 392 -70.80 -49.38 11.09
C ASP D 392 -69.71 -49.84 12.06
N ASN D 393 -68.46 -49.60 11.67
CA ASN D 393 -67.32 -50.04 12.48
C ASN D 393 -66.63 -48.87 13.19
N GLY D 394 -67.06 -47.65 12.85
CA GLY D 394 -66.42 -46.46 13.38
C GLY D 394 -65.08 -46.24 12.71
N SER D 395 -64.75 -47.11 11.77
CA SER D 395 -63.49 -47.04 11.03
C SER D 395 -63.36 -45.72 10.29
N LEU D 396 -62.12 -45.31 10.02
CA LEU D 396 -61.86 -44.04 9.34
C LEU D 396 -62.06 -44.17 7.83
N SER D 397 -62.81 -45.19 7.43
CA SER D 397 -63.10 -45.42 6.02
C SER D 397 -64.57 -45.15 5.72
N GLN D 398 -65.33 -44.81 6.76
CA GLN D 398 -66.76 -44.56 6.62
C GLN D 398 -67.08 -43.06 6.67
N GLN D 399 -66.11 -42.25 7.08
CA GLN D 399 -66.29 -40.81 7.12
C GLN D 399 -65.84 -40.16 5.81
N TRP D 400 -66.66 -39.24 5.30
CA TRP D 400 -66.39 -38.61 4.02
C TRP D 400 -66.68 -37.11 4.06
N TYR D 401 -65.99 -36.35 3.22
CA TYR D 401 -66.20 -34.91 3.13
C TYR D 401 -67.18 -34.57 2.03
N LEU D 402 -67.70 -33.34 2.06
CA LEU D 402 -68.58 -32.85 1.00
C LEU D 402 -68.04 -31.58 0.36
N VAL D 403 -67.33 -31.74 -0.74
CA VAL D 403 -66.79 -30.60 -1.49
C VAL D 403 -67.68 -30.31 -2.70
N ASP D 404 -68.17 -29.07 -2.79
CA ASP D 404 -69.10 -28.69 -3.85
C ASP D 404 -68.37 -28.25 -5.11
N VAL D 405 -68.67 -28.93 -6.22
CA VAL D 405 -68.07 -28.61 -7.51
C VAL D 405 -69.13 -28.17 -8.51
N GLY D 406 -68.98 -26.97 -9.04
CA GLY D 406 -69.94 -26.43 -9.99
C GLY D 406 -71.17 -25.85 -9.31
N GLY D 407 -72.33 -26.02 -9.96
CA GLY D 407 -73.57 -25.46 -9.46
C GLY D 407 -74.18 -26.25 -8.31
N GLY D 408 -74.39 -27.54 -8.53
CA GLY D 408 -75.03 -28.39 -7.54
C GLY D 408 -74.30 -29.68 -7.23
N TYR D 409 -73.49 -30.14 -8.17
CA TYR D 409 -72.74 -31.38 -8.01
C TYR D 409 -71.67 -31.28 -6.92
N LYS D 410 -71.41 -32.38 -6.23
CA LYS D 410 -70.44 -32.42 -5.16
C LYS D 410 -69.62 -33.71 -5.20
N LYS D 411 -68.39 -33.65 -4.72
CA LYS D 411 -67.49 -34.79 -4.74
C LYS D 411 -67.32 -35.41 -3.36
N ILE D 412 -67.45 -36.73 -3.28
CA ILE D 412 -67.31 -37.45 -2.01
C ILE D 412 -65.85 -37.84 -1.79
N VAL D 413 -65.28 -37.36 -0.69
CA VAL D 413 -63.87 -37.60 -0.41
C VAL D 413 -63.70 -38.42 0.86
N ASN D 414 -62.57 -39.14 0.96
CA ASN D 414 -62.32 -39.98 2.12
C ASN D 414 -61.36 -39.30 3.10
N VAL D 415 -61.57 -39.53 4.39
CA VAL D 415 -60.74 -38.93 5.43
C VAL D 415 -59.42 -39.67 5.57
N LYS D 416 -59.50 -41.00 5.58
CA LYS D 416 -58.32 -41.85 5.72
C LYS D 416 -57.31 -41.62 4.60
N SER D 417 -57.70 -42.00 3.39
CA SER D 417 -56.83 -41.84 2.22
C SER D 417 -56.81 -40.40 1.74
N GLY D 418 -57.93 -39.92 1.22
CA GLY D 418 -58.03 -38.56 0.71
C GLY D 418 -58.46 -38.50 -0.74
N ARG D 419 -58.85 -39.65 -1.29
CA ARG D 419 -59.29 -39.72 -2.67
C ARG D 419 -60.79 -39.47 -2.79
N ALA D 420 -61.23 -39.11 -4.00
CA ALA D 420 -62.64 -38.89 -4.25
C ALA D 420 -63.28 -40.11 -4.90
N LEU D 421 -64.56 -40.31 -4.62
CA LEU D 421 -65.29 -41.44 -5.19
C LEU D 421 -65.34 -41.30 -6.70
N ASP D 422 -64.76 -42.27 -7.40
CA ASP D 422 -64.63 -42.18 -8.85
C ASP D 422 -65.13 -43.44 -9.56
N VAL D 423 -65.90 -43.24 -10.63
CA VAL D 423 -66.35 -44.35 -11.46
C VAL D 423 -65.19 -44.88 -12.29
N LYS D 424 -64.80 -46.13 -12.02
CA LYS D 424 -63.65 -46.72 -12.69
C LYS D 424 -63.76 -46.66 -14.22
N ASP D 425 -62.76 -46.05 -14.85
CA ASP D 425 -62.71 -45.94 -16.30
C ASP D 425 -63.85 -45.09 -16.86
N GLU D 426 -64.42 -44.24 -16.00
CA GLU D 426 -65.52 -43.37 -16.41
C GLU D 426 -66.61 -44.16 -17.14
N SER D 427 -66.89 -45.36 -16.64
CA SER D 427 -67.86 -46.25 -17.28
C SER D 427 -69.24 -45.60 -17.40
N LYS D 428 -69.79 -45.65 -18.61
CA LYS D 428 -71.12 -45.09 -18.85
C LYS D 428 -72.14 -46.23 -18.94
N GLU D 429 -71.66 -47.45 -18.77
CA GLU D 429 -72.50 -48.64 -18.81
C GLU D 429 -73.01 -49.02 -17.42
N ASP D 430 -74.11 -49.76 -17.39
CA ASP D 430 -74.61 -50.29 -16.13
C ASP D 430 -73.69 -51.40 -15.63
N GLY D 431 -73.63 -51.55 -14.31
CA GLY D 431 -72.78 -52.55 -13.70
C GLY D 431 -71.32 -52.13 -13.66
N GLY D 432 -71.09 -50.83 -13.65
CA GLY D 432 -69.74 -50.29 -13.60
C GLY D 432 -69.19 -50.25 -12.19
N VAL D 433 -68.06 -50.92 -11.99
CA VAL D 433 -67.41 -50.98 -10.68
C VAL D 433 -67.04 -49.58 -10.19
N LEU D 434 -67.04 -49.40 -8.87
CA LEU D 434 -66.74 -48.11 -8.27
C LEU D 434 -65.49 -48.18 -7.39
N ILE D 435 -64.63 -47.18 -7.51
CA ILE D 435 -63.40 -47.13 -6.72
C ILE D 435 -63.04 -45.70 -6.33
N GLN D 436 -62.16 -45.55 -5.35
CA GLN D 436 -61.65 -44.24 -4.97
C GLN D 436 -60.47 -43.90 -5.86
N TYR D 437 -60.26 -42.61 -6.11
CA TYR D 437 -59.19 -42.19 -7.02
C TYR D 437 -58.78 -40.74 -6.76
N THR D 438 -57.54 -40.42 -7.10
CA THR D 438 -57.02 -39.07 -6.93
C THR D 438 -57.87 -38.07 -7.72
N SER D 439 -58.12 -36.91 -7.12
CA SER D 439 -58.95 -35.90 -7.75
C SER D 439 -58.39 -35.45 -9.09
N ASN D 440 -59.02 -35.89 -10.17
CA ASN D 440 -58.59 -35.52 -11.52
C ASN D 440 -59.55 -34.52 -12.17
N GLY D 441 -60.38 -33.89 -11.36
CA GLY D 441 -61.31 -32.89 -11.85
C GLY D 441 -62.31 -33.43 -12.86
N GLY D 442 -62.40 -34.75 -12.95
CA GLY D 442 -63.30 -35.40 -13.90
C GLY D 442 -64.76 -35.33 -13.47
N TYR D 443 -65.66 -35.39 -14.45
CA TYR D 443 -67.09 -35.34 -14.18
C TYR D 443 -67.57 -36.54 -13.38
N ASN D 444 -66.91 -37.68 -13.56
CA ASN D 444 -67.29 -38.90 -12.86
C ASN D 444 -67.13 -38.77 -11.35
N GLN D 445 -66.30 -37.83 -10.91
CA GLN D 445 -66.08 -37.60 -9.49
C GLN D 445 -67.09 -36.60 -8.92
N HIS D 446 -67.98 -36.11 -9.78
CA HIS D 446 -69.00 -35.16 -9.36
C HIS D 446 -70.32 -35.89 -9.08
N TRP D 447 -70.97 -35.51 -7.98
CA TRP D 447 -72.21 -36.16 -7.57
C TRP D 447 -73.24 -35.17 -7.01
N LYS D 448 -74.46 -35.22 -7.53
CA LYS D 448 -75.54 -34.37 -7.04
C LYS D 448 -76.52 -35.17 -6.19
N PHE D 449 -76.89 -34.61 -5.03
CA PHE D 449 -77.81 -35.28 -4.11
C PHE D 449 -79.27 -35.01 -4.43
N THR D 450 -80.10 -36.04 -4.27
CA THR D 450 -81.55 -35.90 -4.41
C THR D 450 -82.23 -36.40 -3.13
N ASP D 451 -83.04 -35.55 -2.53
CA ASP D 451 -83.73 -35.89 -1.28
C ASP D 451 -84.90 -36.82 -1.55
N ILE D 452 -85.12 -37.78 -0.65
CA ILE D 452 -86.26 -38.69 -0.78
C ILE D 452 -87.33 -38.45 0.27
N GLY D 453 -86.94 -37.82 1.37
CA GLY D 453 -87.87 -37.51 2.45
C GLY D 453 -87.53 -38.21 3.74
N ASP D 454 -86.94 -39.40 3.63
CA ASP D 454 -86.57 -40.17 4.82
C ASP D 454 -85.06 -40.14 5.06
N GLY D 455 -84.46 -38.96 4.94
CA GLY D 455 -83.05 -38.80 5.19
C GLY D 455 -82.17 -39.45 4.14
N TYR D 456 -82.61 -40.59 3.60
CA TYR D 456 -81.92 -41.26 2.50
C TYR D 456 -81.60 -40.29 1.37
N TYR D 457 -80.86 -40.77 0.37
CA TYR D 457 -80.54 -39.95 -0.79
C TYR D 457 -80.28 -40.77 -2.05
N LYS D 458 -81.09 -40.54 -3.07
CA LYS D 458 -80.73 -41.01 -4.40
C LYS D 458 -79.63 -40.12 -4.93
N ILE D 459 -78.41 -40.64 -4.97
CA ILE D 459 -77.26 -39.85 -5.43
C ILE D 459 -77.33 -39.65 -6.94
N SER D 460 -76.37 -38.92 -7.52
CA SER D 460 -76.35 -38.72 -8.97
C SER D 460 -74.94 -38.56 -9.54
N SER D 461 -74.65 -39.24 -10.64
CA SER D 461 -73.36 -39.15 -11.30
C SER D 461 -73.44 -38.15 -12.46
N ARG D 462 -72.41 -37.30 -12.57
CA ARG D 462 -72.43 -36.23 -13.56
C ARG D 462 -72.13 -36.74 -14.96
N HIS D 463 -71.51 -37.91 -15.05
CA HIS D 463 -71.09 -38.44 -16.35
C HIS D 463 -72.26 -39.01 -17.15
N CYS D 464 -73.02 -39.92 -16.55
CA CYS D 464 -74.12 -40.59 -17.25
C CYS D 464 -75.47 -40.46 -16.55
N GLY D 465 -75.46 -40.38 -15.23
CA GLY D 465 -76.69 -40.25 -14.47
C GLY D 465 -77.18 -41.55 -13.88
N LYS D 466 -76.41 -42.62 -14.06
CA LYS D 466 -76.69 -43.89 -13.42
C LYS D 466 -75.98 -43.89 -12.07
N LEU D 467 -76.55 -44.56 -11.07
CA LEU D 467 -76.10 -44.30 -9.71
C LEU D 467 -75.61 -45.44 -8.83
N ILE D 468 -74.98 -45.03 -7.72
CA ILE D 468 -74.41 -45.95 -6.75
C ILE D 468 -75.44 -46.96 -6.25
N ASP D 469 -75.16 -48.23 -6.53
CA ASP D 469 -76.04 -49.31 -6.13
C ASP D 469 -75.23 -50.38 -5.41
N VAL D 470 -75.91 -51.26 -4.69
CA VAL D 470 -75.23 -52.39 -4.07
C VAL D 470 -75.38 -53.60 -4.98
N ARG D 471 -74.29 -53.99 -5.64
CA ARG D 471 -74.33 -55.05 -6.65
C ARG D 471 -75.17 -56.25 -6.23
N LYS D 472 -76.09 -56.64 -7.10
CA LYS D 472 -76.93 -57.81 -6.89
C LYS D 472 -77.74 -57.75 -5.59
N TRP D 473 -78.03 -56.53 -5.14
CA TRP D 473 -78.88 -56.32 -3.97
C TRP D 473 -78.30 -56.87 -2.68
N SER D 474 -77.05 -57.31 -2.74
CA SER D 474 -76.37 -57.87 -1.57
C SER D 474 -76.40 -56.90 -0.38
N THR D 475 -76.45 -57.47 0.82
CA THR D 475 -76.33 -56.71 2.05
C THR D 475 -75.22 -57.31 2.90
N GLU D 476 -74.39 -58.13 2.26
CA GLU D 476 -73.33 -58.86 2.95
C GLU D 476 -72.00 -58.10 2.91
N ASP D 477 -71.07 -58.51 3.77
CA ASP D 477 -69.74 -57.89 3.78
C ASP D 477 -68.94 -58.31 2.56
N GLY D 478 -68.25 -57.34 1.95
CA GLY D 478 -67.53 -57.58 0.71
C GLY D 478 -68.38 -57.19 -0.49
N GLY D 479 -69.42 -56.41 -0.23
CA GLY D 479 -70.33 -55.97 -1.28
C GLY D 479 -69.70 -55.02 -2.27
N ILE D 480 -69.77 -55.35 -3.55
CA ILE D 480 -69.19 -54.52 -4.60
C ILE D 480 -70.09 -53.33 -4.91
N ILE D 481 -69.67 -52.13 -4.53
CA ILE D 481 -70.40 -50.92 -4.85
C ILE D 481 -70.40 -50.72 -6.36
N GLN D 482 -71.50 -50.23 -6.91
CA GLN D 482 -71.65 -50.18 -8.35
C GLN D 482 -72.47 -48.99 -8.83
N GLN D 483 -72.67 -48.91 -10.14
CA GLN D 483 -73.46 -47.85 -10.75
C GLN D 483 -74.54 -48.46 -11.63
N TRP D 484 -75.79 -48.04 -11.43
CA TRP D 484 -76.90 -48.60 -12.19
C TRP D 484 -78.02 -47.59 -12.43
N SER D 485 -78.73 -47.77 -13.55
CA SER D 485 -79.86 -46.92 -13.87
C SER D 485 -80.92 -47.04 -12.78
N ASP D 486 -81.24 -45.91 -12.14
CA ASP D 486 -82.18 -45.90 -11.03
C ASP D 486 -83.51 -46.59 -11.38
N ALA D 487 -83.77 -47.70 -10.70
CA ALA D 487 -85.01 -48.44 -10.89
C ALA D 487 -85.90 -48.32 -9.67
N GLY D 488 -85.49 -47.48 -8.74
CA GLY D 488 -86.23 -47.27 -7.51
C GLY D 488 -85.89 -48.29 -6.44
N GLY D 489 -84.94 -49.17 -6.75
CA GLY D 489 -84.52 -50.20 -5.82
C GLY D 489 -84.17 -49.63 -4.46
N THR D 490 -84.68 -50.25 -3.40
CA THR D 490 -84.45 -49.77 -2.05
C THR D 490 -83.03 -50.07 -1.53
N ASN D 491 -82.10 -50.26 -2.47
CA ASN D 491 -80.69 -50.46 -2.12
C ASN D 491 -79.82 -49.39 -2.77
N GLN D 492 -80.47 -48.51 -3.54
CA GLN D 492 -79.78 -47.41 -4.20
C GLN D 492 -79.97 -46.09 -3.44
N HIS D 493 -80.62 -46.18 -2.28
CA HIS D 493 -80.86 -44.99 -1.46
C HIS D 493 -79.82 -44.90 -0.34
N TRP D 494 -79.47 -43.69 0.05
CA TRP D 494 -78.40 -43.50 1.03
C TRP D 494 -78.66 -42.32 1.97
N LYS D 495 -78.92 -42.62 3.24
CA LYS D 495 -79.10 -41.58 4.25
C LYS D 495 -77.81 -40.84 4.54
N LEU D 496 -77.86 -39.51 4.46
CA LEU D 496 -76.72 -38.68 4.80
C LEU D 496 -76.66 -38.52 6.31
N VAL D 497 -75.76 -39.27 6.94
CA VAL D 497 -75.65 -39.30 8.39
C VAL D 497 -74.37 -38.64 8.89
N LEU D 498 -74.47 -37.92 10.01
CA LEU D 498 -73.31 -37.26 10.61
C LEU D 498 -72.64 -38.16 11.64
N VAL D 499 -71.43 -37.77 12.05
CA VAL D 499 -70.70 -38.51 13.08
C VAL D 499 -69.91 -37.55 13.98
N GLU E 39 44.53 41.58 -71.59
CA GLU E 39 43.62 42.70 -71.42
C GLU E 39 43.33 42.94 -69.95
N GLY E 40 44.38 43.05 -69.15
CA GLY E 40 44.24 43.30 -67.72
C GLY E 40 44.01 44.78 -67.44
N VAL E 41 42.96 45.32 -68.05
CA VAL E 41 42.66 46.76 -67.95
C VAL E 41 41.40 47.03 -67.13
N ILE E 42 41.45 48.10 -66.35
CA ILE E 42 40.32 48.50 -65.52
C ILE E 42 39.85 49.91 -65.89
N VAL E 43 38.53 50.06 -66.07
CA VAL E 43 37.95 51.35 -66.42
C VAL E 43 37.32 52.03 -65.22
N ASN E 44 38.01 53.02 -64.67
CA ASN E 44 37.52 53.75 -63.50
C ASN E 44 36.21 54.49 -63.76
N GLY E 45 35.51 54.83 -62.69
CA GLY E 45 34.27 55.56 -62.78
C GLY E 45 33.12 54.71 -63.30
N THR E 46 33.25 53.39 -63.14
CA THR E 46 32.21 52.47 -63.59
C THR E 46 31.95 51.40 -62.54
N GLN E 47 30.95 50.56 -62.80
CA GLN E 47 30.68 49.40 -61.96
C GLN E 47 31.30 48.15 -62.58
N PHE E 48 32.41 47.70 -62.01
CA PHE E 48 33.08 46.50 -62.51
C PHE E 48 32.09 45.33 -62.54
N LYS E 49 32.28 44.44 -63.50
CA LYS E 49 31.43 43.25 -63.61
C LYS E 49 32.21 41.99 -63.31
N ASP E 50 31.57 41.04 -62.63
CA ASP E 50 32.19 39.76 -62.32
C ASP E 50 32.27 38.89 -63.57
N THR E 51 32.85 37.71 -63.42
CA THR E 51 33.04 36.79 -64.55
C THR E 51 31.72 36.27 -65.12
N SER E 52 30.62 36.60 -64.43
CA SER E 52 29.30 36.17 -64.89
C SER E 52 28.56 37.29 -65.61
N GLY E 53 29.21 38.45 -65.72
CA GLY E 53 28.62 39.58 -66.42
C GLY E 53 27.69 40.40 -65.55
N ASN E 54 27.68 40.11 -64.25
CA ASN E 54 26.84 40.84 -63.30
C ASN E 54 27.62 41.94 -62.58
N VAL E 55 26.92 43.01 -62.22
CA VAL E 55 27.54 44.12 -61.51
C VAL E 55 28.09 43.65 -60.16
N ILE E 56 29.34 44.01 -59.88
CA ILE E 56 29.97 43.67 -58.62
C ILE E 56 29.51 44.60 -57.51
N HIS E 57 28.87 44.03 -56.48
CA HIS E 57 28.37 44.82 -55.37
C HIS E 57 29.23 44.64 -54.11
N ALA E 58 30.38 45.32 -54.07
CA ALA E 58 31.29 45.24 -52.94
C ALA E 58 31.81 46.63 -52.58
N HIS E 59 30.92 47.46 -52.06
CA HIS E 59 31.24 48.86 -51.78
C HIS E 59 31.85 49.03 -50.39
N GLY E 60 32.55 50.15 -50.19
CA GLY E 60 33.26 50.39 -48.95
C GLY E 60 34.07 49.18 -48.51
N GLY E 61 34.55 48.42 -49.48
CA GLY E 61 35.17 47.14 -49.20
C GLY E 61 36.68 47.19 -48.97
N GLY E 62 37.27 46.00 -48.87
CA GLY E 62 38.69 45.86 -48.69
C GLY E 62 39.18 44.65 -49.47
N MET E 63 40.48 44.38 -49.40
CA MET E 63 41.04 43.27 -50.16
C MET E 63 42.07 42.48 -49.35
N LEU E 64 42.06 41.17 -49.56
CA LEU E 64 42.98 40.27 -48.88
C LEU E 64 43.73 39.42 -49.88
N LYS E 65 45.02 39.20 -49.62
CA LYS E 65 45.84 38.32 -50.45
C LYS E 65 46.19 37.07 -49.67
N HIS E 66 45.57 35.95 -50.05
CA HIS E 66 45.84 34.68 -49.39
C HIS E 66 46.07 33.58 -50.42
N GLY E 67 47.27 33.02 -50.42
CA GLY E 67 47.64 32.01 -51.41
C GLY E 67 47.75 32.61 -52.80
N ASP E 68 47.13 31.95 -53.76
CA ASP E 68 47.18 32.38 -55.15
C ASP E 68 46.04 33.33 -55.50
N TYR E 69 45.23 33.67 -54.50
CA TYR E 69 44.01 34.44 -54.74
C TYR E 69 43.93 35.78 -54.01
N TYR E 70 43.36 36.77 -54.69
CA TYR E 70 42.98 38.01 -54.06
C TYR E 70 41.49 37.97 -53.75
N TYR E 71 41.13 38.24 -52.50
CA TYR E 71 39.72 38.24 -52.12
C TYR E 71 39.21 39.66 -51.88
N TRP E 72 38.13 39.99 -52.55
CA TRP E 72 37.56 41.34 -52.48
C TRP E 72 36.23 41.31 -51.75
N TYR E 73 36.19 41.96 -50.58
CA TYR E 73 34.97 42.03 -49.78
C TYR E 73 34.36 43.41 -49.86
N GLY E 74 33.05 43.49 -49.59
CA GLY E 74 32.36 44.77 -49.60
C GLY E 74 30.91 44.65 -49.16
N GLU E 75 30.31 45.79 -48.81
CA GLU E 75 28.92 45.83 -48.41
C GLU E 75 28.00 45.63 -49.62
N TYR E 76 26.71 45.55 -49.34
CA TYR E 76 25.70 45.28 -50.35
C TYR E 76 24.32 45.59 -49.75
N ARG E 77 23.89 46.83 -49.90
CA ARG E 77 22.61 47.26 -49.32
C ARG E 77 21.45 46.64 -50.09
N ASP E 78 20.23 46.74 -49.56
CA ASP E 78 19.05 46.25 -50.27
C ASP E 78 18.07 47.36 -50.67
N ASP E 79 16.79 47.00 -50.76
CA ASP E 79 15.72 47.95 -51.07
C ASP E 79 15.73 49.11 -50.10
N SER E 80 15.49 48.79 -48.83
CA SER E 80 15.44 49.80 -47.77
C SER E 80 16.82 50.43 -47.52
N ASN E 81 17.79 50.07 -48.36
CA ASN E 81 19.16 50.58 -48.22
C ASN E 81 19.85 50.02 -46.98
N LEU E 82 19.24 49.02 -46.37
CA LEU E 82 19.80 48.37 -45.18
C LEU E 82 20.82 47.31 -45.56
N PHE E 83 21.55 46.83 -44.55
CA PHE E 83 22.56 45.79 -44.77
C PHE E 83 21.92 44.52 -45.28
N LEU E 84 22.39 44.05 -46.44
CA LEU E 84 21.86 42.84 -47.04
C LEU E 84 22.89 41.71 -46.97
N GLY E 85 24.16 42.05 -47.14
CA GLY E 85 25.22 41.07 -47.02
C GLY E 85 26.60 41.57 -47.43
N VAL E 86 27.63 40.95 -46.88
CA VAL E 86 28.99 41.26 -47.27
C VAL E 86 29.45 40.31 -48.37
N SER E 87 29.60 40.84 -49.59
CA SER E 87 29.95 40.03 -50.74
C SER E 87 31.44 39.71 -50.82
N CYS E 88 31.76 38.58 -51.45
CA CYS E 88 33.14 38.16 -51.62
C CYS E 88 33.42 37.80 -53.08
N TYR E 89 34.46 38.43 -53.63
CA TYR E 89 34.86 38.17 -55.01
C TYR E 89 36.32 37.71 -55.04
N ARG E 90 36.57 36.65 -55.77
CA ARG E 90 37.91 36.06 -55.84
C ARG E 90 38.53 36.26 -57.21
N SER E 91 39.84 36.52 -57.24
CA SER E 91 40.54 36.74 -58.49
C SER E 91 42.04 36.50 -58.35
N LYS E 92 42.68 36.14 -59.46
CA LYS E 92 44.13 35.96 -59.48
C LYS E 92 44.83 37.15 -60.12
N ASP E 93 44.13 37.84 -61.01
CA ASP E 93 44.73 38.94 -61.77
C ASP E 93 44.20 40.32 -61.36
N LEU E 94 43.28 40.34 -60.41
CA LEU E 94 42.72 41.60 -59.90
C LEU E 94 41.83 42.31 -60.93
N VAL E 95 41.60 41.67 -62.06
CA VAL E 95 40.76 42.25 -63.10
C VAL E 95 39.51 41.41 -63.35
N ASN E 96 39.69 40.10 -63.48
CA ASN E 96 38.58 39.17 -63.63
C ASN E 96 38.14 38.59 -62.30
N TRP E 97 37.02 39.08 -61.78
CA TRP E 97 36.56 38.69 -60.45
C TRP E 97 35.43 37.67 -60.49
N GLU E 98 35.63 36.57 -59.79
CA GLU E 98 34.61 35.53 -59.68
C GLU E 98 33.81 35.71 -58.40
N TYR E 99 32.48 35.79 -58.55
CA TYR E 99 31.60 35.97 -57.40
C TYR E 99 31.52 34.70 -56.57
N ARG E 100 31.92 34.81 -55.30
CA ARG E 100 31.97 33.65 -54.42
C ARG E 100 30.71 33.51 -53.57
N GLY E 101 30.06 34.64 -53.28
CA GLY E 101 28.85 34.63 -52.48
C GLY E 101 28.90 35.61 -51.33
N GLU E 102 27.91 35.53 -50.44
CA GLU E 102 27.84 36.41 -49.29
C GLU E 102 28.47 35.76 -48.06
N VAL E 103 29.68 36.18 -47.72
CA VAL E 103 30.37 35.64 -46.55
C VAL E 103 29.66 36.01 -45.26
N LEU E 104 28.85 37.06 -45.32
CA LEU E 104 28.00 37.47 -44.21
C LEU E 104 26.70 38.04 -44.76
N SER E 105 25.59 37.74 -44.11
CA SER E 105 24.29 38.23 -44.59
C SER E 105 23.41 38.70 -43.45
N ARG E 106 22.25 39.25 -43.81
CA ARG E 106 21.30 39.74 -42.81
C ARG E 106 20.70 38.58 -42.01
N ASN E 107 20.98 37.36 -42.45
CA ASN E 107 20.50 36.17 -41.76
C ASN E 107 21.56 35.53 -40.88
N SER E 108 22.75 36.12 -40.88
CA SER E 108 23.87 35.59 -40.11
C SER E 108 23.65 35.74 -38.61
N ALA E 109 22.78 36.66 -38.23
CA ALA E 109 22.48 36.92 -36.82
C ALA E 109 21.23 37.78 -36.68
N PRO E 110 20.49 37.60 -35.57
CA PRO E 110 19.27 38.36 -35.30
C PRO E 110 19.47 39.87 -35.45
N GLU E 111 20.53 40.41 -34.85
CA GLU E 111 20.78 41.84 -34.89
C GLU E 111 21.25 42.32 -36.26
N LEU E 112 21.32 41.40 -37.22
CA LEU E 112 21.71 41.75 -38.58
C LEU E 112 20.50 41.72 -39.53
N ASN E 113 19.39 41.21 -39.02
CA ASN E 113 18.15 41.13 -39.80
C ASN E 113 17.76 42.49 -40.38
N HIS E 114 17.92 43.52 -39.56
CA HIS E 114 17.53 44.87 -39.92
C HIS E 114 18.53 45.85 -39.31
N CYS E 115 19.54 46.22 -40.08
CA CYS E 115 20.62 47.06 -39.57
C CYS E 115 21.43 47.71 -40.69
N ASN E 116 22.52 48.35 -40.29
CA ASN E 116 23.47 48.94 -41.23
C ASN E 116 24.88 48.40 -41.01
N ILE E 117 25.44 47.80 -42.05
CA ILE E 117 26.83 47.35 -42.02
C ILE E 117 27.58 48.03 -43.15
N GLU E 118 28.69 48.68 -42.81
CA GLU E 118 29.49 49.38 -43.82
C GLU E 118 30.98 49.30 -43.53
N ARG E 119 31.76 49.29 -44.61
CA ARG E 119 33.22 49.22 -44.54
C ARG E 119 33.73 47.96 -43.83
N PRO E 120 33.29 46.78 -44.31
CA PRO E 120 33.78 45.52 -43.76
C PRO E 120 35.18 45.20 -44.29
N LYS E 121 36.08 44.84 -43.39
CA LYS E 121 37.44 44.48 -43.79
C LYS E 121 37.80 43.10 -43.26
N VAL E 122 38.63 42.38 -44.02
CA VAL E 122 39.04 41.04 -43.63
C VAL E 122 40.54 40.94 -43.45
N MET E 123 40.96 40.39 -42.32
CA MET E 123 42.38 40.22 -42.01
C MET E 123 42.68 38.76 -41.69
N TYR E 124 43.86 38.29 -42.10
CA TYR E 124 44.24 36.90 -41.85
C TYR E 124 45.18 36.78 -40.66
N ASN E 125 44.87 35.84 -39.77
CA ASN E 125 45.70 35.57 -38.60
C ASN E 125 46.59 34.35 -38.82
N ALA E 126 47.89 34.57 -38.91
CA ALA E 126 48.83 33.51 -39.25
C ALA E 126 48.93 32.44 -38.17
N SER E 127 48.89 32.85 -36.91
CA SER E 127 49.07 31.92 -35.80
C SER E 127 47.86 31.03 -35.55
N THR E 128 46.66 31.57 -35.75
CA THR E 128 45.44 30.82 -35.51
C THR E 128 44.90 30.19 -36.78
N GLY E 129 45.33 30.73 -37.92
CA GLY E 129 44.95 30.18 -39.22
C GLY E 129 43.55 30.56 -39.67
N GLU E 130 42.88 31.41 -38.90
CA GLU E 130 41.52 31.80 -39.23
C GLU E 130 41.43 33.25 -39.72
N PHE E 131 40.36 33.56 -40.45
CA PHE E 131 40.14 34.89 -40.99
C PHE E 131 39.19 35.68 -40.09
N VAL E 132 39.56 36.92 -39.79
CA VAL E 132 38.75 37.77 -38.93
C VAL E 132 38.23 38.98 -39.71
N MET E 133 36.94 39.26 -39.54
CA MET E 133 36.29 40.35 -40.27
C MET E 133 35.76 41.42 -39.33
N TRP E 134 36.22 42.66 -39.53
CA TRP E 134 35.74 43.81 -38.76
C TRP E 134 34.90 44.73 -39.64
N MET E 135 33.99 45.46 -39.01
CA MET E 135 33.08 46.32 -39.75
C MET E 135 32.42 47.37 -38.85
N HIS E 136 31.68 48.27 -39.47
CA HIS E 136 30.95 49.32 -38.76
C HIS E 136 29.47 48.96 -38.69
N TRP E 137 28.90 48.96 -37.48
CA TRP E 137 27.52 48.51 -37.28
C TRP E 137 26.60 49.61 -36.75
N GLU E 138 25.41 49.72 -37.34
CA GLU E 138 24.37 50.63 -36.86
C GLU E 138 23.05 49.88 -36.78
N ASN E 139 22.13 50.37 -35.95
CA ASN E 139 20.89 49.64 -35.66
C ASN E 139 19.86 49.61 -36.79
N GLY E 140 20.10 50.41 -37.84
CA GLY E 140 19.23 50.39 -39.00
C GLY E 140 18.20 51.51 -39.05
N ILE E 141 18.05 52.23 -37.95
CA ILE E 141 17.12 53.36 -37.91
C ILE E 141 17.87 54.67 -37.67
N ASN E 142 18.97 54.60 -36.94
CA ASN E 142 19.80 55.77 -36.68
C ASN E 142 21.27 55.41 -36.54
N TYR E 143 22.11 56.42 -36.34
CA TYR E 143 23.54 56.22 -36.19
C TYR E 143 24.02 56.53 -34.77
N GLY E 144 23.17 56.25 -33.79
CA GLY E 144 23.48 56.54 -32.40
C GLY E 144 24.37 55.50 -31.73
N GLN E 145 24.28 54.26 -32.21
CA GLN E 145 25.04 53.15 -31.62
C GLN E 145 26.53 53.26 -31.92
N ALA E 146 26.86 53.44 -33.20
CA ALA E 146 28.25 53.56 -33.62
C ALA E 146 29.11 52.45 -33.01
N ARG E 147 28.87 51.21 -33.44
CA ARG E 147 29.60 50.06 -32.90
C ARG E 147 30.54 49.45 -33.92
N ALA E 148 31.45 48.61 -33.43
CA ALA E 148 32.26 47.76 -34.28
C ALA E 148 31.71 46.35 -34.19
N ALA E 149 31.75 45.61 -35.28
CA ALA E 149 31.24 44.24 -35.29
C ALA E 149 32.30 43.26 -35.77
N VAL E 150 32.34 42.09 -35.16
CA VAL E 150 33.37 41.10 -35.46
C VAL E 150 32.78 39.78 -35.94
N ALA E 151 33.43 39.19 -36.94
CA ALA E 151 33.06 37.87 -37.43
C ALA E 151 34.33 37.12 -37.80
N TYR E 152 34.26 35.79 -37.82
CA TYR E 152 35.43 34.99 -38.18
C TYR E 152 35.05 33.76 -38.99
N SER E 153 36.05 33.19 -39.67
CA SER E 153 35.83 32.05 -40.54
C SER E 153 37.11 31.23 -40.68
N LYS E 154 36.96 29.96 -41.03
CA LYS E 154 38.12 29.10 -41.27
C LYS E 154 38.55 29.22 -42.74
N THR E 155 37.68 29.79 -43.56
CA THR E 155 37.95 29.97 -44.97
C THR E 155 37.76 31.43 -45.40
N PRO E 156 38.48 31.86 -46.43
CA PRO E 156 38.37 33.24 -46.92
C PRO E 156 37.05 33.51 -47.62
N ASP E 157 36.57 32.55 -48.39
CA ASP E 157 35.35 32.73 -49.18
C ASP E 157 34.18 31.86 -48.70
N GLY E 158 34.20 31.50 -47.43
CA GLY E 158 33.13 30.70 -46.86
C GLY E 158 32.20 31.49 -45.96
N LYS E 159 31.17 30.83 -45.44
CA LYS E 159 30.24 31.49 -44.53
C LYS E 159 30.91 31.84 -43.21
N PHE E 160 30.98 33.13 -42.93
CA PHE E 160 31.56 33.61 -41.68
C PHE E 160 30.56 33.43 -40.54
N THR E 161 31.07 33.24 -39.33
CA THR E 161 30.21 33.14 -38.16
C THR E 161 30.28 34.45 -37.37
N TYR E 162 29.16 35.13 -37.28
CA TYR E 162 29.09 36.42 -36.60
C TYR E 162 29.39 36.24 -35.12
N ILE E 163 30.16 37.17 -34.55
CA ILE E 163 30.47 37.15 -33.14
C ILE E 163 29.57 38.11 -32.37
N ARG E 164 29.90 39.39 -32.43
CA ARG E 164 29.15 40.40 -31.70
C ARG E 164 29.46 41.80 -32.21
N SER E 165 28.66 42.77 -31.76
CA SER E 165 28.91 44.17 -32.03
C SER E 165 29.05 44.90 -30.70
N PHE E 166 29.98 45.84 -30.62
CA PHE E 166 30.25 46.53 -29.36
C PHE E 166 30.97 47.85 -29.57
N ARG E 167 30.88 48.72 -28.57
CA ARG E 167 31.65 49.96 -28.56
C ARG E 167 32.93 49.73 -27.77
N PRO E 168 34.09 49.90 -28.43
CA PRO E 168 35.40 49.62 -27.84
C PRO E 168 35.57 50.20 -26.45
N MET E 169 36.23 49.45 -25.57
CA MET E 169 36.57 49.92 -24.23
C MET E 169 35.33 50.36 -23.45
N GLN E 170 34.24 49.61 -23.57
CA GLN E 170 33.00 49.98 -22.90
C GLN E 170 33.02 49.63 -21.41
N ASP E 171 33.91 48.72 -21.03
CA ASP E 171 33.99 48.27 -19.64
C ASP E 171 35.05 49.02 -18.85
N THR E 172 35.66 50.02 -19.48
CA THR E 172 36.68 50.82 -18.82
C THR E 172 36.08 52.01 -18.09
N GLY E 173 34.77 52.19 -18.24
CA GLY E 173 34.08 53.31 -17.62
C GLY E 173 33.99 54.51 -18.55
N VAL E 174 34.72 54.42 -19.67
CA VAL E 174 34.72 55.48 -20.66
C VAL E 174 33.34 55.78 -21.21
N MET E 175 33.03 57.06 -21.37
CA MET E 175 31.77 57.49 -21.96
C MET E 175 32.03 58.37 -23.17
N ASP E 176 31.31 58.11 -24.26
CA ASP E 176 31.46 58.89 -25.48
C ASP E 176 30.11 59.37 -25.98
N HIS E 177 29.72 60.56 -25.56
CA HIS E 177 28.45 61.15 -25.97
C HIS E 177 27.25 60.36 -25.49
N GLY E 178 27.18 60.10 -24.19
CA GLY E 178 26.02 59.50 -23.58
C GLY E 178 26.00 57.97 -23.56
N LEU E 179 26.99 57.34 -24.17
CA LEU E 179 27.04 55.89 -24.22
C LEU E 179 28.38 55.33 -23.75
N PRO E 180 28.34 54.16 -23.09
CA PRO E 180 29.55 53.46 -22.62
C PRO E 180 30.43 53.02 -23.79
N GLY E 181 31.70 53.39 -23.75
CA GLY E 181 32.65 53.01 -24.78
C GLY E 181 32.76 54.03 -25.90
N TYR E 182 33.91 54.03 -26.56
CA TYR E 182 34.16 54.95 -27.67
C TYR E 182 33.23 54.68 -28.84
N MET E 183 32.84 55.73 -29.54
CA MET E 183 32.06 55.59 -30.76
C MET E 183 32.94 54.96 -31.83
N SER E 184 32.31 54.24 -32.76
CA SER E 184 33.05 53.60 -33.85
C SER E 184 32.29 53.67 -35.16
N ARG E 185 32.79 54.49 -36.08
CA ARG E 185 32.17 54.64 -37.39
C ARG E 185 33.07 54.07 -38.48
N ASP E 186 33.51 54.91 -39.39
CA ASP E 186 34.44 54.50 -40.43
C ASP E 186 35.62 53.75 -39.82
N CYS E 187 35.95 52.59 -40.37
CA CYS E 187 36.96 51.73 -39.78
C CYS E 187 37.85 51.03 -40.80
N ASN E 188 38.91 50.39 -40.30
CA ASN E 188 39.77 49.57 -41.14
C ASN E 188 40.65 48.67 -40.28
N VAL E 189 41.36 47.74 -40.91
CA VAL E 189 42.21 46.80 -40.19
C VAL E 189 43.64 46.82 -40.73
N PHE E 190 44.60 46.54 -39.85
CA PHE E 190 46.01 46.54 -40.24
C PHE E 190 46.81 45.49 -39.49
N VAL E 191 47.55 44.68 -40.22
CA VAL E 191 48.41 43.67 -39.63
C VAL E 191 49.88 44.08 -39.78
N ASP E 192 50.52 44.37 -38.66
CA ASP E 192 51.90 44.82 -38.67
C ASP E 192 52.86 43.68 -38.98
N THR E 193 54.14 44.00 -39.15
CA THR E 193 55.14 43.01 -39.49
C THR E 193 55.48 42.11 -38.30
N ASP E 194 55.09 42.53 -37.11
CA ASP E 194 55.38 41.77 -35.89
C ASP E 194 54.25 40.84 -35.50
N GLY E 195 53.26 40.69 -36.39
CA GLY E 195 52.15 39.80 -36.14
C GLY E 195 51.02 40.45 -35.36
N LYS E 196 51.27 41.66 -34.86
CA LYS E 196 50.25 42.40 -34.13
C LYS E 196 49.10 42.77 -35.05
N GLY E 197 47.89 42.68 -34.53
CA GLY E 197 46.70 43.07 -35.28
C GLY E 197 46.15 44.38 -34.77
N TYR E 198 45.64 45.21 -35.69
CA TYR E 198 45.13 46.51 -35.30
C TYR E 198 43.79 46.82 -35.97
N PHE E 199 42.94 47.53 -35.23
CA PHE E 199 41.67 47.99 -35.75
C PHE E 199 41.56 49.50 -35.52
N ILE E 200 41.37 50.24 -36.60
CA ILE E 200 41.28 51.70 -36.51
C ILE E 200 39.90 52.18 -36.93
N SER E 201 39.31 53.07 -36.14
CA SER E 201 37.99 53.61 -36.46
C SER E 201 37.84 55.05 -35.98
N ALA E 202 36.88 55.76 -36.57
CA ALA E 202 36.60 57.14 -36.18
C ALA E 202 35.75 57.19 -34.92
N ALA E 203 36.23 57.91 -33.91
CA ALA E 203 35.52 58.02 -32.65
C ALA E 203 35.24 59.48 -32.30
N ASN E 204 34.74 59.70 -31.08
CA ASN E 204 34.44 61.04 -30.60
C ASN E 204 33.64 61.85 -31.62
N GLU E 205 32.48 61.34 -32.01
CA GLU E 205 31.62 62.01 -32.97
C GLU E 205 32.38 62.30 -34.26
N ASN E 206 33.19 61.34 -34.69
CA ASN E 206 33.95 61.45 -35.93
C ASN E 206 35.10 62.45 -35.87
N MET E 207 35.28 63.10 -34.72
CA MET E 207 36.31 64.12 -34.57
C MET E 207 37.71 63.52 -34.51
N ASP E 208 37.85 62.41 -33.81
CA ASP E 208 39.16 61.78 -33.63
C ASP E 208 39.24 60.42 -34.30
N LEU E 209 40.45 59.89 -34.42
CA LEU E 209 40.67 58.55 -34.93
C LEU E 209 41.37 57.69 -33.87
N HIS E 210 40.75 56.57 -33.51
CA HIS E 210 41.31 55.67 -32.52
C HIS E 210 41.98 54.47 -33.18
N LEU E 211 43.20 54.18 -32.75
CA LEU E 211 43.90 52.98 -33.21
C LEU E 211 43.90 51.96 -32.08
N TYR E 212 43.25 50.82 -32.32
CA TYR E 212 43.14 49.79 -31.29
C TYR E 212 44.06 48.61 -31.57
N GLU E 213 44.65 48.07 -30.52
CA GLU E 213 45.47 46.87 -30.64
C GLU E 213 44.62 45.65 -30.33
N LEU E 214 44.46 44.78 -31.33
CA LEU E 214 43.62 43.60 -31.18
C LEU E 214 44.29 42.53 -30.33
N THR E 215 43.47 41.69 -29.70
CA THR E 215 43.98 40.53 -28.97
C THR E 215 44.67 39.60 -29.97
N PRO E 216 45.54 38.72 -29.48
CA PRO E 216 46.34 37.84 -30.35
C PRO E 216 45.53 37.14 -31.44
N ASP E 217 44.25 36.88 -31.20
CA ASP E 217 43.42 36.18 -32.18
C ASP E 217 42.66 37.11 -33.12
N TYR E 218 42.92 38.40 -33.00
CA TYR E 218 42.31 39.41 -33.87
C TYR E 218 40.81 39.57 -33.66
N LYS E 219 40.23 38.75 -32.77
CA LYS E 219 38.78 38.72 -32.61
C LYS E 219 38.24 39.66 -31.53
N ASN E 220 39.14 40.38 -30.85
CA ASN E 220 38.74 41.27 -29.78
C ASN E 220 39.73 42.42 -29.59
N ILE E 221 39.24 43.56 -29.10
CA ILE E 221 40.09 44.71 -28.84
C ILE E 221 40.76 44.60 -27.48
N ALA E 222 42.10 44.68 -27.48
CA ALA E 222 42.88 44.50 -26.26
C ALA E 222 43.20 45.81 -25.56
N SER E 223 43.52 46.84 -26.32
CA SER E 223 43.88 48.13 -25.74
C SER E 223 43.88 49.26 -26.77
N LEU E 224 43.97 50.49 -26.28
CA LEU E 224 44.02 51.67 -27.15
C LEU E 224 45.46 52.01 -27.48
N LYS E 225 45.86 51.74 -28.71
CA LYS E 225 47.24 52.00 -29.13
C LYS E 225 47.56 53.50 -29.09
N ALA E 226 46.68 54.31 -29.68
CA ALA E 226 46.89 55.75 -29.70
C ALA E 226 45.69 56.52 -30.26
N LYS E 227 45.62 57.80 -29.91
CA LYS E 227 44.63 58.70 -30.50
C LYS E 227 45.33 59.55 -31.56
N LEU E 228 44.79 59.53 -32.78
CA LEU E 228 45.46 60.19 -33.90
C LEU E 228 44.60 61.27 -34.55
N PHE E 229 45.23 62.39 -34.85
CA PHE E 229 44.57 63.51 -35.54
C PHE E 229 43.25 63.89 -34.87
N VAL E 230 43.33 64.23 -33.58
CA VAL E 230 42.16 64.64 -32.83
C VAL E 230 41.67 66.02 -33.25
N GLY E 231 40.36 66.15 -33.42
CA GLY E 231 39.76 67.42 -33.79
C GLY E 231 39.85 67.73 -35.27
N GLN E 232 40.62 66.90 -36.00
CA GLN E 232 40.83 67.12 -37.43
C GLN E 232 39.75 66.45 -38.28
N GLN E 233 38.91 65.65 -37.64
CA GLN E 233 37.74 65.07 -38.29
C GLN E 233 38.08 64.33 -39.59
N ARG E 234 39.03 63.39 -39.49
CA ARG E 234 39.42 62.59 -40.64
C ARG E 234 38.64 61.29 -40.72
N GLU E 235 38.19 60.92 -41.91
CA GLU E 235 37.36 59.74 -42.10
C GLU E 235 37.96 58.75 -43.08
N ALA E 236 37.26 57.65 -43.31
CA ALA E 236 37.70 56.61 -44.25
C ALA E 236 39.21 56.36 -44.16
N PRO E 237 39.69 55.97 -42.97
CA PRO E 237 41.12 55.77 -42.75
C PRO E 237 41.66 54.51 -43.42
N CYS E 238 42.84 54.61 -44.01
CA CYS E 238 43.51 53.47 -44.63
C CYS E 238 44.93 53.37 -44.10
N LEU E 239 45.19 52.36 -43.28
CA LEU E 239 46.49 52.20 -42.64
C LEU E 239 47.34 51.15 -43.36
N ILE E 240 48.53 51.56 -43.77
CA ILE E 240 49.45 50.65 -44.47
C ILE E 240 50.89 50.83 -43.99
N LYS E 241 51.81 50.13 -44.64
CA LYS E 241 53.22 50.19 -44.30
C LYS E 241 54.08 49.83 -45.51
N ARG E 242 55.19 50.53 -45.69
CA ARG E 242 56.05 50.32 -46.87
C ARG E 242 57.47 49.90 -46.50
N ASN E 243 58.30 50.87 -46.17
CA ASN E 243 59.70 50.60 -45.85
C ASN E 243 60.07 51.07 -44.44
N GLY E 244 59.40 50.50 -43.44
CA GLY E 244 59.60 50.90 -42.06
C GLY E 244 58.78 52.12 -41.73
N TYR E 245 57.98 52.57 -42.69
CA TYR E 245 57.11 53.73 -42.51
C TYR E 245 55.64 53.32 -42.54
N TYR E 246 54.86 53.87 -41.60
CA TYR E 246 53.42 53.66 -41.61
C TYR E 246 52.76 54.83 -42.33
N TYR E 247 51.73 54.53 -43.12
CA TYR E 247 51.02 55.56 -43.87
C TYR E 247 49.52 55.51 -43.58
N LEU E 248 48.94 56.68 -43.32
CA LEU E 248 47.52 56.77 -43.01
C LEU E 248 46.79 57.71 -43.97
N ILE E 249 46.18 57.13 -45.00
CA ILE E 249 45.40 57.89 -45.95
C ILE E 249 43.96 58.05 -45.44
N THR E 250 43.51 59.29 -45.33
CA THR E 250 42.17 59.57 -44.83
C THR E 250 41.43 60.53 -45.76
N SER E 251 40.14 60.72 -45.49
CA SER E 251 39.34 61.68 -46.24
C SER E 251 38.72 62.70 -45.28
N GLY E 252 37.95 63.62 -45.83
CA GLY E 252 37.23 64.59 -45.02
C GLY E 252 35.85 64.07 -44.69
N CYS E 253 35.15 64.77 -43.80
CA CYS E 253 33.81 64.37 -43.39
C CYS E 253 32.76 65.25 -44.06
N THR E 254 32.36 64.88 -45.27
CA THR E 254 31.37 65.65 -46.02
C THR E 254 30.33 64.77 -46.69
N GLY E 255 29.84 63.76 -45.96
CA GLY E 255 28.82 62.87 -46.45
C GLY E 255 29.21 62.16 -47.73
N TRP E 256 28.26 62.02 -48.65
CA TRP E 256 28.51 61.36 -49.93
C TRP E 256 29.47 62.16 -50.79
N ASN E 257 29.36 63.48 -50.71
CA ASN E 257 30.15 64.38 -51.54
C ASN E 257 31.66 64.17 -51.36
N PRO E 258 32.35 63.83 -52.45
CA PRO E 258 33.80 63.60 -52.42
C PRO E 258 34.55 64.84 -51.93
N ASN E 259 35.68 64.61 -51.27
CA ASN E 259 36.48 65.72 -50.75
C ASN E 259 37.98 65.49 -50.99
N GLN E 260 38.80 66.27 -50.31
CA GLN E 260 40.26 66.20 -50.48
C GLN E 260 40.88 65.12 -49.61
N ALA E 261 41.39 64.08 -50.23
CA ALA E 261 42.07 63.01 -49.52
C ALA E 261 43.45 63.47 -49.07
N LYS E 262 43.82 63.13 -47.84
CA LYS E 262 45.12 63.50 -47.30
C LYS E 262 45.86 62.28 -46.77
N TYR E 263 47.14 62.45 -46.45
CA TYR E 263 47.95 61.35 -45.95
C TYR E 263 49.00 61.83 -44.97
N ALA E 264 49.44 60.93 -44.09
CA ALA E 264 50.50 61.23 -43.13
C ALA E 264 51.36 59.99 -42.94
N TYR E 265 52.55 60.17 -42.39
CA TYR E 265 53.48 59.07 -42.19
C TYR E 265 54.09 59.10 -40.79
N SER E 266 54.65 57.97 -40.37
CA SER E 266 55.30 57.87 -39.07
C SER E 266 56.16 56.61 -39.00
N LYS E 267 57.20 56.67 -38.17
CA LYS E 267 58.08 55.52 -37.97
C LYS E 267 57.45 54.54 -36.99
N ASP E 268 56.61 55.07 -36.10
CA ASP E 268 55.91 54.25 -35.12
C ASP E 268 54.40 54.52 -35.14
N LEU E 269 53.61 53.53 -34.73
CA LEU E 269 52.17 53.66 -34.70
C LEU E 269 51.72 54.49 -33.49
N ALA E 270 52.42 54.31 -32.37
CA ALA E 270 52.07 55.00 -31.13
C ALA E 270 52.22 56.51 -31.24
N SER E 271 53.30 56.96 -31.89
CA SER E 271 53.58 58.38 -32.01
C SER E 271 54.52 58.68 -33.17
N GLY E 272 54.81 59.97 -33.37
CA GLY E 272 55.74 60.39 -34.41
C GLY E 272 55.07 60.63 -35.74
N TRP E 273 53.76 60.87 -35.71
CA TRP E 273 53.00 61.09 -36.94
C TRP E 273 53.20 62.48 -37.51
N SER E 274 53.40 62.55 -38.83
CA SER E 274 53.60 63.81 -39.51
C SER E 274 52.28 64.56 -39.69
N GLN E 275 52.37 65.74 -40.28
CA GLN E 275 51.18 66.54 -40.56
C GLN E 275 50.43 65.98 -41.76
N LEU E 276 49.27 66.57 -42.05
CA LEU E 276 48.44 66.13 -43.17
C LEU E 276 48.90 66.74 -44.48
N TYR E 277 49.22 65.89 -45.45
CA TYR E 277 49.59 66.35 -46.78
C TYR E 277 48.53 65.95 -47.81
N ASN E 278 48.21 66.86 -48.71
CA ASN E 278 47.22 66.59 -49.75
C ASN E 278 47.57 65.38 -50.60
N LEU E 279 46.55 64.71 -51.13
CA LEU E 279 46.73 63.48 -51.88
C LEU E 279 45.63 63.36 -52.92
N GLY E 280 45.97 63.59 -54.18
CA GLY E 280 44.99 63.66 -55.25
C GLY E 280 44.46 65.07 -55.39
N ASN E 281 43.41 65.25 -56.19
CA ASN E 281 42.81 66.56 -56.34
C ASN E 281 41.81 66.86 -55.22
N SER E 282 41.18 68.03 -55.28
CA SER E 282 40.27 68.47 -54.23
C SER E 282 39.08 67.52 -54.05
N THR E 283 38.89 66.63 -55.01
CA THR E 283 37.74 65.73 -55.01
C THR E 283 38.19 64.28 -54.94
N THR E 284 39.50 64.07 -54.81
CA THR E 284 40.09 62.73 -54.84
C THR E 284 39.57 61.99 -56.07
N TYR E 285 39.43 62.73 -57.17
CA TYR E 285 38.97 62.16 -58.43
C TYR E 285 37.59 61.55 -58.28
N ARG E 286 36.72 62.25 -57.55
CA ARG E 286 35.36 61.80 -57.30
C ARG E 286 35.34 60.40 -56.70
N SER E 287 36.04 60.23 -55.58
CA SER E 287 36.06 58.96 -54.87
C SER E 287 36.39 59.17 -53.40
N GLN E 288 36.10 58.14 -52.60
CA GLN E 288 36.47 58.15 -51.20
C GLN E 288 37.30 56.91 -50.88
N PRO E 289 38.45 57.11 -50.23
CA PRO E 289 39.35 56.01 -49.87
C PRO E 289 38.60 54.90 -49.13
N THR E 290 38.92 53.64 -49.43
CA THR E 290 38.29 52.53 -48.74
C THR E 290 39.33 51.49 -48.30
N PHE E 291 40.35 51.29 -49.12
CA PHE E 291 41.42 50.33 -48.79
C PHE E 291 42.60 50.44 -49.73
N ILE E 292 43.80 50.27 -49.19
CA ILE E 292 45.04 50.28 -49.98
C ILE E 292 45.82 48.99 -49.74
N ILE E 293 46.00 48.20 -50.79
CA ILE E 293 46.67 46.91 -50.65
C ILE E 293 47.89 46.79 -51.55
N PRO E 294 49.03 46.40 -50.97
CA PRO E 294 50.26 46.18 -51.74
C PRO E 294 50.13 44.98 -52.66
N VAL E 295 50.41 45.19 -53.95
CA VAL E 295 50.35 44.12 -54.94
C VAL E 295 51.76 43.70 -55.34
N GLN E 296 52.26 42.63 -54.72
CA GLN E 296 53.62 42.18 -54.98
C GLN E 296 53.69 41.14 -56.10
N GLY E 297 54.68 41.31 -56.97
CA GLY E 297 54.89 40.38 -58.07
C GLY E 297 56.37 40.14 -58.32
N SER E 298 56.68 39.59 -59.50
CA SER E 298 58.06 39.27 -59.85
C SER E 298 58.93 40.53 -59.94
N SER E 299 58.46 41.51 -60.72
CA SER E 299 59.21 42.75 -60.92
C SER E 299 59.36 43.56 -59.63
N GLY E 300 58.24 43.80 -58.95
CA GLY E 300 58.26 44.57 -57.71
C GLY E 300 56.90 44.67 -57.06
N THR E 301 56.74 45.64 -56.18
CA THR E 301 55.48 45.83 -55.46
C THR E 301 54.84 47.18 -55.77
N SER E 302 53.64 47.14 -56.34
CA SER E 302 52.89 48.35 -56.64
C SER E 302 51.64 48.44 -55.76
N TYR E 303 51.59 49.43 -54.89
CA TYR E 303 50.45 49.62 -53.98
C TYR E 303 49.19 50.04 -54.74
N LEU E 304 48.11 49.31 -54.49
CA LEU E 304 46.83 49.57 -55.15
C LEU E 304 45.90 50.40 -54.26
N TYR E 305 45.37 51.48 -54.82
CA TYR E 305 44.39 52.30 -54.12
C TYR E 305 42.98 51.93 -54.56
N MET E 306 42.13 51.59 -53.60
CA MET E 306 40.73 51.30 -53.87
C MET E 306 39.87 52.42 -53.33
N GLY E 307 38.95 52.91 -54.15
CA GLY E 307 38.07 54.00 -53.75
C GLY E 307 36.64 53.79 -54.21
N ASP E 308 35.70 54.42 -53.51
CA ASP E 308 34.30 54.34 -53.88
C ASP E 308 33.80 55.66 -54.48
N ARG E 309 33.10 55.57 -55.61
CA ARG E 309 32.41 56.73 -56.15
C ARG E 309 30.93 56.62 -55.77
N TRP E 310 30.60 57.10 -54.58
CA TRP E 310 29.27 56.95 -54.03
C TRP E 310 28.19 57.60 -54.88
N ALA E 311 27.19 56.82 -55.25
CA ALA E 311 26.09 57.30 -56.08
C ALA E 311 25.24 58.32 -55.33
N GLY E 312 25.46 58.41 -54.02
CA GLY E 312 24.72 59.35 -53.20
C GLY E 312 24.98 60.79 -53.60
N ALA E 313 26.14 61.03 -54.21
CA ALA E 313 26.53 62.36 -54.64
C ALA E 313 25.54 62.93 -55.66
N TRP E 314 24.89 62.04 -56.41
CA TRP E 314 23.93 62.48 -57.41
C TRP E 314 22.53 61.91 -57.17
N GLY E 315 22.24 61.54 -55.92
CA GLY E 315 20.91 61.10 -55.54
C GLY E 315 20.63 59.63 -55.74
N GLY E 316 21.60 58.91 -56.30
CA GLY E 316 21.45 57.49 -56.54
C GLY E 316 21.60 56.67 -55.27
N LYS E 317 21.10 55.44 -55.31
CA LYS E 317 21.21 54.54 -54.15
C LYS E 317 22.59 53.89 -54.09
N VAL E 318 22.94 53.38 -52.92
CA VAL E 318 24.28 52.83 -52.69
C VAL E 318 24.69 51.78 -53.73
N ASN E 319 23.74 50.92 -54.11
CA ASN E 319 24.02 49.86 -55.06
C ASN E 319 24.30 50.37 -56.47
N ASP E 320 24.19 51.68 -56.66
CA ASP E 320 24.50 52.30 -57.95
C ASP E 320 25.90 52.91 -57.93
N SER E 321 26.54 52.86 -56.76
CA SER E 321 27.89 53.41 -56.60
C SER E 321 28.87 52.75 -57.55
N GLN E 322 30.00 53.41 -57.77
CA GLN E 322 31.02 52.91 -58.69
C GLN E 322 32.36 52.78 -57.98
N TYR E 323 33.38 52.34 -58.71
CA TYR E 323 34.69 52.11 -58.12
C TYR E 323 35.78 52.89 -58.84
N VAL E 324 36.79 53.31 -58.07
CA VAL E 324 37.94 54.00 -58.63
C VAL E 324 39.23 53.42 -58.09
N TRP E 325 39.93 52.65 -58.92
CA TRP E 325 41.21 52.06 -58.52
C TRP E 325 42.36 52.78 -59.19
N LEU E 326 43.36 53.15 -58.38
CA LEU E 326 44.52 53.88 -58.88
C LEU E 326 45.79 53.36 -58.21
N PRO E 327 46.95 53.56 -58.86
CA PRO E 327 48.23 53.20 -58.26
C PRO E 327 48.68 54.26 -57.26
N LEU E 328 49.12 53.83 -56.08
CA LEU E 328 49.67 54.75 -55.09
C LEU E 328 51.19 54.76 -55.22
N ASN E 329 51.73 55.84 -55.75
CA ASN E 329 53.17 55.93 -56.01
C ASN E 329 53.95 56.56 -54.88
N PHE E 330 55.10 55.99 -54.56
CA PHE E 330 55.97 56.52 -53.52
C PHE E 330 57.22 57.15 -54.11
N ILE E 331 57.12 58.42 -54.49
CA ILE E 331 58.26 59.17 -54.99
C ILE E 331 59.38 59.15 -53.96
N SER E 332 59.00 59.17 -52.69
CA SER E 332 59.94 59.10 -51.59
C SER E 332 59.28 58.43 -50.39
N ASP E 333 60.05 58.20 -49.34
CA ASP E 333 59.50 57.62 -48.11
C ASP E 333 58.56 58.61 -47.43
N THR E 334 58.67 59.88 -47.80
CA THR E 334 57.85 60.93 -47.18
C THR E 334 56.98 61.64 -48.21
N THR E 335 57.14 61.30 -49.48
CA THR E 335 56.38 61.93 -50.55
C THR E 335 55.55 60.92 -51.34
N LEU E 336 54.23 61.03 -51.25
CA LEU E 336 53.33 60.13 -51.95
C LEU E 336 52.58 60.84 -53.08
N GLU E 337 52.14 60.05 -54.06
CA GLU E 337 51.48 60.60 -55.24
C GLU E 337 50.36 59.69 -55.72
N LEU E 338 49.18 60.27 -55.95
CA LEU E 338 48.04 59.50 -56.44
C LEU E 338 47.51 60.10 -57.74
N PRO E 339 47.97 59.57 -58.87
CA PRO E 339 47.53 60.05 -60.18
C PRO E 339 46.17 59.46 -60.56
N TYR E 340 45.49 60.09 -61.51
CA TYR E 340 44.24 59.54 -62.02
C TYR E 340 44.36 59.11 -63.48
N TYR E 341 43.96 57.88 -63.74
CA TYR E 341 43.94 57.35 -65.10
C TYR E 341 42.56 56.82 -65.41
N ASP E 342 41.93 57.33 -66.46
CA ASP E 342 40.60 56.87 -66.85
C ASP E 342 40.60 55.35 -67.00
N SER E 343 41.74 54.81 -67.43
CA SER E 343 41.91 53.36 -67.54
C SER E 343 43.25 52.94 -66.94
N VAL E 344 43.21 51.93 -66.08
CA VAL E 344 44.42 51.45 -65.40
C VAL E 344 44.71 50.00 -65.74
N LYS E 345 45.96 49.72 -66.13
CA LYS E 345 46.37 48.35 -66.42
C LYS E 345 47.03 47.72 -65.21
N ILE E 346 46.58 46.51 -64.87
CA ILE E 346 47.12 45.79 -63.72
C ILE E 346 47.68 44.44 -64.12
N ASP E 347 48.86 44.12 -63.58
CA ASP E 347 49.48 42.83 -63.83
C ASP E 347 50.02 42.27 -62.51
N ALA E 348 49.18 41.48 -61.84
CA ALA E 348 49.50 40.96 -60.52
C ALA E 348 50.76 40.10 -60.51
N SER E 349 50.97 39.35 -61.59
CA SER E 349 52.13 38.48 -61.70
C SER E 349 53.44 39.27 -61.63
N SER E 350 53.54 40.33 -62.42
CA SER E 350 54.72 41.19 -62.41
C SER E 350 54.68 42.16 -61.25
N GLY E 351 53.47 42.51 -60.81
CA GLY E 351 53.29 43.46 -59.73
C GLY E 351 53.28 44.88 -60.24
N ILE E 352 52.81 45.06 -61.47
CA ILE E 352 52.79 46.37 -62.09
C ILE E 352 51.39 46.99 -62.12
N ILE E 353 51.30 48.22 -61.61
CA ILE E 353 50.07 49.00 -61.73
C ILE E 353 50.42 50.34 -62.37
N SER E 354 50.03 50.51 -63.63
CA SER E 354 50.37 51.73 -64.36
C SER E 354 49.21 52.22 -65.21
N GLU E 355 49.41 53.37 -65.86
CA GLU E 355 48.41 53.94 -66.75
C GLU E 355 48.28 53.09 -68.00
N TYR E 356 47.05 52.87 -68.45
CA TYR E 356 46.82 52.14 -69.69
C TYR E 356 46.63 53.12 -70.85
N ILE E 357 47.53 53.04 -71.82
CA ILE E 357 47.44 53.86 -73.02
C ILE E 357 46.85 53.06 -74.16
N PRO E 358 45.62 53.41 -74.57
CA PRO E 358 44.93 52.73 -75.68
C PRO E 358 45.75 52.70 -76.96
N ASP E 359 46.49 53.78 -77.22
CA ASP E 359 47.30 53.88 -78.43
C ASP E 359 48.77 54.07 -78.08
N THR E 360 49.53 52.98 -78.13
CA THR E 360 50.93 52.99 -77.69
C THR E 360 51.87 53.57 -78.77
N THR E 361 51.30 54.32 -79.71
CA THR E 361 52.10 54.95 -80.75
C THR E 361 52.94 56.10 -80.17
N ARG E 362 54.26 55.98 -80.28
CA ARG E 362 55.16 57.01 -79.77
C ARG E 362 55.34 58.14 -80.80
N TYR E 363 55.63 59.33 -80.29
CA TYR E 363 55.76 60.50 -81.16
C TYR E 363 56.94 61.40 -80.81
N LYS E 364 57.34 62.23 -81.76
CA LYS E 364 58.29 63.30 -81.53
C LYS E 364 57.65 64.61 -81.94
N LEU E 365 57.82 65.64 -81.11
CA LEU E 365 57.25 66.95 -81.41
C LEU E 365 58.34 67.91 -81.87
N VAL E 366 58.44 68.09 -83.18
CA VAL E 366 59.51 68.91 -83.77
C VAL E 366 59.06 70.36 -84.00
N ASN E 367 59.83 71.29 -83.49
CA ASN E 367 59.56 72.72 -83.68
C ASN E 367 59.95 73.16 -85.09
N LYS E 368 59.05 73.87 -85.76
CA LYS E 368 59.32 74.34 -87.12
C LYS E 368 60.48 75.33 -87.17
N ASN E 369 60.52 76.24 -86.22
CA ASN E 369 61.53 77.30 -86.19
C ASN E 369 62.92 76.79 -85.81
N SER E 370 63.01 76.04 -84.73
CA SER E 370 64.30 75.60 -84.20
C SER E 370 64.73 74.25 -84.75
N GLY E 371 63.76 73.42 -85.12
CA GLY E 371 64.03 72.08 -85.59
C GLY E 371 64.23 71.12 -84.43
N LYS E 372 64.28 71.66 -83.22
CA LYS E 372 64.44 70.86 -82.01
C LYS E 372 63.12 70.15 -81.66
N VAL E 373 63.21 69.19 -80.76
CA VAL E 373 62.02 68.42 -80.36
C VAL E 373 61.66 68.64 -78.90
N LEU E 374 60.39 68.40 -78.57
CA LEU E 374 59.93 68.54 -77.20
C LEU E 374 60.60 67.50 -76.31
N ASP E 375 61.11 67.95 -75.17
CA ASP E 375 61.89 67.08 -74.30
C ASP E 375 61.75 67.49 -72.84
N VAL E 376 62.32 66.68 -71.94
CA VAL E 376 62.37 66.99 -70.53
C VAL E 376 63.81 67.30 -70.14
N LEU E 377 63.99 68.38 -69.38
CA LEU E 377 65.33 68.81 -68.97
C LEU E 377 66.09 67.68 -68.29
N ASP E 378 67.27 67.36 -68.85
CA ASP E 378 68.12 66.31 -68.29
C ASP E 378 67.45 64.94 -68.34
N GLY E 379 66.42 64.81 -69.19
CA GLY E 379 65.70 63.56 -69.31
C GLY E 379 65.27 63.03 -67.95
N SER E 380 64.85 63.93 -67.08
CA SER E 380 64.47 63.55 -65.71
C SER E 380 63.06 63.00 -65.66
N VAL E 381 62.85 62.03 -64.77
CA VAL E 381 61.53 61.46 -64.55
C VAL E 381 60.89 62.06 -63.30
N ASP E 382 61.63 62.96 -62.66
CA ASP E 382 61.14 63.63 -61.46
C ASP E 382 59.94 64.52 -61.77
N ASN E 383 59.05 64.68 -60.81
CA ASN E 383 57.84 65.46 -61.01
C ASN E 383 58.13 66.96 -61.11
N ALA E 384 57.29 67.67 -61.87
CA ALA E 384 57.41 69.11 -62.05
C ALA E 384 58.67 69.50 -62.84
N ALA E 385 59.34 68.49 -63.40
CA ALA E 385 60.54 68.73 -64.19
C ALA E 385 60.27 69.71 -65.34
N GLN E 386 61.26 70.56 -65.62
CA GLN E 386 61.12 71.58 -66.65
C GLN E 386 61.07 70.95 -68.04
N ILE E 387 60.16 71.46 -68.88
CA ILE E 387 60.07 71.00 -70.26
C ILE E 387 60.82 71.94 -71.20
N VAL E 388 61.83 71.40 -71.87
CA VAL E 388 62.66 72.20 -72.78
C VAL E 388 62.78 71.53 -74.14
N GLN E 389 63.18 72.31 -75.14
CA GLN E 389 63.39 71.77 -76.49
C GLN E 389 64.85 71.37 -76.67
N TRP E 390 65.07 70.10 -76.97
CA TRP E 390 66.42 69.59 -77.17
C TRP E 390 66.61 69.10 -78.60
N THR E 391 67.84 68.77 -78.96
CA THR E 391 68.13 68.26 -80.31
C THR E 391 67.70 66.80 -80.43
N ASP E 392 67.09 66.48 -81.57
CA ASP E 392 66.65 65.12 -81.85
C ASP E 392 67.80 64.13 -81.68
N ASN E 393 67.80 63.42 -80.56
CA ASN E 393 68.84 62.45 -80.27
C ASN E 393 68.28 61.04 -80.09
N GLY E 394 66.99 60.90 -80.35
CA GLY E 394 66.32 59.61 -80.23
C GLY E 394 66.17 59.16 -78.79
N SER E 395 66.64 59.99 -77.85
CA SER E 395 66.56 59.67 -76.43
C SER E 395 65.12 59.33 -76.04
N LEU E 396 64.99 58.50 -75.00
CA LEU E 396 63.67 58.07 -74.55
C LEU E 396 62.91 59.23 -73.91
N SER E 397 63.66 60.26 -73.54
CA SER E 397 63.08 61.43 -72.88
C SER E 397 62.30 62.29 -73.86
N GLN E 398 62.42 61.98 -75.16
CA GLN E 398 61.83 62.81 -76.20
C GLN E 398 60.67 62.12 -76.90
N GLN E 399 60.15 61.07 -76.29
CA GLN E 399 59.02 60.33 -76.86
C GLN E 399 57.75 60.53 -76.04
N TRP E 400 56.62 60.64 -76.72
CA TRP E 400 55.36 61.00 -76.06
C TRP E 400 54.17 60.20 -76.57
N TYR E 401 53.32 59.76 -75.66
CA TYR E 401 52.05 59.12 -76.01
C TYR E 401 50.99 60.20 -76.19
N LEU E 402 49.95 59.88 -76.95
CA LEU E 402 48.79 60.75 -77.08
C LEU E 402 47.54 60.05 -76.58
N VAL E 403 47.11 60.42 -75.38
CA VAL E 403 45.97 59.78 -74.73
C VAL E 403 44.69 60.59 -74.89
N ASP E 404 43.74 60.05 -75.66
CA ASP E 404 42.47 60.72 -75.91
C ASP E 404 41.67 60.86 -74.62
N VAL E 405 41.27 62.09 -74.29
CA VAL E 405 40.50 62.35 -73.08
C VAL E 405 39.10 62.87 -73.39
N GLY E 406 38.72 62.80 -74.66
CA GLY E 406 37.39 63.21 -75.07
C GLY E 406 37.25 64.71 -75.22
N GLY E 407 36.34 65.13 -76.10
CA GLY E 407 36.10 66.54 -76.34
C GLY E 407 37.02 67.08 -77.42
N GLY E 408 37.84 66.21 -78.00
CA GLY E 408 38.79 66.59 -79.01
C GLY E 408 40.16 66.89 -78.44
N TYR E 409 40.24 66.87 -77.11
CA TYR E 409 41.50 67.15 -76.42
C TYR E 409 42.25 65.85 -76.10
N LYS E 410 43.55 65.98 -75.86
CA LYS E 410 44.39 64.80 -75.62
C LYS E 410 45.46 65.08 -74.58
N LYS E 411 45.96 64.02 -73.95
CA LYS E 411 47.07 64.13 -73.00
C LYS E 411 48.39 63.84 -73.69
N ILE E 412 49.37 64.72 -73.46
CA ILE E 412 50.72 64.50 -73.99
C ILE E 412 51.57 63.86 -72.90
N VAL E 413 51.64 62.54 -72.91
CA VAL E 413 52.33 61.80 -71.85
C VAL E 413 53.74 61.38 -72.27
N ASN E 414 54.72 61.73 -71.44
CA ASN E 414 56.10 61.33 -71.68
C ASN E 414 56.24 59.81 -71.54
N VAL E 415 57.18 59.23 -72.27
CA VAL E 415 57.36 57.78 -72.23
C VAL E 415 58.29 57.36 -71.10
N LYS E 416 59.41 58.06 -70.95
CA LYS E 416 60.37 57.73 -69.89
C LYS E 416 59.70 57.82 -68.52
N SER E 417 59.00 58.92 -68.29
CA SER E 417 58.21 59.09 -67.07
C SER E 417 56.73 59.12 -67.41
N GLY E 418 55.91 58.45 -66.61
CA GLY E 418 54.49 58.38 -66.86
C GLY E 418 53.78 59.71 -66.69
N ARG E 419 54.55 60.77 -66.47
CA ARG E 419 53.99 62.09 -66.22
C ARG E 419 53.47 62.74 -67.50
N ALA E 420 52.55 63.69 -67.35
CA ALA E 420 51.95 64.36 -68.50
C ALA E 420 52.37 65.83 -68.59
N LEU E 421 52.25 66.39 -69.79
CA LEU E 421 52.60 67.78 -70.03
C LEU E 421 51.47 68.67 -69.54
N ASP E 422 51.80 69.63 -68.67
CA ASP E 422 50.78 70.53 -68.13
C ASP E 422 51.28 71.95 -67.91
N VAL E 423 50.36 72.91 -68.01
CA VAL E 423 50.67 74.30 -67.71
C VAL E 423 50.82 74.48 -66.21
N LYS E 424 52.04 74.76 -65.77
CA LYS E 424 52.34 74.85 -64.34
C LYS E 424 51.38 75.78 -63.60
N ASP E 425 50.94 75.32 -62.42
CA ASP E 425 50.08 76.11 -61.55
C ASP E 425 48.83 76.63 -62.27
N GLU E 426 48.41 75.91 -63.31
CA GLU E 426 47.23 76.29 -64.09
C GLU E 426 47.27 77.76 -64.49
N SER E 427 48.42 78.20 -65.02
CA SER E 427 48.59 79.59 -65.41
C SER E 427 47.77 79.93 -66.66
N LYS E 428 47.33 81.17 -66.74
CA LYS E 428 46.54 81.64 -67.88
C LYS E 428 47.28 82.76 -68.61
N GLU E 429 48.51 83.03 -68.19
CA GLU E 429 49.27 84.18 -68.69
C GLU E 429 50.37 83.79 -69.68
N ASP E 430 50.78 84.76 -70.49
CA ASP E 430 51.90 84.57 -71.40
C ASP E 430 53.17 84.26 -70.63
N GLY E 431 53.99 83.38 -71.19
CA GLY E 431 55.24 83.00 -70.55
C GLY E 431 55.05 81.88 -69.56
N GLY E 432 53.81 81.43 -69.40
CA GLY E 432 53.50 80.34 -68.50
C GLY E 432 54.31 79.11 -68.85
N VAL E 433 55.26 78.77 -67.98
CA VAL E 433 56.17 77.67 -68.24
C VAL E 433 55.45 76.32 -68.21
N LEU E 434 55.89 75.40 -69.06
CA LEU E 434 55.32 74.05 -69.11
C LEU E 434 56.21 73.04 -68.40
N ILE E 435 55.60 72.18 -67.60
CA ILE E 435 56.34 71.14 -66.90
C ILE E 435 55.64 69.79 -67.05
N GLN E 436 56.36 68.71 -66.77
CA GLN E 436 55.73 67.40 -66.70
C GLN E 436 55.23 67.19 -65.28
N TYR E 437 53.98 66.76 -65.15
CA TYR E 437 53.37 66.60 -63.83
C TYR E 437 52.48 65.37 -63.79
N THR E 438 52.25 64.85 -62.59
CA THR E 438 51.41 63.67 -62.41
C THR E 438 50.02 63.92 -62.97
N SER E 439 49.44 62.91 -63.60
CA SER E 439 48.10 63.04 -64.16
C SER E 439 47.08 63.31 -63.07
N ASN E 440 46.25 64.33 -63.26
CA ASN E 440 45.26 64.70 -62.27
C ASN E 440 43.93 65.14 -62.88
N GLY E 441 43.76 64.87 -64.17
CA GLY E 441 42.52 65.18 -64.86
C GLY E 441 42.27 66.67 -65.03
N GLY E 442 43.24 67.48 -64.63
CA GLY E 442 43.13 68.93 -64.77
C GLY E 442 43.15 69.35 -66.23
N TYR E 443 42.43 70.42 -66.54
CA TYR E 443 42.35 70.89 -67.92
C TYR E 443 43.67 71.48 -68.42
N ASN E 444 44.57 71.80 -67.50
CA ASN E 444 45.88 72.28 -67.86
C ASN E 444 46.77 71.15 -68.38
N GLN E 445 46.20 69.95 -68.45
CA GLN E 445 46.92 68.78 -68.95
C GLN E 445 46.29 68.28 -70.24
N HIS E 446 45.27 68.98 -70.71
CA HIS E 446 44.58 68.60 -71.95
C HIS E 446 44.95 69.56 -73.08
N TRP E 447 45.28 68.99 -74.24
CA TRP E 447 45.74 69.79 -75.37
C TRP E 447 44.95 69.49 -76.64
N LYS E 448 44.58 70.54 -77.36
CA LYS E 448 43.89 70.38 -78.64
C LYS E 448 44.87 70.52 -79.80
N PHE E 449 44.76 69.64 -80.78
CA PHE E 449 45.63 69.66 -81.95
C PHE E 449 44.94 70.29 -83.16
N THR E 450 45.45 71.44 -83.59
CA THR E 450 44.90 72.13 -84.75
C THR E 450 45.84 72.02 -85.95
N ASP E 451 45.38 71.35 -86.99
CA ASP E 451 46.18 71.15 -88.19
C ASP E 451 46.26 72.43 -89.03
N ILE E 452 47.48 72.87 -89.32
CA ILE E 452 47.70 74.06 -90.12
C ILE E 452 48.36 73.74 -91.45
N GLY E 453 48.44 72.46 -91.79
CA GLY E 453 49.00 72.02 -93.05
C GLY E 453 50.44 71.54 -92.95
N ASP E 454 50.84 70.71 -93.91
CA ASP E 454 52.19 70.18 -93.96
C ASP E 454 52.55 69.37 -92.72
N GLY E 455 51.55 68.73 -92.11
CA GLY E 455 51.77 67.92 -90.94
C GLY E 455 52.21 68.72 -89.73
N TYR E 456 51.93 70.02 -89.74
CA TYR E 456 52.26 70.88 -88.60
C TYR E 456 50.99 71.26 -87.83
N TYR E 457 51.12 71.37 -86.52
CA TYR E 457 49.97 71.62 -85.65
C TYR E 457 50.19 72.80 -84.71
N LYS E 458 49.08 73.43 -84.31
CA LYS E 458 49.09 74.40 -83.23
C LYS E 458 48.45 73.75 -82.01
N ILE E 459 49.29 73.41 -81.03
CA ILE E 459 48.80 72.71 -79.84
C ILE E 459 48.37 73.70 -78.76
N SER E 460 47.06 73.82 -78.56
CA SER E 460 46.52 74.76 -77.59
C SER E 460 46.04 74.09 -76.31
N SER E 461 46.19 74.80 -75.20
CA SER E 461 45.77 74.30 -73.90
C SER E 461 44.25 74.41 -73.74
N ARG E 462 43.66 73.47 -73.01
CA ARG E 462 42.23 73.45 -72.79
C ARG E 462 41.85 74.52 -71.76
N HIS E 463 42.84 74.93 -70.98
CA HIS E 463 42.61 75.89 -69.90
C HIS E 463 42.28 77.28 -70.42
N CYS E 464 43.18 77.86 -71.22
CA CYS E 464 42.99 79.20 -71.75
C CYS E 464 42.98 79.24 -73.27
N GLY E 465 43.68 78.32 -73.89
CA GLY E 465 43.73 78.23 -75.34
C GLY E 465 45.06 78.65 -75.93
N LYS E 466 45.98 79.08 -75.08
CA LYS E 466 47.31 79.48 -75.52
C LYS E 466 48.08 78.29 -76.08
N LEU E 467 49.12 78.56 -76.87
CA LEU E 467 49.83 77.51 -77.58
C LEU E 467 51.15 77.14 -76.91
N ILE E 468 51.61 75.93 -77.19
CA ILE E 468 52.93 75.49 -76.74
C ILE E 468 53.99 76.35 -77.45
N ASP E 469 54.79 77.07 -76.66
CA ASP E 469 55.67 78.07 -77.22
C ASP E 469 57.13 77.85 -76.83
N VAL E 470 58.04 78.18 -77.75
CA VAL E 470 59.46 78.15 -77.45
C VAL E 470 59.92 79.55 -77.06
N ARG E 471 60.31 79.70 -75.79
CA ARG E 471 60.66 81.01 -75.24
C ARG E 471 61.61 81.80 -76.14
N LYS E 472 61.11 82.93 -76.65
CA LYS E 472 61.91 83.86 -77.44
C LYS E 472 62.47 83.22 -78.72
N TRP E 473 61.69 82.32 -79.31
CA TRP E 473 62.07 81.69 -80.57
C TRP E 473 63.41 80.98 -80.51
N SER E 474 63.84 80.65 -79.29
CA SER E 474 65.14 80.01 -79.09
C SER E 474 65.40 78.87 -80.07
N THR E 475 66.65 78.73 -80.47
CA THR E 475 67.04 77.68 -81.41
C THR E 475 68.06 76.73 -80.79
N GLU E 476 68.40 76.99 -79.53
CA GLU E 476 69.45 76.23 -78.85
C GLU E 476 68.88 75.14 -77.95
N ASP E 477 69.76 74.26 -77.48
CA ASP E 477 69.36 73.22 -76.53
C ASP E 477 68.94 73.86 -75.21
N GLY E 478 68.01 73.22 -74.52
CA GLY E 478 67.51 73.74 -73.25
C GLY E 478 66.56 74.89 -73.45
N GLY E 479 66.14 75.11 -74.69
CA GLY E 479 65.18 76.15 -75.00
C GLY E 479 63.89 75.93 -74.22
N ILE E 480 63.61 76.84 -73.28
CA ILE E 480 62.47 76.70 -72.39
C ILE E 480 61.14 76.69 -73.14
N ILE E 481 60.38 75.62 -72.95
CA ILE E 481 59.03 75.51 -73.52
C ILE E 481 58.05 76.18 -72.58
N GLN E 482 57.12 76.94 -73.14
CA GLN E 482 56.20 77.74 -72.33
C GLN E 482 54.81 77.82 -72.95
N GLN E 483 54.07 78.86 -72.57
CA GLN E 483 52.71 79.08 -73.02
C GLN E 483 52.61 80.51 -73.53
N TRP E 484 51.95 80.69 -74.66
CA TRP E 484 51.83 82.02 -75.25
C TRP E 484 50.63 82.12 -76.20
N SER E 485 50.11 83.34 -76.36
CA SER E 485 48.98 83.57 -77.24
C SER E 485 49.33 83.19 -78.68
N ASP E 486 48.31 82.85 -79.45
CA ASP E 486 48.51 82.51 -80.86
C ASP E 486 49.10 83.71 -81.61
N ALA E 487 50.37 83.60 -81.99
CA ALA E 487 51.07 84.69 -82.65
C ALA E 487 51.41 84.38 -84.10
N GLY E 488 51.15 83.14 -84.50
CA GLY E 488 51.39 82.71 -85.87
C GLY E 488 52.86 82.49 -86.17
N GLY E 489 53.69 82.52 -85.13
CA GLY E 489 55.11 82.29 -85.30
C GLY E 489 55.45 80.83 -85.47
N THR E 490 56.47 80.53 -86.25
CA THR E 490 56.90 79.15 -86.49
C THR E 490 57.39 78.50 -85.19
N ASN E 491 57.70 79.32 -84.20
CA ASN E 491 58.12 78.83 -82.90
C ASN E 491 56.94 78.25 -82.13
N GLN E 492 55.74 78.41 -82.69
CA GLN E 492 54.51 77.91 -82.06
C GLN E 492 53.93 76.76 -82.87
N HIS E 493 54.68 76.30 -83.87
CA HIS E 493 54.22 75.21 -84.73
C HIS E 493 55.03 73.94 -84.48
N TRP E 494 54.34 72.81 -84.42
CA TRP E 494 54.98 71.54 -84.10
C TRP E 494 54.59 70.44 -85.09
N LYS E 495 55.57 69.60 -85.45
CA LYS E 495 55.32 68.51 -86.36
C LYS E 495 55.28 67.19 -85.62
N LEU E 496 54.25 66.39 -85.89
CA LEU E 496 54.07 65.12 -85.21
C LEU E 496 54.76 63.98 -85.98
N VAL E 497 55.88 63.51 -85.44
CA VAL E 497 56.70 62.51 -86.12
C VAL E 497 56.68 61.16 -85.39
N LEU E 498 56.25 60.12 -86.10
CA LEU E 498 56.20 58.78 -85.53
C LEU E 498 57.60 58.20 -85.31
N VAL E 499 57.72 57.32 -84.33
CA VAL E 499 59.00 56.68 -84.03
C VAL E 499 58.81 55.25 -83.54
N GLU F 39 5.19 9.40 -5.23
CA GLU F 39 4.64 10.70 -5.55
C GLU F 39 5.75 11.68 -5.92
N GLY F 40 5.51 12.96 -5.63
CA GLY F 40 6.51 13.99 -5.88
C GLY F 40 7.63 13.93 -4.87
N VAL F 41 8.37 12.83 -4.88
CA VAL F 41 9.42 12.59 -3.90
C VAL F 41 10.78 12.41 -4.57
N ILE F 42 11.82 12.95 -3.96
CA ILE F 42 13.18 12.85 -4.48
C ILE F 42 14.10 12.11 -3.52
N VAL F 43 14.89 11.20 -4.06
CA VAL F 43 15.86 10.44 -3.27
C VAL F 43 17.27 10.98 -3.49
N ASN F 44 17.78 11.72 -2.52
CA ASN F 44 19.11 12.32 -2.62
C ASN F 44 20.23 11.30 -2.67
N GLY F 45 21.35 11.68 -3.29
CA GLY F 45 22.50 10.81 -3.38
C GLY F 45 22.42 9.81 -4.51
N THR F 46 21.51 10.07 -5.46
CA THR F 46 21.35 9.20 -6.62
C THR F 46 21.31 10.00 -7.91
N GLN F 47 21.41 9.30 -9.04
CA GLN F 47 21.28 9.93 -10.34
C GLN F 47 19.82 9.94 -10.77
N PHE F 48 19.18 11.10 -10.68
CA PHE F 48 17.78 11.22 -11.07
C PHE F 48 17.59 10.76 -12.51
N LYS F 49 16.43 10.20 -12.81
CA LYS F 49 16.12 9.75 -14.15
C LYS F 49 15.04 10.63 -14.78
N ASP F 50 15.15 10.85 -16.09
CA ASP F 50 14.15 11.64 -16.81
C ASP F 50 12.93 10.79 -17.14
N THR F 51 11.92 11.41 -17.75
CA THR F 51 10.68 10.73 -18.08
C THR F 51 10.89 9.60 -19.07
N SER F 52 12.08 9.54 -19.66
CA SER F 52 12.38 8.50 -20.65
C SER F 52 13.14 7.33 -20.05
N GLY F 53 13.47 7.45 -18.76
CA GLY F 53 14.15 6.37 -18.06
C GLY F 53 15.66 6.46 -18.05
N ASN F 54 16.19 7.47 -18.74
CA ASN F 54 17.63 7.68 -18.78
C ASN F 54 18.12 8.56 -17.63
N VAL F 55 19.35 8.34 -17.19
CA VAL F 55 19.93 9.15 -16.13
C VAL F 55 20.08 10.60 -16.60
N ILE F 56 19.73 11.53 -15.73
CA ILE F 56 19.82 12.95 -16.04
C ILE F 56 21.26 13.44 -15.94
N HIS F 57 21.79 13.99 -17.04
CA HIS F 57 23.13 14.53 -17.03
C HIS F 57 23.13 16.06 -17.10
N ALA F 58 23.00 16.68 -15.94
CA ALA F 58 23.02 18.14 -15.83
C ALA F 58 23.77 18.54 -14.58
N HIS F 59 25.07 18.23 -14.56
CA HIS F 59 25.90 18.45 -13.37
C HIS F 59 26.31 19.91 -13.23
N GLY F 60 26.60 20.32 -12.00
CA GLY F 60 26.95 21.70 -11.71
C GLY F 60 26.03 22.66 -12.42
N GLY F 61 24.75 22.33 -12.45
CA GLY F 61 23.79 23.09 -13.23
C GLY F 61 22.99 24.11 -12.45
N GLY F 62 22.03 24.72 -13.13
CA GLY F 62 21.15 25.70 -12.52
C GLY F 62 19.75 25.52 -13.06
N MET F 63 18.82 26.34 -12.59
CA MET F 63 17.43 26.22 -13.01
C MET F 63 16.81 27.58 -13.33
N LEU F 64 15.94 27.59 -14.33
CA LEU F 64 15.26 28.80 -14.74
C LEU F 64 13.75 28.59 -14.70
N LYS F 65 13.03 29.56 -14.13
CA LYS F 65 11.58 29.51 -14.12
C LYS F 65 11.03 30.46 -15.17
N HIS F 66 10.47 29.89 -16.24
CA HIS F 66 9.87 30.70 -17.30
C HIS F 66 8.56 30.09 -17.74
N GLY F 67 7.51 30.90 -17.78
CA GLY F 67 6.18 30.41 -18.07
C GLY F 67 5.74 29.41 -17.03
N ASP F 68 5.18 28.30 -17.46
CA ASP F 68 4.71 27.27 -16.54
C ASP F 68 5.78 26.19 -16.30
N TYR F 69 6.95 26.39 -16.89
CA TYR F 69 7.99 25.35 -16.85
C TYR F 69 9.25 25.75 -16.08
N TYR F 70 9.87 24.75 -15.46
CA TYR F 70 11.20 24.89 -14.89
C TYR F 70 12.20 24.27 -15.84
N TYR F 71 13.27 25.01 -16.16
CA TYR F 71 14.30 24.51 -17.05
C TYR F 71 15.60 24.24 -16.30
N TRP F 72 16.05 22.99 -16.34
CA TRP F 72 17.24 22.56 -15.63
C TRP F 72 18.40 22.36 -16.60
N TYR F 73 19.40 23.24 -16.53
CA TYR F 73 20.57 23.17 -17.39
C TYR F 73 21.76 22.63 -16.60
N GLY F 74 22.63 21.88 -17.27
CA GLY F 74 23.80 21.34 -16.61
C GLY F 74 24.85 20.78 -17.56
N GLU F 75 25.97 20.34 -17.00
CA GLU F 75 27.07 19.80 -17.80
C GLU F 75 26.75 18.39 -18.29
N TYR F 76 27.25 18.08 -19.48
CA TYR F 76 27.14 16.74 -20.04
C TYR F 76 28.50 16.37 -20.60
N ARG F 77 29.24 15.53 -19.88
CA ARG F 77 30.63 15.24 -20.24
C ARG F 77 30.83 13.79 -20.67
N ASP F 78 31.88 13.54 -21.44
CA ASP F 78 32.21 12.18 -21.87
C ASP F 78 33.07 11.47 -20.81
N ASP F 79 33.47 10.24 -21.11
CA ASP F 79 34.26 9.45 -20.17
C ASP F 79 35.59 10.11 -19.83
N SER F 80 36.07 10.98 -20.72
CA SER F 80 37.34 11.66 -20.51
C SER F 80 37.15 13.01 -19.81
N ASN F 81 35.97 13.20 -19.22
CA ASN F 81 35.64 14.45 -18.53
C ASN F 81 35.70 15.66 -19.43
N LEU F 82 35.55 15.44 -20.74
CA LEU F 82 35.53 16.54 -21.70
C LEU F 82 34.09 16.97 -22.01
N PHE F 83 33.94 18.19 -22.50
CA PHE F 83 32.63 18.77 -22.77
C PHE F 83 31.94 18.12 -23.96
N LEU F 84 30.72 17.63 -23.73
CA LEU F 84 29.89 17.12 -24.82
C LEU F 84 28.73 18.06 -25.10
N GLY F 85 28.21 18.69 -24.05
CA GLY F 85 27.14 19.65 -24.20
C GLY F 85 26.55 20.13 -22.89
N VAL F 86 25.74 21.18 -22.97
CA VAL F 86 24.97 21.66 -21.83
C VAL F 86 23.52 21.21 -22.00
N SER F 87 23.12 20.22 -21.21
CA SER F 87 21.81 19.60 -21.37
C SER F 87 20.69 20.45 -20.77
N CYS F 88 19.48 20.26 -21.29
CA CYS F 88 18.31 20.99 -20.81
C CYS F 88 17.16 20.05 -20.48
N TYR F 89 16.65 20.13 -19.25
CA TYR F 89 15.53 19.32 -18.83
C TYR F 89 14.38 20.20 -18.36
N ARG F 90 13.18 19.93 -18.88
CA ARG F 90 12.01 20.74 -18.56
C ARG F 90 11.07 20.00 -17.61
N SER F 91 10.33 20.74 -16.80
CA SER F 91 9.40 20.13 -15.84
C SER F 91 8.46 21.15 -15.22
N LYS F 92 7.26 20.70 -14.88
CA LYS F 92 6.28 21.54 -14.19
C LYS F 92 6.27 21.26 -12.69
N ASP F 93 6.64 20.04 -12.30
CA ASP F 93 6.53 19.62 -10.92
C ASP F 93 7.87 19.46 -10.20
N LEU F 94 8.96 19.64 -10.93
CA LEU F 94 10.31 19.55 -10.35
C LEU F 94 10.70 18.13 -9.95
N VAL F 95 9.84 17.16 -10.27
CA VAL F 95 10.14 15.76 -9.96
C VAL F 95 10.29 14.93 -11.22
N ASN F 96 9.39 15.15 -12.19
CA ASN F 96 9.46 14.46 -13.47
C ASN F 96 10.04 15.38 -14.54
N TRP F 97 11.24 15.04 -15.01
CA TRP F 97 11.94 15.89 -15.96
C TRP F 97 11.94 15.33 -17.38
N GLU F 98 11.52 16.16 -18.32
CA GLU F 98 11.51 15.77 -19.73
C GLU F 98 12.77 16.28 -20.43
N TYR F 99 13.56 15.34 -20.96
CA TYR F 99 14.79 15.68 -21.65
C TYR F 99 14.51 16.47 -22.93
N ARG F 100 15.20 17.59 -23.10
CA ARG F 100 14.94 18.49 -24.22
C ARG F 100 16.15 18.60 -25.15
N GLY F 101 17.21 17.85 -24.86
CA GLY F 101 18.40 17.84 -25.70
C GLY F 101 19.48 18.79 -25.23
N GLU F 102 20.53 18.91 -26.02
CA GLU F 102 21.63 19.83 -25.71
C GLU F 102 21.38 21.20 -26.30
N VAL F 103 21.24 22.21 -25.44
CA VAL F 103 21.06 23.58 -25.88
C VAL F 103 22.39 24.16 -26.36
N LEU F 104 23.47 23.47 -26.03
CA LEU F 104 24.80 23.83 -26.50
C LEU F 104 25.66 22.58 -26.50
N SER F 105 26.48 22.41 -27.53
CA SER F 105 27.28 21.20 -27.67
C SER F 105 28.72 21.51 -28.05
N ARG F 106 29.56 20.47 -28.06
CA ARG F 106 30.94 20.61 -28.45
C ARG F 106 31.05 20.99 -29.93
N ASN F 107 29.93 20.91 -30.63
CA ASN F 107 29.88 21.24 -32.05
C ASN F 107 29.36 22.65 -32.30
N SER F 108 28.95 23.33 -31.23
CA SER F 108 28.39 24.67 -31.34
C SER F 108 29.42 25.71 -31.73
N ALA F 109 30.70 25.36 -31.58
CA ALA F 109 31.80 26.25 -31.94
C ALA F 109 33.12 25.49 -31.97
N PRO F 110 34.02 25.89 -32.87
CA PRO F 110 35.31 25.21 -33.01
C PRO F 110 36.10 25.13 -31.70
N GLU F 111 36.05 26.21 -30.90
CA GLU F 111 36.77 26.23 -29.63
C GLU F 111 36.07 25.38 -28.58
N LEU F 112 35.00 24.70 -28.99
CA LEU F 112 34.26 23.83 -28.10
C LEU F 112 34.44 22.36 -28.45
N ASN F 113 35.05 22.10 -29.61
CA ASN F 113 35.30 20.73 -30.05
C ASN F 113 35.99 19.89 -28.99
N HIS F 114 37.05 20.44 -28.41
CA HIS F 114 37.81 19.75 -27.37
C HIS F 114 38.07 20.71 -26.22
N CYS F 115 37.20 20.69 -25.21
CA CYS F 115 37.32 21.61 -24.10
C CYS F 115 36.61 21.10 -22.85
N ASN F 116 36.44 21.98 -21.87
CA ASN F 116 35.73 21.67 -20.65
C ASN F 116 34.88 22.85 -20.18
N ILE F 117 33.57 22.73 -20.34
CA ILE F 117 32.65 23.75 -19.85
C ILE F 117 32.07 23.33 -18.51
N GLU F 118 32.02 24.27 -17.56
CA GLU F 118 31.54 23.97 -16.22
C GLU F 118 30.52 24.98 -15.70
N ARG F 119 29.56 24.48 -14.93
CA ARG F 119 28.58 25.32 -14.24
C ARG F 119 27.85 26.31 -15.14
N PRO F 120 27.25 25.80 -16.23
CA PRO F 120 26.50 26.67 -17.13
C PRO F 120 25.21 27.14 -16.46
N LYS F 121 24.93 28.44 -16.55
CA LYS F 121 23.73 29.00 -15.96
C LYS F 121 22.95 29.77 -17.02
N VAL F 122 21.63 29.82 -16.87
CA VAL F 122 20.79 30.52 -17.82
C VAL F 122 19.90 31.56 -17.13
N MET F 123 19.91 32.78 -17.66
CA MET F 123 19.11 33.87 -17.12
C MET F 123 18.21 34.41 -18.21
N TYR F 124 17.05 34.94 -17.83
CA TYR F 124 16.13 35.53 -18.79
C TYR F 124 16.16 37.05 -18.75
N ASN F 125 16.21 37.68 -19.91
CA ASN F 125 16.20 39.13 -20.01
C ASN F 125 14.82 39.63 -20.42
N ALA F 126 14.15 40.30 -19.48
CA ALA F 126 12.78 40.77 -19.69
C ALA F 126 12.65 41.70 -20.90
N SER F 127 13.57 42.66 -21.02
CA SER F 127 13.50 43.65 -22.08
C SER F 127 13.80 43.07 -23.47
N THR F 128 14.90 42.33 -23.58
CA THR F 128 15.30 41.78 -24.87
C THR F 128 14.51 40.53 -25.24
N GLY F 129 13.97 39.85 -24.23
CA GLY F 129 13.21 38.65 -24.45
C GLY F 129 14.09 37.47 -24.84
N GLU F 130 15.38 37.58 -24.58
CA GLU F 130 16.32 36.52 -24.91
C GLU F 130 16.85 35.82 -23.66
N PHE F 131 17.18 34.55 -23.82
CA PHE F 131 17.79 33.78 -22.74
C PHE F 131 19.30 33.78 -22.91
N VAL F 132 20.02 34.16 -21.86
CA VAL F 132 21.48 34.24 -21.93
C VAL F 132 22.14 33.20 -21.05
N MET F 133 23.09 32.47 -21.62
CA MET F 133 23.82 31.44 -20.89
C MET F 133 25.23 31.88 -20.56
N TRP F 134 25.58 31.83 -19.28
CA TRP F 134 26.94 32.12 -18.84
C TRP F 134 27.57 30.84 -18.31
N MET F 135 28.84 30.63 -18.62
CA MET F 135 29.52 29.39 -18.26
C MET F 135 30.99 29.61 -17.97
N HIS F 136 31.63 28.60 -17.40
CA HIS F 136 33.05 28.62 -17.11
C HIS F 136 33.80 27.82 -18.16
N TRP F 137 34.65 28.50 -18.93
CA TRP F 137 35.37 27.84 -20.02
C TRP F 137 36.79 27.44 -19.62
N GLU F 138 37.18 26.24 -20.04
CA GLU F 138 38.53 25.74 -19.80
C GLU F 138 38.93 24.85 -20.97
N ASN F 139 40.23 24.59 -21.11
CA ASN F 139 40.70 23.61 -22.08
C ASN F 139 40.63 22.20 -21.47
N GLY F 140 40.84 21.19 -22.29
CA GLY F 140 40.75 19.82 -21.82
C GLY F 140 41.87 19.43 -20.86
N ILE F 141 43.00 20.12 -20.98
CA ILE F 141 44.19 19.76 -20.23
C ILE F 141 44.16 20.20 -18.77
N ASN F 142 43.91 21.49 -18.54
CA ASN F 142 43.94 22.04 -17.19
C ASN F 142 42.97 23.19 -16.97
N TYR F 143 43.11 23.86 -15.84
CA TYR F 143 42.25 24.99 -15.49
C TYR F 143 43.01 26.31 -15.59
N GLY F 144 44.08 26.31 -16.38
CA GLY F 144 44.95 27.47 -16.50
C GLY F 144 44.33 28.67 -17.20
N GLN F 145 43.48 28.41 -18.18
CA GLN F 145 42.88 29.48 -18.97
C GLN F 145 41.90 30.32 -18.14
N ALA F 146 41.07 29.65 -17.34
CA ALA F 146 40.14 30.33 -16.45
C ALA F 146 39.36 31.45 -17.15
N ARG F 147 38.61 31.09 -18.18
CA ARG F 147 37.81 32.07 -18.90
C ARG F 147 36.33 31.95 -18.54
N ALA F 148 35.55 32.91 -19.01
CA ALA F 148 34.09 32.82 -18.95
C ALA F 148 33.57 32.80 -20.38
N ALA F 149 32.38 32.23 -20.59
CA ALA F 149 31.82 32.16 -21.93
C ALA F 149 30.33 32.48 -21.94
N VAL F 150 29.85 32.99 -23.07
CA VAL F 150 28.46 33.43 -23.17
C VAL F 150 27.76 32.87 -24.41
N ALA F 151 26.48 32.56 -24.26
CA ALA F 151 25.65 32.13 -25.38
C ALA F 151 24.24 32.68 -25.17
N TYR F 152 23.46 32.74 -26.25
CA TYR F 152 22.10 33.27 -26.15
C TYR F 152 21.11 32.51 -27.04
N SER F 153 19.83 32.70 -26.77
CA SER F 153 18.78 32.05 -27.55
C SER F 153 17.47 32.81 -27.39
N LYS F 154 16.56 32.62 -28.34
CA LYS F 154 15.23 33.22 -28.26
C LYS F 154 14.32 32.37 -27.37
N THR F 155 14.62 31.07 -27.33
CA THR F 155 13.82 30.13 -26.56
C THR F 155 14.66 29.42 -25.49
N PRO F 156 14.02 28.97 -24.40
CA PRO F 156 14.72 28.34 -23.29
C PRO F 156 15.30 26.97 -23.64
N ASP F 157 14.66 26.24 -24.55
CA ASP F 157 15.12 24.89 -24.88
C ASP F 157 15.60 24.74 -26.33
N GLY F 158 15.77 25.87 -27.00
CA GLY F 158 16.29 25.87 -28.36
C GLY F 158 17.81 25.83 -28.37
N LYS F 159 18.39 25.67 -29.56
CA LYS F 159 19.83 25.64 -29.70
C LYS F 159 20.44 27.02 -29.51
N PHE F 160 21.11 27.23 -28.38
CA PHE F 160 21.79 28.49 -28.11
C PHE F 160 22.90 28.72 -29.13
N THR F 161 23.07 29.97 -29.56
CA THR F 161 24.18 30.32 -30.43
C THR F 161 25.34 30.81 -29.58
N TYR F 162 26.52 30.24 -29.82
CA TYR F 162 27.71 30.56 -29.04
C TYR F 162 28.25 31.93 -29.42
N ILE F 163 28.65 32.71 -28.41
CA ILE F 163 29.24 34.02 -28.66
C ILE F 163 30.76 33.98 -28.59
N ARG F 164 31.29 33.78 -27.39
CA ARG F 164 32.73 33.80 -27.19
C ARG F 164 33.14 33.41 -25.77
N SER F 165 34.42 33.11 -25.60
CA SER F 165 35.00 32.93 -24.28
C SER F 165 36.02 34.04 -24.07
N PHE F 166 36.17 34.48 -22.82
CA PHE F 166 37.06 35.61 -22.53
C PHE F 166 37.34 35.74 -21.04
N ARG F 167 38.39 36.51 -20.73
CA ARG F 167 38.70 36.85 -19.34
C ARG F 167 38.20 38.25 -19.06
N PRO F 168 37.37 38.39 -18.01
CA PRO F 168 36.72 39.66 -17.66
C PRO F 168 37.69 40.82 -17.49
N MET F 169 37.32 41.99 -18.02
CA MET F 169 38.09 43.21 -17.82
C MET F 169 39.49 43.15 -18.43
N GLN F 170 39.64 42.41 -19.52
CA GLN F 170 40.94 42.30 -20.18
C GLN F 170 41.29 43.61 -20.88
N ASP F 171 40.28 44.43 -21.14
CA ASP F 171 40.48 45.74 -21.75
C ASP F 171 41.35 46.63 -20.86
N THR F 172 41.11 46.58 -19.57
CA THR F 172 41.76 47.49 -18.62
C THR F 172 43.24 47.20 -18.42
N GLY F 173 43.76 46.24 -19.18
CA GLY F 173 45.16 45.90 -19.11
C GLY F 173 45.54 45.16 -17.84
N VAL F 174 44.54 44.82 -17.04
CA VAL F 174 44.77 44.08 -15.80
C VAL F 174 45.37 42.70 -16.09
N MET F 175 46.13 42.19 -15.14
CA MET F 175 46.73 40.87 -15.25
C MET F 175 46.34 40.01 -14.04
N ASP F 176 46.12 38.72 -14.28
CA ASP F 176 45.79 37.79 -13.20
C ASP F 176 46.55 36.49 -13.38
N HIS F 177 47.71 36.39 -12.73
CA HIS F 177 48.55 35.20 -12.80
C HIS F 177 49.03 34.89 -14.22
N GLY F 178 49.66 35.87 -14.86
CA GLY F 178 50.33 35.66 -16.12
C GLY F 178 49.49 35.87 -17.37
N LEU F 179 48.22 36.22 -17.20
CA LEU F 179 47.34 36.43 -18.35
C LEU F 179 46.50 37.70 -18.22
N PRO F 180 46.20 38.33 -19.37
CA PRO F 180 45.37 39.55 -19.42
C PRO F 180 43.94 39.28 -18.96
N GLY F 181 43.42 40.13 -18.08
CA GLY F 181 42.07 39.99 -17.59
C GLY F 181 41.98 39.10 -16.37
N TYR F 182 40.96 39.34 -15.55
CA TYR F 182 40.75 38.56 -14.34
C TYR F 182 40.51 37.09 -14.66
N MET F 183 40.95 36.21 -13.77
CA MET F 183 40.65 34.79 -13.89
C MET F 183 39.18 34.58 -13.57
N SER F 184 38.54 33.67 -14.31
CA SER F 184 37.14 33.37 -14.07
C SER F 184 36.90 31.86 -14.09
N ARG F 185 36.52 31.32 -12.93
CA ARG F 185 36.23 29.89 -12.82
C ARG F 185 34.80 29.63 -12.36
N ASP F 186 34.65 29.01 -11.20
CA ASP F 186 33.31 28.73 -10.66
C ASP F 186 32.43 29.96 -10.75
N CYS F 187 31.34 29.86 -11.48
CA CYS F 187 30.50 31.01 -11.76
C CYS F 187 29.02 30.79 -11.44
N ASN F 188 28.23 31.83 -11.62
CA ASN F 188 26.80 31.79 -11.42
C ASN F 188 26.20 33.14 -11.80
N VAL F 189 24.91 33.15 -12.14
CA VAL F 189 24.26 34.39 -12.55
C VAL F 189 23.16 34.80 -11.58
N PHE F 190 22.79 36.08 -11.63
CA PHE F 190 21.75 36.61 -10.75
C PHE F 190 21.08 37.82 -11.37
N VAL F 191 19.75 37.88 -11.27
CA VAL F 191 18.99 39.02 -11.78
C VAL F 191 18.31 39.76 -10.62
N ASP F 192 18.61 41.04 -10.50
CA ASP F 192 18.09 41.85 -9.40
C ASP F 192 16.68 42.35 -9.71
N THR F 193 16.00 42.84 -8.68
CA THR F 193 14.63 43.34 -8.83
C THR F 193 14.57 44.58 -9.73
N ASP F 194 15.70 45.29 -9.84
CA ASP F 194 15.77 46.48 -10.68
C ASP F 194 15.95 46.10 -12.16
N GLY F 195 16.15 44.81 -12.42
CA GLY F 195 16.29 44.33 -13.78
C GLY F 195 17.73 44.20 -14.23
N LYS F 196 18.67 44.58 -13.36
CA LYS F 196 20.08 44.47 -13.69
C LYS F 196 20.58 43.04 -13.51
N GLY F 197 21.37 42.58 -14.48
CA GLY F 197 21.93 41.24 -14.44
C GLY F 197 23.35 41.24 -13.93
N TYR F 198 23.75 40.13 -13.32
CA TYR F 198 25.10 40.01 -12.76
C TYR F 198 25.72 38.64 -13.05
N PHE F 199 27.04 38.61 -13.07
CA PHE F 199 27.79 37.37 -13.26
C PHE F 199 28.90 37.29 -12.24
N ILE F 200 28.80 36.33 -11.32
CA ILE F 200 29.79 36.18 -10.26
C ILE F 200 30.67 34.94 -10.50
N SER F 201 31.98 35.13 -10.38
CA SER F 201 32.92 34.02 -10.58
C SER F 201 34.17 34.18 -9.73
N ALA F 202 34.79 33.05 -9.39
CA ALA F 202 36.01 33.05 -8.59
C ALA F 202 37.21 33.53 -9.40
N ALA F 203 37.92 34.52 -8.88
CA ALA F 203 39.07 35.09 -9.56
C ALA F 203 40.33 34.98 -8.69
N ASN F 204 41.44 35.50 -9.22
CA ASN F 204 42.70 35.51 -8.49
C ASN F 204 43.07 34.13 -7.94
N GLU F 205 43.08 33.15 -8.83
CA GLU F 205 43.37 31.77 -8.44
C GLU F 205 42.40 31.29 -7.37
N ASN F 206 41.12 31.62 -7.56
CA ASN F 206 40.05 31.19 -6.66
C ASN F 206 40.06 31.86 -5.29
N MET F 207 41.03 32.72 -5.05
CA MET F 207 41.17 33.37 -3.75
C MET F 207 40.09 34.42 -3.51
N ASP F 208 39.68 35.12 -4.55
CA ASP F 208 38.69 36.19 -4.42
C ASP F 208 37.46 35.92 -5.28
N LEU F 209 36.35 36.54 -4.92
CA LEU F 209 35.13 36.46 -5.73
C LEU F 209 34.86 37.79 -6.41
N HIS F 210 34.70 37.76 -7.73
CA HIS F 210 34.41 38.97 -8.49
C HIS F 210 32.96 39.01 -8.93
N LEU F 211 32.22 40.00 -8.44
CA LEU F 211 30.85 40.21 -8.86
C LEU F 211 30.80 41.22 -10.00
N TYR F 212 30.46 40.75 -11.19
CA TYR F 212 30.43 41.62 -12.36
C TYR F 212 29.01 42.06 -12.69
N GLU F 213 28.87 43.30 -13.17
CA GLU F 213 27.59 43.79 -13.63
C GLU F 213 27.51 43.68 -15.15
N LEU F 214 26.49 42.99 -15.64
CA LEU F 214 26.36 42.73 -17.07
C LEU F 214 25.77 43.92 -17.80
N THR F 215 26.00 43.97 -19.11
CA THR F 215 25.41 44.99 -19.97
C THR F 215 23.90 44.80 -19.99
N PRO F 216 23.15 45.82 -20.44
CA PRO F 216 21.68 45.77 -20.46
C PRO F 216 21.11 44.48 -21.06
N ASP F 217 21.78 43.91 -22.06
CA ASP F 217 21.27 42.72 -22.73
C ASP F 217 21.81 41.42 -22.12
N TYR F 218 22.58 41.54 -21.04
CA TYR F 218 23.12 40.39 -20.31
C TYR F 218 24.21 39.64 -21.06
N LYS F 219 24.51 40.06 -22.28
CA LYS F 219 25.44 39.30 -23.13
C LYS F 219 26.89 39.78 -23.05
N ASN F 220 27.19 40.60 -22.05
CA ASN F 220 28.55 41.11 -21.87
C ASN F 220 28.77 41.67 -20.47
N ILE F 221 30.03 41.78 -20.08
CA ILE F 221 30.38 42.35 -18.79
C ILE F 221 30.58 43.86 -18.90
N ALA F 222 29.87 44.62 -18.09
CA ALA F 222 29.93 46.08 -18.15
C ALA F 222 30.96 46.65 -17.19
N SER F 223 31.04 46.08 -15.99
CA SER F 223 31.97 46.56 -14.97
C SER F 223 32.08 45.61 -13.79
N LEU F 224 33.07 45.87 -12.93
CA LEU F 224 33.26 45.09 -11.71
C LEU F 224 32.45 45.70 -10.58
N LYS F 225 31.37 45.03 -10.20
CA LYS F 225 30.48 45.53 -9.16
C LYS F 225 31.19 45.63 -7.82
N ALA F 226 31.90 44.57 -7.45
CA ALA F 226 32.60 44.52 -6.17
C ALA F 226 33.46 43.27 -6.01
N LYS F 227 34.51 43.38 -5.20
CA LYS F 227 35.33 42.23 -4.86
C LYS F 227 34.89 41.70 -3.50
N LEU F 228 34.31 40.51 -3.48
CA LEU F 228 33.73 39.97 -2.26
C LEU F 228 34.58 38.86 -1.65
N PHE F 229 34.69 38.88 -0.33
CA PHE F 229 35.40 37.85 0.42
C PHE F 229 36.81 37.60 -0.12
N VAL F 230 37.61 38.65 -0.15
CA VAL F 230 38.99 38.56 -0.62
C VAL F 230 39.82 37.68 0.32
N GLY F 231 40.55 36.73 -0.26
CA GLY F 231 41.42 35.86 0.52
C GLY F 231 40.68 34.72 1.20
N GLN F 232 39.37 34.81 1.24
CA GLN F 232 38.55 33.77 1.86
C GLN F 232 38.62 32.48 1.05
N GLN F 233 38.84 32.62 -0.25
CA GLN F 233 38.92 31.47 -1.16
C GLN F 233 37.63 30.66 -1.18
N ARG F 234 36.51 31.34 -1.39
CA ARG F 234 35.22 30.69 -1.47
C ARG F 234 34.91 30.30 -2.92
N GLU F 235 34.27 29.15 -3.10
CA GLU F 235 34.03 28.60 -4.42
C GLU F 235 32.56 28.25 -4.63
N ALA F 236 32.19 27.93 -5.87
CA ALA F 236 30.83 27.54 -6.21
C ALA F 236 29.79 28.50 -5.62
N PRO F 237 29.86 29.77 -6.02
CA PRO F 237 28.97 30.79 -5.46
C PRO F 237 27.52 30.63 -5.93
N CYS F 238 26.59 31.01 -5.08
CA CYS F 238 25.17 31.02 -5.42
C CYS F 238 24.54 32.29 -4.87
N LEU F 239 24.15 33.20 -5.78
CA LEU F 239 23.62 34.50 -5.38
C LEU F 239 22.12 34.57 -5.54
N ILE F 240 21.42 34.83 -4.45
CA ILE F 240 19.96 34.97 -4.46
C ILE F 240 19.51 36.18 -3.65
N LYS F 241 18.22 36.48 -3.70
CA LYS F 241 17.68 37.61 -2.96
C LYS F 241 16.30 37.27 -2.39
N ARG F 242 16.05 37.74 -1.17
CA ARG F 242 14.80 37.43 -0.49
C ARG F 242 14.42 38.53 0.51
N ASN F 243 13.26 39.16 0.28
CA ASN F 243 12.76 40.21 1.16
C ASN F 243 13.77 41.32 1.43
N GLY F 244 14.32 41.88 0.36
CA GLY F 244 15.23 43.01 0.48
C GLY F 244 16.62 42.64 0.96
N TYR F 245 16.86 41.33 1.10
CA TYR F 245 18.18 40.85 1.53
C TYR F 245 18.87 40.05 0.44
N TYR F 246 20.17 40.23 0.32
CA TYR F 246 20.98 39.44 -0.60
C TYR F 246 21.64 38.29 0.14
N TYR F 247 21.75 37.15 -0.52
CA TYR F 247 22.37 35.98 0.10
C TYR F 247 23.38 35.33 -0.84
N LEU F 248 24.54 34.99 -0.28
CA LEU F 248 25.59 34.34 -1.05
C LEU F 248 26.02 33.03 -0.37
N ILE F 249 25.68 31.92 -1.01
CA ILE F 249 26.08 30.61 -0.51
C ILE F 249 27.27 30.09 -1.30
N THR F 250 28.31 29.66 -0.59
CA THR F 250 29.52 29.18 -1.24
C THR F 250 30.10 27.96 -0.54
N SER F 251 31.12 27.37 -1.17
CA SER F 251 31.86 26.27 -0.58
C SER F 251 33.33 26.65 -0.46
N GLY F 252 34.17 25.68 -0.11
CA GLY F 252 35.60 25.90 -0.05
C GLY F 252 36.27 25.28 -1.26
N CYS F 253 37.58 25.41 -1.33
CA CYS F 253 38.35 24.81 -2.43
C CYS F 253 39.08 23.57 -1.97
N THR F 254 38.42 22.42 -2.06
CA THR F 254 39.02 21.15 -1.69
C THR F 254 38.90 20.15 -2.83
N GLY F 255 38.94 20.67 -4.05
CA GLY F 255 38.81 19.84 -5.24
C GLY F 255 37.44 19.21 -5.32
N TRP F 256 37.40 17.96 -5.77
CA TRP F 256 36.13 17.23 -5.87
C TRP F 256 35.55 16.93 -4.50
N ASN F 257 36.42 16.72 -3.52
CA ASN F 257 36.00 16.39 -2.16
C ASN F 257 35.09 17.46 -1.57
N PRO F 258 33.92 17.04 -1.07
CA PRO F 258 32.96 17.98 -0.47
C PRO F 258 33.52 18.61 0.80
N ASN F 259 33.07 19.82 1.10
CA ASN F 259 33.57 20.55 2.27
C ASN F 259 32.47 21.37 2.94
N GLN F 260 32.84 22.13 3.97
CA GLN F 260 31.86 22.93 4.71
C GLN F 260 31.33 24.08 3.87
N ALA F 261 30.01 24.10 3.67
CA ALA F 261 29.37 25.19 2.95
C ALA F 261 29.08 26.33 3.92
N LYS F 262 29.22 27.56 3.43
CA LYS F 262 28.97 28.73 4.26
C LYS F 262 28.04 29.70 3.53
N TYR F 263 27.44 30.61 4.28
CA TYR F 263 26.57 31.62 3.68
C TYR F 263 26.79 32.98 4.31
N ALA F 264 26.45 34.03 3.56
CA ALA F 264 26.55 35.39 4.05
C ALA F 264 25.40 36.22 3.51
N TYR F 265 25.14 37.37 4.11
CA TYR F 265 24.04 38.22 3.70
C TYR F 265 24.42 39.68 3.67
N SER F 266 23.57 40.50 3.04
CA SER F 266 23.82 41.93 2.93
C SER F 266 22.59 42.68 2.42
N LYS F 267 22.52 43.97 2.73
CA LYS F 267 21.44 44.81 2.25
C LYS F 267 21.81 45.39 0.90
N ASP F 268 23.07 45.23 0.51
CA ASP F 268 23.57 45.75 -0.75
C ASP F 268 24.57 44.79 -1.40
N LEU F 269 24.59 44.78 -2.73
CA LEU F 269 25.52 43.93 -3.47
C LEU F 269 26.94 44.45 -3.39
N ALA F 270 27.09 45.76 -3.56
CA ALA F 270 28.41 46.39 -3.55
C ALA F 270 29.10 46.26 -2.20
N SER F 271 28.37 46.54 -1.13
CA SER F 271 28.93 46.50 0.22
C SER F 271 27.88 46.18 1.28
N GLY F 272 28.33 46.04 2.52
CA GLY F 272 27.46 45.69 3.62
C GLY F 272 27.38 44.19 3.90
N TRP F 273 28.28 43.41 3.29
CA TRP F 273 28.24 41.96 3.47
C TRP F 273 28.69 41.50 4.85
N SER F 274 27.91 40.61 5.44
CA SER F 274 28.23 40.06 6.76
C SER F 274 29.38 39.07 6.68
N GLN F 275 29.59 38.33 7.76
CA GLN F 275 30.64 37.33 7.82
C GLN F 275 30.14 35.98 7.31
N LEU F 276 31.03 35.00 7.28
CA LEU F 276 30.69 33.66 6.81
C LEU F 276 30.12 32.79 7.92
N TYR F 277 28.86 32.41 7.79
CA TYR F 277 28.24 31.50 8.75
C TYR F 277 28.08 30.11 8.14
N ASN F 278 28.31 29.09 8.96
CA ASN F 278 28.21 27.70 8.49
C ASN F 278 26.82 27.32 7.99
N LEU F 279 26.78 26.46 6.98
CA LEU F 279 25.53 25.95 6.44
C LEU F 279 25.66 24.46 6.17
N GLY F 280 24.77 23.66 6.76
CA GLY F 280 24.87 22.22 6.67
C GLY F 280 26.03 21.73 7.51
N ASN F 281 26.36 20.44 7.37
CA ASN F 281 27.46 19.86 8.14
C ASN F 281 28.81 20.10 7.47
N SER F 282 29.84 19.40 7.95
CA SER F 282 31.21 19.63 7.49
C SER F 282 31.45 19.25 6.03
N THR F 283 30.49 18.53 5.44
CA THR F 283 30.63 18.10 4.05
C THR F 283 29.47 18.59 3.19
N THR F 284 28.64 19.45 3.77
CA THR F 284 27.43 19.93 3.11
C THR F 284 26.61 18.73 2.67
N TYR F 285 26.64 17.67 3.46
CA TYR F 285 25.90 16.45 3.18
C TYR F 285 26.44 15.79 1.92
N ARG F 286 27.77 15.80 1.80
CA ARG F 286 28.45 15.19 0.65
C ARG F 286 27.96 15.79 -0.66
N SER F 287 28.01 17.11 -0.76
CA SER F 287 27.62 17.80 -1.98
C SER F 287 28.32 19.14 -2.08
N GLN F 288 28.27 19.73 -3.26
CA GLN F 288 28.80 21.07 -3.48
C GLN F 288 27.72 21.94 -4.10
N PRO F 289 27.44 23.09 -3.50
CA PRO F 289 26.40 24.00 -3.99
C PRO F 289 26.56 24.27 -5.49
N THR F 290 25.46 24.44 -6.19
CA THR F 290 25.52 24.74 -7.62
C THR F 290 24.47 25.77 -8.03
N PHE F 291 23.35 25.80 -7.33
CA PHE F 291 22.30 26.78 -7.60
C PHE F 291 21.19 26.73 -6.57
N ILE F 292 20.58 27.89 -6.31
CA ILE F 292 19.45 27.99 -5.38
C ILE F 292 18.34 28.79 -6.05
N ILE F 293 17.15 28.21 -6.10
CA ILE F 293 16.03 28.85 -6.81
C ILE F 293 14.76 28.85 -5.97
N PRO F 294 14.05 29.98 -5.95
CA PRO F 294 12.78 30.11 -5.23
C PRO F 294 11.67 29.35 -5.94
N VAL F 295 10.93 28.54 -5.19
CA VAL F 295 9.76 27.84 -5.73
C VAL F 295 8.48 28.45 -5.17
N GLN F 296 7.84 29.30 -5.97
CA GLN F 296 6.67 30.04 -5.52
C GLN F 296 5.36 29.32 -5.86
N GLY F 297 4.56 29.06 -4.84
CA GLY F 297 3.28 28.40 -5.02
C GLY F 297 2.14 29.10 -4.31
N SER F 298 0.97 28.48 -4.33
CA SER F 298 -0.21 29.08 -3.71
C SER F 298 -0.07 29.22 -2.20
N SER F 299 0.44 28.17 -1.56
CA SER F 299 0.63 28.18 -0.11
C SER F 299 1.65 29.23 0.32
N GLY F 300 2.77 29.30 -0.39
CA GLY F 300 3.81 30.26 -0.10
C GLY F 300 5.02 30.08 -1.00
N THR F 301 6.19 30.45 -0.49
CA THR F 301 7.43 30.33 -1.27
C THR F 301 8.52 29.61 -0.48
N SER F 302 9.02 28.53 -1.06
CA SER F 302 10.15 27.81 -0.48
C SER F 302 11.38 27.99 -1.36
N TYR F 303 12.54 27.57 -0.86
CA TYR F 303 13.78 27.70 -1.62
C TYR F 303 14.45 26.35 -1.83
N LEU F 304 14.76 26.03 -3.08
CA LEU F 304 15.35 24.75 -3.44
C LEU F 304 16.86 24.83 -3.59
N TYR F 305 17.57 24.10 -2.75
CA TYR F 305 19.02 24.01 -2.85
C TYR F 305 19.42 22.88 -3.80
N MET F 306 20.19 23.20 -4.82
CA MET F 306 20.71 22.21 -5.74
C MET F 306 22.19 21.98 -5.49
N GLY F 307 22.57 20.71 -5.35
CA GLY F 307 23.96 20.36 -5.10
C GLY F 307 24.43 19.19 -5.94
N ASP F 308 25.74 19.05 -6.08
CA ASP F 308 26.33 17.94 -6.82
C ASP F 308 27.16 17.06 -5.91
N ARG F 309 26.93 15.74 -5.98
CA ARG F 309 27.81 14.81 -5.33
C ARG F 309 28.81 14.28 -6.35
N TRP F 310 29.88 15.04 -6.55
CA TRP F 310 30.87 14.72 -7.57
C TRP F 310 31.51 13.36 -7.33
N ALA F 311 31.41 12.48 -8.33
CA ALA F 311 31.98 11.15 -8.24
C ALA F 311 33.50 11.22 -8.09
N GLY F 312 34.07 12.36 -8.49
CA GLY F 312 35.51 12.55 -8.40
C GLY F 312 36.01 12.48 -6.97
N ALA F 313 35.11 12.71 -6.02
CA ALA F 313 35.46 12.67 -4.60
C ALA F 313 35.96 11.28 -4.21
N TRP F 314 35.55 10.27 -4.95
CA TRP F 314 35.99 8.90 -4.70
C TRP F 314 36.69 8.29 -5.91
N GLY F 315 37.25 9.14 -6.76
CA GLY F 315 38.03 8.68 -7.90
C GLY F 315 37.21 8.39 -9.14
N GLY F 316 35.94 8.79 -9.13
CA GLY F 316 35.05 8.56 -10.25
C GLY F 316 35.02 9.72 -11.23
N LYS F 317 34.60 9.42 -12.46
CA LYS F 317 34.46 10.45 -13.49
C LYS F 317 33.16 11.23 -13.31
N VAL F 318 33.06 12.38 -13.96
CA VAL F 318 31.89 13.25 -13.81
C VAL F 318 30.58 12.54 -14.18
N ASN F 319 30.66 11.64 -15.15
CA ASN F 319 29.50 10.87 -15.59
C ASN F 319 28.74 10.20 -14.46
N ASP F 320 29.48 9.77 -13.43
CA ASP F 320 28.89 9.00 -12.34
C ASP F 320 28.50 9.88 -11.16
N SER F 321 28.48 11.18 -11.36
CA SER F 321 28.14 12.13 -10.30
C SER F 321 26.64 12.12 -10.00
N GLN F 322 26.29 12.41 -8.76
CA GLN F 322 24.90 12.36 -8.31
C GLN F 322 24.41 13.74 -7.89
N TYR F 323 23.17 13.81 -7.44
CA TYR F 323 22.58 15.09 -7.05
C TYR F 323 22.03 15.07 -5.63
N VAL F 324 21.97 16.26 -5.03
CA VAL F 324 21.42 16.40 -3.68
C VAL F 324 20.56 17.66 -3.61
N TRP F 325 19.24 17.47 -3.58
CA TRP F 325 18.31 18.59 -3.49
C TRP F 325 17.72 18.70 -2.10
N LEU F 326 17.78 19.89 -1.52
CA LEU F 326 17.30 20.11 -0.15
C LEU F 326 16.60 21.45 -0.04
N PRO F 327 15.70 21.58 0.94
CA PRO F 327 15.02 22.85 1.18
C PRO F 327 15.91 23.82 1.96
N LEU F 328 15.93 25.08 1.55
CA LEU F 328 16.68 26.10 2.26
C LEU F 328 15.72 26.93 3.11
N ASN F 329 15.79 26.75 4.42
CA ASN F 329 14.85 27.39 5.33
C ASN F 329 15.37 28.69 5.95
N PHE F 330 14.53 29.71 5.95
CA PHE F 330 14.89 31.00 6.54
C PHE F 330 14.18 31.22 7.87
N ILE F 331 14.83 30.82 8.96
CA ILE F 331 14.30 31.10 10.30
C ILE F 331 14.04 32.60 10.43
N SER F 332 15.01 33.38 9.95
CA SER F 332 14.88 34.83 9.90
C SER F 332 15.71 35.35 8.73
N ASP F 333 15.73 36.66 8.54
CA ASP F 333 16.50 37.25 7.46
C ASP F 333 18.00 37.04 7.69
N THR F 334 18.37 36.77 8.93
CA THR F 334 19.77 36.63 9.31
C THR F 334 20.19 35.16 9.46
N THR F 335 19.26 34.33 9.93
CA THR F 335 19.58 32.93 10.19
C THR F 335 19.06 32.00 9.09
N LEU F 336 19.98 31.25 8.48
CA LEU F 336 19.62 30.29 7.45
C LEU F 336 19.84 28.85 7.91
N GLU F 337 19.08 27.94 7.33
CA GLU F 337 19.13 26.53 7.74
C GLU F 337 19.04 25.61 6.53
N LEU F 338 19.92 24.61 6.48
CA LEU F 338 19.90 23.63 5.41
C LEU F 338 19.88 22.22 5.98
N PRO F 339 18.67 21.69 6.23
CA PRO F 339 18.54 20.33 6.77
C PRO F 339 18.80 19.29 5.70
N TYR F 340 19.18 18.09 6.12
CA TYR F 340 19.33 16.99 5.19
C TYR F 340 18.24 15.95 5.35
N TYR F 341 17.67 15.52 4.22
CA TYR F 341 16.66 14.49 4.20
C TYR F 341 17.03 13.45 3.16
N ASP F 342 16.89 12.17 3.49
CA ASP F 342 17.16 11.11 2.54
C ASP F 342 16.19 11.23 1.37
N SER F 343 14.95 11.58 1.70
CA SER F 343 13.91 11.78 0.69
C SER F 343 13.25 13.14 0.88
N VAL F 344 13.09 13.87 -0.21
CA VAL F 344 12.50 15.21 -0.14
C VAL F 344 11.19 15.29 -0.91
N LYS F 345 10.14 15.77 -0.24
CA LYS F 345 8.84 15.97 -0.88
C LYS F 345 8.78 17.35 -1.50
N ILE F 346 8.55 17.40 -2.80
CA ILE F 346 8.45 18.68 -3.51
C ILE F 346 7.08 18.88 -4.14
N ASP F 347 6.41 19.95 -3.71
CA ASP F 347 5.11 20.31 -4.27
C ASP F 347 5.20 21.68 -4.92
N ALA F 348 5.45 21.70 -6.22
CA ALA F 348 5.65 22.94 -6.96
C ALA F 348 4.44 23.87 -6.93
N SER F 349 3.25 23.29 -7.11
CA SER F 349 2.02 24.08 -7.15
C SER F 349 1.74 24.75 -5.81
N SER F 350 2.01 24.04 -4.72
CA SER F 350 1.80 24.58 -3.38
C SER F 350 2.94 25.52 -3.00
N GLY F 351 4.13 25.21 -3.48
CA GLY F 351 5.32 25.99 -3.14
C GLY F 351 5.94 25.49 -1.85
N ILE F 352 5.86 24.18 -1.63
CA ILE F 352 6.34 23.59 -0.39
C ILE F 352 7.43 22.54 -0.64
N ILE F 353 8.55 22.69 0.05
CA ILE F 353 9.61 21.70 0.01
C ILE F 353 9.89 21.23 1.43
N SER F 354 9.65 19.96 1.70
CA SER F 354 9.82 19.41 3.04
C SER F 354 10.34 17.98 3.00
N GLU F 355 10.54 17.42 4.19
CA GLU F 355 10.99 16.03 4.32
C GLU F 355 9.87 15.08 3.97
N TYR F 356 10.21 13.99 3.28
CA TYR F 356 9.23 12.94 2.99
C TYR F 356 9.31 11.84 4.03
N ILE F 357 8.25 11.67 4.81
CA ILE F 357 8.19 10.62 5.81
C ILE F 357 7.44 9.41 5.26
N PRO F 358 8.19 8.33 4.99
CA PRO F 358 7.61 7.08 4.46
C PRO F 358 6.45 6.57 5.33
N ASP F 359 6.66 6.55 6.63
CA ASP F 359 5.65 6.04 7.56
C ASP F 359 5.09 7.18 8.41
N THR F 360 3.88 7.62 8.08
CA THR F 360 3.27 8.77 8.74
C THR F 360 2.56 8.41 10.05
N THR F 361 2.83 7.22 10.56
CA THR F 361 2.22 6.79 11.82
C THR F 361 2.69 7.67 12.98
N ARG F 362 1.81 8.52 13.48
CA ARG F 362 2.12 9.38 14.61
C ARG F 362 2.28 8.54 15.89
N TYR F 363 3.20 8.95 16.75
CA TYR F 363 3.49 8.19 17.96
C TYR F 363 3.46 9.04 19.23
N LYS F 364 3.52 8.37 20.37
CA LYS F 364 3.59 9.02 21.67
C LYS F 364 4.51 8.20 22.56
N LEU F 365 5.49 8.86 23.17
CA LEU F 365 6.46 8.16 24.00
C LEU F 365 6.21 8.39 25.49
N VAL F 366 5.72 7.36 26.16
CA VAL F 366 5.39 7.44 27.58
C VAL F 366 6.47 6.80 28.46
N ASN F 367 6.87 7.52 29.50
CA ASN F 367 7.90 7.03 30.41
C ASN F 367 7.34 6.09 31.47
N LYS F 368 7.97 4.93 31.61
CA LYS F 368 7.53 3.93 32.58
C LYS F 368 7.32 4.53 33.96
N ASN F 369 8.39 5.08 34.54
CA ASN F 369 8.33 5.69 35.86
C ASN F 369 7.35 6.87 35.90
N SER F 370 7.74 7.97 35.28
CA SER F 370 6.99 9.21 35.34
C SER F 370 5.55 9.07 34.89
N GLY F 371 5.36 8.39 33.76
CA GLY F 371 4.03 8.27 33.17
C GLY F 371 3.76 9.43 32.24
N LYS F 372 4.70 10.38 32.20
CA LYS F 372 4.59 11.52 31.29
C LYS F 372 5.06 11.12 29.90
N VAL F 373 4.86 12.00 28.93
CA VAL F 373 5.23 11.71 27.55
C VAL F 373 6.31 12.65 27.04
N LEU F 374 7.09 12.19 26.06
CA LEU F 374 8.13 12.99 25.45
C LEU F 374 7.49 14.21 24.80
N ASP F 375 8.00 15.39 25.15
CA ASP F 375 7.40 16.64 24.68
C ASP F 375 8.48 17.71 24.45
N VAL F 376 8.06 18.83 23.86
CA VAL F 376 8.96 19.95 23.63
C VAL F 376 8.59 21.11 24.54
N LEU F 377 9.59 21.70 25.19
CA LEU F 377 9.35 22.80 26.12
C LEU F 377 8.52 23.90 25.49
N ASP F 378 7.32 24.11 26.03
CA ASP F 378 6.41 25.16 25.56
C ASP F 378 5.88 24.86 24.16
N GLY F 379 5.95 23.59 23.76
CA GLY F 379 5.51 23.19 22.44
C GLY F 379 6.12 24.05 21.34
N SER F 380 7.36 24.49 21.58
CA SER F 380 8.05 25.37 20.66
C SER F 380 8.51 24.61 19.40
N VAL F 381 8.48 25.30 18.27
CA VAL F 381 8.98 24.74 17.02
C VAL F 381 10.35 25.33 16.71
N ASP F 382 10.86 26.14 17.63
CA ASP F 382 12.16 26.78 17.45
C ASP F 382 13.28 25.75 17.47
N ASN F 383 14.41 26.11 16.87
CA ASN F 383 15.55 25.21 16.81
C ASN F 383 16.25 25.10 18.16
N ALA F 384 16.74 23.91 18.48
CA ALA F 384 17.47 23.66 19.71
C ALA F 384 16.59 23.75 20.96
N ALA F 385 15.27 23.64 20.77
CA ALA F 385 14.34 23.67 21.90
C ALA F 385 14.55 22.47 22.82
N GLN F 386 14.43 22.70 24.12
CA GLN F 386 14.67 21.66 25.11
C GLN F 386 13.57 20.59 25.10
N ILE F 387 13.98 19.33 25.21
CA ILE F 387 13.03 18.23 25.28
C ILE F 387 12.70 17.90 26.73
N VAL F 388 11.41 17.93 27.06
CA VAL F 388 10.96 17.67 28.42
C VAL F 388 9.80 16.67 28.43
N GLN F 389 9.55 16.06 29.58
CA GLN F 389 8.39 15.18 29.73
C GLN F 389 7.20 16.01 30.19
N TRP F 390 6.00 15.52 29.91
CA TRP F 390 4.80 16.28 30.24
C TRP F 390 3.56 15.37 30.30
N THR F 391 2.51 15.87 30.94
CA THR F 391 1.26 15.11 31.04
C THR F 391 0.65 14.88 29.67
N ASP F 392 0.18 13.66 29.43
CA ASP F 392 -0.48 13.32 28.16
C ASP F 392 -1.69 14.23 27.94
N ASN F 393 -1.54 15.22 27.07
CA ASN F 393 -2.64 16.14 26.78
C ASN F 393 -3.01 16.13 25.30
N GLY F 394 -2.49 15.15 24.57
CA GLY F 394 -2.80 15.01 23.16
C GLY F 394 -2.39 16.20 22.32
N SER F 395 -1.38 16.93 22.78
CA SER F 395 -0.88 18.08 22.03
C SER F 395 0.00 17.62 20.86
N LEU F 396 0.09 18.46 19.84
CA LEU F 396 0.90 18.14 18.66
C LEU F 396 2.36 17.86 19.03
N SER F 397 2.91 18.70 19.89
CA SER F 397 4.32 18.61 20.28
C SER F 397 4.65 17.27 20.93
N GLN F 398 3.63 16.49 21.26
CA GLN F 398 3.83 15.21 21.92
C GLN F 398 3.75 14.03 20.95
N GLN F 399 3.63 14.34 19.66
CA GLN F 399 3.54 13.31 18.63
C GLN F 399 4.81 13.25 17.82
N TRP F 400 5.24 12.04 17.46
CA TRP F 400 6.52 11.85 16.79
C TRP F 400 6.44 10.83 15.65
N TYR F 401 7.16 11.11 14.57
CA TYR F 401 7.30 10.15 13.48
C TYR F 401 8.50 9.25 13.76
N LEU F 402 8.59 8.14 13.03
CA LEU F 402 9.74 7.25 13.12
C LEU F 402 10.31 6.97 11.73
N VAL F 403 11.46 7.57 11.43
CA VAL F 403 12.09 7.41 10.12
C VAL F 403 13.35 6.55 10.22
N ASP F 404 13.24 5.31 9.76
CA ASP F 404 14.38 4.40 9.79
C ASP F 404 15.50 4.92 8.89
N VAL F 405 16.73 4.83 9.37
CA VAL F 405 17.89 5.30 8.61
C VAL F 405 18.90 4.18 8.41
N GLY F 406 18.41 2.95 8.41
CA GLY F 406 19.26 1.78 8.22
C GLY F 406 20.06 1.45 9.46
N GLY F 407 20.67 0.26 9.46
CA GLY F 407 21.47 -0.17 10.58
C GLY F 407 20.63 -0.47 11.82
N GLY F 408 19.32 -0.40 11.67
CA GLY F 408 18.41 -0.67 12.77
C GLY F 408 18.09 0.58 13.57
N TYR F 409 18.78 1.67 13.26
CA TYR F 409 18.57 2.94 13.95
C TYR F 409 17.47 3.74 13.28
N LYS F 410 16.90 4.69 14.01
CA LYS F 410 15.79 5.49 13.49
C LYS F 410 15.85 6.94 13.95
N LYS F 411 15.24 7.83 13.17
CA LYS F 411 15.12 9.23 13.55
C LYS F 411 13.79 9.43 14.27
N ILE F 412 13.83 10.16 15.37
CA ILE F 412 12.61 10.50 16.10
C ILE F 412 12.23 11.95 15.79
N VAL F 413 11.37 12.13 14.79
CA VAL F 413 11.01 13.46 14.33
C VAL F 413 9.73 13.96 14.97
N ASN F 414 9.77 15.16 15.55
CA ASN F 414 8.59 15.78 16.10
C ASN F 414 7.59 16.06 14.98
N VAL F 415 6.31 16.16 15.34
CA VAL F 415 5.28 16.41 14.33
C VAL F 415 4.95 17.90 14.23
N LYS F 416 4.80 18.56 15.38
CA LYS F 416 4.53 19.98 15.40
C LYS F 416 5.59 20.73 14.60
N SER F 417 6.86 20.43 14.89
CA SER F 417 7.97 20.91 14.08
C SER F 417 8.49 19.75 13.24
N GLY F 418 9.48 20.01 12.40
CA GLY F 418 10.06 18.97 11.59
C GLY F 418 11.44 18.56 12.07
N ARG F 419 11.76 18.97 13.30
CA ARG F 419 13.09 18.76 13.84
C ARG F 419 13.24 17.40 14.50
N ALA F 420 14.44 16.85 14.47
CA ALA F 420 14.70 15.51 14.99
C ALA F 420 15.27 15.53 16.40
N LEU F 421 14.93 14.51 17.19
CA LEU F 421 15.47 14.36 18.53
C LEU F 421 16.99 14.28 18.45
N ASP F 422 17.67 15.21 19.11
CA ASP F 422 19.11 15.35 18.96
C ASP F 422 19.83 15.48 20.30
N VAL F 423 20.96 14.79 20.42
CA VAL F 423 21.84 14.95 21.58
C VAL F 423 22.67 16.21 21.41
N LYS F 424 22.37 17.23 22.19
CA LYS F 424 23.02 18.54 22.06
C LYS F 424 24.53 18.42 21.96
N ASP F 425 25.09 19.06 20.94
CA ASP F 425 26.55 19.12 20.76
C ASP F 425 27.21 17.74 20.69
N GLU F 426 26.46 16.75 20.23
CA GLU F 426 26.98 15.40 20.07
C GLU F 426 27.68 14.92 21.34
N SER F 427 27.13 15.28 22.49
CA SER F 427 27.70 14.90 23.78
C SER F 427 27.77 13.38 23.93
N LYS F 428 28.80 12.92 24.63
CA LYS F 428 28.95 11.50 24.93
C LYS F 428 29.05 11.31 26.44
N GLU F 429 28.39 12.20 27.18
CA GLU F 429 28.50 12.22 28.64
C GLU F 429 27.15 12.04 29.31
N ASP F 430 27.17 11.51 30.54
CA ASP F 430 25.95 11.37 31.32
C ASP F 430 25.35 12.73 31.63
N GLY F 431 24.05 12.85 31.47
CA GLY F 431 23.35 14.09 31.77
C GLY F 431 23.26 15.00 30.56
N GLY F 432 23.83 14.57 29.45
CA GLY F 432 23.78 15.34 28.22
C GLY F 432 22.36 15.65 27.79
N VAL F 433 22.03 16.94 27.79
CA VAL F 433 20.68 17.39 27.46
C VAL F 433 20.25 16.98 26.04
N LEU F 434 18.97 16.66 25.90
CA LEU F 434 18.39 16.34 24.59
C LEU F 434 17.56 17.51 24.07
N ILE F 435 17.72 17.82 22.79
CA ILE F 435 16.98 18.91 22.17
C ILE F 435 16.41 18.48 20.82
N GLN F 436 15.59 19.35 20.23
CA GLN F 436 15.14 19.13 18.86
C GLN F 436 15.98 20.01 17.93
N TYR F 437 16.67 19.39 16.98
CA TYR F 437 17.56 20.13 16.10
C TYR F 437 17.34 19.75 14.64
N THR F 438 17.74 20.64 13.75
CA THR F 438 17.61 20.40 12.32
C THR F 438 18.32 19.11 11.94
N SER F 439 17.69 18.30 11.09
CA SER F 439 18.28 17.05 10.65
C SER F 439 19.60 17.31 9.93
N ASN F 440 20.65 16.61 10.34
CA ASN F 440 21.97 16.80 9.75
C ASN F 440 22.73 15.50 9.54
N GLY F 441 22.01 14.38 9.61
CA GLY F 441 22.59 13.08 9.36
C GLY F 441 23.56 12.61 10.43
N GLY F 442 23.71 13.39 11.49
CA GLY F 442 24.60 13.04 12.57
C GLY F 442 24.08 11.87 13.39
N TYR F 443 24.99 11.04 13.88
CA TYR F 443 24.61 9.88 14.69
C TYR F 443 23.92 10.29 15.98
N ASN F 444 24.13 11.52 16.40
CA ASN F 444 23.47 12.05 17.60
C ASN F 444 22.00 12.33 17.37
N GLN F 445 21.50 11.92 16.19
CA GLN F 445 20.09 12.05 15.86
C GLN F 445 19.49 10.70 15.49
N HIS F 446 20.33 9.66 15.56
CA HIS F 446 19.88 8.30 15.29
C HIS F 446 19.68 7.53 16.59
N TRP F 447 18.55 6.84 16.69
CA TRP F 447 18.19 6.14 17.92
C TRP F 447 17.77 4.69 17.64
N LYS F 448 18.24 3.77 18.47
CA LYS F 448 17.86 2.36 18.37
C LYS F 448 16.87 1.98 19.46
N PHE F 449 15.84 1.23 19.09
CA PHE F 449 14.87 0.72 20.05
C PHE F 449 15.19 -0.71 20.43
N THR F 450 15.33 -0.95 21.74
CA THR F 450 15.59 -2.29 22.24
C THR F 450 14.45 -2.75 23.15
N ASP F 451 13.88 -3.91 22.86
CA ASP F 451 12.73 -4.40 23.59
C ASP F 451 13.13 -5.09 24.91
N ILE F 452 12.44 -4.73 25.98
CA ILE F 452 12.69 -5.33 27.29
C ILE F 452 11.45 -6.03 27.82
N GLY F 453 10.42 -6.09 27.00
CA GLY F 453 9.16 -6.70 27.39
C GLY F 453 8.15 -5.66 27.83
N ASP F 454 6.87 -6.04 27.84
CA ASP F 454 5.79 -5.15 28.23
C ASP F 454 5.64 -3.98 27.25
N GLY F 455 6.19 -4.14 26.05
CA GLY F 455 6.12 -3.11 25.04
C GLY F 455 6.94 -1.88 25.40
N TYR F 456 7.88 -2.06 26.31
CA TYR F 456 8.77 -0.98 26.72
C TYR F 456 10.15 -1.14 26.07
N TYR F 457 10.77 -0.02 25.72
CA TYR F 457 12.05 -0.04 25.03
C TYR F 457 13.12 0.78 25.75
N LYS F 458 14.37 0.48 25.44
CA LYS F 458 15.50 1.29 25.89
C LYS F 458 16.09 1.99 24.67
N ILE F 459 15.65 3.23 24.43
CA ILE F 459 16.06 3.97 23.25
C ILE F 459 17.49 4.52 23.38
N SER F 460 18.46 3.75 22.89
CA SER F 460 19.86 4.16 22.93
C SER F 460 20.19 5.13 21.80
N SER F 461 21.36 5.75 21.88
CA SER F 461 21.82 6.66 20.85
C SER F 461 22.97 6.04 20.06
N ARG F 462 22.93 6.23 18.74
CA ARG F 462 23.91 5.61 17.84
C ARG F 462 25.32 6.16 18.08
N HIS F 463 25.41 7.36 18.64
CA HIS F 463 26.70 8.03 18.82
C HIS F 463 27.60 7.31 19.82
N CYS F 464 27.13 7.20 21.07
CA CYS F 464 27.93 6.61 22.13
C CYS F 464 27.28 5.35 22.71
N GLY F 465 25.96 5.31 22.75
CA GLY F 465 25.24 4.17 23.25
C GLY F 465 24.29 4.48 24.39
N LYS F 466 24.58 5.56 25.12
CA LYS F 466 23.73 5.98 26.22
C LYS F 466 22.31 6.21 25.70
N LEU F 467 21.33 6.06 26.58
CA LEU F 467 19.93 6.06 26.16
C LEU F 467 19.12 7.20 26.78
N ILE F 468 17.95 7.45 26.21
CA ILE F 468 17.06 8.50 26.69
C ILE F 468 16.73 8.29 28.16
N ASP F 469 16.89 9.37 28.94
CA ASP F 469 16.74 9.27 30.39
C ASP F 469 16.00 10.49 30.95
N VAL F 470 15.20 10.26 31.99
CA VAL F 470 14.53 11.35 32.68
C VAL F 470 15.39 11.82 33.85
N ARG F 471 15.87 13.05 33.77
CA ARG F 471 16.82 13.57 34.76
C ARG F 471 16.36 13.36 36.19
N LYS F 472 17.10 12.54 36.92
CA LYS F 472 16.84 12.29 38.33
C LYS F 472 15.43 11.74 38.60
N TRP F 473 14.97 10.86 37.72
CA TRP F 473 13.70 10.17 37.90
C TRP F 473 12.55 11.13 38.13
N SER F 474 12.60 12.30 37.52
CA SER F 474 11.57 13.31 37.70
C SER F 474 10.18 12.74 37.41
N THR F 475 9.23 13.06 38.28
CA THR F 475 7.86 12.57 38.14
C THR F 475 6.94 13.68 37.65
N GLU F 476 7.44 14.91 37.72
CA GLU F 476 6.62 16.08 37.40
C GLU F 476 6.81 16.54 35.97
N ASP F 477 6.07 17.58 35.57
CA ASP F 477 6.19 18.15 34.25
C ASP F 477 7.48 18.93 34.12
N GLY F 478 7.88 19.22 32.88
CA GLY F 478 9.10 19.96 32.63
C GLY F 478 10.34 19.15 32.94
N GLY F 479 10.15 17.90 33.34
CA GLY F 479 11.25 17.00 33.63
C GLY F 479 12.21 16.92 32.46
N ILE F 480 13.42 17.42 32.66
CA ILE F 480 14.42 17.44 31.59
C ILE F 480 14.71 16.06 31.03
N ILE F 481 14.64 15.93 29.71
CA ILE F 481 14.99 14.69 29.04
C ILE F 481 16.45 14.74 28.65
N GLN F 482 17.21 13.74 29.08
CA GLN F 482 18.65 13.76 28.88
C GLN F 482 19.18 12.42 28.35
N GLN F 483 20.50 12.33 28.33
CA GLN F 483 21.19 11.12 27.89
C GLN F 483 21.87 10.52 29.12
N TRP F 484 21.87 9.19 29.22
CA TRP F 484 22.48 8.54 30.37
C TRP F 484 22.83 7.09 30.09
N SER F 485 23.86 6.60 30.77
CA SER F 485 24.26 5.20 30.65
C SER F 485 23.13 4.30 31.12
N ASP F 486 23.09 3.08 30.60
CA ASP F 486 22.04 2.13 30.96
C ASP F 486 22.15 1.72 32.43
N ALA F 487 21.22 2.19 33.24
CA ALA F 487 21.22 1.88 34.67
C ALA F 487 20.10 0.90 35.01
N GLY F 488 19.27 0.58 34.02
CA GLY F 488 18.18 -0.35 34.20
C GLY F 488 17.07 0.21 35.08
N GLY F 489 16.82 1.51 34.95
CA GLY F 489 15.78 2.16 35.73
C GLY F 489 14.53 2.43 34.92
N THR F 490 13.40 2.53 35.61
CA THR F 490 12.12 2.78 34.96
C THR F 490 12.07 4.18 34.36
N ASN F 491 12.97 5.05 34.81
CA ASN F 491 13.09 6.40 34.25
C ASN F 491 13.78 6.37 32.89
N GLN F 492 14.34 5.21 32.55
CA GLN F 492 15.04 5.03 31.28
C GLN F 492 14.21 4.18 30.31
N HIS F 493 13.08 3.68 30.79
CA HIS F 493 12.24 2.80 29.98
C HIS F 493 11.06 3.55 29.36
N TRP F 494 10.85 3.34 28.07
CA TRP F 494 9.84 4.09 27.34
C TRP F 494 8.85 3.19 26.60
N LYS F 495 7.62 3.66 26.48
CA LYS F 495 6.54 2.89 25.84
C LYS F 495 6.10 3.56 24.55
N LEU F 496 6.00 2.76 23.49
CA LEU F 496 5.60 3.28 22.19
C LEU F 496 4.09 3.15 22.01
N VAL F 497 3.40 4.28 21.98
CA VAL F 497 1.94 4.30 21.92
C VAL F 497 1.42 5.07 20.71
N LEU F 498 0.64 4.38 19.87
CA LEU F 498 0.09 4.99 18.66
C LEU F 498 -0.99 6.03 18.98
N VAL F 499 -1.34 6.83 17.99
CA VAL F 499 -2.37 7.86 18.17
C VAL F 499 -3.04 8.22 16.84
C1 GOL G . 7.80 -14.35 -16.53
O1 GOL G . 8.89 -15.07 -16.01
C2 GOL G . 7.00 -13.73 -15.40
O2 GOL G . 7.86 -13.48 -14.30
C3 GOL G . 6.39 -12.41 -15.86
O3 GOL G . 5.57 -11.89 -14.82
C1 GOL H . 1.15 -20.01 4.87
O1 GOL H . 0.41 -21.16 5.21
C2 GOL H . 0.28 -19.07 4.04
O2 GOL H . -1.07 -19.25 4.41
C3 GOL H . 0.69 -17.63 4.29
O3 GOL H . -0.06 -16.78 3.47
C1 GOL I . -20.84 -22.21 92.30
O1 GOL I . -20.94 -23.61 92.28
C2 GOL I . -21.73 -21.62 91.22
O2 GOL I . -22.71 -22.57 90.84
C3 GOL I . -22.43 -20.37 91.76
O3 GOL I . -23.34 -19.90 90.79
C1 GOL J . -41.63 -11.52 112.82
O1 GOL J . -41.37 -11.89 114.16
C2 GOL J . -43.15 -11.46 112.59
O2 GOL J . -43.63 -12.67 112.07
C3 GOL J . -43.55 -10.35 111.64
O3 GOL J . -42.56 -9.37 111.53
C1 GOL K . 43.89 5.60 -45.53
O1 GOL K . 44.69 5.70 -44.38
C2 GOL K . 44.16 4.28 -46.24
O2 GOL K . 44.79 3.39 -45.35
C3 GOL K . 42.85 3.68 -46.72
O3 GOL K . 43.07 2.37 -47.17
C1 GOL L . 23.53 -1.13 -38.11
O1 GOL L . 23.92 -1.56 -36.82
C2 GOL L . 23.97 -2.15 -39.14
O2 GOL L . 22.86 -2.57 -39.90
C3 GOL L . 25.02 -1.54 -40.06
O3 GOL L . 25.26 -2.42 -41.13
C1 GOL M . 17.24 3.24 -29.58
O1 GOL M . 17.81 2.17 -28.83
C2 GOL M . 17.49 4.56 -28.87
O2 GOL M . 16.65 4.67 -27.74
C3 GOL M . 17.22 5.72 -29.82
O3 GOL M . 17.27 6.93 -29.10
C1 GOL N . 3.58 -6.03 -20.57
O1 GOL N . 4.31 -7.19 -20.23
C2 GOL N . 2.29 -6.45 -21.30
O2 GOL N . 2.61 -6.92 -22.59
C3 GOL N . 1.37 -5.24 -21.41
O3 GOL N . 0.15 -5.52 -20.75
C1 GOL O . -59.66 -30.58 -15.28
O1 GOL O . -58.90 -30.73 -16.45
C2 GOL O . -60.34 -29.21 -15.28
O2 GOL O . -60.25 -28.64 -16.57
C3 GOL O . -59.64 -28.30 -14.27
O3 GOL O . -60.26 -27.03 -14.29
C1 GOL P . 56.80 84.79 -77.84
O1 GOL P . 56.69 83.77 -78.80
C2 GOL P . 57.51 84.25 -76.61
O2 GOL P . 58.41 83.24 -77.00
C3 GOL P . 58.29 85.37 -75.92
O3 GOL P . 58.84 84.89 -74.72
C1 GOL Q . 23.18 18.71 16.56
O1 GOL Q . 23.80 18.01 15.51
C2 GOL Q . 24.23 19.25 17.52
O2 GOL Q . 23.66 20.28 18.30
C3 GOL Q . 25.43 19.79 16.75
O3 GOL Q . 26.13 18.72 16.15
C1 GOL R . 20.18 8.68 36.49
O1 GOL R . 19.52 8.00 35.46
C2 GOL R . 19.53 10.04 36.70
O2 GOL R . 18.37 10.13 35.91
C3 GOL R . 20.51 11.14 36.29
O3 GOL R . 19.88 12.39 36.42
C1 GOL S . 35.35 21.66 -10.19
O1 GOL S . 35.89 22.12 -11.40
C2 GOL S . 33.89 22.10 -10.11
O2 GOL S . 33.41 22.35 -11.41
C3 GOL S . 33.79 23.38 -9.29
O3 GOL S . 34.28 23.17 -7.98
C1 GOL T . 32.95 41.98 1.86
O1 GOL T . 33.77 41.58 0.76
C2 GOL T . 31.92 43.02 1.40
O2 GOL T . 32.51 43.95 0.50
C3 GOL T . 31.39 43.81 2.59
O3 GOL T . 30.45 44.74 2.11
#